data_8PS2
#
_entry.id   8PS2
#
_cell.length_a   1.00
_cell.length_b   1.00
_cell.length_c   1.00
_cell.angle_alpha   90.00
_cell.angle_beta   90.00
_cell.angle_gamma   90.00
#
_symmetry.space_group_name_H-M   'P 1'
#
loop_
_entity.id
_entity.type
_entity.pdbx_description
1 polymer 'Fatty acid synthase subunit alpha'
2 polymer 'Fatty acid synthase subunit beta'
3 non-polymer '~{S}-[2-[3-[[(2~{R})-3,3-dimethyl-2-oxidanyl-4-phosphonooxy-butanoyl]amino]propanoylamino]ethyl] (~{E})-but-2-enethioate'
4 non-polymer 'FLAVIN MONONUCLEOTIDE'
5 non-polymer 'MALONYL-COENZYME A'
#
loop_
_entity_poly.entity_id
_entity_poly.type
_entity_poly.pdbx_seq_one_letter_code
_entity_poly.pdbx_strand_id
1 'polypeptide(L)'
;MKPEVEQELAHILLTELLAYQFASPVRWIETQDVFLKDFNTERVVEIGPSPTLAGMAQRTLKNKYESYDAALSLHREILC
YSKDAKEIYYTPDPSELAAKEEPAKEEAPAPTPAASAPAPAAAAPAPVAAAAPAAAAAEIADEPVKASLLLHVLVAHKLK
KSLDSIPMSKTIKDLVGGKSTVQNEILGDLGKEFGTTPEKPEETPLEELAETFQDTFSGALGKQSSSLLSRLISSKMPGG
FTITVARKYLQTRWGLPSGRQDGVLLVALSNEPAARLGSEADAKAFLDSMAQKYASIVGVDLSSAASASGAAGAGAAAGA
AMIDAGALEEITKDHKVLARQQLQVLARYLKMDLDNGERKFLKEKDTVAELQAQLDYLNAELGEFFVNGVATSFSRKKAR
TFDSSWNWAKQSLLSLYFEIIHGVLKNVDREVVSEAINIMNRSNDALIKFMEYHISNTDETKGENYQLVKTLGEQLIENC
KQVLDVDPVYKDVAKPTGPKTAIDKNGNITYSEEPREKVRKLSQYVQEMALGGPITKESQPTIEEDLTRVYKAISAQADK
QDISSSTRVEFEKLYSDLMKFLESSKEIDPSQTTQLAGMDVEDALDKDSTKEVASLPNKSTISKTVSSTIPRETIPFLHL
RKKTPAGDWKYDRQLSSLFLDGLEKAAFNGVTFKDKYVLITGAGKGSIGAEVLQGLLQGGAKVVVTTSRFSKQVTDYYQS
IYAKYGAKGSTLIVVPFNQGSKQDVEALIEFIYDTEKNGGLGWDLDAIIPFAAIPEQGIELEHIDSKSEFAHRIMLTNIL
RMMGCVKKQKSARGIETRPAQVILPMSPNHGTFGGDGMYSESKLSLETLFNRWHSESWANQLTVCGAIIGWTRGTGLMSA
NNIIAEGIEKMGVRTFSQKEMAFNLLGLLTPEVVELCQKSPVMADLNGGLQFVPELKEFTAKLRKELVETSEVRKAVSIE
TALEHKVVNGNSADAAYAQVEIQPRANIQLDFPELKPYKQVKQIAPAELEGLLDLERVIVVTGFAEVGPWGSARTRWEME
AFGEFSLEGCVEMAWIMGFISYHNGNLKGRPYTGWVDSKTKEPVDDKDVKAKYETSILEHSGIRLIEPELFNGYNPEKKE
MIQEVIVEEDLEPFEASKETAEQFKHQHGDKVDIFEIPETGEYSVKLLKGATLYIPKALRFDRLVAGQIPTGWNAKTYGI
SDDIISQVDPITLFVLVSVVEAFIASGITDPYEMYKYVHVSEVGNCSGSGMGGVSALRGMFKDRFKDEPVQNDILQESFI
NTMSAWVNMLLISSSGPIKTPVGACATSVESVDIGVETILSGKARICIVGGYDDFQEEGSFEFGNMKATSNTLEEFEHGR
TPAEMSRPATTTRNGFMEAQGAGIQIIMQADLALKMGVPIYGIVAMAATATDKIGRSVPAPGKGILTTAREHHSSVKYAS
PNLNMKYRKRQLVTREAQIKDWVENELEALKLEAEEIPSEDQNEFLLERTREIHNEAESQLRAAQQQWGNDFYKRDPRIA
PLRGALATYGLTIDDLGVASFHGTSTKANDKNESATINEMMKHLGRSEGNPVIGVFQKFLTGHPKGAAGAWMMNGALQIL
NSGIIPGNRNADNVDKILEQFEYVLYPSKTLKTDGVRAVSITSFGFGQKGGQAIVVHPDYLYGAITEDRYNEYVAKVSAR
EKSAYKFFHNGMIYNKLFVSKEHAPYTDELEEDVYLDPLARVSKDKKSGSLTFNSKNIQSKDSYINANTIETAKMIENMT
KEKVSNGGVGVDVELITSINVENDTFIERNFTPQEIEYCSAQPSVQSSFAGTWSAKEAVFKSLGVKSLGGGAALKDIEIV
RVNKNAPAVELHGNAKKAAEEAGVTDVKVSISHDDLQAVAVAVSTKK
;
A,B
2 'polypeptide(L)'
;MDAYSTRPLTLSHGSLEHVLLVPTASFFIASQLQEQFNKILPEPTEGFAADDEPTTPAELVGKFLGYVSSLVEPSKVGQF
DQVLNLCLTEFENCYLEGNDIHALAAKLLQENDTTLVKTKELIKNYITARIMAKRPFDKKSNSALFRAVGEGNAQLVAIF
GGQGNTDDYFEELRDLYQTYHVLVGDLIKFSAETLSELIRTTLDAEKVFTQGLNILEWLENPSNTPDKDYLLSIPISCPL
IGVIQLAHYVVTAKLLGFTPGELRSYLKGATGHSQGLVTAVAIAETDSWESFFVSVRKAITVLFFIGVRCYEAYPNTSLP
PSILEDSLENNEGVPSPMLSISNLTQEQVQDYVNKTNSHLPAGKQVEISLVNGAKNLVVSGPPQSLYGLNLTLRKAKAPS
GLDQSRIPFSERKLKFSNRFLPVASPFHSHLLVPASDLINKDLVKNNVSFNAKDIQIPVYDTFDGSDLRVLSGSISERIV
DCIIRLPVKWETTTQFKATHILDFGPGGASGLGVLTHRNKDGTGVRVIVAGTLDINPDDDYGFKQEIFDVTSNGLKKNPN
WLEEYHPKLIKNKSGKIFVETKFSKLIGRPPLLVPGMTPCTVSPDFVAATTNAGYTIELAGGGYFSAAGMTAAIDSVVSQ
IEKGSTFGINLIYVNPFMLQWGIPLIKELRSKGYPIQFLTIGAGVPSLEVASEYIETLGLKYLGLKPGSIDAISQVINIA
KAHPNFPIALQWTGGRGGGHHSFEDAHTPMLQMYSKIRRHPNIMLIFGSGFGSADDTYPYLTGEWSTKFDYPPMPFDGFL
FGSRVMIAKEVKTSPDAKKCIAACTGVPDDKWEQTYKKPTGGIVTVRSEMGEPIHKIATRGVMLWKEFDETIFNLPKNKL
VPTLEAKRDYIISRLNADFQKPWFATVNGQARDLATMTYEEVAKRLVELMFIRSTNSWFDVTWRTFTGDFLRRVEERFTK
SKTLSLIQSYSLLDKPDEAIEKVFNAYPAAREQFLNAQDIDHFLSMCQNPMQKPVPFVPVLDRRFEIFFKKDSLWQSEHL
EAVVDQDVQRTCILHGPVAAQFTKVIDEPIKSIMDGIHDGHIKKLLHQYYGDDESKIPAVEYFGGESPVDVQSQVDSSSV
SEDSAVFKATSSTDEESWFKALAGSEINWRHASFLCSFITQDKMFVSNPIRKVFKPSQGMVVEISNGNTSSKTVVTLSEP
VQGELKPTVILKLLKENIIQMEMIENRTMDGKPVSLPLLYNFNPDNGFAPISEVMEDRNQRIKEMYWKLWIDEPFNLDFD
PRDVIKGKDFEITAKEVYDFTHAVGNNCEDFVSRPDRTMLAPMDFAIVVGWRAIIKAIFPNTVDGDLLKLVHLSNGYKMI
PGAKPLQVGDVVSTTAVIESVVNQPTGKIVDVVGTLSRNGKPVMEVTSSFFYRGNYTDFENTFQKTVEPVYQMHIKTSKD
IAVLRSKEWFQLDDEDFDLLNKTLTFETETEVTFKNANIFSSVKCFGPIKVELPTKETVEIGIVDYEAGASHGNPVVDFL
KRNGSTLEQKVNLENPIPIAVLDSYTPSTNEPYARVSGDLNPIHVSRHFASYANLPGTITHGMFSSASVRALIENWAADS
VSSRVRGYTCQFVDMVLPNTALKTSIQHVGMINGRKLIKFETRNEDDVVVLTGEAEIEQPVTTFVFTGQGSQEQGMGMDL
YKTSKAAQDVWNRADNHFKDTYGFSILDIVINNPVNLTIHFGGEKGKRIRENYSAMIFETIVDGKLKTEKIFKEINEHST
SYTFRSEKGLLSATQFTQPALTLMEKAAFEDLKSKGLIPADATFAGHSLGEYAALASLADVMSIESLVEVVFYRGMTMQV
AVPRDELGRSNYGMIAINPGRVAASFSQEALQYVVERVGKRTGWLVEIVNYNVENQQYVAAGDLRALDTVTNVLNFIKLQ
KIDIIELQKSLSLEEVEGHLFEIIDEASKKSAVKPRPLKLERGFACIPLVGISVPFHSTYLMNGVKPFKSFLKKNIIKEN
VKVARLAGKYIPNLTAKPFQVTKEYFQDVYDLTGSEPIKEIIDNWEKYEQS
;
G
#
loop_
_chem_comp.id
_chem_comp.type
_chem_comp.name
_chem_comp.formula
A3Z non-polymer '~{S}-[2-[3-[[(2~{R})-3,3-dimethyl-2-oxidanyl-4-phosphonooxy-butanoyl]amino]propanoylamino]ethyl] (~{E})-but-2-enethioate' 'C15 H27 N2 O8 P S'
FMN non-polymer 'FLAVIN MONONUCLEOTIDE' 'C17 H21 N4 O9 P'
MLC non-polymer 'MALONYL-COENZYME A' 'C24 H38 N7 O19 P3 S'
#
# COMPACT_ATOMS: atom_id res chain seq x y z
N MET A 1 -12.13 58.68 -43.60
CA MET A 1 -12.20 59.38 -42.28
C MET A 1 -11.45 58.54 -41.23
N LYS A 2 -10.56 59.19 -40.48
CA LYS A 2 -9.61 58.53 -39.53
C LYS A 2 -10.45 57.99 -38.38
N PRO A 3 -10.07 56.86 -37.73
CA PRO A 3 -10.82 56.34 -36.57
C PRO A 3 -10.94 57.32 -35.38
N GLU A 4 -9.87 58.05 -35.05
CA GLU A 4 -9.84 59.02 -33.91
C GLU A 4 -10.72 60.24 -34.22
N VAL A 5 -11.00 60.54 -35.50
CA VAL A 5 -11.92 61.64 -35.92
C VAL A 5 -13.37 61.14 -35.82
N GLU A 6 -13.65 59.97 -36.39
CA GLU A 6 -14.95 59.25 -36.22
C GLU A 6 -15.33 59.28 -34.73
N GLN A 7 -14.46 58.77 -33.86
CA GLN A 7 -14.64 58.69 -32.38
C GLN A 7 -14.97 60.07 -31.81
N GLU A 8 -14.28 61.12 -32.26
CA GLU A 8 -14.50 62.51 -31.80
C GLU A 8 -15.90 62.99 -32.21
N LEU A 9 -16.38 62.59 -33.39
CA LEU A 9 -17.67 63.06 -33.93
C LEU A 9 -18.81 62.29 -33.27
N ALA A 10 -18.66 60.98 -33.16
CA ALA A 10 -19.58 60.10 -32.41
C ALA A 10 -19.84 60.74 -31.04
N HIS A 11 -18.78 60.97 -30.28
CA HIS A 11 -18.81 61.58 -28.91
C HIS A 11 -19.56 62.91 -28.94
N ILE A 12 -19.33 63.75 -29.94
CA ILE A 12 -20.00 65.08 -30.02
C ILE A 12 -21.47 64.89 -30.36
N LEU A 13 -21.81 63.89 -31.18
CA LEU A 13 -23.22 63.62 -31.58
C LEU A 13 -23.96 62.97 -30.41
N LEU A 14 -23.35 61.95 -29.80
CA LEU A 14 -23.92 61.22 -28.63
C LEU A 14 -24.24 62.21 -27.51
N THR A 15 -23.31 63.12 -27.16
CA THR A 15 -23.49 64.07 -26.04
C THR A 15 -24.57 65.09 -26.39
N GLU A 16 -24.70 65.45 -27.65
CA GLU A 16 -25.76 66.39 -28.10
C GLU A 16 -27.10 65.67 -28.18
N LEU A 17 -27.09 64.38 -28.52
CA LEU A 17 -28.33 63.56 -28.60
C LEU A 17 -28.92 63.26 -27.21
N LEU A 18 -28.06 63.05 -26.22
CA LEU A 18 -28.45 62.76 -24.82
C LEU A 18 -28.91 64.05 -24.14
N ALA A 19 -28.26 65.17 -24.47
CA ALA A 19 -28.53 66.50 -23.88
C ALA A 19 -29.93 66.93 -24.27
N TYR A 20 -30.26 66.83 -25.55
CA TYR A 20 -31.51 67.40 -26.13
C TYR A 20 -32.67 66.45 -25.85
N GLN A 21 -32.37 65.16 -25.66
CA GLN A 21 -33.36 64.09 -25.42
C GLN A 21 -34.14 64.39 -24.12
N PHE A 22 -33.44 64.92 -23.12
CA PHE A 22 -33.96 65.55 -21.87
C PHE A 22 -35.31 66.23 -22.11
N ALA A 23 -35.33 67.18 -23.06
CA ALA A 23 -36.39 68.20 -23.23
C ALA A 23 -37.19 67.98 -24.52
N SER A 24 -36.68 67.21 -25.48
CA SER A 24 -37.35 66.99 -26.78
C SER A 24 -38.22 65.73 -26.70
N PRO A 25 -39.31 65.66 -27.50
CA PRO A 25 -40.24 64.53 -27.46
C PRO A 25 -39.61 63.16 -27.79
N VAL A 26 -40.25 62.08 -27.30
CA VAL A 26 -39.76 60.68 -27.39
C VAL A 26 -40.46 59.95 -28.54
N ARG A 27 -39.75 59.79 -29.66
CA ARG A 27 -40.31 59.25 -30.93
C ARG A 27 -40.18 57.73 -30.88
N TRP A 28 -41.07 57.09 -30.15
CA TRP A 28 -41.02 55.62 -29.92
C TRP A 28 -41.95 54.89 -30.89
N ILE A 29 -42.86 55.59 -31.57
CA ILE A 29 -43.59 55.00 -32.72
C ILE A 29 -42.53 54.59 -33.72
N GLU A 30 -41.72 55.58 -34.14
CA GLU A 30 -40.72 55.44 -35.22
C GLU A 30 -39.66 54.42 -34.78
N THR A 31 -39.19 54.46 -33.53
CA THR A 31 -38.20 53.49 -32.98
C THR A 31 -38.72 52.06 -33.12
N GLN A 32 -40.02 51.82 -32.96
CA GLN A 32 -40.62 50.47 -33.09
C GLN A 32 -40.71 50.11 -34.57
N ASP A 33 -41.01 51.09 -35.41
CA ASP A 33 -41.03 50.92 -36.88
C ASP A 33 -39.60 50.66 -37.39
N VAL A 34 -38.57 51.02 -36.65
CA VAL A 34 -37.18 50.69 -37.06
C VAL A 34 -36.86 49.26 -36.63
N PHE A 35 -36.99 48.92 -35.38
CA PHE A 35 -36.53 47.60 -34.90
C PHE A 35 -37.53 46.49 -35.29
N LEU A 36 -38.77 46.80 -35.70
CA LEU A 36 -39.75 45.73 -36.07
C LEU A 36 -39.82 45.57 -37.60
N LYS A 37 -39.81 46.65 -38.38
CA LYS A 37 -39.85 46.57 -39.86
C LYS A 37 -38.40 46.50 -40.41
N ASP A 38 -37.63 47.59 -40.28
CA ASP A 38 -36.32 47.80 -40.96
C ASP A 38 -35.25 46.77 -40.55
N PHE A 39 -35.43 46.03 -39.45
CA PHE A 39 -34.49 44.95 -39.00
C PHE A 39 -35.18 43.59 -38.88
N ASN A 40 -36.51 43.51 -38.96
CA ASN A 40 -37.30 42.25 -38.80
C ASN A 40 -36.77 41.53 -37.57
N THR A 41 -36.85 42.18 -36.41
CA THR A 41 -36.45 41.61 -35.10
C THR A 41 -37.35 40.45 -34.71
N GLU A 42 -36.78 39.30 -34.39
CA GLU A 42 -37.53 38.11 -33.92
C GLU A 42 -37.64 38.12 -32.40
N ARG A 43 -36.58 38.45 -31.66
CA ARG A 43 -36.63 38.57 -30.17
C ARG A 43 -36.54 40.04 -29.75
N VAL A 44 -37.60 40.57 -29.13
CA VAL A 44 -37.62 41.93 -28.53
C VAL A 44 -37.60 41.77 -27.01
N VAL A 45 -36.41 41.80 -26.42
CA VAL A 45 -36.19 41.64 -24.97
C VAL A 45 -36.27 43.01 -24.31
N GLU A 46 -37.25 43.19 -23.41
CA GLU A 46 -37.39 44.43 -22.59
C GLU A 46 -36.61 44.24 -21.28
N ILE A 47 -35.66 45.13 -21.01
CA ILE A 47 -34.95 45.16 -19.72
C ILE A 47 -35.65 46.22 -18.87
N GLY A 48 -36.12 45.81 -17.70
CA GLY A 48 -36.95 46.67 -16.84
C GLY A 48 -37.59 45.86 -15.73
N PRO A 49 -38.22 46.54 -14.76
CA PRO A 49 -38.91 45.86 -13.66
C PRO A 49 -40.33 45.41 -14.01
N SER A 50 -40.99 46.07 -14.97
CA SER A 50 -42.37 45.77 -15.40
C SER A 50 -42.43 45.75 -16.93
N PRO A 51 -43.33 44.94 -17.54
CA PRO A 51 -43.54 44.97 -18.98
C PRO A 51 -44.38 46.19 -19.37
N THR A 52 -43.75 47.23 -19.93
CA THR A 52 -44.43 48.42 -20.52
C THR A 52 -44.12 48.47 -22.01
N LEU A 53 -42.82 48.42 -22.35
CA LEU A 53 -42.31 48.45 -23.75
C LEU A 53 -42.69 47.17 -24.49
N ALA A 54 -42.72 46.03 -23.77
CA ALA A 54 -43.22 44.75 -24.29
C ALA A 54 -44.69 44.93 -24.68
N GLY A 55 -45.51 45.41 -23.76
CA GLY A 55 -46.92 45.71 -24.00
C GLY A 55 -47.06 46.58 -25.24
N MET A 56 -46.32 47.67 -25.27
CA MET A 56 -46.31 48.64 -26.39
C MET A 56 -45.92 47.95 -27.71
N ALA A 57 -44.95 47.03 -27.70
CA ALA A 57 -44.49 46.30 -28.91
C ALA A 57 -45.64 45.45 -29.43
N GLN A 58 -46.21 44.60 -28.58
CA GLN A 58 -47.39 43.75 -28.90
C GLN A 58 -48.48 44.64 -29.52
N ARG A 59 -48.94 45.66 -28.81
CA ARG A 59 -49.99 46.58 -29.31
C ARG A 59 -49.55 47.23 -30.64
N THR A 60 -48.25 47.34 -30.96
CA THR A 60 -47.79 47.83 -32.28
C THR A 60 -47.92 46.69 -33.30
N LEU A 61 -47.55 45.46 -32.91
CA LEU A 61 -47.59 44.28 -33.81
C LEU A 61 -49.04 44.01 -34.21
N LYS A 62 -49.94 43.77 -33.24
CA LYS A 62 -51.36 43.38 -33.50
C LYS A 62 -52.10 44.48 -34.26
N ASN A 63 -51.52 45.68 -34.44
CA ASN A 63 -52.22 46.85 -35.03
C ASN A 63 -51.65 47.28 -36.38
N LYS A 64 -50.41 46.91 -36.75
CA LYS A 64 -49.93 47.21 -38.12
C LYS A 64 -48.84 46.25 -38.65
N TYR A 65 -48.52 45.15 -37.96
CA TYR A 65 -47.55 44.12 -38.43
C TYR A 65 -48.17 42.72 -38.25
N GLU A 66 -49.48 42.59 -38.48
CA GLU A 66 -50.22 41.31 -38.33
C GLU A 66 -50.19 40.59 -39.68
N SER A 67 -50.57 41.31 -40.74
CA SER A 67 -50.59 40.86 -42.16
C SER A 67 -49.16 40.68 -42.67
N TYR A 68 -48.25 41.57 -42.25
CA TYR A 68 -46.81 41.55 -42.62
C TYR A 68 -46.10 40.36 -41.97
N ASP A 69 -46.45 40.00 -40.73
CA ASP A 69 -45.75 38.91 -39.99
C ASP A 69 -46.19 37.54 -40.51
N ALA A 70 -47.42 37.43 -41.00
CA ALA A 70 -47.99 36.20 -41.63
C ALA A 70 -47.35 36.01 -43.02
N ALA A 71 -47.40 37.05 -43.85
CA ALA A 71 -46.92 37.07 -45.27
C ALA A 71 -45.42 36.74 -45.37
N LEU A 72 -44.63 36.92 -44.31
CA LEU A 72 -43.18 36.60 -44.27
C LEU A 72 -42.90 35.49 -43.25
N SER A 73 -43.94 34.93 -42.63
CA SER A 73 -43.91 33.74 -41.75
C SER A 73 -42.85 33.90 -40.63
N LEU A 74 -42.57 35.13 -40.18
CA LEU A 74 -41.59 35.39 -39.09
C LEU A 74 -42.33 35.51 -37.77
N HIS A 75 -41.98 34.65 -36.82
CA HIS A 75 -42.66 34.46 -35.51
C HIS A 75 -41.95 35.30 -34.45
N ARG A 76 -42.31 36.59 -34.39
CA ARG A 76 -41.77 37.58 -33.43
C ARG A 76 -42.18 37.20 -32.02
N GLU A 77 -41.18 36.96 -31.17
CA GLU A 77 -41.32 36.75 -29.72
C GLU A 77 -41.02 38.09 -29.03
N ILE A 78 -41.87 38.51 -28.08
CA ILE A 78 -41.70 39.75 -27.24
C ILE A 78 -41.55 39.35 -25.78
N LEU A 79 -40.35 39.46 -25.23
CA LEU A 79 -40.03 39.01 -23.87
C LEU A 79 -39.76 40.22 -22.99
N CYS A 80 -40.23 40.17 -21.75
CA CYS A 80 -39.82 41.12 -20.69
C CYS A 80 -38.92 40.38 -19.70
N TYR A 81 -37.87 41.05 -19.22
CA TYR A 81 -36.84 40.46 -18.34
C TYR A 81 -37.50 39.98 -17.05
N SER A 82 -38.39 40.80 -16.49
CA SER A 82 -39.07 40.55 -15.19
C SER A 82 -39.92 39.28 -15.27
N LYS A 83 -40.78 39.22 -16.29
CA LYS A 83 -41.84 38.20 -16.46
C LYS A 83 -41.22 36.90 -17.02
N ASP A 84 -40.63 36.99 -18.22
CA ASP A 84 -40.25 35.87 -19.13
C ASP A 84 -38.78 35.46 -18.94
N ALA A 85 -38.27 35.43 -17.72
CA ALA A 85 -36.84 35.15 -17.43
C ALA A 85 -36.43 33.80 -18.02
N LYS A 86 -37.27 32.78 -17.88
CA LYS A 86 -37.00 31.37 -18.31
C LYS A 86 -36.73 31.30 -19.82
N GLU A 87 -37.41 32.11 -20.64
CA GLU A 87 -37.23 32.10 -22.11
C GLU A 87 -35.90 32.77 -22.49
N ILE A 88 -35.57 33.86 -21.80
CA ILE A 88 -34.38 34.73 -22.05
C ILE A 88 -33.12 34.00 -21.61
N TYR A 89 -33.17 33.25 -20.51
CA TYR A 89 -32.03 32.54 -19.91
C TYR A 89 -31.90 31.12 -20.47
N TYR A 90 -32.90 30.62 -21.22
CA TYR A 90 -33.01 29.22 -21.73
C TYR A 90 -32.95 28.23 -20.55
N THR A 91 -33.97 28.28 -19.71
CA THR A 91 -34.18 27.38 -18.55
C THR A 91 -35.65 26.97 -18.58
N PRO A 92 -36.07 26.18 -19.59
CA PRO A 92 -37.44 25.68 -19.64
C PRO A 92 -37.66 24.65 -18.53
N ASP A 93 -38.90 24.54 -18.05
CA ASP A 93 -39.33 23.61 -16.97
C ASP A 93 -39.54 22.21 -17.55
N PRO A 94 -39.03 21.13 -16.90
CA PRO A 94 -39.17 19.77 -17.42
C PRO A 94 -40.63 19.25 -17.36
N LEU A 328 -60.57 -7.12 33.30
CA LEU A 328 -59.22 -7.05 32.70
C LEU A 328 -58.24 -6.46 33.74
N GLU A 329 -58.21 -5.12 33.89
CA GLU A 329 -57.40 -4.39 34.91
C GLU A 329 -58.27 -3.45 35.76
N GLU A 330 -59.59 -3.39 35.50
CA GLU A 330 -60.56 -2.56 36.27
C GLU A 330 -60.73 -3.13 37.69
N ILE A 331 -60.61 -4.45 37.86
CA ILE A 331 -60.70 -5.15 39.19
C ILE A 331 -59.47 -4.82 40.03
N THR A 332 -58.27 -4.79 39.43
CA THR A 332 -56.98 -4.45 40.10
C THR A 332 -56.99 -2.96 40.48
N LYS A 333 -57.46 -2.10 39.58
CA LYS A 333 -57.66 -0.64 39.82
C LYS A 333 -58.58 -0.42 41.04
N ASP A 334 -59.70 -1.15 41.12
CA ASP A 334 -60.75 -0.97 42.16
C ASP A 334 -60.27 -1.56 43.50
N HIS A 335 -59.40 -2.57 43.47
CA HIS A 335 -58.69 -3.08 44.68
C HIS A 335 -57.72 -1.99 45.15
N LYS A 336 -56.86 -1.47 44.25
CA LYS A 336 -55.82 -0.44 44.58
C LYS A 336 -56.50 0.85 45.09
N VAL A 337 -57.68 1.21 44.56
CA VAL A 337 -58.48 2.36 45.06
C VAL A 337 -58.88 2.10 46.51
N LEU A 338 -59.33 0.88 46.83
CA LEU A 338 -59.77 0.46 48.19
C LEU A 338 -58.57 0.56 49.14
N ALA A 339 -57.44 -0.03 48.73
CA ALA A 339 -56.16 -0.03 49.48
C ALA A 339 -55.80 1.40 49.84
N ARG A 340 -55.85 2.32 48.86
CA ARG A 340 -55.49 3.75 49.07
C ARG A 340 -56.48 4.39 50.05
N GLN A 341 -57.76 4.03 49.98
CA GLN A 341 -58.80 4.60 50.86
C GLN A 341 -58.59 4.11 52.29
N GLN A 342 -58.19 2.84 52.46
CA GLN A 342 -57.84 2.28 53.79
C GLN A 342 -56.57 2.93 54.31
N LEU A 343 -55.61 3.23 53.43
CA LEU A 343 -54.35 3.93 53.78
C LEU A 343 -54.69 5.33 54.28
N GLN A 344 -55.57 6.07 53.58
CA GLN A 344 -55.93 7.47 53.97
C GLN A 344 -56.57 7.43 55.37
N VAL A 345 -57.44 6.45 55.64
CA VAL A 345 -58.18 6.35 56.94
C VAL A 345 -57.14 6.12 58.04
N LEU A 346 -56.19 5.22 57.80
CA LEU A 346 -55.12 4.85 58.75
C LEU A 346 -54.22 6.06 59.00
N ALA A 347 -53.92 6.84 57.96
CA ALA A 347 -53.17 8.12 58.08
C ALA A 347 -53.92 9.06 59.03
N ARG A 348 -55.15 9.45 58.67
CA ARG A 348 -55.97 10.42 59.45
C ARG A 348 -56.12 9.95 60.90
N TYR A 349 -56.08 8.63 61.16
CA TYR A 349 -56.09 8.09 62.55
C TYR A 349 -54.75 8.42 63.23
N LEU A 350 -53.63 8.19 62.54
CA LEU A 350 -52.25 8.39 63.06
C LEU A 350 -51.85 9.87 63.04
N LYS A 351 -52.68 10.77 62.50
CA LYS A 351 -52.43 12.24 62.35
C LYS A 351 -51.17 12.46 61.50
N MET A 352 -50.92 11.56 60.56
CA MET A 352 -49.71 11.49 59.73
C MET A 352 -50.04 12.13 58.37
N ASP A 353 -49.54 13.35 58.15
CA ASP A 353 -49.79 14.19 56.96
C ASP A 353 -48.86 13.72 55.83
N LEU A 354 -49.42 13.09 54.79
CA LEU A 354 -48.64 12.44 53.70
C LEU A 354 -47.91 13.47 52.83
N ASP A 355 -48.42 14.70 52.72
CA ASP A 355 -47.97 15.71 51.73
C ASP A 355 -47.00 16.72 52.36
N ASN A 356 -46.67 16.58 53.66
CA ASN A 356 -45.75 17.50 54.38
C ASN A 356 -44.40 17.54 53.66
N GLY A 357 -43.90 16.40 53.21
CA GLY A 357 -42.69 16.30 52.38
C GLY A 357 -42.81 17.14 51.12
N GLU A 358 -43.91 17.00 50.39
CA GLU A 358 -44.14 17.64 49.07
C GLU A 358 -44.39 19.14 49.21
N ARG A 359 -45.08 19.59 50.26
CA ARG A 359 -45.31 21.04 50.49
C ARG A 359 -43.98 21.70 50.83
N LYS A 360 -43.22 21.14 51.76
CA LYS A 360 -41.88 21.64 52.15
C LYS A 360 -40.95 21.69 50.92
N PHE A 361 -40.95 20.64 50.09
CA PHE A 361 -40.12 20.57 48.86
C PHE A 361 -40.47 21.70 47.91
N LEU A 362 -41.76 21.95 47.68
CA LEU A 362 -42.25 22.99 46.74
C LEU A 362 -41.84 24.39 47.23
N LYS A 363 -41.92 24.64 48.54
CA LYS A 363 -41.55 25.95 49.14
C LYS A 363 -40.03 26.17 49.00
N GLU A 364 -39.23 25.15 49.30
CA GLU A 364 -37.74 25.17 49.10
C GLU A 364 -37.48 25.47 47.62
N LYS A 365 -38.20 24.82 46.70
CA LYS A 365 -37.95 24.93 45.23
C LYS A 365 -38.29 26.34 44.73
N ASP A 366 -39.15 27.07 45.44
CA ASP A 366 -39.44 28.51 45.15
C ASP A 366 -38.29 29.34 45.70
N THR A 367 -37.84 29.04 46.93
CA THR A 367 -36.67 29.70 47.57
C THR A 367 -35.43 29.51 46.69
N VAL A 368 -35.15 28.31 46.19
CA VAL A 368 -33.94 28.08 45.32
C VAL A 368 -34.13 28.76 43.96
N ALA A 369 -35.35 29.04 43.52
CA ALA A 369 -35.60 29.76 42.25
C ALA A 369 -35.39 31.28 42.45
N GLU A 370 -35.60 31.80 43.66
CA GLU A 370 -35.44 33.25 43.99
C GLU A 370 -33.96 33.58 44.17
N LEU A 371 -33.22 32.72 44.88
CA LEU A 371 -31.74 32.77 44.98
C LEU A 371 -31.11 32.68 43.59
N GLN A 372 -31.57 31.77 42.73
CA GLN A 372 -31.01 31.59 41.38
C GLN A 372 -31.28 32.84 40.54
N ALA A 373 -32.38 33.54 40.81
CA ALA A 373 -32.75 34.79 40.07
C ALA A 373 -31.87 35.96 40.53
N GLN A 374 -31.48 35.97 41.80
CA GLN A 374 -30.56 36.98 42.39
C GLN A 374 -29.13 36.73 41.94
N LEU A 375 -28.73 35.48 41.72
CA LEU A 375 -27.36 35.16 41.23
C LEU A 375 -27.30 35.43 39.74
N ASP A 376 -28.38 35.13 39.02
CA ASP A 376 -28.44 35.31 37.55
C ASP A 376 -28.41 36.80 37.23
N TYR A 377 -28.92 37.64 38.13
CA TYR A 377 -28.92 39.12 37.95
C TYR A 377 -27.48 39.63 38.07
N LEU A 378 -26.84 39.29 39.18
CA LEU A 378 -25.42 39.64 39.45
C LEU A 378 -24.51 39.09 38.36
N ASN A 379 -24.74 37.89 37.83
CA ASN A 379 -23.90 37.36 36.73
C ASN A 379 -24.11 38.21 35.48
N ALA A 380 -25.33 38.68 35.24
CA ALA A 380 -25.68 39.52 34.07
C ALA A 380 -25.11 40.93 34.27
N GLU A 381 -25.14 41.45 35.48
CA GLU A 381 -24.70 42.83 35.77
C GLU A 381 -23.16 42.87 35.86
N LEU A 382 -22.51 41.88 36.45
CA LEU A 382 -21.04 41.91 36.64
C LEU A 382 -20.33 41.11 35.57
N GLY A 383 -20.96 40.07 35.04
CA GLY A 383 -20.39 39.24 33.98
C GLY A 383 -19.64 38.06 34.56
N GLU A 384 -19.61 36.96 33.81
CA GLU A 384 -19.11 35.64 34.24
C GLU A 384 -17.62 35.78 34.63
N PHE A 385 -16.86 36.54 33.86
CA PHE A 385 -15.40 36.69 34.07
C PHE A 385 -15.12 37.25 35.46
N PHE A 386 -15.78 38.35 35.79
CA PHE A 386 -15.64 39.05 37.08
C PHE A 386 -16.14 38.16 38.22
N VAL A 387 -17.29 37.50 38.08
CA VAL A 387 -17.86 36.68 39.20
C VAL A 387 -16.92 35.50 39.52
N ASN A 388 -16.39 34.80 38.52
CA ASN A 388 -15.35 33.75 38.71
C ASN A 388 -14.03 34.38 39.13
N GLY A 389 -13.63 35.48 38.49
CA GLY A 389 -12.43 36.26 38.77
C GLY A 389 -12.20 36.49 40.25
N VAL A 390 -13.26 36.79 41.02
CA VAL A 390 -13.17 37.24 42.44
C VAL A 390 -13.22 36.05 43.40
N ALA A 391 -13.08 34.82 42.91
CA ALA A 391 -12.90 33.63 43.78
C ALA A 391 -11.63 33.79 44.64
N THR A 392 -11.78 33.66 45.97
CA THR A 392 -10.67 33.59 46.96
C THR A 392 -9.71 32.46 46.61
N SER A 393 -8.42 32.78 46.68
CA SER A 393 -7.27 31.92 46.33
C SER A 393 -6.36 31.79 47.55
N PHE A 394 -6.39 32.75 48.46
CA PHE A 394 -5.43 32.84 49.57
C PHE A 394 -5.89 31.93 50.70
N SER A 395 -4.94 31.30 51.36
CA SER A 395 -5.12 30.60 52.65
C SER A 395 -3.77 30.54 53.36
N ARG A 396 -3.75 30.78 54.66
CA ARG A 396 -2.49 30.80 55.44
C ARG A 396 -1.79 29.46 55.33
N LYS A 397 -2.56 28.37 55.30
CA LYS A 397 -2.01 27.00 55.35
C LYS A 397 -1.28 26.68 54.04
N LYS A 398 -1.53 27.41 52.96
CA LYS A 398 -0.76 27.21 51.71
C LYS A 398 0.52 28.04 51.68
N ALA A 399 0.83 28.87 52.67
CA ALA A 399 2.08 29.69 52.61
C ALA A 399 3.30 28.78 52.69
N ARG A 400 4.23 28.92 51.75
CA ARG A 400 5.51 28.17 51.69
C ARG A 400 6.66 29.10 52.05
N THR A 401 7.29 28.88 53.19
CA THR A 401 8.51 29.58 53.64
C THR A 401 9.79 28.92 53.09
N PHE A 402 10.71 29.75 52.59
CA PHE A 402 12.07 29.38 52.14
C PHE A 402 13.08 30.25 52.91
N ASP A 403 13.91 29.65 53.76
CA ASP A 403 14.87 30.38 54.60
C ASP A 403 16.18 29.60 54.84
N SER A 404 16.41 28.49 54.17
CA SER A 404 17.52 27.56 54.50
C SER A 404 18.70 27.86 53.56
N SER A 405 19.15 29.12 53.60
CA SER A 405 20.22 29.65 52.73
C SER A 405 21.55 29.08 53.21
N TRP A 406 21.68 28.81 54.52
CA TRP A 406 22.84 28.08 55.09
C TRP A 406 23.12 26.81 54.29
N ASN A 407 22.09 26.06 53.91
CA ASN A 407 22.26 24.78 53.19
C ASN A 407 22.49 25.03 51.70
N TRP A 408 21.78 25.99 51.12
CA TRP A 408 21.87 26.22 49.66
C TRP A 408 23.22 26.81 49.31
N ALA A 409 23.89 27.47 50.25
CA ALA A 409 25.20 28.09 49.99
C ALA A 409 26.18 26.99 49.63
N LYS A 410 26.11 25.89 50.36
CA LYS A 410 27.01 24.72 50.18
C LYS A 410 26.65 23.98 48.89
N GLN A 411 25.39 23.93 48.52
CA GLN A 411 24.99 23.23 47.28
C GLN A 411 25.49 24.08 46.11
N SER A 412 25.22 25.39 46.17
CA SER A 412 25.67 26.42 45.20
C SER A 412 27.18 26.37 44.98
N LEU A 413 27.96 26.30 46.06
CA LEU A 413 29.42 26.15 45.91
C LEU A 413 29.77 24.84 45.22
N LEU A 414 29.21 23.75 45.71
CA LEU A 414 29.59 22.40 45.22
C LEU A 414 29.24 22.28 43.74
N SER A 415 28.10 22.85 43.33
CA SER A 415 27.60 22.73 41.94
C SER A 415 28.50 23.54 41.02
N LEU A 416 29.00 24.68 41.50
CA LEU A 416 29.98 25.54 40.79
C LEU A 416 31.27 24.75 40.63
N TYR A 417 31.77 24.19 41.73
CA TYR A 417 33.05 23.44 41.81
C TYR A 417 33.05 22.36 40.74
N PHE A 418 32.01 21.54 40.68
CA PHE A 418 31.91 20.42 39.72
C PHE A 418 31.61 20.96 38.33
N GLU A 419 30.84 22.03 38.18
CA GLU A 419 30.61 22.60 36.81
C GLU A 419 31.94 23.09 36.21
N ILE A 420 32.87 23.56 37.03
CA ILE A 420 34.19 24.06 36.54
C ILE A 420 35.11 22.88 36.25
N ILE A 421 35.09 21.84 37.07
CA ILE A 421 35.92 20.62 36.86
C ILE A 421 35.47 19.88 35.60
N HIS A 422 34.19 19.92 35.25
CA HIS A 422 33.63 19.25 34.04
C HIS A 422 33.65 20.19 32.84
N GLY A 423 34.27 21.37 32.97
CA GLY A 423 34.38 22.41 31.91
C GLY A 423 33.04 22.88 31.36
N VAL A 424 32.01 22.94 32.20
CA VAL A 424 30.67 23.49 31.84
C VAL A 424 30.70 25.01 32.00
N LEU A 425 31.48 25.49 32.99
CA LEU A 425 31.79 26.92 33.21
C LEU A 425 33.30 27.11 33.03
N LYS A 426 33.68 28.06 32.18
CA LYS A 426 35.09 28.40 31.84
C LYS A 426 35.48 29.66 32.61
N ASN A 427 36.74 30.06 32.50
CA ASN A 427 37.26 31.28 33.18
C ASN A 427 36.89 32.55 32.41
N VAL A 428 35.98 32.49 31.42
CA VAL A 428 35.42 33.70 30.72
C VAL A 428 33.95 33.90 31.12
N ASP A 429 33.19 32.80 31.27
CA ASP A 429 31.73 32.78 31.57
C ASP A 429 31.45 33.70 32.77
N ARG A 430 30.48 34.60 32.63
CA ARG A 430 30.08 35.57 33.69
C ARG A 430 29.37 34.82 34.82
N GLU A 431 28.72 33.70 34.51
CA GLU A 431 27.99 32.84 35.49
C GLU A 431 28.92 32.41 36.61
N VAL A 432 30.23 32.44 36.41
CA VAL A 432 31.24 32.13 37.46
C VAL A 432 31.32 33.28 38.45
N VAL A 433 31.16 34.51 37.99
CA VAL A 433 31.19 35.73 38.85
C VAL A 433 29.85 35.84 39.57
N SER A 434 28.74 35.63 38.85
CA SER A 434 27.36 35.65 39.41
C SER A 434 27.25 34.66 40.57
N GLU A 435 27.72 33.42 40.38
CA GLU A 435 27.66 32.35 41.41
C GLU A 435 28.61 32.68 42.57
N ALA A 436 29.77 33.28 42.29
CA ALA A 436 30.70 33.74 43.33
C ALA A 436 30.10 34.89 44.14
N ILE A 437 29.23 35.72 43.56
CA ILE A 437 28.54 36.81 44.31
C ILE A 437 27.51 36.17 45.25
N ASN A 438 26.77 35.20 44.73
CA ASN A 438 25.67 34.52 45.48
C ASN A 438 26.25 33.64 46.60
N ILE A 439 27.48 33.16 46.47
CA ILE A 439 28.19 32.42 47.56
C ILE A 439 28.65 33.39 48.66
N MET A 440 29.18 34.54 48.29
CA MET A 440 29.69 35.54 49.26
C MET A 440 28.54 36.16 50.05
N ASN A 441 27.38 36.33 49.43
CA ASN A 441 26.15 36.84 50.09
C ASN A 441 25.61 35.83 51.10
N ARG A 442 26.15 34.61 51.14
CA ARG A 442 25.74 33.57 52.10
C ARG A 442 26.96 33.15 52.93
N SER A 443 28.00 33.96 52.96
CA SER A 443 29.25 33.62 53.66
C SER A 443 28.95 33.54 55.15
N ASN A 444 29.34 32.42 55.76
CA ASN A 444 29.42 32.19 57.23
C ASN A 444 30.58 31.23 57.48
N ASP A 445 30.91 30.95 58.75
CA ASP A 445 32.08 30.12 59.14
C ASP A 445 31.93 28.68 58.63
N ALA A 446 30.74 28.11 58.69
CA ALA A 446 30.44 26.76 58.17
C ALA A 446 30.78 26.67 56.69
N LEU A 447 30.42 27.68 55.92
CA LEU A 447 30.62 27.66 54.45
C LEU A 447 32.10 27.83 54.16
N ILE A 448 32.76 28.79 54.81
CA ILE A 448 34.22 28.99 54.67
C ILE A 448 34.93 27.66 54.92
N LYS A 449 34.59 26.94 55.99
CA LYS A 449 35.23 25.63 56.26
C LYS A 449 34.93 24.66 55.12
N PHE A 450 33.74 24.67 54.57
CA PHE A 450 33.35 23.81 53.43
C PHE A 450 34.24 24.12 52.21
N MET A 451 34.47 25.40 51.92
CA MET A 451 35.35 25.82 50.79
C MET A 451 36.79 25.40 51.07
N GLU A 452 37.32 25.81 52.21
CA GLU A 452 38.69 25.47 52.62
C GLU A 452 38.95 23.98 52.39
N TYR A 453 38.03 23.09 52.79
CA TYR A 453 38.25 21.63 52.64
C TYR A 453 38.28 21.26 51.16
N HIS A 454 37.18 21.52 50.47
CA HIS A 454 36.96 21.08 49.07
C HIS A 454 38.02 21.65 48.13
N ILE A 455 38.63 22.81 48.44
CA ILE A 455 39.64 23.48 47.57
C ILE A 455 41.02 22.99 47.96
N SER A 456 41.41 23.07 49.23
CA SER A 456 42.69 22.52 49.73
C SER A 456 42.92 21.06 49.32
N ASN A 457 41.84 20.26 49.13
CA ASN A 457 41.90 18.82 48.75
C ASN A 457 41.58 18.67 47.26
N THR A 458 41.88 19.69 46.45
CA THR A 458 41.82 19.62 44.97
C THR A 458 43.25 19.38 44.45
N ASP A 459 43.43 18.32 43.67
CA ASP A 459 44.72 17.98 43.03
C ASP A 459 44.88 18.83 41.76
N GLU A 460 45.84 19.75 41.75
CA GLU A 460 46.17 20.65 40.62
C GLU A 460 46.56 19.83 39.38
N THR A 461 47.25 18.70 39.59
CA THR A 461 47.93 17.89 38.54
C THR A 461 46.92 17.13 37.67
N LYS A 462 45.68 16.92 38.15
CA LYS A 462 44.65 16.12 37.44
C LYS A 462 44.22 16.79 36.13
N GLY A 463 44.44 18.09 35.96
CA GLY A 463 44.11 18.78 34.71
C GLY A 463 44.07 20.30 34.86
N GLU A 464 43.85 20.99 33.75
CA GLU A 464 43.72 22.47 33.69
C GLU A 464 42.49 22.88 34.50
N ASN A 465 41.42 22.09 34.38
CA ASN A 465 40.11 22.39 35.01
C ASN A 465 40.20 22.26 36.54
N TYR A 466 41.11 21.46 37.07
CA TYR A 466 41.36 21.36 38.53
C TYR A 466 42.24 22.52 38.99
N GLN A 467 43.22 22.93 38.19
CA GLN A 467 44.07 24.11 38.55
C GLN A 467 43.16 25.34 38.53
N LEU A 468 42.29 25.44 37.52
CA LEU A 468 41.33 26.57 37.46
C LEU A 468 40.54 26.60 38.77
N VAL A 469 39.74 25.56 39.05
CA VAL A 469 38.86 25.51 40.25
C VAL A 469 39.66 25.77 41.52
N LYS A 470 40.91 25.37 41.59
CA LYS A 470 41.71 25.58 42.81
C LYS A 470 42.05 27.07 42.96
N THR A 471 42.43 27.74 41.88
CA THR A 471 42.79 29.17 41.90
C THR A 471 41.55 29.98 42.25
N LEU A 472 40.48 29.84 41.47
CA LEU A 472 39.16 30.47 41.72
C LEU A 472 38.69 30.18 43.15
N GLY A 473 38.76 28.92 43.58
CA GLY A 473 38.42 28.53 44.95
C GLY A 473 39.18 29.32 45.99
N GLU A 474 40.47 29.56 45.78
CA GLU A 474 41.34 30.16 46.81
C GLU A 474 40.95 31.62 46.93
N GLN A 475 40.61 32.22 45.79
CA GLN A 475 40.14 33.61 45.68
C GLN A 475 38.79 33.73 46.38
N LEU A 476 37.89 32.79 46.08
CA LEU A 476 36.50 32.82 46.60
C LEU A 476 36.49 32.71 48.12
N ILE A 477 37.45 31.96 48.70
CA ILE A 477 37.67 31.83 50.17
C ILE A 477 38.12 33.17 50.71
N GLU A 478 39.13 33.82 50.10
CA GLU A 478 39.66 35.13 50.59
C GLU A 478 38.51 36.13 50.62
N ASN A 479 37.74 36.19 49.53
CA ASN A 479 36.53 37.03 49.38
C ASN A 479 35.54 36.73 50.50
N CYS A 480 35.12 35.47 50.65
CA CYS A 480 34.14 35.03 51.69
C CYS A 480 34.63 35.34 53.11
N LYS A 481 35.93 35.37 53.37
CA LYS A 481 36.49 35.79 54.68
C LYS A 481 36.33 37.31 54.85
N GLN A 482 36.61 38.11 53.81
CA GLN A 482 36.55 39.59 53.86
C GLN A 482 35.09 40.00 54.16
N VAL A 483 34.13 39.43 53.41
CA VAL A 483 32.68 39.80 53.46
C VAL A 483 31.91 38.94 54.47
N LEU A 484 32.59 38.19 55.34
CA LEU A 484 31.97 37.67 56.59
C LEU A 484 31.64 38.88 57.46
N ASP A 485 30.45 38.92 58.07
CA ASP A 485 30.01 40.05 58.95
C ASP A 485 29.80 41.35 58.14
N VAL A 486 29.58 41.24 56.83
CA VAL A 486 29.23 42.36 55.91
C VAL A 486 27.86 42.03 55.31
N ASP A 487 27.02 43.03 55.09
CA ASP A 487 25.62 42.80 54.63
C ASP A 487 25.63 42.36 53.18
N PRO A 488 24.77 41.40 52.78
CA PRO A 488 24.81 40.88 51.44
C PRO A 488 24.24 41.92 50.47
N VAL A 489 24.64 41.83 49.20
CA VAL A 489 24.35 42.91 48.21
C VAL A 489 23.73 42.35 46.94
N TYR A 490 22.74 43.08 46.42
CA TYR A 490 22.20 42.94 45.04
C TYR A 490 23.22 43.52 44.08
N LYS A 491 23.89 42.66 43.31
CA LYS A 491 24.95 43.09 42.37
C LYS A 491 24.79 42.24 41.11
N ASP A 492 24.16 42.81 40.09
CA ASP A 492 23.91 42.16 38.77
C ASP A 492 25.14 42.41 37.90
N VAL A 493 25.74 41.34 37.37
CA VAL A 493 26.95 41.41 36.50
C VAL A 493 26.65 40.73 35.18
N ALA A 494 25.39 40.50 34.86
CA ALA A 494 24.96 39.87 33.60
C ALA A 494 25.29 40.83 32.46
N LYS A 495 25.46 40.30 31.25
CA LYS A 495 25.83 41.10 30.06
C LYS A 495 24.61 41.88 29.59
N PRO A 496 24.64 43.24 29.55
CA PRO A 496 23.46 44.03 29.16
C PRO A 496 23.23 43.86 27.66
N THR A 497 22.05 43.34 27.31
CA THR A 497 21.65 43.01 25.93
C THR A 497 20.82 44.14 25.36
N GLY A 498 20.77 44.20 24.03
CA GLY A 498 19.90 45.09 23.23
C GLY A 498 19.10 44.27 22.23
N PRO A 499 18.01 44.83 21.65
CA PRO A 499 17.20 44.09 20.70
C PRO A 499 17.88 44.07 19.34
N LYS A 500 17.71 42.95 18.62
CA LYS A 500 18.14 42.78 17.21
C LYS A 500 17.06 41.96 16.49
N THR A 501 16.52 42.51 15.41
CA THR A 501 15.56 41.84 14.50
C THR A 501 16.30 41.66 13.17
N ALA A 502 16.09 40.52 12.51
CA ALA A 502 16.70 40.19 11.20
C ALA A 502 15.66 39.46 10.34
N ILE A 503 15.61 39.82 9.06
CA ILE A 503 14.81 39.13 8.01
C ILE A 503 15.82 38.45 7.07
N ASP A 504 15.75 37.13 6.96
CA ASP A 504 16.57 36.34 6.00
C ASP A 504 15.94 36.41 4.61
N LYS A 505 16.60 35.83 3.61
CA LYS A 505 16.10 35.64 2.22
C LYS A 505 14.60 35.28 2.26
N ASN A 506 14.23 34.18 2.94
CA ASN A 506 12.88 33.54 2.90
C ASN A 506 11.85 34.30 3.74
N GLY A 507 12.19 35.48 4.28
CA GLY A 507 11.27 36.32 5.10
C GLY A 507 10.83 35.63 6.37
N ASN A 508 11.79 35.10 7.14
CA ASN A 508 11.61 34.66 8.54
C ASN A 508 12.06 35.82 9.44
N ILE A 509 11.17 36.26 10.34
CA ILE A 509 11.46 37.28 11.40
C ILE A 509 12.19 36.57 12.53
N THR A 510 13.48 36.90 12.73
CA THR A 510 14.31 36.38 13.85
C THR A 510 14.57 37.54 14.81
N TYR A 511 14.17 37.39 16.08
CA TYR A 511 14.50 38.29 17.21
C TYR A 511 15.56 37.60 18.09
N SER A 512 16.72 38.24 18.25
CA SER A 512 17.77 37.89 19.23
C SER A 512 18.03 39.06 20.19
N GLU A 513 18.39 38.78 21.44
CA GLU A 513 18.99 39.73 22.43
C GLU A 513 20.51 39.68 22.26
N GLU A 514 21.09 40.66 21.58
CA GLU A 514 22.53 40.72 21.24
C GLU A 514 23.25 41.63 22.23
N PRO A 515 24.44 41.27 22.74
CA PRO A 515 25.21 42.15 23.61
C PRO A 515 25.45 43.51 22.96
N ARG A 516 25.10 44.58 23.69
CA ARG A 516 25.32 46.00 23.26
C ARG A 516 26.81 46.24 23.03
N GLU A 517 27.14 47.18 22.15
CA GLU A 517 28.55 47.42 21.73
C GLU A 517 29.25 48.24 22.81
N LYS A 518 28.74 49.44 23.06
CA LYS A 518 29.39 50.47 23.93
C LYS A 518 29.24 50.08 25.41
N VAL A 519 28.24 49.27 25.74
CA VAL A 519 27.79 48.96 27.13
C VAL A 519 27.93 47.46 27.41
N ARG A 520 28.80 47.06 28.34
CA ARG A 520 29.07 45.64 28.67
C ARG A 520 29.12 45.40 30.19
N LYS A 521 28.72 46.37 31.02
CA LYS A 521 28.48 46.21 32.47
C LYS A 521 27.22 47.00 32.84
N LEU A 522 26.88 47.09 34.12
CA LEU A 522 25.81 47.99 34.57
C LEU A 522 26.37 49.39 34.81
N SER A 523 27.57 49.51 35.36
CA SER A 523 28.24 50.83 35.52
C SER A 523 28.16 51.63 34.22
N GLN A 524 28.49 51.00 33.08
CA GLN A 524 28.44 51.63 31.73
C GLN A 524 26.99 51.92 31.32
N TYR A 525 26.06 51.04 31.67
CA TYR A 525 24.61 51.21 31.45
C TYR A 525 24.16 52.50 32.14
N VAL A 526 24.62 52.80 33.35
CA VAL A 526 24.13 53.98 34.13
C VAL A 526 24.64 55.25 33.46
N GLN A 527 25.89 55.25 32.98
CA GLN A 527 26.52 56.36 32.21
C GLN A 527 25.70 56.62 30.95
N GLU A 528 25.48 55.59 30.13
CA GLU A 528 24.61 55.63 28.93
C GLU A 528 23.26 56.28 29.26
N MET A 529 22.66 55.94 30.41
CA MET A 529 21.32 56.45 30.84
C MET A 529 21.47 57.93 31.19
N ALA A 530 22.57 58.29 31.86
CA ALA A 530 22.80 59.65 32.39
C ALA A 530 22.99 60.64 31.25
N LEU A 531 23.55 60.21 30.11
CA LEU A 531 23.85 61.10 28.95
C LEU A 531 22.57 61.35 28.16
N GLY A 532 21.60 60.45 28.24
CA GLY A 532 20.40 60.49 27.39
C GLY A 532 20.81 60.35 25.95
N GLY A 533 20.09 61.05 25.05
CA GLY A 533 20.28 60.94 23.60
C GLY A 533 20.08 62.29 22.92
N PRO A 534 20.17 62.37 21.58
CA PRO A 534 19.90 63.61 20.87
C PRO A 534 18.45 64.12 21.08
N ILE A 535 17.47 63.21 21.14
CA ILE A 535 16.00 63.54 21.22
C ILE A 535 15.63 64.07 22.62
N THR A 536 16.44 63.82 23.66
CA THR A 536 16.14 64.21 25.07
C THR A 536 16.43 65.70 25.29
N LYS A 537 17.43 66.26 24.62
CA LYS A 537 17.81 67.71 24.71
C LYS A 537 16.62 68.57 24.32
N GLU A 538 16.21 69.46 25.22
CA GLU A 538 15.15 70.49 25.02
C GLU A 538 15.80 71.76 24.44
N SER A 539 15.12 72.92 24.51
CA SER A 539 15.61 74.25 24.05
C SER A 539 15.70 75.22 25.24
N MET A 599 33.39 58.00 32.64
CA MET A 599 34.63 57.42 33.25
C MET A 599 35.08 56.18 32.44
N ASP A 600 36.27 55.66 32.76
CA ASP A 600 36.89 54.48 32.10
C ASP A 600 37.54 53.59 33.19
N VAL A 601 36.78 52.62 33.70
CA VAL A 601 37.16 51.69 34.82
C VAL A 601 37.55 50.34 34.23
N GLU A 602 38.73 49.82 34.58
CA GLU A 602 39.31 48.55 34.05
C GLU A 602 38.70 47.35 34.79
N ASP A 603 38.01 46.48 34.04
CA ASP A 603 37.31 45.26 34.53
C ASP A 603 37.86 44.06 33.76
N ALA A 604 37.77 42.88 34.36
CA ALA A 604 38.25 41.60 33.79
C ALA A 604 37.08 40.69 33.40
N LEU A 605 35.91 41.27 33.11
CA LEU A 605 34.70 40.52 32.66
C LEU A 605 34.93 40.03 31.22
N ASP A 606 34.61 38.76 30.95
CA ASP A 606 34.63 38.11 29.61
C ASP A 606 36.06 37.72 29.19
N LYS A 607 37.07 37.93 30.03
CA LYS A 607 38.50 37.62 29.73
C LYS A 607 39.05 36.68 30.81
N ASP A 608 38.92 37.08 32.09
CA ASP A 608 39.46 36.36 33.27
C ASP A 608 38.47 36.55 34.44
N SER A 609 37.56 35.59 34.62
CA SER A 609 36.49 35.64 35.66
C SER A 609 37.12 35.62 37.06
N THR A 610 38.17 34.82 37.28
CA THR A 610 38.93 34.74 38.56
C THR A 610 39.44 36.12 39.01
N LYS A 611 39.97 36.93 38.09
CA LYS A 611 40.44 38.32 38.39
C LYS A 611 39.22 39.22 38.69
N GLU A 612 38.08 39.03 38.01
CA GLU A 612 36.85 39.81 38.30
C GLU A 612 36.31 39.44 39.69
N VAL A 613 36.39 38.15 40.05
CA VAL A 613 35.99 37.64 41.40
C VAL A 613 36.87 38.30 42.47
N ALA A 614 38.18 38.40 42.25
CA ALA A 614 39.16 38.97 43.20
C ALA A 614 38.81 40.42 43.57
N SER A 615 38.00 41.09 42.73
CA SER A 615 37.67 42.52 42.84
C SER A 615 36.31 42.72 43.54
N LEU A 616 35.53 41.66 43.70
CA LEU A 616 34.10 41.77 44.15
C LEU A 616 34.01 42.40 45.55
N PRO A 617 34.79 41.99 46.57
CA PRO A 617 34.66 42.57 47.90
C PRO A 617 35.21 44.00 48.03
N ASN A 618 36.02 44.45 47.06
CA ASN A 618 36.71 45.77 47.04
C ASN A 618 35.71 46.87 46.66
N LYS A 619 35.26 47.64 47.65
CA LYS A 619 34.25 48.72 47.47
C LYS A 619 34.89 49.88 46.70
N SER A 620 34.68 49.94 45.38
CA SER A 620 35.21 50.99 44.47
C SER A 620 34.72 52.36 44.95
N THR A 621 35.66 53.28 45.22
CA THR A 621 35.41 54.69 45.65
C THR A 621 35.19 55.54 44.39
N ILE A 622 34.04 56.23 44.30
CA ILE A 622 33.65 57.08 43.14
C ILE A 622 34.23 58.49 43.37
N SER A 623 35.35 58.80 42.70
CA SER A 623 36.04 60.11 42.72
C SER A 623 35.09 61.20 42.21
N LYS A 624 34.60 61.03 40.98
CA LYS A 624 33.66 61.96 40.29
C LYS A 624 32.42 61.22 39.86
N THR A 625 31.25 61.66 40.36
CA THR A 625 29.95 60.96 40.23
C THR A 625 29.43 61.10 38.79
N VAL A 626 28.67 60.11 38.33
CA VAL A 626 28.06 60.05 36.96
C VAL A 626 27.01 61.18 36.80
N SER A 627 26.53 61.75 37.90
CA SER A 627 25.58 62.90 37.91
C SER A 627 26.27 64.21 37.45
N SER A 628 27.61 64.28 37.49
CA SER A 628 28.41 65.42 36.97
C SER A 628 28.54 65.33 35.44
N THR A 629 28.41 64.14 34.85
CA THR A 629 28.60 63.89 33.40
C THR A 629 27.28 64.15 32.66
N ILE A 630 26.18 64.46 33.35
CA ILE A 630 24.87 64.79 32.70
C ILE A 630 25.08 66.10 31.96
N PRO A 631 24.87 66.15 30.62
CA PRO A 631 25.11 67.39 29.89
C PRO A 631 24.15 68.48 30.38
N ARG A 632 24.52 69.75 30.20
CA ARG A 632 23.60 70.90 30.41
C ARG A 632 22.45 70.76 29.40
N GLU A 633 21.26 71.26 29.74
CA GLU A 633 20.03 71.21 28.90
C GLU A 633 19.87 69.83 28.23
N THR A 634 20.10 68.74 28.98
CA THR A 634 19.87 67.33 28.55
C THR A 634 19.09 66.58 29.64
N ILE A 635 18.06 65.85 29.26
CA ILE A 635 17.24 65.05 30.21
C ILE A 635 17.72 63.60 30.15
N PRO A 636 18.26 63.03 31.24
CA PRO A 636 18.68 61.64 31.23
C PRO A 636 17.54 60.69 30.90
N PHE A 637 17.84 59.51 30.38
CA PHE A 637 16.83 58.46 30.10
C PHE A 637 16.12 58.01 31.38
N LEU A 638 16.83 57.99 32.53
CA LEU A 638 16.24 57.69 33.86
C LEU A 638 16.36 58.95 34.70
N HIS A 639 15.26 59.45 35.24
CA HIS A 639 15.26 60.73 35.98
C HIS A 639 14.06 60.78 36.91
N LEU A 640 14.14 61.63 37.92
CA LEU A 640 13.03 61.89 38.87
C LEU A 640 12.43 63.22 38.49
N ARG A 641 11.12 63.33 38.65
CA ARG A 641 10.37 64.57 38.44
C ARG A 641 10.16 65.24 39.79
N LYS A 642 9.92 66.54 39.77
CA LYS A 642 9.50 67.36 40.92
C LYS A 642 8.20 68.08 40.53
N LYS A 643 7.21 68.06 41.43
CA LYS A 643 5.92 68.77 41.28
C LYS A 643 6.16 70.27 41.45
N THR A 644 5.87 71.05 40.40
CA THR A 644 5.94 72.54 40.38
C THR A 644 4.79 73.11 41.20
N PRO A 645 4.90 74.35 41.71
CA PRO A 645 3.78 75.00 42.40
C PRO A 645 2.53 75.24 41.53
N ALA A 646 2.70 75.24 40.20
CA ALA A 646 1.59 75.21 39.20
C ALA A 646 0.76 73.93 39.38
N GLY A 647 1.42 72.78 39.56
CA GLY A 647 0.81 71.45 39.76
C GLY A 647 1.33 70.37 38.82
N ASP A 648 2.30 70.67 37.94
CA ASP A 648 2.88 69.72 36.94
C ASP A 648 4.14 69.06 37.47
N TRP A 649 4.47 67.87 36.95
CA TRP A 649 5.70 67.10 37.26
C TRP A 649 6.73 67.35 36.16
N LYS A 650 7.73 68.19 36.44
CA LYS A 650 8.82 68.55 35.49
C LYS A 650 10.07 67.80 35.93
N TYR A 651 10.97 67.52 35.00
CA TYR A 651 12.32 66.97 35.29
C TYR A 651 13.01 67.87 36.31
N ASP A 652 13.67 67.26 37.30
CA ASP A 652 14.52 67.95 38.30
C ASP A 652 15.92 67.33 38.27
N ARG A 653 16.94 68.18 38.11
CA ARG A 653 18.34 67.76 37.97
C ARG A 653 18.87 67.27 39.34
N GLN A 654 18.52 67.96 40.43
CA GLN A 654 19.03 67.66 41.79
C GLN A 654 18.59 66.27 42.26
N LEU A 655 17.30 65.97 42.10
CA LEU A 655 16.74 64.63 42.41
C LEU A 655 17.35 63.60 41.46
N SER A 656 17.30 63.82 40.15
CA SER A 656 17.75 62.84 39.14
C SER A 656 19.25 62.57 39.27
N SER A 657 20.03 63.53 39.78
CA SER A 657 21.48 63.33 40.11
C SER A 657 21.57 62.29 41.24
N LEU A 658 20.81 62.53 42.30
CA LEU A 658 20.76 61.73 43.55
C LEU A 658 20.34 60.29 43.25
N PHE A 659 19.44 60.08 42.29
CA PHE A 659 18.92 58.76 41.85
C PHE A 659 19.96 58.03 40.99
N LEU A 660 20.65 58.76 40.10
CA LEU A 660 21.68 58.19 39.18
C LEU A 660 22.98 57.92 39.95
N ASP A 661 23.31 58.72 40.97
CA ASP A 661 24.44 58.43 41.88
C ASP A 661 24.17 57.11 42.62
N GLY A 662 22.99 56.99 43.23
CA GLY A 662 22.47 55.72 43.78
C GLY A 662 22.63 54.55 42.83
N LEU A 663 22.19 54.70 41.57
CA LEU A 663 22.24 53.61 40.56
C LEU A 663 23.69 53.29 40.22
N GLU A 664 24.60 54.25 40.32
CA GLU A 664 26.03 54.03 39.99
C GLU A 664 26.66 53.23 41.14
N LYS A 665 26.48 53.67 42.39
CA LYS A 665 26.93 52.93 43.60
C LYS A 665 26.41 51.49 43.57
N ALA A 666 25.14 51.30 43.23
CA ALA A 666 24.51 49.97 43.13
C ALA A 666 25.27 49.14 42.11
N ALA A 667 25.57 49.73 40.96
CA ALA A 667 26.21 49.04 39.81
C ALA A 667 27.68 48.73 40.11
N PHE A 668 28.35 49.52 40.94
CA PHE A 668 29.77 49.27 41.34
C PHE A 668 29.78 48.30 42.53
N ASN A 669 29.31 48.80 43.67
CA ASN A 669 29.50 48.21 45.03
C ASN A 669 28.35 47.27 45.42
N GLY A 670 27.21 47.32 44.72
CA GLY A 670 26.00 46.56 45.10
C GLY A 670 25.26 47.25 46.22
N VAL A 671 23.94 47.08 46.23
CA VAL A 671 23.06 47.68 47.28
C VAL A 671 22.57 46.52 48.13
N THR A 672 22.31 46.79 49.42
CA THR A 672 21.79 45.81 50.42
C THR A 672 20.35 46.15 50.80
N PHE A 673 19.51 45.12 50.91
CA PHE A 673 18.13 45.21 51.45
C PHE A 673 17.99 44.44 52.76
N LYS A 674 19.07 44.33 53.55
CA LYS A 674 19.09 43.78 54.93
C LYS A 674 18.01 44.50 55.75
N ASP A 675 17.17 43.75 56.44
CA ASP A 675 16.09 44.27 57.32
C ASP A 675 15.14 45.15 56.49
N LYS A 676 14.83 44.70 55.28
CA LYS A 676 13.73 45.22 54.45
C LYS A 676 12.68 44.12 54.25
N TYR A 677 11.42 44.40 54.61
CA TYR A 677 10.26 43.48 54.50
C TYR A 677 9.38 43.95 53.35
N VAL A 678 9.34 43.18 52.27
CA VAL A 678 8.74 43.61 50.99
C VAL A 678 7.59 42.66 50.71
N LEU A 679 6.43 43.18 50.34
CA LEU A 679 5.37 42.38 49.68
C LEU A 679 5.41 42.70 48.19
N ILE A 680 5.47 41.70 47.32
CA ILE A 680 5.50 41.92 45.85
C ILE A 680 4.46 41.03 45.19
N THR A 681 3.63 41.59 44.31
CA THR A 681 2.63 40.83 43.52
C THR A 681 3.10 40.81 42.06
N GLY A 682 2.57 39.91 41.25
CA GLY A 682 2.88 39.84 39.80
C GLY A 682 4.36 39.60 39.56
N ALA A 683 4.95 38.63 40.26
CA ALA A 683 6.38 38.30 40.12
C ALA A 683 6.53 36.84 39.67
N GLY A 684 5.67 36.41 38.75
CA GLY A 684 5.71 35.09 38.12
C GLY A 684 6.82 34.99 37.11
N LYS A 685 7.16 33.77 36.70
CA LYS A 685 8.25 33.53 35.71
C LYS A 685 8.09 34.49 34.53
N GLY A 686 9.20 35.12 34.13
CA GLY A 686 9.32 35.92 32.90
C GLY A 686 8.62 37.26 33.01
N SER A 687 8.56 37.81 34.22
CA SER A 687 8.00 39.14 34.50
C SER A 687 9.11 40.00 35.09
N ILE A 688 8.94 41.34 35.04
CA ILE A 688 9.84 42.30 35.73
C ILE A 688 9.87 41.94 37.23
N GLY A 689 8.69 41.73 37.82
CA GLY A 689 8.55 41.38 39.23
C GLY A 689 9.54 40.30 39.65
N ALA A 690 9.67 39.22 38.87
CA ALA A 690 10.55 38.07 39.17
C ALA A 690 12.02 38.52 39.25
N GLU A 691 12.44 39.37 38.32
CA GLU A 691 13.78 40.00 38.33
C GLU A 691 13.94 40.94 39.52
N VAL A 692 12.90 41.65 39.91
CA VAL A 692 12.92 42.48 41.15
C VAL A 692 13.08 41.57 42.36
N LEU A 693 12.38 40.43 42.37
CA LEU A 693 12.40 39.46 43.49
C LEU A 693 13.81 38.89 43.64
N GLN A 694 14.47 38.48 42.55
CA GLN A 694 15.86 37.94 42.59
C GLN A 694 16.81 38.96 43.20
N GLY A 695 16.59 40.24 42.96
CA GLY A 695 17.49 41.27 43.49
C GLY A 695 17.28 41.46 44.98
N LEU A 696 16.01 41.52 45.38
CA LEU A 696 15.65 41.72 46.81
C LEU A 696 16.26 40.58 47.62
N LEU A 697 16.12 39.33 47.18
CA LEU A 697 16.65 38.17 47.92
C LEU A 697 18.16 38.28 47.98
N GLN A 698 18.76 38.64 46.84
CA GLN A 698 20.22 38.77 46.66
C GLN A 698 20.78 39.77 47.66
N GLY A 699 19.99 40.76 48.09
CA GLY A 699 20.39 41.75 49.10
C GLY A 699 19.84 41.42 50.48
N GLY A 700 19.37 40.21 50.69
CA GLY A 700 19.01 39.77 52.05
C GLY A 700 17.62 40.21 52.50
N ALA A 701 16.77 40.64 51.58
CA ALA A 701 15.39 41.08 51.90
C ALA A 701 14.52 39.92 52.39
N LYS A 702 13.49 40.25 53.16
CA LYS A 702 12.41 39.28 53.52
C LYS A 702 11.22 39.62 52.66
N VAL A 703 10.80 38.71 51.81
CA VAL A 703 9.82 39.00 50.74
C VAL A 703 8.66 38.04 50.85
N VAL A 704 7.43 38.56 50.84
CA VAL A 704 6.22 37.77 50.54
C VAL A 704 5.85 37.95 49.08
N VAL A 705 6.19 36.98 48.25
CA VAL A 705 5.77 36.96 46.83
C VAL A 705 4.39 36.29 46.77
N THR A 706 3.52 36.73 45.87
CA THR A 706 2.18 36.16 45.66
C THR A 706 2.17 35.43 44.32
N THR A 707 1.13 34.68 44.03
CA THR A 707 0.97 33.96 42.76
C THR A 707 -0.50 33.62 42.59
N SER A 708 -1.03 33.80 41.40
CA SER A 708 -2.40 33.35 41.10
C SER A 708 -2.41 31.93 40.51
N ARG A 709 -1.24 31.37 40.15
CA ARG A 709 -1.10 30.05 39.50
C ARG A 709 -0.46 29.05 40.49
N PHE A 710 -0.74 29.14 41.79
CA PHE A 710 -0.05 28.34 42.85
C PHE A 710 -0.23 26.85 42.61
N SER A 711 0.89 26.16 42.44
CA SER A 711 1.00 24.78 41.90
C SER A 711 2.37 24.24 42.27
N LYS A 712 2.64 22.97 41.97
CA LYS A 712 3.97 22.38 42.24
C LYS A 712 5.03 23.05 41.37
N GLN A 713 4.74 23.24 40.09
CA GLN A 713 5.66 23.90 39.14
C GLN A 713 6.08 25.30 39.62
N VAL A 714 5.19 26.06 40.25
CA VAL A 714 5.45 27.46 40.68
C VAL A 714 6.24 27.46 41.99
N THR A 715 5.88 26.63 42.95
CA THR A 715 6.65 26.55 44.21
C THR A 715 8.03 25.96 43.94
N ASP A 716 8.18 25.08 42.95
CA ASP A 716 9.50 24.55 42.52
C ASP A 716 10.32 25.65 41.84
N TYR A 717 9.65 26.57 41.13
CA TYR A 717 10.30 27.74 40.47
C TYR A 717 10.90 28.66 41.54
N TYR A 718 10.06 29.20 42.41
CA TYR A 718 10.43 30.09 43.53
C TYR A 718 11.43 29.42 44.47
N GLN A 719 11.41 28.10 44.59
CA GLN A 719 12.40 27.38 45.43
C GLN A 719 13.77 27.48 44.78
N SER A 720 13.85 27.22 43.48
CA SER A 720 15.13 27.26 42.72
C SER A 720 15.68 28.68 42.77
N ILE A 721 14.80 29.69 42.74
CA ILE A 721 15.18 31.12 42.83
C ILE A 721 15.82 31.36 44.20
N TYR A 722 15.12 31.04 45.27
CA TYR A 722 15.63 31.25 46.65
C TYR A 722 16.96 30.53 46.85
N ALA A 723 17.10 29.33 46.30
CA ALA A 723 18.30 28.49 46.49
C ALA A 723 19.47 29.03 45.67
N LYS A 724 19.23 29.84 44.65
CA LYS A 724 20.31 30.39 43.81
C LYS A 724 20.72 31.76 44.39
N TYR A 725 19.75 32.55 44.83
CA TYR A 725 19.92 33.99 45.02
C TYR A 725 19.75 34.39 46.50
N GLY A 726 18.88 33.69 47.23
CA GLY A 726 18.52 34.03 48.62
C GLY A 726 19.73 34.16 49.53
N ALA A 727 20.21 35.38 49.72
CA ALA A 727 21.38 35.68 50.56
C ALA A 727 21.08 35.37 52.01
N LYS A 728 22.06 35.50 52.87
CA LYS A 728 21.87 35.31 54.32
C LYS A 728 20.91 36.38 54.86
N GLY A 729 20.04 35.97 55.77
CA GLY A 729 19.02 36.86 56.37
C GLY A 729 17.79 36.91 55.50
N SER A 730 17.90 36.56 54.22
CA SER A 730 16.77 36.55 53.29
C SER A 730 15.79 35.45 53.70
N THR A 731 14.52 35.70 53.42
CA THR A 731 13.38 34.78 53.57
C THR A 731 12.48 35.04 52.38
N LEU A 732 11.92 34.01 51.79
CA LEU A 732 10.92 34.16 50.72
C LEU A 732 9.69 33.41 51.21
N ILE A 733 8.51 34.03 51.19
CA ILE A 733 7.22 33.38 51.56
C ILE A 733 6.31 33.41 50.33
N VAL A 734 6.14 32.31 49.64
CA VAL A 734 5.24 32.22 48.47
C VAL A 734 3.85 31.93 48.98
N VAL A 735 2.84 32.66 48.54
CA VAL A 735 1.42 32.47 48.95
C VAL A 735 0.55 32.49 47.71
N PRO A 736 -0.54 31.70 47.69
CA PRO A 736 -1.54 31.80 46.65
C PRO A 736 -2.30 33.08 46.96
N PHE A 737 -2.77 33.77 45.93
CA PHE A 737 -3.36 35.12 46.09
C PHE A 737 -4.10 35.50 44.82
N ASN A 738 -5.23 36.18 45.00
CA ASN A 738 -6.01 36.74 43.87
C ASN A 738 -6.23 38.20 44.20
N GLN A 739 -5.50 39.08 43.54
CA GLN A 739 -5.58 40.52 43.85
C GLN A 739 -6.99 41.01 43.46
N GLY A 740 -7.64 40.32 42.54
CA GLY A 740 -9.06 40.50 42.22
C GLY A 740 -9.95 40.51 43.45
N SER A 741 -9.75 39.55 44.35
CA SER A 741 -10.56 39.38 45.57
C SER A 741 -10.19 40.44 46.60
N LYS A 742 -11.15 41.14 47.21
CA LYS A 742 -10.85 42.02 48.37
C LYS A 742 -10.66 41.17 49.62
N GLN A 743 -11.35 40.04 49.73
CA GLN A 743 -11.23 39.17 50.93
C GLN A 743 -9.81 38.62 51.03
N ASP A 744 -9.20 38.21 49.90
CA ASP A 744 -7.77 37.81 49.81
C ASP A 744 -6.85 38.98 50.17
N VAL A 745 -7.12 40.17 49.70
CA VAL A 745 -6.29 41.37 50.01
C VAL A 745 -6.32 41.61 51.52
N GLU A 746 -7.49 41.57 52.15
CA GLU A 746 -7.63 41.80 53.60
C GLU A 746 -6.82 40.72 54.30
N ALA A 747 -7.01 39.46 53.86
CA ALA A 747 -6.53 38.25 54.53
C ALA A 747 -5.01 38.22 54.43
N LEU A 748 -4.47 38.50 53.25
CA LEU A 748 -3.00 38.59 53.02
C LEU A 748 -2.37 39.57 53.99
N ILE A 749 -2.90 40.77 54.11
CA ILE A 749 -2.27 41.80 54.99
C ILE A 749 -2.49 41.41 56.45
N GLU A 750 -3.63 40.79 56.77
CA GLU A 750 -3.91 40.33 58.15
C GLU A 750 -2.88 39.26 58.51
N PHE A 751 -2.58 38.36 57.58
CA PHE A 751 -1.63 37.22 57.76
C PHE A 751 -0.20 37.72 57.93
N ILE A 752 0.17 38.74 57.17
CA ILE A 752 1.53 39.32 57.23
C ILE A 752 1.67 39.98 58.61
N TYR A 753 0.67 40.71 59.06
CA TYR A 753 0.82 41.56 60.26
C TYR A 753 0.50 40.78 61.54
N ASP A 754 -0.30 39.70 61.45
CA ASP A 754 -0.66 38.87 62.63
C ASP A 754 0.61 38.38 63.31
N THR A 755 0.55 38.00 64.58
CA THR A 755 1.71 37.43 65.33
C THR A 755 1.87 35.95 64.94
N GLU A 756 3.07 35.38 65.17
CA GLU A 756 3.39 33.96 64.87
C GLU A 756 2.43 33.05 65.66
N LYS A 757 2.05 33.44 66.88
CA LYS A 757 1.11 32.71 67.77
C LYS A 757 -0.19 32.44 67.03
N ASN A 758 -0.75 33.46 66.37
CA ASN A 758 -2.03 33.36 65.61
C ASN A 758 -1.81 32.95 64.15
N GLY A 759 -0.67 32.35 63.81
CA GLY A 759 -0.42 31.76 62.48
C GLY A 759 -0.03 32.78 61.41
N GLY A 760 0.40 33.98 61.82
CA GLY A 760 0.89 35.03 60.91
C GLY A 760 2.41 35.02 60.77
N LEU A 761 2.95 36.12 60.26
CA LEU A 761 4.40 36.27 60.02
C LEU A 761 5.00 37.21 61.08
N GLY A 762 4.20 38.01 61.74
CA GLY A 762 4.72 38.98 62.72
C GLY A 762 5.60 40.00 62.04
N TRP A 763 5.30 40.32 60.79
CA TRP A 763 6.09 41.28 59.96
C TRP A 763 5.41 42.63 59.97
N ASP A 764 6.09 43.58 59.35
CA ASP A 764 5.68 44.99 59.22
C ASP A 764 6.32 45.52 57.94
N LEU A 765 5.54 45.67 56.86
CA LEU A 765 6.03 45.94 55.49
C LEU A 765 6.79 47.27 55.42
N ASP A 766 8.00 47.24 54.85
CA ASP A 766 8.84 48.41 54.48
C ASP A 766 8.66 48.79 53.00
N ALA A 767 8.10 47.91 52.18
CA ALA A 767 7.78 48.22 50.77
C ALA A 767 6.63 47.36 50.30
N ILE A 768 5.86 47.87 49.35
CA ILE A 768 4.80 47.09 48.66
C ILE A 768 5.03 47.32 47.17
N ILE A 769 5.03 46.26 46.37
CA ILE A 769 5.27 46.35 44.91
C ILE A 769 4.09 45.64 44.22
N PRO A 770 2.96 46.33 44.06
CA PRO A 770 1.75 45.71 43.52
C PRO A 770 1.71 45.62 41.99
N PHE A 771 2.55 44.75 41.44
CA PHE A 771 2.80 44.64 39.99
C PHE A 771 1.78 43.72 39.32
N ALA A 772 0.94 43.00 40.07
CA ALA A 772 -0.10 42.11 39.49
C ALA A 772 -0.94 42.88 38.48
N ALA A 773 -1.25 42.25 37.35
CA ALA A 773 -2.00 42.82 36.22
C ALA A 773 -2.40 41.69 35.29
N ILE A 774 -3.53 41.84 34.61
CA ILE A 774 -3.95 40.87 33.56
C ILE A 774 -3.98 41.62 32.22
N PRO A 775 -3.54 40.97 31.13
CA PRO A 775 -3.55 41.59 29.80
C PRO A 775 -4.98 41.75 29.27
N GLU A 776 -5.20 42.85 28.55
CA GLU A 776 -6.44 43.15 27.80
C GLU A 776 -5.99 43.56 26.39
N GLN A 777 -6.16 42.69 25.40
CA GLN A 777 -5.73 42.95 24.01
C GLN A 777 -6.98 43.07 23.15
N GLY A 778 -6.97 44.03 22.22
CA GLY A 778 -8.06 44.28 21.26
C GLY A 778 -9.38 44.63 21.95
N ILE A 779 -9.32 45.23 23.14
CA ILE A 779 -10.51 45.73 23.86
C ILE A 779 -10.54 47.26 23.75
N GLU A 780 -11.16 47.74 22.67
CA GLU A 780 -11.49 49.18 22.47
C GLU A 780 -12.69 49.53 23.34
N LEU A 781 -13.03 50.81 23.40
CA LEU A 781 -14.11 51.34 24.26
C LEU A 781 -15.35 50.44 24.21
N GLU A 782 -15.88 50.13 23.02
CA GLU A 782 -17.19 49.43 22.89
C GLU A 782 -17.11 47.98 23.41
N HIS A 783 -15.93 47.43 23.66
CA HIS A 783 -15.72 46.04 24.10
C HIS A 783 -15.48 45.95 25.61
N ILE A 784 -15.38 47.08 26.31
CA ILE A 784 -15.14 47.12 27.78
C ILE A 784 -16.31 46.40 28.45
N ASP A 785 -16.03 45.25 29.05
CA ASP A 785 -17.05 44.37 29.65
C ASP A 785 -16.53 43.84 30.99
N SER A 786 -16.79 42.58 31.32
CA SER A 786 -16.50 41.96 32.64
C SER A 786 -15.00 41.89 32.84
N LYS A 787 -14.27 41.37 31.88
CA LYS A 787 -12.81 41.23 31.98
C LYS A 787 -12.17 42.57 32.32
N SER A 788 -12.49 43.61 31.57
CA SER A 788 -11.91 44.97 31.78
C SER A 788 -12.23 45.50 33.17
N GLU A 789 -13.46 45.36 33.63
CA GLU A 789 -13.89 45.82 34.98
C GLU A 789 -13.15 45.04 36.05
N PHE A 790 -12.82 43.78 35.79
CA PHE A 790 -12.09 42.89 36.72
C PHE A 790 -10.62 43.32 36.76
N ALA A 791 -10.00 43.36 35.60
CA ALA A 791 -8.62 43.88 35.41
C ALA A 791 -8.46 45.21 36.17
N HIS A 792 -9.44 46.10 36.05
CA HIS A 792 -9.43 47.40 36.74
C HIS A 792 -9.43 47.16 38.25
N ARG A 793 -10.12 46.15 38.74
CA ARG A 793 -10.23 45.92 40.21
C ARG A 793 -8.85 45.50 40.72
N ILE A 794 -8.22 44.56 40.03
CA ILE A 794 -6.82 44.14 40.28
C ILE A 794 -5.90 45.37 40.23
N MET A 795 -5.93 46.14 39.15
CA MET A 795 -4.84 47.10 38.81
C MET A 795 -5.05 48.49 39.38
N LEU A 796 -6.20 48.78 39.98
CA LEU A 796 -6.45 50.04 40.71
C LEU A 796 -7.14 49.72 42.03
N THR A 797 -8.42 49.36 41.98
CA THR A 797 -9.28 49.37 43.19
C THR A 797 -8.58 48.62 44.32
N ASN A 798 -8.13 47.39 44.07
CA ASN A 798 -7.57 46.54 45.15
C ASN A 798 -6.11 46.92 45.46
N ILE A 799 -5.45 47.71 44.65
CA ILE A 799 -4.17 48.32 45.11
C ILE A 799 -4.50 49.37 46.16
N LEU A 800 -5.59 50.10 46.01
CA LEU A 800 -5.98 51.12 47.01
C LEU A 800 -6.40 50.39 48.29
N ARG A 801 -7.09 49.26 48.16
CA ARG A 801 -7.60 48.49 49.31
C ARG A 801 -6.41 47.92 50.07
N MET A 802 -5.40 47.41 49.35
CA MET A 802 -4.15 46.81 49.88
C MET A 802 -3.30 47.85 50.60
N MET A 803 -3.27 49.08 50.11
CA MET A 803 -2.58 50.20 50.80
C MET A 803 -3.42 50.55 52.01
N GLY A 804 -4.73 50.61 51.86
CA GLY A 804 -5.63 50.92 52.99
C GLY A 804 -5.42 49.93 54.10
N CYS A 805 -5.29 48.64 53.76
CA CYS A 805 -5.16 47.54 54.72
C CYS A 805 -3.91 47.72 55.57
N VAL A 806 -2.78 47.95 54.90
CA VAL A 806 -1.46 48.15 55.53
C VAL A 806 -1.49 49.41 56.38
N LYS A 807 -2.18 50.47 55.96
CA LYS A 807 -2.37 51.68 56.80
C LYS A 807 -3.11 51.28 58.08
N LYS A 808 -4.26 50.62 57.94
CA LYS A 808 -5.10 50.22 59.11
C LYS A 808 -4.31 49.28 60.02
N GLN A 809 -3.47 48.38 59.51
CA GLN A 809 -2.69 47.45 60.37
C GLN A 809 -1.62 48.24 61.13
N LYS A 810 -0.90 49.12 60.46
CA LYS A 810 0.14 49.94 61.13
C LYS A 810 -0.50 50.92 62.11
N SER A 811 -1.63 51.54 61.78
CA SER A 811 -2.32 52.49 62.69
C SER A 811 -2.74 51.74 63.97
N ALA A 812 -3.36 50.56 63.82
CA ALA A 812 -3.80 49.66 64.91
C ALA A 812 -2.70 49.50 65.96
N ARG A 813 -1.45 49.32 65.52
CA ARG A 813 -0.26 49.03 66.38
C ARG A 813 0.55 50.31 66.63
N GLY A 814 -0.06 51.48 66.45
CA GLY A 814 0.58 52.80 66.69
C GLY A 814 1.92 52.97 65.99
N ILE A 815 2.12 52.30 64.85
CA ILE A 815 3.37 52.36 64.02
C ILE A 815 3.29 53.61 63.17
N GLU A 816 4.02 54.67 63.56
CA GLU A 816 4.02 56.00 62.90
C GLU A 816 5.39 56.30 62.27
N THR A 817 6.45 55.54 62.56
CA THR A 817 7.84 55.88 62.17
C THR A 817 8.44 54.85 61.21
N ARG A 818 7.65 53.87 60.76
CA ARG A 818 8.10 52.86 59.78
C ARG A 818 7.15 52.80 58.59
N PRO A 819 7.19 53.81 57.69
CA PRO A 819 6.29 53.84 56.54
C PRO A 819 6.63 52.72 55.57
N ALA A 820 5.68 52.31 54.73
CA ALA A 820 5.90 51.32 53.65
C ALA A 820 6.03 52.09 52.34
N GLN A 821 7.10 51.84 51.60
CA GLN A 821 7.32 52.47 50.29
C GLN A 821 6.45 51.72 49.29
N VAL A 822 5.42 52.36 48.74
CA VAL A 822 4.61 51.75 47.65
C VAL A 822 5.26 52.11 46.31
N ILE A 823 5.70 51.12 45.55
CA ILE A 823 6.30 51.33 44.20
C ILE A 823 5.18 51.10 43.19
N LEU A 824 4.49 52.16 42.79
CA LEU A 824 3.32 52.01 41.88
C LEU A 824 3.85 51.77 40.48
N PRO A 825 3.28 50.80 39.74
CA PRO A 825 3.71 50.51 38.38
C PRO A 825 2.92 51.44 37.48
N MET A 826 3.39 52.66 37.32
CA MET A 826 2.72 53.68 36.49
C MET A 826 3.18 53.50 35.04
N SER A 827 2.49 54.14 34.12
CA SER A 827 2.72 53.99 32.67
C SER A 827 2.80 55.38 32.06
N PRO A 828 3.61 55.58 31.00
CA PRO A 828 3.49 56.77 30.16
C PRO A 828 2.32 56.74 29.14
N ASN A 829 1.93 55.52 28.72
CA ASN A 829 0.73 55.14 27.92
C ASN A 829 -0.58 55.51 28.66
N HIS A 830 -1.23 56.60 28.27
CA HIS A 830 -2.59 56.97 28.75
C HIS A 830 -3.54 57.05 27.56
N GLY A 831 -3.88 55.90 27.00
CA GLY A 831 -4.74 55.77 25.81
C GLY A 831 -3.99 56.02 24.50
N THR A 832 -2.67 56.12 24.53
CA THR A 832 -1.82 56.36 23.34
C THR A 832 -1.92 55.19 22.35
N PHE A 833 -1.95 53.94 22.81
CA PHE A 833 -1.97 52.72 21.96
C PHE A 833 -3.39 52.22 21.72
N GLY A 834 -4.28 52.35 22.72
CA GLY A 834 -5.69 51.93 22.61
C GLY A 834 -5.84 50.42 22.51
N GLY A 835 -7.06 49.94 22.57
CA GLY A 835 -7.36 48.50 22.50
C GLY A 835 -6.82 47.72 23.69
N ASP A 836 -6.66 48.39 24.84
CA ASP A 836 -6.05 47.85 26.08
C ASP A 836 -7.08 47.83 27.21
N GLY A 837 -8.37 47.83 26.89
CA GLY A 837 -9.47 47.81 27.87
C GLY A 837 -9.52 49.06 28.71
N MET A 838 -9.23 48.91 30.00
CA MET A 838 -9.17 50.01 31.00
C MET A 838 -7.76 50.07 31.62
N TYR A 839 -6.75 49.46 30.98
CA TYR A 839 -5.34 49.51 31.43
C TYR A 839 -4.97 50.97 31.67
N SER A 840 -5.31 51.84 30.73
CA SER A 840 -4.86 53.25 30.69
C SER A 840 -5.53 54.00 31.84
N GLU A 841 -6.77 53.66 32.15
CA GLU A 841 -7.54 54.30 33.25
C GLU A 841 -7.07 53.77 34.60
N SER A 842 -6.63 52.52 34.65
CA SER A 842 -6.07 51.92 35.87
C SER A 842 -4.75 52.60 36.23
N LYS A 843 -3.86 52.77 35.28
CA LYS A 843 -2.53 53.35 35.52
C LYS A 843 -2.63 54.85 35.76
N LEU A 844 -3.57 55.54 35.10
CA LEU A 844 -3.67 57.02 35.22
C LEU A 844 -4.20 57.39 36.59
N SER A 845 -5.17 56.64 37.10
CA SER A 845 -5.82 56.86 38.41
C SER A 845 -4.82 56.68 39.56
N LEU A 846 -3.72 55.96 39.37
CA LEU A 846 -2.68 55.81 40.41
C LEU A 846 -1.96 57.15 40.62
N GLU A 847 -2.05 58.08 39.70
CA GLU A 847 -1.39 59.39 39.84
C GLU A 847 -2.10 60.21 40.93
N THR A 848 -3.30 59.82 41.36
CA THR A 848 -4.05 60.54 42.43
C THR A 848 -3.33 60.37 43.77
N LEU A 849 -2.56 59.28 43.95
CA LEU A 849 -1.84 58.96 45.20
C LEU A 849 -0.76 59.97 45.50
N PHE A 850 -0.21 60.65 44.50
CA PHE A 850 0.79 61.71 44.73
C PHE A 850 0.17 62.88 45.47
N ASN A 851 -1.10 63.19 45.23
CA ASN A 851 -1.76 64.35 45.88
C ASN A 851 -2.42 63.91 47.17
N ARG A 852 -2.92 62.67 47.22
CA ARG A 852 -3.66 62.16 48.39
C ARG A 852 -2.69 62.05 49.56
N TRP A 853 -1.43 61.73 49.31
CA TRP A 853 -0.41 61.56 50.38
C TRP A 853 -0.32 62.83 51.23
N HIS A 854 -0.55 64.00 50.63
CA HIS A 854 -0.62 65.32 51.34
C HIS A 854 -2.01 65.58 51.92
N SER A 855 -3.06 65.19 51.21
CA SER A 855 -4.43 65.65 51.50
C SER A 855 -5.06 64.82 52.63
N GLU A 856 -5.01 63.49 52.53
CA GLU A 856 -5.58 62.49 53.49
C GLU A 856 -4.67 62.45 54.74
N SER A 857 -4.63 61.34 55.49
CA SER A 857 -3.87 61.24 56.77
C SER A 857 -3.18 59.88 56.90
N TRP A 858 -2.51 59.44 55.85
CA TRP A 858 -1.79 58.14 55.83
C TRP A 858 -0.32 58.34 55.42
N ALA A 859 0.17 59.56 55.43
CA ALA A 859 1.55 59.87 55.00
C ALA A 859 2.54 59.14 55.88
N ASN A 860 2.23 59.00 57.16
CA ASN A 860 3.16 58.40 58.16
C ASN A 860 3.27 56.88 57.95
N GLN A 861 2.23 56.24 57.47
CA GLN A 861 2.18 54.76 57.34
C GLN A 861 2.63 54.31 55.95
N LEU A 862 2.44 55.10 54.91
CA LEU A 862 2.82 54.71 53.52
C LEU A 862 3.54 55.84 52.83
N THR A 863 4.42 55.53 51.89
CA THR A 863 5.09 56.51 51.00
C THR A 863 4.86 56.07 49.58
N VAL A 864 4.77 57.04 48.68
CA VAL A 864 4.41 56.82 47.26
C VAL A 864 5.69 57.01 46.47
N CYS A 865 6.07 55.99 45.72
CA CYS A 865 7.19 56.05 44.78
C CYS A 865 6.66 55.53 43.45
N GLY A 866 6.23 56.43 42.57
CA GLY A 866 5.63 56.06 41.28
C GLY A 866 6.68 55.84 40.22
N ALA A 867 6.82 54.64 39.71
CA ALA A 867 7.81 54.34 38.66
C ALA A 867 7.09 54.26 37.32
N ILE A 868 7.37 55.21 36.43
CA ILE A 868 6.81 55.25 35.06
C ILE A 868 7.64 54.28 34.24
N ILE A 869 7.12 53.10 33.98
CA ILE A 869 7.95 51.98 33.49
C ILE A 869 7.95 51.97 31.96
N GLY A 870 9.15 52.10 31.38
CA GLY A 870 9.35 52.20 29.95
C GLY A 870 9.21 50.88 29.23
N TRP A 871 9.56 50.92 27.95
CA TRP A 871 9.40 49.81 26.98
C TRP A 871 10.31 48.69 27.46
N THR A 872 9.74 47.61 27.93
CA THR A 872 10.48 46.50 28.58
C THR A 872 10.25 45.23 27.76
N ARG A 873 11.30 44.70 27.16
CA ARG A 873 11.22 43.51 26.28
C ARG A 873 11.06 42.25 27.14
N GLY A 874 10.44 41.19 26.61
CA GLY A 874 10.39 39.85 27.25
C GLY A 874 9.05 39.62 27.93
N ALA A 880 5.66 40.29 21.70
CA ALA A 880 5.22 40.63 20.32
C ALA A 880 5.85 41.95 19.85
N ASN A 881 6.02 42.88 20.79
CA ASN A 881 6.63 44.22 20.60
C ASN A 881 8.14 44.16 20.38
N ASN A 882 8.79 43.04 20.70
CA ASN A 882 10.26 42.88 20.64
C ASN A 882 10.77 43.14 19.23
N ILE A 883 10.05 42.66 18.21
CA ILE A 883 10.52 42.67 16.79
C ILE A 883 10.77 44.12 16.34
N ILE A 884 10.09 45.11 16.95
CA ILE A 884 10.24 46.53 16.52
C ILE A 884 11.07 47.35 17.51
N ALA A 885 11.45 46.76 18.63
CA ALA A 885 12.23 47.42 19.70
C ALA A 885 13.48 48.05 19.10
N GLU A 886 14.15 47.34 18.19
CA GLU A 886 15.42 47.81 17.58
C GLU A 886 15.11 49.01 16.69
N GLY A 887 13.96 48.97 16.01
CA GLY A 887 13.45 50.09 15.20
C GLY A 887 13.27 51.36 16.01
N ILE A 888 12.58 51.24 17.14
CA ILE A 888 12.38 52.34 18.12
C ILE A 888 13.74 52.90 18.52
N GLU A 889 14.71 52.03 18.81
CA GLU A 889 16.01 52.45 19.39
C GLU A 889 16.77 53.35 18.41
N LYS A 890 16.54 53.20 17.09
CA LYS A 890 17.09 54.10 16.02
C LYS A 890 16.66 55.56 16.24
N MET A 891 15.52 55.83 16.89
CA MET A 891 15.02 57.21 17.17
C MET A 891 15.85 57.90 18.24
N GLY A 892 16.79 57.21 18.90
CA GLY A 892 17.59 57.75 20.03
C GLY A 892 16.82 57.60 21.33
N VAL A 893 16.18 56.44 21.48
CA VAL A 893 15.25 56.07 22.59
C VAL A 893 15.69 54.72 23.09
N ARG A 894 15.68 54.53 24.39
CA ARG A 894 16.20 53.30 25.02
C ARG A 894 15.02 52.41 25.37
N THR A 895 14.99 51.19 24.88
CA THR A 895 14.15 50.08 25.42
C THR A 895 14.97 49.31 26.44
N PHE A 896 14.33 48.66 27.40
CA PHE A 896 14.99 47.99 28.55
C PHE A 896 14.75 46.48 28.51
N SER A 897 15.71 45.72 28.96
CA SER A 897 15.50 44.28 29.29
C SER A 897 14.77 44.20 30.62
N GLN A 898 14.20 43.06 30.96
CA GLN A 898 13.60 42.88 32.30
C GLN A 898 14.67 43.13 33.37
N LYS A 899 15.87 42.61 33.18
CA LYS A 899 16.99 42.77 34.15
C LYS A 899 17.31 44.26 34.33
N GLU A 900 17.54 45.00 33.26
CA GLU A 900 17.80 46.47 33.34
C GLU A 900 16.66 47.14 34.11
N MET A 901 15.39 46.91 33.74
CA MET A 901 14.24 47.60 34.38
C MET A 901 14.16 47.20 35.85
N ALA A 902 14.43 45.94 36.22
CA ALA A 902 14.47 45.48 37.63
C ALA A 902 15.53 46.28 38.40
N PHE A 903 16.70 46.41 37.83
CA PHE A 903 17.85 47.17 38.38
C PHE A 903 17.41 48.61 38.65
N ASN A 904 16.74 49.21 37.68
CA ASN A 904 16.22 50.59 37.80
C ASN A 904 15.25 50.66 38.98
N LEU A 905 14.31 49.72 39.10
CA LEU A 905 13.27 49.73 40.15
C LEU A 905 13.92 49.52 41.52
N LEU A 906 14.92 48.64 41.63
CA LEU A 906 15.65 48.42 42.92
C LEU A 906 16.50 49.65 43.24
N GLY A 907 16.73 50.53 42.28
CA GLY A 907 17.33 51.85 42.53
C GLY A 907 16.43 52.72 43.39
N LEU A 908 15.12 52.45 43.42
CA LEU A 908 14.12 53.21 44.21
C LEU A 908 14.06 52.71 45.65
N LEU A 909 14.63 51.54 45.96
CA LEU A 909 14.65 51.00 47.35
C LEU A 909 15.99 51.26 48.03
N THR A 910 16.89 52.02 47.39
CA THR A 910 18.17 52.46 48.00
C THR A 910 17.85 53.44 49.12
N PRO A 911 18.69 53.54 50.18
CA PRO A 911 18.35 54.34 51.34
C PRO A 911 18.11 55.83 51.07
N GLU A 912 18.77 56.41 50.06
CA GLU A 912 18.69 57.87 49.77
C GLU A 912 17.36 58.18 49.06
N VAL A 913 16.85 57.29 48.21
CA VAL A 913 15.53 57.43 47.52
C VAL A 913 14.39 57.09 48.50
N VAL A 914 14.61 56.17 49.44
CA VAL A 914 13.61 55.89 50.53
C VAL A 914 13.52 57.15 51.39
N GLU A 915 14.65 57.71 51.81
CA GLU A 915 14.66 58.97 52.60
C GLU A 915 13.86 60.03 51.84
N LEU A 916 14.06 60.12 50.52
CA LEU A 916 13.47 61.15 49.64
C LEU A 916 11.95 60.96 49.54
N CYS A 917 11.48 59.71 49.47
CA CYS A 917 10.04 59.31 49.46
C CYS A 917 9.32 59.73 50.75
N GLN A 918 10.04 59.74 51.86
CA GLN A 918 9.47 60.03 53.20
C GLN A 918 9.30 61.54 53.36
N LYS A 919 10.00 62.35 52.56
CA LYS A 919 9.83 63.83 52.54
C LYS A 919 8.60 64.23 51.72
N SER A 920 8.44 63.59 50.56
CA SER A 920 7.42 63.94 49.54
C SER A 920 7.35 62.81 48.54
N PRO A 921 6.20 62.57 47.89
CA PRO A 921 6.12 61.56 46.83
C PRO A 921 7.19 61.73 45.75
N VAL A 922 7.66 60.60 45.23
CA VAL A 922 8.76 60.50 44.24
C VAL A 922 8.19 59.93 42.95
N MET A 923 8.26 60.70 41.87
CA MET A 923 7.92 60.21 40.52
C MET A 923 9.23 59.90 39.83
N ALA A 924 9.45 58.65 39.52
CA ALA A 924 10.61 58.20 38.73
C ALA A 924 10.13 57.98 37.28
N ASP A 925 10.80 58.58 36.30
CA ASP A 925 10.55 58.27 34.87
C ASP A 925 11.63 57.29 34.44
N LEU A 926 11.26 56.04 34.22
CA LEU A 926 12.16 54.99 33.70
C LEU A 926 11.75 54.66 32.26
N ASN A 927 11.41 55.68 31.48
CA ASN A 927 10.76 55.50 30.16
C ASN A 927 11.83 55.35 29.08
N GLY A 928 12.99 55.98 29.28
CA GLY A 928 14.12 55.90 28.36
C GLY A 928 13.92 56.79 27.16
N GLY A 929 13.32 57.96 27.38
CA GLY A 929 13.18 59.01 26.36
C GLY A 929 12.02 58.75 25.42
N LEU A 930 11.22 57.70 25.67
CA LEU A 930 10.11 57.31 24.79
C LEU A 930 9.01 58.37 24.75
N GLN A 931 8.97 59.30 25.70
CA GLN A 931 7.96 60.39 25.74
C GLN A 931 8.20 61.35 24.55
N PHE A 932 9.45 61.55 24.16
CA PHE A 932 9.88 62.59 23.20
C PHE A 932 9.60 62.17 21.75
N VAL A 933 9.35 60.89 21.48
CA VAL A 933 8.87 60.41 20.15
C VAL A 933 7.46 60.94 19.92
N PRO A 934 7.23 61.78 18.88
CA PRO A 934 5.90 62.31 18.61
C PRO A 934 5.01 61.26 17.91
N GLU A 935 3.72 61.23 18.25
CA GLU A 935 2.74 60.29 17.66
C GLU A 935 3.37 58.90 17.65
N LEU A 936 3.48 58.30 18.84
CA LEU A 936 4.20 57.01 19.04
C LEU A 936 3.42 55.87 18.40
N LYS A 937 2.09 55.85 18.51
CA LYS A 937 1.29 54.70 18.00
C LYS A 937 1.47 54.54 16.49
N GLU A 938 1.40 55.64 15.73
CA GLU A 938 1.52 55.63 14.25
C GLU A 938 2.96 55.29 13.85
N PHE A 939 3.94 55.71 14.66
CA PHE A 939 5.36 55.32 14.47
C PHE A 939 5.55 53.82 14.76
N THR A 940 4.92 53.28 15.80
CA THR A 940 5.00 51.85 16.19
C THR A 940 4.26 50.98 15.16
N ALA A 941 3.07 51.39 14.70
CA ALA A 941 2.23 50.61 13.75
C ALA A 941 2.91 50.59 12.38
N LYS A 942 3.65 51.66 12.06
CA LYS A 942 4.50 51.75 10.84
C LYS A 942 5.58 50.68 10.89
N LEU A 943 6.45 50.70 11.90
CA LEU A 943 7.55 49.72 12.10
C LEU A 943 7.01 48.28 12.00
N ARG A 944 5.84 47.95 12.56
CA ARG A 944 5.25 46.58 12.39
C ARG A 944 5.05 46.33 10.90
N LYS A 945 4.33 47.26 10.23
CA LYS A 945 3.92 47.18 8.80
C LYS A 945 5.15 46.90 7.93
N GLU A 946 6.22 47.71 7.99
CA GLU A 946 7.46 47.49 7.21
C GLU A 946 8.03 46.09 7.45
N LEU A 947 8.05 45.63 8.71
CA LEU A 947 8.63 44.33 9.11
C LEU A 947 7.77 43.17 8.59
N VAL A 948 6.44 43.24 8.76
CA VAL A 948 5.50 42.18 8.28
C VAL A 948 5.38 42.24 6.75
N GLU A 949 5.45 43.44 6.15
CA GLU A 949 5.41 43.60 4.67
C GLU A 949 6.64 42.93 4.09
N THR A 950 7.84 43.35 4.52
CA THR A 950 9.14 42.80 4.05
C THR A 950 9.21 41.29 4.26
N SER A 951 8.81 40.78 5.43
CA SER A 951 8.74 39.32 5.69
C SER A 951 7.85 38.69 4.63
N GLU A 952 6.59 39.13 4.57
CA GLU A 952 5.51 38.40 3.88
C GLU A 952 5.78 38.40 2.37
N VAL A 953 6.28 39.53 1.82
CA VAL A 953 6.70 39.69 0.40
C VAL A 953 7.78 38.63 0.10
N ARG A 954 8.97 38.81 0.67
CA ARG A 954 10.15 37.91 0.54
C ARG A 954 9.73 36.44 0.66
N LYS A 955 8.78 36.10 1.53
CA LYS A 955 8.33 34.69 1.67
C LYS A 955 7.60 34.28 0.38
N ALA A 956 6.67 35.10 -0.12
CA ALA A 956 5.88 34.83 -1.34
C ALA A 956 6.78 34.81 -2.58
N VAL A 957 7.70 35.76 -2.72
CA VAL A 957 8.69 35.79 -3.84
C VAL A 957 9.58 34.54 -3.79
N SER A 958 9.99 34.07 -2.60
CA SER A 958 10.88 32.88 -2.48
C SER A 958 10.12 31.59 -2.83
N ILE A 959 8.82 31.52 -2.55
CA ILE A 959 7.95 30.33 -2.84
C ILE A 959 7.62 30.29 -4.33
N GLU A 960 7.47 31.45 -4.99
CA GLU A 960 7.17 31.55 -6.44
C GLU A 960 8.42 31.26 -7.28
N THR A 961 9.60 31.73 -6.86
CA THR A 961 10.90 31.43 -7.53
C THR A 961 11.29 29.97 -7.30
N ALA A 962 10.86 29.36 -6.19
CA ALA A 962 11.07 27.92 -5.93
C ALA A 962 10.19 27.13 -6.91
N LEU A 963 8.91 27.50 -6.99
CA LEU A 963 7.86 26.83 -7.82
C LEU A 963 8.19 26.98 -9.32
N GLU A 964 8.68 28.14 -9.75
CA GLU A 964 9.17 28.38 -11.14
C GLU A 964 10.32 27.39 -11.39
N HIS A 965 11.46 27.57 -10.73
CA HIS A 965 12.64 26.67 -10.82
C HIS A 965 12.18 25.21 -10.93
N LYS A 966 11.24 24.76 -10.10
CA LYS A 966 10.82 23.32 -9.98
C LYS A 966 9.95 22.89 -11.17
N VAL A 967 9.14 23.78 -11.75
CA VAL A 967 8.33 23.47 -12.98
C VAL A 967 9.26 23.45 -14.20
N VAL A 968 10.21 24.39 -14.30
CA VAL A 968 11.17 24.47 -15.44
C VAL A 968 12.11 23.26 -15.39
N ASN A 969 12.74 22.97 -14.25
CA ASN A 969 13.77 21.90 -14.12
C ASN A 969 13.16 20.58 -13.61
N GLY A 970 11.84 20.50 -13.43
CA GLY A 970 11.14 19.25 -13.03
C GLY A 970 11.46 18.85 -11.59
N ASN A 971 10.78 17.79 -11.12
CA ASN A 971 10.89 17.27 -9.72
C ASN A 971 12.16 16.42 -9.57
N SER A 972 12.74 15.94 -10.67
CA SER A 972 13.98 15.11 -10.70
C SER A 972 15.23 15.97 -10.42
N ALA A 973 15.14 17.29 -10.56
CA ALA A 973 16.23 18.27 -10.25
C ALA A 973 16.32 18.55 -8.75
N ASP A 974 15.27 18.22 -7.97
CA ASP A 974 15.22 18.36 -6.49
C ASP A 974 15.08 16.97 -5.82
N ALA A 975 15.61 15.91 -6.45
CA ALA A 975 15.59 14.50 -5.96
C ALA A 975 16.99 14.09 -5.44
N ALA A 976 18.06 14.45 -6.16
CA ALA A 976 19.48 14.26 -5.76
C ALA A 976 19.84 15.22 -4.61
N TYR A 977 19.21 16.40 -4.55
CA TYR A 977 19.31 17.41 -3.47
C TYR A 977 18.65 16.88 -2.18
N ALA A 978 17.46 16.27 -2.28
CA ALA A 978 16.66 15.69 -1.16
C ALA A 978 17.47 14.63 -0.41
N GLN A 979 17.23 14.48 0.89
CA GLN A 979 18.07 13.65 1.80
C GLN A 979 17.19 12.92 2.82
N VAL A 980 17.78 11.91 3.46
CA VAL A 980 17.07 10.92 4.34
C VAL A 980 17.43 11.19 5.80
N GLU A 981 16.41 11.22 6.65
CA GLU A 981 16.49 11.46 8.10
C GLU A 981 16.44 10.11 8.82
N ILE A 982 17.47 9.81 9.60
CA ILE A 982 17.54 8.61 10.48
C ILE A 982 16.87 8.97 11.81
N GLN A 983 15.85 8.23 12.21
CA GLN A 983 15.13 8.46 13.50
C GLN A 983 15.60 7.42 14.52
N PRO A 984 15.90 7.86 15.77
CA PRO A 984 16.42 6.94 16.78
C PRO A 984 15.38 5.90 17.20
N ARG A 985 15.84 4.66 17.37
CA ARG A 985 15.09 3.55 18.04
C ARG A 985 15.73 3.31 19.40
N ALA A 986 14.93 2.92 20.39
CA ALA A 986 15.41 2.72 21.78
C ALA A 986 16.36 1.55 21.78
N ASN A 987 17.59 1.72 22.26
CA ASN A 987 18.57 0.60 22.36
C ASN A 987 18.88 0.42 23.84
N ILE A 988 18.02 -0.28 24.57
CA ILE A 988 18.07 -0.34 26.07
C ILE A 988 19.31 -1.11 26.46
N GLN A 989 20.18 -0.52 27.26
CA GLN A 989 21.40 -1.17 27.80
C GLN A 989 21.11 -1.70 29.21
N LEU A 990 22.06 -2.45 29.76
CA LEU A 990 21.99 -3.05 31.11
C LEU A 990 22.93 -2.30 32.06
N ASP A 991 23.70 -1.32 31.58
CA ASP A 991 24.58 -0.44 32.41
C ASP A 991 25.46 -1.30 33.30
N PHE A 992 26.20 -2.23 32.74
CA PHE A 992 27.27 -2.91 33.47
C PHE A 992 28.36 -1.89 33.79
N PRO A 993 29.07 -2.04 34.92
CA PRO A 993 30.11 -1.10 35.28
C PRO A 993 31.24 -1.01 34.24
N GLU A 994 31.65 0.21 33.94
CA GLU A 994 32.70 0.55 32.94
C GLU A 994 34.04 0.11 33.54
N LEU A 995 34.72 -0.82 32.89
CA LEU A 995 35.99 -1.42 33.38
C LEU A 995 37.16 -0.69 32.74
N LYS A 996 37.87 0.08 33.54
CA LYS A 996 39.03 0.89 33.12
C LYS A 996 40.21 -0.02 32.76
N PRO A 997 41.17 0.44 31.93
CA PRO A 997 42.43 -0.28 31.73
C PRO A 997 43.16 -0.53 33.04
N TYR A 998 43.86 -1.66 33.16
CA TYR A 998 44.50 -2.11 34.43
C TYR A 998 45.50 -1.10 34.97
N LYS A 999 46.13 -0.30 34.09
CA LYS A 999 47.01 0.83 34.47
C LYS A 999 46.24 1.79 35.38
N GLN A 1000 45.07 2.26 34.92
CA GLN A 1000 44.33 3.39 35.54
C GLN A 1000 43.77 2.98 36.89
N VAL A 1001 43.27 1.74 36.97
CA VAL A 1001 42.55 1.16 38.15
C VAL A 1001 43.57 0.75 39.22
N LYS A 1002 44.81 0.53 38.80
CA LYS A 1002 45.91 0.19 39.74
C LYS A 1002 46.31 1.44 40.52
N GLN A 1003 46.04 2.64 40.01
CA GLN A 1003 46.51 3.92 40.63
C GLN A 1003 45.65 4.28 41.82
N ILE A 1004 44.36 3.93 41.80
CA ILE A 1004 43.37 4.46 42.79
C ILE A 1004 43.58 3.78 44.14
N ALA A 1005 43.87 2.48 44.12
CA ALA A 1005 44.18 1.67 45.32
C ALA A 1005 45.66 1.88 45.67
N PRO A 1006 46.05 1.71 46.94
CA PRO A 1006 47.47 1.61 47.31
C PRO A 1006 48.17 0.45 46.59
N ALA A 1007 49.49 0.55 46.40
CA ALA A 1007 50.31 -0.46 45.72
C ALA A 1007 50.37 -1.74 46.56
N GLU A 1008 50.26 -1.59 47.88
CA GLU A 1008 50.39 -2.67 48.89
C GLU A 1008 49.17 -3.59 48.83
N LEU A 1009 48.03 -3.12 48.31
CA LEU A 1009 46.77 -3.87 48.38
C LEU A 1009 46.88 -5.19 47.60
N GLU A 1010 47.76 -5.28 46.59
CA GLU A 1010 47.87 -6.49 45.72
C GLU A 1010 48.26 -7.70 46.58
N GLY A 1011 47.38 -8.69 46.62
CA GLY A 1011 47.60 -9.96 47.33
C GLY A 1011 47.50 -9.82 48.85
N LEU A 1012 47.03 -8.68 49.34
CA LEU A 1012 46.85 -8.45 50.79
C LEU A 1012 45.50 -9.00 51.23
N LEU A 1013 44.45 -8.81 50.42
CA LEU A 1013 43.07 -9.21 50.76
C LEU A 1013 42.85 -10.69 50.42
N ASP A 1014 42.17 -11.41 51.32
CA ASP A 1014 41.54 -12.72 51.03
C ASP A 1014 40.25 -12.44 50.25
N LEU A 1015 40.27 -12.73 48.95
CA LEU A 1015 39.13 -12.38 48.07
C LEU A 1015 37.95 -13.31 48.32
N GLU A 1016 38.11 -14.40 49.06
CA GLU A 1016 36.99 -15.28 49.47
C GLU A 1016 36.15 -14.56 50.53
N ARG A 1017 36.74 -13.62 51.28
CA ARG A 1017 36.09 -12.86 52.38
C ARG A 1017 35.87 -11.41 51.98
N VAL A 1018 35.74 -11.11 50.70
CA VAL A 1018 35.28 -9.80 50.20
C VAL A 1018 33.96 -10.02 49.49
N ILE A 1019 32.92 -9.33 49.92
CA ILE A 1019 31.55 -9.50 49.39
C ILE A 1019 31.33 -8.41 48.34
N VAL A 1020 30.93 -8.75 47.15
CA VAL A 1020 30.66 -7.76 46.09
C VAL A 1020 29.21 -7.90 45.71
N VAL A 1021 28.58 -6.83 45.30
CA VAL A 1021 27.25 -6.90 44.65
C VAL A 1021 27.49 -7.11 43.17
N THR A 1022 26.88 -8.14 42.59
CA THR A 1022 27.07 -8.51 41.19
C THR A 1022 25.82 -8.19 40.40
N GLY A 1023 24.65 -8.18 41.02
CA GLY A 1023 23.39 -7.83 40.33
C GLY A 1023 22.44 -7.15 41.27
N PHE A 1024 21.56 -6.35 40.72
CA PHE A 1024 20.47 -5.78 41.52
C PHE A 1024 19.28 -5.51 40.64
N ALA A 1025 18.13 -5.48 41.26
CA ALA A 1025 16.88 -5.09 40.60
C ALA A 1025 15.88 -4.61 41.62
N GLU A 1026 14.82 -4.02 41.11
CA GLU A 1026 13.67 -3.57 41.91
C GLU A 1026 12.43 -3.47 41.04
N VAL A 1027 11.30 -3.64 41.67
CA VAL A 1027 9.95 -3.36 41.14
C VAL A 1027 9.42 -2.31 42.08
N GLY A 1028 9.12 -1.13 41.61
CA GLY A 1028 8.69 -0.02 42.48
C GLY A 1028 7.78 0.92 41.71
N PRO A 1029 7.34 2.00 42.35
CA PRO A 1029 6.49 2.97 41.69
C PRO A 1029 7.05 3.58 40.41
N TRP A 1030 8.35 3.48 40.13
CA TRP A 1030 8.94 4.01 38.88
C TRP A 1030 9.45 2.86 38.00
N GLY A 1031 8.88 1.68 38.20
CA GLY A 1031 9.17 0.49 37.40
C GLY A 1031 10.44 -0.16 37.87
N SER A 1032 11.37 -0.41 36.95
CA SER A 1032 12.66 -1.09 37.19
C SER A 1032 13.65 -0.18 37.95
N ALA A 1033 14.83 -0.69 38.29
CA ALA A 1033 15.96 0.12 38.77
C ALA A 1033 16.44 1.07 37.67
N ARG A 1034 16.43 0.66 36.41
CA ARG A 1034 16.86 1.55 35.30
C ARG A 1034 16.00 2.81 35.27
N THR A 1035 14.70 2.64 35.19
CA THR A 1035 13.74 3.73 35.03
C THR A 1035 13.68 4.54 36.32
N ARG A 1036 13.80 3.89 37.47
CA ARG A 1036 13.75 4.64 38.75
C ARG A 1036 14.91 5.61 38.78
N TRP A 1037 16.07 5.13 38.39
CA TRP A 1037 17.32 5.92 38.40
C TRP A 1037 17.18 7.11 37.44
N GLU A 1038 16.59 6.91 36.28
CA GLU A 1038 16.44 8.03 35.32
C GLU A 1038 15.59 9.11 35.96
N MET A 1039 14.55 8.71 36.68
CA MET A 1039 13.61 9.68 37.29
C MET A 1039 14.23 10.29 38.56
N GLU A 1040 14.94 9.50 39.37
CA GLU A 1040 15.72 9.99 40.55
C GLU A 1040 16.77 11.04 40.09
N ALA A 1041 17.60 10.73 39.09
CA ALA A 1041 18.80 11.52 38.75
C ALA A 1041 18.45 12.67 37.81
N PHE A 1042 17.66 12.44 36.77
CA PHE A 1042 17.40 13.45 35.72
C PHE A 1042 15.96 13.95 35.71
N GLY A 1043 15.05 13.31 36.45
CA GLY A 1043 13.66 13.80 36.59
C GLY A 1043 12.90 13.78 35.27
N GLU A 1044 13.40 13.04 34.30
CA GLU A 1044 12.77 12.89 32.97
C GLU A 1044 13.34 11.64 32.33
N PHE A 1045 12.51 10.87 31.65
CA PHE A 1045 12.92 9.66 30.93
C PHE A 1045 13.62 10.04 29.63
N SER A 1046 14.68 9.30 29.33
CA SER A 1046 15.29 9.17 27.98
C SER A 1046 14.34 8.37 27.10
N LEU A 1047 14.60 8.32 25.80
CA LEU A 1047 13.83 7.48 24.85
C LEU A 1047 13.85 6.03 25.35
N GLU A 1048 14.98 5.56 25.87
CA GLU A 1048 15.15 4.15 26.31
C GLU A 1048 14.30 3.91 27.56
N GLY A 1049 14.33 4.85 28.49
CA GLY A 1049 13.51 4.77 29.72
C GLY A 1049 12.04 4.93 29.43
N CYS A 1050 11.68 5.73 28.44
CA CYS A 1050 10.28 5.97 28.05
C CYS A 1050 9.70 4.73 27.38
N VAL A 1051 10.50 4.03 26.58
CA VAL A 1051 10.04 2.78 25.92
C VAL A 1051 9.91 1.70 26.99
N GLU A 1052 10.91 1.57 27.86
CA GLU A 1052 10.86 0.57 28.94
C GLU A 1052 9.62 0.81 29.80
N MET A 1053 9.31 2.04 30.16
CA MET A 1053 8.10 2.33 30.98
C MET A 1053 6.85 1.99 30.18
N ALA A 1054 6.77 2.33 28.90
CA ALA A 1054 5.62 1.98 28.03
C ALA A 1054 5.44 0.46 27.94
N TRP A 1055 6.54 -0.28 27.88
CA TRP A 1055 6.52 -1.76 27.82
C TRP A 1055 6.01 -2.35 29.15
N ILE A 1056 6.59 -1.90 30.25
CA ILE A 1056 6.22 -2.29 31.65
C ILE A 1056 4.74 -2.05 31.86
N MET A 1057 4.26 -0.87 31.51
CA MET A 1057 2.87 -0.45 31.80
C MET A 1057 1.89 -1.01 30.77
N GLY A 1058 2.38 -1.76 29.79
CA GLY A 1058 1.51 -2.47 28.83
C GLY A 1058 0.87 -1.54 27.81
N PHE A 1059 1.38 -0.33 27.61
CA PHE A 1059 0.94 0.59 26.53
C PHE A 1059 1.44 0.08 25.18
N ILE A 1060 2.59 -0.56 25.12
CA ILE A 1060 3.16 -1.04 23.83
C ILE A 1060 3.53 -2.50 24.00
N SER A 1061 3.18 -3.28 23.00
CA SER A 1061 3.53 -4.69 22.86
C SER A 1061 4.36 -4.78 21.60
N TYR A 1062 5.23 -5.76 21.53
CA TYR A 1062 6.02 -6.03 20.32
C TYR A 1062 5.19 -6.92 19.41
N HIS A 1063 5.40 -6.74 18.12
CA HIS A 1063 4.68 -7.42 17.02
C HIS A 1063 5.70 -7.80 15.95
N ASN A 1064 5.65 -9.04 15.46
CA ASN A 1064 6.52 -9.49 14.34
C ASN A 1064 5.74 -10.39 13.40
N GLY A 1065 5.19 -9.80 12.34
CA GLY A 1065 4.56 -10.52 11.23
C GLY A 1065 3.57 -9.65 10.47
N ASN A 1066 2.49 -10.25 9.98
CA ASN A 1066 1.44 -9.56 9.19
C ASN A 1066 0.63 -8.65 10.14
N LEU A 1067 0.40 -7.43 9.69
CA LEU A 1067 -0.42 -6.42 10.41
C LEU A 1067 -1.05 -5.47 9.39
N LYS A 1068 -2.33 -5.67 9.08
CA LYS A 1068 -3.06 -4.98 7.97
C LYS A 1068 -2.34 -5.31 6.66
N GLY A 1069 -2.22 -6.62 6.35
CA GLY A 1069 -1.61 -7.13 5.11
C GLY A 1069 -0.09 -7.07 5.13
N ARG A 1070 0.50 -5.86 5.24
CA ARG A 1070 1.97 -5.63 5.22
C ARG A 1070 2.65 -6.37 6.36
N PRO A 1071 3.91 -6.83 6.18
CA PRO A 1071 4.71 -7.39 7.27
C PRO A 1071 5.39 -6.26 8.08
N TYR A 1072 5.10 -6.18 9.38
CA TYR A 1072 5.62 -5.18 10.33
C TYR A 1072 6.40 -5.87 11.44
N THR A 1073 7.52 -5.26 11.83
CA THR A 1073 8.36 -5.67 12.97
C THR A 1073 8.58 -4.44 13.85
N GLY A 1074 8.11 -4.48 15.10
CA GLY A 1074 8.31 -3.39 16.06
C GLY A 1074 7.18 -3.24 17.06
N TRP A 1075 7.18 -2.11 17.75
CA TRP A 1075 6.19 -1.79 18.79
C TRP A 1075 4.87 -1.46 18.12
N VAL A 1076 3.78 -1.85 18.77
CA VAL A 1076 2.39 -1.49 18.42
C VAL A 1076 1.71 -1.07 19.72
N ASP A 1077 0.72 -0.18 19.64
CA ASP A 1077 -0.18 0.13 20.77
C ASP A 1077 -0.79 -1.19 21.22
N SER A 1078 -0.88 -1.45 22.52
CA SER A 1078 -1.34 -2.76 23.05
C SER A 1078 -2.85 -2.90 22.87
N LYS A 1079 -3.58 -1.78 22.88
CA LYS A 1079 -5.06 -1.78 22.74
C LYS A 1079 -5.40 -1.92 21.26
N THR A 1080 -5.00 -0.93 20.45
CA THR A 1080 -5.47 -0.70 19.06
C THR A 1080 -4.65 -1.47 18.02
N LYS A 1081 -3.54 -2.08 18.42
CA LYS A 1081 -2.57 -2.82 17.56
C LYS A 1081 -2.01 -1.95 16.44
N GLU A 1082 -2.11 -0.62 16.59
CA GLU A 1082 -1.63 0.34 15.58
C GLU A 1082 -0.12 0.46 15.76
N PRO A 1083 0.71 0.37 14.70
CA PRO A 1083 2.15 0.55 14.81
C PRO A 1083 2.53 1.87 15.51
N VAL A 1084 3.59 1.81 16.31
CA VAL A 1084 4.13 2.94 17.12
C VAL A 1084 5.62 2.98 16.89
N ASP A 1085 6.14 4.11 16.45
CA ASP A 1085 7.61 4.29 16.27
C ASP A 1085 8.18 4.74 17.60
N ASP A 1086 9.42 4.34 17.89
CA ASP A 1086 10.10 4.63 19.17
C ASP A 1086 10.11 6.13 19.43
N LYS A 1087 10.39 6.94 18.40
CA LYS A 1087 10.38 8.43 18.51
C LYS A 1087 9.01 8.89 19.05
N ASP A 1088 7.92 8.29 18.57
CA ASP A 1088 6.52 8.73 18.88
C ASP A 1088 6.10 8.28 20.28
N VAL A 1089 6.78 7.29 20.86
CA VAL A 1089 6.36 6.65 22.15
C VAL A 1089 6.24 7.75 23.21
N LYS A 1090 7.19 8.67 23.25
CA LYS A 1090 7.26 9.74 24.27
C LYS A 1090 6.10 10.72 24.13
N ALA A 1091 5.75 11.14 22.91
CA ALA A 1091 4.64 12.11 22.67
C ALA A 1091 3.29 11.41 22.89
N LYS A 1092 3.23 10.11 22.61
CA LYS A 1092 1.98 9.32 22.59
C LYS A 1092 1.63 8.82 23.99
N TYR A 1093 2.64 8.51 24.82
CA TYR A 1093 2.45 7.82 26.12
C TYR A 1093 3.05 8.54 27.33
N GLU A 1094 4.05 9.42 27.21
CA GLU A 1094 4.78 9.93 28.41
C GLU A 1094 3.78 10.54 29.40
N THR A 1095 2.84 11.37 28.96
CA THR A 1095 1.86 12.01 29.87
C THR A 1095 1.15 10.91 30.71
N SER A 1096 0.66 9.82 30.10
CA SER A 1096 -0.03 8.68 30.75
C SER A 1096 0.92 7.92 31.67
N ILE A 1097 2.18 7.77 31.28
CA ILE A 1097 3.23 7.11 32.10
C ILE A 1097 3.42 7.91 33.39
N LEU A 1098 3.57 9.22 33.32
CA LEU A 1098 3.91 10.05 34.50
C LEU A 1098 2.69 10.17 35.41
N GLU A 1099 1.51 10.16 34.80
CA GLU A 1099 0.22 10.25 35.48
C GLU A 1099 0.02 8.99 36.32
N HIS A 1100 0.35 7.81 35.80
CA HIS A 1100 0.04 6.50 36.42
C HIS A 1100 1.27 5.80 37.00
N SER A 1101 2.30 6.57 37.37
CA SER A 1101 3.56 6.07 37.97
C SER A 1101 3.88 6.89 39.19
N GLY A 1102 4.68 6.34 40.06
CA GLY A 1102 5.19 7.09 41.21
C GLY A 1102 4.14 7.26 42.27
N ILE A 1103 4.33 8.27 43.13
CA ILE A 1103 3.42 8.60 44.26
C ILE A 1103 2.21 9.32 43.68
N ARG A 1104 1.02 8.79 43.90
CA ARG A 1104 -0.22 9.30 43.27
C ARG A 1104 -1.45 8.85 44.03
N LEU A 1105 -2.62 9.38 43.70
CA LEU A 1105 -3.87 8.89 44.34
C LEU A 1105 -3.97 7.40 44.14
N ILE A 1106 -4.38 6.72 45.20
CA ILE A 1106 -4.64 5.28 45.22
C ILE A 1106 -5.64 4.98 44.11
N GLU A 1107 -5.36 3.91 43.37
CA GLU A 1107 -6.12 3.42 42.21
C GLU A 1107 -6.78 2.13 42.65
N PRO A 1108 -8.11 2.12 42.93
CA PRO A 1108 -8.78 0.92 43.43
C PRO A 1108 -8.56 -0.38 42.65
N GLU A 1109 -8.37 -0.29 41.34
CA GLU A 1109 -8.21 -1.44 40.43
C GLU A 1109 -6.97 -2.23 40.84
N LEU A 1110 -5.94 -1.55 41.34
CA LEU A 1110 -4.65 -2.16 41.72
C LEU A 1110 -4.75 -2.79 43.11
N PHE A 1111 -5.74 -2.42 43.94
CA PHE A 1111 -5.83 -2.89 45.35
C PHE A 1111 -7.18 -3.54 45.62
N ASN A 1112 -7.68 -4.32 44.68
CA ASN A 1112 -8.84 -5.21 44.94
C ASN A 1112 -10.03 -4.30 45.27
N GLY A 1113 -10.23 -3.28 44.44
CA GLY A 1113 -11.33 -2.29 44.52
C GLY A 1113 -11.32 -1.44 45.79
N TYR A 1114 -10.29 -1.51 46.62
CA TYR A 1114 -10.15 -0.66 47.83
C TYR A 1114 -10.30 0.80 47.45
N ASN A 1115 -11.04 1.57 48.22
CA ASN A 1115 -11.27 2.99 47.90
C ASN A 1115 -11.28 3.79 49.20
N PRO A 1116 -10.16 4.43 49.60
CA PRO A 1116 -10.06 5.02 50.93
C PRO A 1116 -11.13 6.07 51.23
N GLU A 1117 -11.76 6.64 50.21
CA GLU A 1117 -12.93 7.55 50.36
C GLU A 1117 -14.10 6.77 50.97
N LYS A 1118 -14.28 5.52 50.56
CA LYS A 1118 -15.41 4.62 50.91
C LYS A 1118 -14.81 3.31 51.45
N LYS A 1119 -14.36 3.33 52.70
CA LYS A 1119 -13.74 2.16 53.35
C LYS A 1119 -14.80 1.31 54.05
N GLU A 1120 -15.11 0.10 53.54
CA GLU A 1120 -16.23 -0.75 54.04
C GLU A 1120 -15.92 -1.36 55.42
N MET A 1121 -16.82 -1.17 56.38
CA MET A 1121 -16.83 -1.80 57.73
C MET A 1121 -18.24 -2.31 57.99
N ILE A 1122 -18.49 -2.97 59.11
CA ILE A 1122 -19.81 -3.57 59.45
C ILE A 1122 -20.11 -3.22 60.89
N GLN A 1123 -21.36 -2.89 61.17
CA GLN A 1123 -21.79 -2.44 62.52
C GLN A 1123 -22.72 -3.53 63.03
N GLU A 1124 -22.46 -4.02 64.23
CA GLU A 1124 -23.34 -5.04 64.88
C GLU A 1124 -24.61 -4.32 65.32
N VAL A 1125 -25.75 -4.74 64.80
CA VAL A 1125 -27.08 -4.18 65.18
C VAL A 1125 -27.90 -5.35 65.74
N ILE A 1126 -28.67 -5.09 66.81
CA ILE A 1126 -29.72 -6.02 67.31
C ILE A 1126 -31.01 -5.72 66.54
N VAL A 1127 -31.60 -6.75 65.95
CA VAL A 1127 -32.92 -6.74 65.26
C VAL A 1127 -33.96 -6.33 66.31
N GLU A 1128 -34.92 -5.48 65.92
CA GLU A 1128 -36.00 -4.98 66.81
C GLU A 1128 -37.37 -5.55 66.39
N GLU A 1129 -37.51 -5.99 65.13
CA GLU A 1129 -38.74 -6.65 64.60
C GLU A 1129 -38.31 -7.77 63.65
N ASP A 1130 -39.03 -8.90 63.68
CA ASP A 1130 -38.76 -10.11 62.85
C ASP A 1130 -38.61 -9.69 61.39
N LEU A 1131 -37.66 -10.31 60.68
CA LEU A 1131 -37.35 -10.02 59.25
C LEU A 1131 -38.21 -10.89 58.33
N GLU A 1132 -38.20 -10.55 57.05
CA GLU A 1132 -38.93 -11.28 55.99
C GLU A 1132 -38.15 -12.56 55.72
N PRO A 1133 -38.78 -13.75 55.81
CA PRO A 1133 -38.08 -15.00 55.54
C PRO A 1133 -37.40 -15.01 54.17
N PHE A 1134 -36.16 -15.48 54.11
CA PHE A 1134 -35.39 -15.65 52.86
C PHE A 1134 -35.08 -17.15 52.67
N GLU A 1135 -34.84 -17.53 51.43
CA GLU A 1135 -34.61 -18.92 51.02
C GLU A 1135 -33.11 -19.17 51.10
N ALA A 1136 -32.71 -20.26 51.74
CA ALA A 1136 -31.31 -20.73 51.82
C ALA A 1136 -31.31 -22.26 51.75
N SER A 1137 -30.16 -22.85 51.43
CA SER A 1137 -29.96 -24.32 51.43
C SER A 1137 -30.17 -24.88 52.83
N LYS A 1138 -30.18 -26.20 52.96
CA LYS A 1138 -30.40 -26.91 54.24
C LYS A 1138 -29.16 -26.74 55.14
N GLU A 1139 -27.96 -26.87 54.57
CA GLU A 1139 -26.68 -26.66 55.30
C GLU A 1139 -26.58 -25.20 55.71
N THR A 1140 -26.94 -24.24 54.85
CA THR A 1140 -26.87 -22.79 55.20
C THR A 1140 -27.89 -22.50 56.31
N ALA A 1141 -29.08 -23.09 56.25
CA ALA A 1141 -30.14 -22.88 57.27
C ALA A 1141 -29.68 -23.41 58.63
N GLU A 1142 -29.17 -24.64 58.70
CA GLU A 1142 -28.73 -25.26 59.98
C GLU A 1142 -27.51 -24.50 60.52
N GLN A 1143 -26.72 -23.87 59.65
CA GLN A 1143 -25.58 -22.98 60.05
C GLN A 1143 -26.15 -21.70 60.69
N PHE A 1144 -27.25 -21.17 60.14
CA PHE A 1144 -27.94 -19.97 60.65
C PHE A 1144 -28.58 -20.28 61.99
N LYS A 1145 -29.13 -21.49 62.11
CA LYS A 1145 -29.77 -22.01 63.35
C LYS A 1145 -28.72 -22.11 64.46
N HIS A 1146 -27.58 -22.72 64.13
CA HIS A 1146 -26.49 -23.04 65.10
C HIS A 1146 -25.95 -21.73 65.71
N GLN A 1147 -25.76 -20.71 64.88
CA GLN A 1147 -25.25 -19.36 65.30
C GLN A 1147 -26.31 -18.69 66.17
N HIS A 1148 -27.51 -18.47 65.64
CA HIS A 1148 -28.56 -17.59 66.24
C HIS A 1148 -29.37 -18.32 67.30
N GLY A 1149 -29.32 -19.65 67.35
CA GLY A 1149 -30.08 -20.45 68.33
C GLY A 1149 -31.57 -20.20 68.19
N ASP A 1150 -32.24 -19.83 69.29
CA ASP A 1150 -33.73 -19.67 69.30
C ASP A 1150 -34.15 -18.34 68.64
N LYS A 1151 -33.22 -17.43 68.34
CA LYS A 1151 -33.52 -16.10 67.74
C LYS A 1151 -33.71 -16.23 66.22
N VAL A 1152 -33.68 -17.44 65.67
CA VAL A 1152 -34.01 -17.71 64.24
C VAL A 1152 -34.95 -18.93 64.23
N ASP A 1153 -35.80 -19.03 63.20
CA ASP A 1153 -36.69 -20.18 62.95
C ASP A 1153 -36.42 -20.65 61.52
N ILE A 1154 -35.94 -21.88 61.34
CA ILE A 1154 -35.68 -22.49 60.01
C ILE A 1154 -36.73 -23.57 59.79
N PHE A 1155 -37.33 -23.59 58.59
CA PHE A 1155 -38.43 -24.53 58.21
C PHE A 1155 -38.15 -25.02 56.79
N GLU A 1156 -38.33 -26.32 56.57
CA GLU A 1156 -38.21 -26.93 55.22
C GLU A 1156 -39.40 -26.45 54.39
N ILE A 1157 -39.17 -26.27 53.09
CA ILE A 1157 -40.23 -26.08 52.04
C ILE A 1157 -40.38 -27.42 51.34
N PRO A 1158 -41.53 -28.12 51.46
CA PRO A 1158 -41.69 -29.46 50.89
C PRO A 1158 -41.43 -29.58 49.38
N GLU A 1159 -41.79 -28.56 48.60
CA GLU A 1159 -41.70 -28.56 47.11
C GLU A 1159 -40.22 -28.57 46.70
N THR A 1160 -39.52 -27.44 46.87
CA THR A 1160 -38.14 -27.20 46.37
C THR A 1160 -37.14 -28.04 47.16
N GLY A 1161 -37.36 -28.23 48.48
CA GLY A 1161 -36.43 -28.90 49.40
C GLY A 1161 -35.55 -27.88 50.14
N GLU A 1162 -35.33 -26.72 49.52
CA GLU A 1162 -34.71 -25.50 50.12
C GLU A 1162 -35.42 -25.14 51.44
N TYR A 1163 -34.76 -24.38 52.31
CA TYR A 1163 -35.29 -23.95 53.63
C TYR A 1163 -35.63 -22.45 53.65
N SER A 1164 -36.54 -22.07 54.53
CA SER A 1164 -36.91 -20.66 54.83
C SER A 1164 -36.31 -20.28 56.18
N VAL A 1165 -35.44 -19.25 56.19
CA VAL A 1165 -34.73 -18.74 57.40
C VAL A 1165 -35.37 -17.41 57.81
N LYS A 1166 -35.96 -17.36 58.99
CA LYS A 1166 -36.61 -16.14 59.52
C LYS A 1166 -35.86 -15.69 60.78
N LEU A 1167 -35.12 -14.58 60.70
CA LEU A 1167 -34.46 -13.93 61.88
C LEU A 1167 -35.56 -13.33 62.73
N LEU A 1168 -35.52 -13.58 64.04
CA LEU A 1168 -36.55 -13.11 64.99
C LEU A 1168 -36.02 -11.86 65.71
N LYS A 1169 -36.88 -11.26 66.54
CA LYS A 1169 -36.52 -10.07 67.32
C LYS A 1169 -35.41 -10.50 68.30
N GLY A 1170 -34.32 -9.71 68.36
CA GLY A 1170 -33.20 -9.88 69.31
C GLY A 1170 -31.98 -10.49 68.64
N ALA A 1171 -32.12 -11.00 67.42
CA ALA A 1171 -31.01 -11.60 66.64
C ALA A 1171 -30.04 -10.49 66.23
N THR A 1172 -28.77 -10.87 66.12
CA THR A 1172 -27.65 -9.98 65.74
C THR A 1172 -27.50 -9.98 64.22
N LEU A 1173 -27.47 -8.81 63.61
CA LEU A 1173 -27.09 -8.63 62.19
C LEU A 1173 -25.81 -7.82 62.13
N TYR A 1174 -25.25 -7.70 60.93
CA TYR A 1174 -24.13 -6.80 60.62
C TYR A 1174 -24.56 -6.03 59.37
N ILE A 1175 -24.77 -4.74 59.53
CA ILE A 1175 -25.09 -3.79 58.43
C ILE A 1175 -23.77 -3.17 58.01
N PRO A 1176 -23.38 -3.27 56.73
CA PRO A 1176 -22.25 -2.52 56.21
C PRO A 1176 -22.42 -1.00 56.31
N LYS A 1177 -21.39 -0.29 56.73
CA LYS A 1177 -21.25 1.19 56.61
C LYS A 1177 -19.90 1.53 55.96
N ALA A 1178 -19.75 2.78 55.55
CA ALA A 1178 -18.58 3.26 54.77
C ALA A 1178 -17.99 4.44 55.52
N LEU A 1179 -16.84 4.18 56.12
CA LEU A 1179 -15.99 5.20 56.76
C LEU A 1179 -15.18 5.90 55.65
N ARG A 1180 -14.96 7.20 55.78
CA ARG A 1180 -14.10 7.99 54.85
C ARG A 1180 -12.72 8.11 55.48
N PHE A 1181 -11.69 7.58 54.81
CA PHE A 1181 -10.30 7.55 55.32
C PHE A 1181 -9.48 8.67 54.68
N ASP A 1182 -8.55 9.22 55.44
CA ASP A 1182 -7.79 10.46 55.10
C ASP A 1182 -6.42 10.12 54.49
N ARG A 1183 -6.10 8.85 54.19
CA ARG A 1183 -4.86 8.50 53.44
C ARG A 1183 -5.20 8.04 52.03
N LEU A 1184 -5.09 8.95 51.07
CA LEU A 1184 -5.66 8.78 49.72
C LEU A 1184 -4.55 8.47 48.73
N VAL A 1185 -3.31 8.60 49.14
CA VAL A 1185 -2.14 8.68 48.22
C VAL A 1185 -1.15 7.63 48.66
N ALA A 1186 -0.50 6.99 47.70
CA ALA A 1186 0.55 5.98 47.93
C ALA A 1186 1.47 5.90 46.73
N GLY A 1187 2.66 5.36 46.99
CA GLY A 1187 3.65 4.98 45.96
C GLY A 1187 3.30 3.63 45.38
N GLN A 1188 2.57 3.63 44.26
CA GLN A 1188 2.02 2.39 43.68
C GLN A 1188 2.86 2.03 42.48
N ILE A 1189 3.11 0.74 42.31
CA ILE A 1189 3.71 0.19 41.07
C ILE A 1189 2.90 0.71 39.89
N PRO A 1190 3.56 1.09 38.77
CA PRO A 1190 2.88 1.75 37.68
C PRO A 1190 1.66 0.99 37.18
N THR A 1191 0.60 1.71 36.87
CA THR A 1191 -0.66 1.09 36.41
C THR A 1191 -0.42 0.37 35.09
N GLY A 1192 -0.71 -0.94 35.07
CA GLY A 1192 -0.57 -1.79 33.89
C GLY A 1192 0.51 -2.81 34.08
N TRP A 1193 1.39 -2.58 35.05
CA TRP A 1193 2.40 -3.58 35.47
C TRP A 1193 1.67 -4.89 35.67
N ASN A 1194 2.19 -5.92 35.02
CA ASN A 1194 1.63 -7.29 35.04
C ASN A 1194 2.80 -8.26 35.04
N ALA A 1195 2.73 -9.32 35.85
CA ALA A 1195 3.79 -10.35 35.87
C ALA A 1195 3.77 -11.17 34.56
N LYS A 1196 2.64 -11.21 33.84
CA LYS A 1196 2.57 -11.88 32.52
C LYS A 1196 3.57 -11.24 31.57
N THR A 1197 3.75 -9.92 31.65
CA THR A 1197 4.61 -9.15 30.72
C THR A 1197 6.04 -9.66 30.82
N TYR A 1198 6.44 -10.12 32.00
CA TYR A 1198 7.80 -10.66 32.26
C TYR A 1198 7.84 -12.17 32.04
N GLY A 1199 6.70 -12.82 31.76
CA GLY A 1199 6.66 -14.24 31.38
C GLY A 1199 6.18 -15.18 32.47
N ILE A 1200 5.72 -14.66 33.59
CA ILE A 1200 5.16 -15.50 34.69
C ILE A 1200 3.80 -16.01 34.22
N SER A 1201 3.63 -17.32 34.30
CA SER A 1201 2.41 -18.04 33.89
C SER A 1201 1.23 -17.68 34.80
N ASP A 1202 0.01 -17.90 34.33
CA ASP A 1202 -1.24 -17.65 35.09
C ASP A 1202 -1.38 -18.68 36.22
N ASP A 1203 -0.80 -19.86 36.07
CA ASP A 1203 -0.82 -20.91 37.13
C ASP A 1203 -0.10 -20.40 38.38
N ILE A 1204 0.93 -19.56 38.20
CA ILE A 1204 1.74 -18.98 39.32
C ILE A 1204 1.03 -17.73 39.83
N ILE A 1205 0.46 -16.94 38.94
CA ILE A 1205 -0.15 -15.65 39.34
C ILE A 1205 -1.37 -15.92 40.22
N SER A 1206 -2.19 -16.90 39.85
CA SER A 1206 -3.43 -17.29 40.56
C SER A 1206 -3.07 -17.93 41.91
N GLN A 1207 -1.94 -18.63 41.98
CA GLN A 1207 -1.48 -19.38 43.18
C GLN A 1207 -0.94 -18.42 44.25
N VAL A 1208 0.00 -17.54 43.89
CA VAL A 1208 0.83 -16.79 44.88
C VAL A 1208 0.19 -15.44 45.22
N ASP A 1209 0.64 -14.85 46.32
CA ASP A 1209 0.32 -13.48 46.77
C ASP A 1209 1.03 -12.48 45.84
N PRO A 1210 0.37 -11.36 45.48
CA PRO A 1210 0.96 -10.34 44.61
C PRO A 1210 2.42 -9.98 44.88
N ILE A 1211 2.79 -9.87 46.15
CA ILE A 1211 4.16 -9.54 46.60
C ILE A 1211 5.17 -10.56 46.05
N THR A 1212 4.81 -11.84 45.94
CA THR A 1212 5.71 -12.89 45.42
C THR A 1212 6.01 -12.59 43.96
N LEU A 1213 5.10 -11.98 43.21
CA LEU A 1213 5.35 -11.63 41.78
C LEU A 1213 6.41 -10.53 41.68
N PHE A 1214 6.40 -9.55 42.59
CA PHE A 1214 7.43 -8.49 42.68
C PHE A 1214 8.80 -9.13 42.91
N VAL A 1215 8.80 -10.14 43.76
CA VAL A 1215 10.06 -10.80 44.18
C VAL A 1215 10.57 -11.66 43.03
N LEU A 1216 9.68 -12.33 42.30
CA LEU A 1216 10.12 -13.21 41.19
C LEU A 1216 10.65 -12.32 40.08
N VAL A 1217 10.00 -11.23 39.79
CA VAL A 1217 10.51 -10.33 38.74
C VAL A 1217 11.82 -9.69 39.24
N SER A 1218 11.90 -9.24 40.47
CA SER A 1218 13.16 -8.63 40.97
C SER A 1218 14.32 -9.64 40.86
N VAL A 1219 14.13 -10.86 41.29
CA VAL A 1219 15.20 -11.90 41.29
C VAL A 1219 15.67 -12.23 39.86
N VAL A 1220 14.79 -12.43 38.88
CA VAL A 1220 15.30 -12.71 37.50
C VAL A 1220 16.02 -11.48 36.99
N GLU A 1221 15.46 -10.30 37.20
CA GLU A 1221 15.95 -9.02 36.64
C GLU A 1221 17.27 -8.68 37.35
N ALA A 1222 17.51 -9.20 38.55
CA ALA A 1222 18.80 -9.10 39.28
C ALA A 1222 19.82 -10.06 38.67
N PHE A 1223 19.43 -11.30 38.46
CA PHE A 1223 20.30 -12.29 37.79
C PHE A 1223 20.71 -11.79 36.40
N ILE A 1224 19.81 -11.20 35.62
CA ILE A 1224 20.14 -10.60 34.29
C ILE A 1224 21.16 -9.45 34.45
N ALA A 1225 21.05 -8.64 35.50
CA ALA A 1225 21.98 -7.52 35.79
C ALA A 1225 23.37 -8.03 36.19
N SER A 1226 23.46 -9.28 36.61
CA SER A 1226 24.71 -9.98 36.98
C SER A 1226 25.17 -10.83 35.80
N GLY A 1227 24.51 -10.69 34.66
CA GLY A 1227 24.79 -11.45 33.44
C GLY A 1227 24.47 -12.93 33.54
N ILE A 1228 23.60 -13.34 34.48
CA ILE A 1228 23.31 -14.78 34.75
C ILE A 1228 21.91 -15.05 34.21
N THR A 1229 21.82 -15.43 32.95
CA THR A 1229 20.56 -15.64 32.22
C THR A 1229 19.95 -16.97 32.67
N ASP A 1230 20.80 -17.93 33.06
CA ASP A 1230 20.41 -19.28 33.53
C ASP A 1230 21.01 -19.49 34.91
N PRO A 1231 20.20 -19.40 35.98
CA PRO A 1231 20.72 -19.58 37.34
C PRO A 1231 21.53 -20.86 37.53
N TYR A 1232 21.27 -21.93 36.76
CA TYR A 1232 21.97 -23.22 36.90
C TYR A 1232 23.45 -23.08 36.54
N GLU A 1233 23.81 -22.09 35.75
CA GLU A 1233 25.23 -21.76 35.48
C GLU A 1233 26.00 -21.58 36.79
N MET A 1234 25.35 -21.10 37.85
CA MET A 1234 26.00 -20.95 39.17
C MET A 1234 26.56 -22.29 39.62
N TYR A 1235 25.93 -23.40 39.24
CA TYR A 1235 26.33 -24.76 39.66
C TYR A 1235 27.46 -25.32 38.78
N LYS A 1236 28.06 -24.53 37.90
CA LYS A 1236 29.35 -24.91 37.31
C LYS A 1236 30.47 -24.57 38.29
N TYR A 1237 30.21 -23.65 39.20
CA TYR A 1237 31.23 -22.97 40.04
C TYR A 1237 31.07 -23.36 41.50
N VAL A 1238 29.85 -23.37 42.01
CA VAL A 1238 29.58 -23.66 43.44
C VAL A 1238 28.69 -24.88 43.54
N HIS A 1239 28.72 -25.56 44.69
CA HIS A 1239 27.85 -26.71 45.04
C HIS A 1239 26.41 -26.22 45.19
N VAL A 1240 25.43 -27.09 45.01
CA VAL A 1240 24.00 -26.69 45.16
C VAL A 1240 23.75 -26.22 46.61
N SER A 1241 24.66 -26.51 47.55
CA SER A 1241 24.52 -26.13 48.97
C SER A 1241 25.15 -24.77 49.27
N GLU A 1242 25.51 -23.99 48.26
CA GLU A 1242 26.36 -22.79 48.45
C GLU A 1242 25.71 -21.58 47.81
N VAL A 1243 24.42 -21.65 47.50
CA VAL A 1243 23.64 -20.53 46.95
C VAL A 1243 22.50 -20.27 47.92
N GLY A 1244 22.68 -19.24 48.75
CA GLY A 1244 21.71 -18.85 49.77
C GLY A 1244 20.66 -17.92 49.24
N ASN A 1245 19.62 -17.72 50.04
CA ASN A 1245 18.60 -16.66 49.92
C ASN A 1245 18.38 -16.12 51.33
N CYS A 1246 18.66 -14.83 51.53
CA CYS A 1246 18.56 -14.11 52.82
C CYS A 1246 17.67 -12.86 52.65
N SER A 1247 16.86 -12.79 51.62
CA SER A 1247 15.85 -11.70 51.42
C SER A 1247 14.74 -11.88 52.46
N GLY A 1248 14.05 -10.80 52.85
CA GLY A 1248 12.89 -10.87 53.74
C GLY A 1248 11.90 -9.73 53.60
N SER A 1249 10.93 -9.67 54.51
CA SER A 1249 9.77 -8.74 54.49
C SER A 1249 9.38 -8.33 55.92
N GLY A 1250 8.69 -7.22 56.08
CA GLY A 1250 8.15 -6.79 57.39
C GLY A 1250 6.85 -7.52 57.71
N MET A 1251 5.93 -7.60 56.74
CA MET A 1251 4.54 -8.09 56.89
C MET A 1251 4.27 -9.32 56.01
N GLY A 1252 4.93 -9.47 54.88
CA GLY A 1252 4.81 -10.66 54.04
C GLY A 1252 3.58 -10.62 53.17
N GLY A 1253 2.94 -11.78 52.98
CA GLY A 1253 1.80 -11.92 52.06
C GLY A 1253 0.53 -11.33 52.66
N VAL A 1254 0.43 -10.01 52.73
CA VAL A 1254 -0.68 -9.34 53.48
C VAL A 1254 -2.02 -9.54 52.74
N SER A 1255 -2.01 -9.78 51.43
CA SER A 1255 -3.23 -10.13 50.66
C SER A 1255 -3.75 -11.51 51.05
N ALA A 1256 -2.87 -12.44 51.40
CA ALA A 1256 -3.24 -13.76 51.94
C ALA A 1256 -3.78 -13.63 53.35
N LEU A 1257 -3.26 -12.70 54.15
CA LEU A 1257 -3.72 -12.48 55.53
C LEU A 1257 -5.14 -11.91 55.47
N ARG A 1258 -5.37 -10.94 54.61
CA ARG A 1258 -6.74 -10.46 54.35
C ARG A 1258 -7.63 -11.65 54.00
N GLY A 1259 -7.18 -12.50 53.09
CA GLY A 1259 -7.97 -13.66 52.65
C GLY A 1259 -8.34 -14.55 53.82
N MET A 1260 -7.40 -14.85 54.71
CA MET A 1260 -7.62 -15.86 55.76
C MET A 1260 -8.27 -15.24 57.01
N PHE A 1261 -8.24 -13.92 57.21
CA PHE A 1261 -8.85 -13.24 58.38
C PHE A 1261 -10.20 -12.62 58.02
N LYS A 1262 -10.31 -11.93 56.89
CA LYS A 1262 -11.49 -11.10 56.53
C LYS A 1262 -12.30 -11.84 55.46
N ASP A 1263 -11.70 -12.28 54.36
CA ASP A 1263 -12.46 -12.90 53.25
C ASP A 1263 -13.00 -14.27 53.70
N ARG A 1264 -12.31 -14.99 54.59
CA ARG A 1264 -12.77 -16.33 55.08
C ARG A 1264 -13.95 -16.16 56.05
N PHE A 1265 -13.92 -15.14 56.90
CA PHE A 1265 -15.02 -14.68 57.79
C PHE A 1265 -16.30 -14.48 56.98
N LYS A 1266 -16.21 -13.69 55.90
CA LYS A 1266 -17.34 -13.34 55.01
C LYS A 1266 -17.66 -14.51 54.10
N ASP A 1267 -17.05 -15.69 54.31
CA ASP A 1267 -17.38 -16.94 53.59
C ASP A 1267 -17.20 -16.70 52.07
N GLU A 1268 -16.28 -15.83 51.68
CA GLU A 1268 -15.89 -15.63 50.26
C GLU A 1268 -15.04 -16.84 49.85
N PRO A 1269 -14.93 -17.14 48.55
CA PRO A 1269 -14.12 -18.26 48.09
C PRO A 1269 -12.63 -17.89 48.04
N VAL A 1270 -11.83 -18.55 48.87
CA VAL A 1270 -10.37 -18.34 49.10
C VAL A 1270 -9.71 -19.70 48.92
N GLN A 1271 -8.56 -19.76 48.24
CA GLN A 1271 -7.81 -21.04 48.02
C GLN A 1271 -7.56 -21.72 49.37
N ASN A 1272 -7.50 -23.05 49.40
CA ASN A 1272 -7.29 -23.83 50.65
C ASN A 1272 -5.93 -23.56 51.27
N ASP A 1273 -4.94 -23.23 50.45
CA ASP A 1273 -3.51 -23.07 50.85
C ASP A 1273 -3.17 -21.59 50.99
N ILE A 1274 -4.12 -20.73 51.36
CA ILE A 1274 -3.86 -19.27 51.47
C ILE A 1274 -2.85 -19.04 52.59
N LEU A 1275 -2.92 -19.76 53.70
CA LEU A 1275 -1.99 -19.59 54.85
C LEU A 1275 -0.55 -19.63 54.34
N GLN A 1276 -0.21 -20.59 53.47
CA GLN A 1276 1.20 -20.83 53.06
C GLN A 1276 1.71 -19.57 52.35
N GLU A 1277 0.85 -18.89 51.60
CA GLU A 1277 1.20 -17.68 50.82
C GLU A 1277 1.33 -16.46 51.72
N SER A 1278 0.82 -16.51 52.94
CA SER A 1278 0.87 -15.41 53.90
C SER A 1278 2.29 -15.28 54.44
N PHE A 1279 2.95 -16.42 54.67
CA PHE A 1279 4.25 -16.55 55.38
C PHE A 1279 5.30 -15.74 54.64
N ILE A 1280 6.08 -15.00 55.40
CA ILE A 1280 7.20 -14.14 54.91
C ILE A 1280 8.29 -14.98 54.25
N ASN A 1281 8.53 -16.20 54.74
CA ASN A 1281 9.57 -17.06 54.13
C ASN A 1281 9.10 -17.67 52.81
N THR A 1282 7.84 -17.52 52.43
CA THR A 1282 7.26 -18.24 51.27
C THR A 1282 7.80 -17.68 49.96
N MET A 1283 7.89 -16.36 49.83
CA MET A 1283 8.42 -15.67 48.63
C MET A 1283 9.77 -16.30 48.23
N SER A 1284 10.67 -16.43 49.20
CA SER A 1284 12.01 -17.05 49.04
C SER A 1284 11.88 -18.51 48.60
N ALA A 1285 10.92 -19.24 49.18
CA ALA A 1285 10.56 -20.63 48.78
C ALA A 1285 10.18 -20.68 47.30
N TRP A 1286 9.24 -19.85 46.86
CA TRP A 1286 8.87 -19.75 45.42
C TRP A 1286 10.11 -19.44 44.57
N VAL A 1287 10.97 -18.54 45.03
CA VAL A 1287 12.19 -18.20 44.23
C VAL A 1287 13.04 -19.46 44.06
N ASN A 1288 13.12 -20.30 45.08
CA ASN A 1288 13.88 -21.57 44.99
C ASN A 1288 13.14 -22.59 44.14
N MET A 1289 11.84 -22.71 44.31
CA MET A 1289 11.01 -23.76 43.68
C MET A 1289 10.76 -23.47 42.21
N LEU A 1290 11.04 -22.25 41.72
CA LEU A 1290 10.75 -21.88 40.32
C LEU A 1290 12.01 -21.50 39.56
N LEU A 1291 13.06 -20.97 40.19
CA LEU A 1291 14.26 -20.43 39.48
C LEU A 1291 15.53 -21.14 39.89
N ILE A 1292 15.83 -21.22 41.17
CA ILE A 1292 17.21 -21.43 41.65
C ILE A 1292 17.46 -22.91 41.89
N SER A 1293 16.53 -23.61 42.52
CA SER A 1293 16.65 -25.03 42.89
C SER A 1293 17.93 -25.32 43.66
N SER A 1294 18.29 -24.48 44.63
CA SER A 1294 19.50 -24.70 45.47
C SER A 1294 19.12 -25.39 46.76
N SER A 1295 20.12 -25.94 47.44
CA SER A 1295 20.02 -26.50 48.80
C SER A 1295 20.93 -25.66 49.70
N GLY A 1296 20.95 -24.36 49.43
CA GLY A 1296 21.82 -23.43 50.17
C GLY A 1296 21.10 -22.93 51.40
N PRO A 1297 21.73 -22.06 52.20
CA PRO A 1297 21.11 -21.53 53.39
C PRO A 1297 19.84 -20.77 53.03
N ILE A 1298 18.89 -20.73 53.95
CA ILE A 1298 17.72 -19.86 53.78
C ILE A 1298 17.45 -19.20 55.12
N LYS A 1299 17.68 -17.90 55.21
CA LYS A 1299 17.60 -17.19 56.51
C LYS A 1299 16.83 -15.91 56.27
N THR A 1300 15.52 -16.00 56.38
CA THR A 1300 14.59 -14.92 56.00
C THR A 1300 14.48 -13.99 57.17
N PRO A 1301 15.02 -12.77 57.10
CA PRO A 1301 14.85 -11.81 58.20
C PRO A 1301 13.51 -11.06 58.13
N VAL A 1302 13.10 -10.54 59.28
CA VAL A 1302 11.91 -9.67 59.45
C VAL A 1302 12.40 -8.42 60.13
N GLY A 1303 12.50 -7.29 59.44
CA GLY A 1303 13.17 -6.12 60.05
C GLY A 1303 12.32 -4.90 59.98
N ALA A 1304 11.02 -5.05 59.75
CA ALA A 1304 10.12 -3.94 59.39
C ALA A 1304 10.83 -3.09 58.33
N CYS A 1305 11.12 -1.83 58.61
CA CYS A 1305 11.54 -0.85 57.59
C CYS A 1305 13.04 -1.02 57.29
N ALA A 1306 13.72 -1.87 58.06
CA ALA A 1306 15.19 -2.09 58.03
C ALA A 1306 15.50 -3.53 57.66
N THR A 1307 14.55 -4.20 57.02
CA THR A 1307 14.62 -5.63 56.69
C THR A 1307 15.74 -5.85 55.68
N SER A 1308 15.81 -5.01 54.64
CA SER A 1308 16.76 -5.11 53.51
C SER A 1308 18.20 -4.99 54.01
N VAL A 1309 18.46 -4.09 54.95
CA VAL A 1309 19.83 -3.94 55.52
C VAL A 1309 20.13 -5.13 56.44
N GLU A 1310 19.15 -5.63 57.18
CA GLU A 1310 19.34 -6.86 58.01
C GLU A 1310 19.62 -8.03 57.06
N SER A 1311 18.90 -8.11 55.96
CA SER A 1311 19.11 -9.10 54.87
C SER A 1311 20.55 -9.07 54.37
N VAL A 1312 21.14 -7.90 54.17
CA VAL A 1312 22.56 -7.77 53.73
C VAL A 1312 23.49 -8.19 54.87
N ASP A 1313 23.24 -7.72 56.09
CA ASP A 1313 23.99 -8.12 57.31
C ASP A 1313 24.00 -9.64 57.35
N ILE A 1314 22.86 -10.30 57.11
CA ILE A 1314 22.78 -11.78 57.20
C ILE A 1314 23.51 -12.42 56.02
N GLY A 1315 23.22 -11.97 54.80
CA GLY A 1315 23.83 -12.50 53.57
C GLY A 1315 25.34 -12.51 53.62
N VAL A 1316 25.95 -11.41 54.05
CA VAL A 1316 27.41 -11.26 54.24
C VAL A 1316 27.91 -12.33 55.22
N GLU A 1317 27.30 -12.48 56.39
CA GLU A 1317 27.79 -13.43 57.42
C GLU A 1317 27.64 -14.86 56.91
N THR A 1318 26.57 -15.15 56.20
CA THR A 1318 26.30 -16.46 55.56
C THR A 1318 27.45 -16.80 54.62
N ILE A 1319 28.01 -15.80 53.94
CA ILE A 1319 29.14 -15.98 52.99
C ILE A 1319 30.46 -16.09 53.77
N LEU A 1320 30.69 -15.21 54.72
CA LEU A 1320 31.97 -15.19 55.48
C LEU A 1320 32.08 -16.44 56.35
N SER A 1321 30.97 -17.08 56.70
CA SER A 1321 30.93 -18.32 57.52
C SER A 1321 31.21 -19.55 56.65
N GLY A 1322 31.38 -19.39 55.34
CA GLY A 1322 31.60 -20.50 54.41
C GLY A 1322 30.31 -21.18 54.02
N LYS A 1323 29.19 -20.88 54.69
CA LYS A 1323 27.93 -21.62 54.52
C LYS A 1323 27.34 -21.35 53.12
N ALA A 1324 27.78 -20.30 52.44
CA ALA A 1324 27.36 -19.97 51.06
C ALA A 1324 28.42 -19.11 50.37
N ARG A 1325 28.34 -19.07 49.05
CA ARG A 1325 29.31 -18.33 48.22
C ARG A 1325 28.55 -17.27 47.45
N ILE A 1326 27.35 -17.59 47.00
CA ILE A 1326 26.41 -16.62 46.41
C ILE A 1326 25.27 -16.48 47.41
N CYS A 1327 24.68 -15.31 47.50
CA CYS A 1327 23.47 -15.12 48.34
C CYS A 1327 22.55 -14.12 47.64
N ILE A 1328 21.26 -14.28 47.81
CA ILE A 1328 20.27 -13.31 47.31
C ILE A 1328 19.81 -12.54 48.53
N VAL A 1329 19.84 -11.23 48.44
CA VAL A 1329 19.52 -10.36 49.59
C VAL A 1329 18.57 -9.32 49.05
N GLY A 1330 17.81 -8.73 49.93
CA GLY A 1330 16.81 -7.74 49.54
C GLY A 1330 15.64 -7.78 50.46
N GLY A 1331 14.64 -7.01 50.10
CA GLY A 1331 13.36 -7.01 50.79
C GLY A 1331 12.24 -6.69 49.84
N TYR A 1332 11.05 -6.85 50.35
CA TYR A 1332 9.81 -6.67 49.58
C TYR A 1332 8.71 -6.38 50.60
N ASP A 1333 7.75 -5.55 50.22
CA ASP A 1333 6.47 -5.41 50.95
C ASP A 1333 5.43 -4.87 50.00
N ASP A 1334 4.19 -5.31 50.16
CA ASP A 1334 3.00 -4.84 49.40
C ASP A 1334 2.34 -3.73 50.21
N PHE A 1335 1.43 -3.02 49.58
CA PHE A 1335 0.57 -1.97 50.18
C PHE A 1335 -0.86 -2.52 50.13
N GLN A 1336 -1.59 -2.47 51.23
CA GLN A 1336 -3.01 -2.91 51.25
C GLN A 1336 -3.81 -2.11 52.27
N GLU A 1337 -5.11 -1.95 52.02
CA GLU A 1337 -6.11 -1.31 52.92
C GLU A 1337 -5.69 -1.42 54.40
N GLU A 1338 -5.57 -2.63 54.92
CA GLU A 1338 -5.48 -2.87 56.39
C GLU A 1338 -4.26 -2.15 56.95
N GLY A 1339 -3.08 -2.41 56.39
CA GLY A 1339 -1.81 -1.75 56.76
C GLY A 1339 -1.86 -0.23 56.62
N SER A 1340 -2.30 0.27 55.46
CA SER A 1340 -2.56 1.72 55.21
C SER A 1340 -3.30 2.32 56.41
N PHE A 1341 -4.36 1.65 56.87
CA PHE A 1341 -5.30 2.13 57.90
C PHE A 1341 -4.61 2.13 59.26
N GLU A 1342 -3.79 1.12 59.51
CA GLU A 1342 -3.10 0.98 60.81
C GLU A 1342 -1.94 1.96 60.88
N PHE A 1343 -1.25 2.26 59.78
CA PHE A 1343 -0.20 3.32 59.79
C PHE A 1343 -0.87 4.70 59.98
N GLY A 1344 -2.08 4.88 59.43
CA GLY A 1344 -3.00 5.98 59.74
C GLY A 1344 -3.30 6.08 61.23
N ASN A 1345 -3.83 5.02 61.84
CA ASN A 1345 -4.25 5.05 63.27
C ASN A 1345 -3.05 5.39 64.18
N MET A 1346 -1.86 4.98 63.79
CA MET A 1346 -0.59 5.21 64.52
C MET A 1346 -0.02 6.60 64.23
N LYS A 1347 -0.55 7.29 63.22
CA LYS A 1347 -0.17 8.67 62.79
C LYS A 1347 1.27 8.67 62.24
N ALA A 1348 1.72 7.54 61.71
CA ALA A 1348 3.03 7.39 61.05
C ALA A 1348 3.00 8.02 59.65
N THR A 1349 1.94 7.76 58.88
CA THR A 1349 1.79 8.22 57.49
C THR A 1349 1.26 9.65 57.45
N SER A 1350 1.55 10.35 56.36
CA SER A 1350 1.05 11.71 56.12
C SER A 1350 -0.46 11.66 55.94
N ASN A 1351 -1.17 12.53 56.66
CA ASN A 1351 -2.62 12.75 56.48
C ASN A 1351 -2.81 13.51 55.19
N THR A 1352 -3.41 12.91 54.19
CA THR A 1352 -3.49 13.49 52.84
C THR A 1352 -4.47 14.66 52.81
N LEU A 1353 -5.46 14.72 53.70
CA LEU A 1353 -6.41 15.85 53.74
C LEU A 1353 -5.71 17.11 54.23
N GLU A 1354 -4.87 17.01 55.27
CA GLU A 1354 -3.98 18.11 55.70
C GLU A 1354 -3.04 18.54 54.57
N GLU A 1355 -2.49 17.62 53.79
CA GLU A 1355 -1.50 17.97 52.74
C GLU A 1355 -2.17 18.80 51.64
N PHE A 1356 -3.42 18.49 51.28
CA PHE A 1356 -4.28 19.28 50.38
C PHE A 1356 -4.56 20.65 50.99
N GLU A 1357 -4.87 20.75 52.28
CA GLU A 1357 -5.09 22.07 52.93
C GLU A 1357 -3.87 22.98 52.75
N HIS A 1358 -2.67 22.41 52.81
CA HIS A 1358 -1.35 23.07 52.60
C HIS A 1358 -0.99 23.19 51.12
N GLY A 1359 -1.89 22.83 50.21
CA GLY A 1359 -1.69 22.93 48.75
C GLY A 1359 -0.65 21.97 48.19
N ARG A 1360 -0.29 20.92 48.90
CA ARG A 1360 0.68 19.92 48.41
C ARG A 1360 -0.08 19.00 47.46
N THR A 1361 0.51 18.73 46.30
CA THR A 1361 0.04 17.72 45.33
C THR A 1361 0.61 16.38 45.79
N PRO A 1362 0.12 15.22 45.34
CA PRO A 1362 0.69 13.93 45.73
C PRO A 1362 2.22 13.84 45.49
N ALA A 1363 2.69 14.40 44.39
CA ALA A 1363 4.10 14.28 43.95
C ALA A 1363 5.04 15.00 44.91
N GLU A 1364 4.53 15.86 45.82
CA GLU A 1364 5.40 16.60 46.77
C GLU A 1364 5.03 16.31 48.24
N MET A 1365 4.48 15.14 48.55
CA MET A 1365 4.02 14.80 49.93
C MET A 1365 5.08 14.04 50.72
N SER A 1366 6.03 13.39 50.04
CA SER A 1366 7.20 12.75 50.67
C SER A 1366 8.36 13.73 50.56
N ARG A 1367 8.57 14.54 51.59
CA ARG A 1367 9.56 15.65 51.57
C ARG A 1367 10.48 15.51 52.77
N PRO A 1368 11.50 14.63 52.69
CA PRO A 1368 12.40 14.38 53.80
C PRO A 1368 13.24 15.60 54.16
N ALA A 1369 13.51 15.74 55.46
CA ALA A 1369 14.47 16.70 56.04
C ALA A 1369 13.98 18.13 55.83
N THR A 1370 12.72 18.26 55.48
CA THR A 1370 12.06 19.54 55.19
C THR A 1370 11.33 19.97 56.47
N THR A 1371 11.24 21.27 56.71
CA THR A 1371 10.59 21.91 57.88
C THR A 1371 9.19 21.37 58.09
N THR A 1372 8.44 21.21 57.01
CA THR A 1372 6.98 20.96 56.98
C THR A 1372 6.65 19.46 56.80
N ARG A 1373 7.61 18.57 57.04
CA ARG A 1373 7.41 17.11 56.84
C ARG A 1373 6.46 16.63 57.93
N ASN A 1374 5.54 15.72 57.59
CA ASN A 1374 4.44 15.39 58.52
C ASN A 1374 4.02 13.93 58.36
N GLY A 1375 4.95 13.05 58.01
CA GLY A 1375 4.65 11.61 57.91
C GLY A 1375 5.12 11.04 56.61
N PHE A 1376 5.34 9.74 56.59
CA PHE A 1376 5.90 9.06 55.42
C PHE A 1376 4.80 8.75 54.43
N MET A 1377 5.20 8.52 53.17
CA MET A 1377 4.30 8.04 52.11
C MET A 1377 4.50 6.54 51.96
N GLU A 1378 3.46 5.74 52.22
CA GLU A 1378 3.51 4.26 52.02
C GLU A 1378 3.72 3.94 50.53
N ALA A 1379 4.38 2.83 50.26
CA ALA A 1379 4.61 2.33 48.88
C ALA A 1379 4.67 0.80 48.93
N GLN A 1380 4.90 0.20 47.78
CA GLN A 1380 4.96 -1.24 47.63
C GLN A 1380 6.12 -1.55 46.70
N GLY A 1381 6.59 -2.78 46.78
CA GLY A 1381 7.46 -3.33 45.73
C GLY A 1381 8.58 -4.12 46.36
N ALA A 1382 9.65 -4.30 45.62
CA ALA A 1382 10.72 -5.23 46.00
C ALA A 1382 12.02 -4.68 45.48
N GLY A 1383 13.10 -5.08 46.12
CA GLY A 1383 14.46 -4.76 45.72
C GLY A 1383 15.32 -5.94 46.03
N ILE A 1384 16.07 -6.43 45.06
CA ILE A 1384 16.94 -7.61 45.28
C ILE A 1384 18.35 -7.26 44.86
N GLN A 1385 19.35 -7.77 45.55
CA GLN A 1385 20.76 -7.76 45.11
C GLN A 1385 21.26 -9.19 45.11
N ILE A 1386 22.16 -9.52 44.20
CA ILE A 1386 22.97 -10.77 44.29
C ILE A 1386 24.30 -10.34 44.86
N ILE A 1387 24.74 -10.96 45.93
CA ILE A 1387 26.12 -10.78 46.47
C ILE A 1387 26.86 -12.11 46.38
N MET A 1388 28.17 -12.05 46.19
CA MET A 1388 29.01 -13.27 46.26
C MET A 1388 30.41 -12.88 46.68
N GLN A 1389 31.25 -13.88 46.95
CA GLN A 1389 32.70 -13.67 47.22
C GLN A 1389 33.29 -13.04 45.97
N ALA A 1390 34.14 -12.03 46.13
CA ALA A 1390 34.87 -11.40 45.02
C ALA A 1390 35.63 -12.48 44.25
N ASP A 1391 36.27 -13.42 44.96
CA ASP A 1391 37.07 -14.49 44.33
C ASP A 1391 36.18 -15.18 43.27
N LEU A 1392 35.04 -15.69 43.68
CA LEU A 1392 34.04 -16.32 42.78
C LEU A 1392 33.56 -15.37 41.68
N ALA A 1393 33.34 -14.09 41.99
CA ALA A 1393 32.75 -13.11 41.05
C ALA A 1393 33.67 -12.93 39.87
N LEU A 1394 34.97 -12.80 40.14
CA LEU A 1394 36.07 -12.68 39.15
C LEU A 1394 36.13 -13.95 38.31
N LYS A 1395 36.05 -15.11 38.96
CA LYS A 1395 36.15 -16.44 38.32
C LYS A 1395 34.97 -16.63 37.36
N MET A 1396 33.77 -16.18 37.71
CA MET A 1396 32.55 -16.38 36.88
C MET A 1396 32.54 -15.28 35.83
N GLY A 1397 33.33 -14.23 36.03
CA GLY A 1397 33.36 -13.06 35.14
C GLY A 1397 32.01 -12.39 35.14
N VAL A 1398 31.42 -12.20 36.33
CA VAL A 1398 30.17 -11.41 36.48
C VAL A 1398 30.58 -9.99 36.80
N PRO A 1399 29.75 -9.01 36.44
CA PRO A 1399 29.97 -7.61 36.80
C PRO A 1399 29.95 -7.41 38.31
N ILE A 1400 30.60 -6.38 38.77
CA ILE A 1400 30.82 -6.08 40.20
C ILE A 1400 30.47 -4.62 40.38
N TYR A 1401 29.27 -4.36 40.87
CA TYR A 1401 28.71 -3.00 40.99
C TYR A 1401 29.23 -2.35 42.26
N GLY A 1402 29.83 -3.11 43.17
CA GLY A 1402 30.38 -2.51 44.39
C GLY A 1402 30.70 -3.53 45.43
N ILE A 1403 31.44 -3.14 46.44
CA ILE A 1403 31.93 -4.03 47.52
C ILE A 1403 31.14 -3.70 48.77
N VAL A 1404 30.66 -4.70 49.49
CA VAL A 1404 29.90 -4.50 50.76
C VAL A 1404 30.92 -4.58 51.87
N ALA A 1405 31.45 -3.42 52.23
CA ALA A 1405 32.60 -3.25 53.12
C ALA A 1405 32.20 -3.56 54.57
N MET A 1406 30.99 -3.19 54.96
CA MET A 1406 30.50 -3.35 56.34
C MET A 1406 28.98 -3.44 56.28
N ALA A 1407 28.38 -4.21 57.18
CA ALA A 1407 26.91 -4.25 57.31
C ALA A 1407 26.60 -4.68 58.72
N ALA A 1408 25.87 -3.86 59.45
CA ALA A 1408 25.61 -4.09 60.88
C ALA A 1408 24.15 -3.76 61.19
N THR A 1409 23.61 -4.38 62.23
CA THR A 1409 22.32 -3.98 62.84
C THR A 1409 22.53 -3.59 64.29
N ALA A 1410 21.54 -2.93 64.88
CA ALA A 1410 21.62 -2.55 66.29
C ALA A 1410 20.26 -2.14 66.80
N THR A 1411 19.87 -2.73 67.92
CA THR A 1411 18.79 -2.26 68.82
C THR A 1411 19.25 -0.97 69.51
N ASP A 1412 18.32 -0.31 70.19
CA ASP A 1412 18.54 0.98 70.90
C ASP A 1412 18.68 0.64 72.37
N LYS A 1413 17.63 0.80 73.19
CA LYS A 1413 17.76 0.88 74.67
C LYS A 1413 16.40 0.67 75.35
N ILE A 1414 16.35 0.69 76.67
CA ILE A 1414 15.10 0.54 77.46
C ILE A 1414 14.14 1.69 77.09
N GLY A 1415 12.87 1.38 76.87
CA GLY A 1415 11.88 2.32 76.31
C GLY A 1415 10.49 1.75 76.37
N ARG A 1416 9.48 2.46 75.89
CA ARG A 1416 8.07 1.96 75.85
C ARG A 1416 7.40 2.31 74.52
N SER A 1417 8.11 2.91 73.57
CA SER A 1417 7.57 3.33 72.25
C SER A 1417 8.28 2.52 71.15
N VAL A 1418 7.67 1.42 70.75
CA VAL A 1418 8.19 0.52 69.67
C VAL A 1418 8.54 1.32 68.41
N PRO A 1419 7.72 2.26 67.90
CA PRO A 1419 8.05 2.97 66.67
C PRO A 1419 9.23 3.95 66.79
N ALA A 1420 9.53 4.42 68.00
CA ALA A 1420 10.51 5.48 68.28
C ALA A 1420 11.89 5.04 67.80
N PRO A 1421 12.49 5.75 66.81
CA PRO A 1421 13.82 5.41 66.31
C PRO A 1421 14.87 5.90 67.30
N GLY A 1422 16.03 5.21 67.36
CA GLY A 1422 17.06 5.44 68.39
C GLY A 1422 18.46 5.44 67.82
N LYS A 1423 19.47 5.59 68.68
CA LYS A 1423 20.86 5.88 68.29
C LYS A 1423 21.73 4.65 68.47
N GLY A 1424 21.19 3.47 68.22
CA GLY A 1424 21.93 2.22 68.45
C GLY A 1424 23.05 2.04 67.44
N ILE A 1425 22.77 2.37 66.19
CA ILE A 1425 23.68 2.06 65.04
C ILE A 1425 24.91 2.96 65.15
N LEU A 1426 24.85 4.03 65.94
CA LEU A 1426 26.04 4.79 66.40
C LEU A 1426 27.18 3.84 66.81
N THR A 1427 26.85 2.72 67.42
CA THR A 1427 27.82 1.69 67.85
C THR A 1427 28.80 1.29 66.73
N THR A 1428 28.46 1.47 65.45
CA THR A 1428 29.36 1.09 64.31
C THR A 1428 30.59 1.98 64.31
N ALA A 1429 30.52 3.17 64.89
CA ALA A 1429 31.65 4.13 64.94
C ALA A 1429 32.37 4.01 66.30
N ARG A 1430 32.08 2.99 67.09
CA ARG A 1430 32.68 2.93 68.44
C ARG A 1430 34.18 2.78 68.28
N GLU A 1431 34.94 3.68 68.89
CA GLU A 1431 36.39 3.43 69.05
C GLU A 1431 36.90 4.18 70.24
N HIS A 1432 37.83 3.52 70.93
CA HIS A 1432 38.51 3.98 72.16
C HIS A 1432 39.49 5.09 71.79
N HIS A 1433 39.50 6.17 72.55
CA HIS A 1433 40.33 7.36 72.25
C HIS A 1433 41.18 7.78 73.46
N SER A 1434 41.30 6.96 74.52
CA SER A 1434 42.06 7.35 75.73
C SER A 1434 43.58 7.36 75.47
N SER A 1435 44.03 6.71 74.38
CA SER A 1435 45.46 6.57 74.00
C SER A 1435 45.64 6.76 72.48
N VAL A 1436 45.75 8.01 72.03
CA VAL A 1436 45.76 8.37 70.58
C VAL A 1436 46.91 9.35 70.31
N LYS A 1437 48.00 9.26 71.07
CA LYS A 1437 49.13 10.21 70.96
C LYS A 1437 49.99 9.85 69.74
N TYR A 1438 50.13 8.55 69.42
CA TYR A 1438 50.93 8.01 68.28
C TYR A 1438 50.04 7.11 67.43
N ALA A 1439 50.20 7.17 66.10
CA ALA A 1439 49.40 6.41 65.10
C ALA A 1439 49.62 4.91 65.28
N SER A 1440 48.55 4.10 65.27
CA SER A 1440 48.60 2.63 65.48
C SER A 1440 49.13 1.96 64.22
N PRO A 1441 50.28 1.25 64.26
CA PRO A 1441 50.90 0.71 63.05
C PRO A 1441 49.96 -0.26 62.31
N ASN A 1442 48.96 -0.79 63.02
CA ASN A 1442 47.90 -1.67 62.48
C ASN A 1442 47.06 -0.96 61.39
N LEU A 1443 46.91 0.37 61.41
CA LEU A 1443 46.15 1.07 60.34
C LEU A 1443 47.00 1.24 59.08
N ASN A 1444 48.33 1.11 59.18
CA ASN A 1444 49.26 1.48 58.08
C ASN A 1444 49.37 0.28 57.14
N MET A 1445 48.87 0.40 55.91
CA MET A 1445 48.79 -0.77 55.01
C MET A 1445 50.18 -1.33 54.74
N LYS A 1446 51.21 -0.48 54.69
CA LYS A 1446 52.59 -0.93 54.40
C LYS A 1446 53.05 -1.89 55.51
N TYR A 1447 52.68 -1.65 56.77
CA TYR A 1447 53.06 -2.50 57.92
C TYR A 1447 52.37 -3.86 57.82
N ARG A 1448 51.07 -3.86 57.58
CA ARG A 1448 50.28 -5.10 57.40
C ARG A 1448 50.85 -5.90 56.22
N LYS A 1449 51.11 -5.26 55.09
CA LYS A 1449 51.70 -5.97 53.92
C LYS A 1449 53.04 -6.62 54.34
N ARG A 1450 53.87 -5.92 55.09
CA ARG A 1450 55.21 -6.43 55.52
C ARG A 1450 55.04 -7.66 56.40
N GLN A 1451 53.99 -7.73 57.23
CA GLN A 1451 53.75 -8.88 58.14
C GLN A 1451 53.21 -10.06 57.34
N LEU A 1452 52.36 -9.80 56.36
CA LEU A 1452 51.82 -10.86 55.46
C LEU A 1452 52.99 -11.48 54.71
N VAL A 1453 53.90 -10.68 54.16
CA VAL A 1453 55.06 -11.18 53.37
C VAL A 1453 55.91 -12.10 54.25
N THR A 1454 56.14 -11.71 55.51
CA THR A 1454 56.89 -12.55 56.51
C THR A 1454 56.20 -13.90 56.65
N ARG A 1455 54.88 -13.87 56.83
CA ARG A 1455 54.00 -15.06 57.01
C ARG A 1455 53.98 -15.86 55.70
N GLU A 1456 54.07 -15.23 54.54
CA GLU A 1456 54.03 -15.95 53.24
C GLU A 1456 55.32 -16.76 53.09
N ALA A 1457 56.42 -16.27 53.64
CA ALA A 1457 57.74 -16.95 53.67
C ALA A 1457 57.67 -18.14 54.63
N GLN A 1458 57.02 -17.97 55.78
CA GLN A 1458 56.86 -19.03 56.80
C GLN A 1458 56.00 -20.17 56.23
N ILE A 1459 55.00 -19.85 55.39
CA ILE A 1459 54.08 -20.85 54.79
C ILE A 1459 54.85 -21.61 53.74
N LYS A 1460 55.56 -20.90 52.85
CA LYS A 1460 56.48 -21.47 51.84
C LYS A 1460 57.39 -22.49 52.53
N ASP A 1461 57.98 -22.14 53.67
CA ASP A 1461 58.90 -23.03 54.42
C ASP A 1461 58.13 -24.26 54.92
N TRP A 1462 56.90 -24.07 55.39
CA TRP A 1462 56.04 -25.13 55.98
C TRP A 1462 55.69 -26.16 54.90
N VAL A 1463 55.54 -25.73 53.66
CA VAL A 1463 55.17 -26.60 52.50
C VAL A 1463 56.40 -27.35 52.02
N GLU A 1464 57.59 -26.73 52.07
CA GLU A 1464 58.87 -27.46 51.83
C GLU A 1464 58.95 -28.61 52.84
N ASN A 1465 58.85 -28.31 54.14
CA ASN A 1465 59.00 -29.29 55.25
C ASN A 1465 57.93 -30.39 55.18
N GLU A 1466 56.75 -30.11 54.62
CA GLU A 1466 55.63 -31.09 54.52
C GLU A 1466 55.86 -32.01 53.31
N LEU A 1467 56.45 -31.48 52.23
CA LEU A 1467 56.81 -32.24 51.00
C LEU A 1467 58.01 -33.14 51.28
N GLU A 1468 59.03 -32.65 51.99
CA GLU A 1468 60.21 -33.44 52.44
C GLU A 1468 59.77 -34.56 53.39
N ALA A 1469 58.79 -34.31 54.27
CA ALA A 1469 58.28 -35.29 55.25
C ALA A 1469 57.32 -36.29 54.60
N LEU A 1470 56.74 -35.95 53.44
CA LEU A 1470 55.86 -36.86 52.64
C LEU A 1470 56.73 -37.89 51.89
N LYS A 1471 57.89 -37.48 51.39
CA LYS A 1471 58.86 -38.37 50.70
C LYS A 1471 59.34 -39.45 51.69
N LEU A 1472 59.56 -39.12 52.97
CA LEU A 1472 60.07 -40.09 53.98
C LEU A 1472 59.00 -41.12 54.34
N GLU A 1473 57.71 -40.82 54.11
CA GLU A 1473 56.58 -41.75 54.33
C GLU A 1473 56.32 -42.58 53.07
N ALA A 1474 56.66 -42.05 51.89
CA ALA A 1474 56.50 -42.76 50.58
C ALA A 1474 57.54 -43.89 50.44
N GLU A 1475 58.64 -43.83 51.21
CA GLU A 1475 59.73 -44.84 51.23
C GLU A 1475 59.20 -46.17 51.76
N GLU A 1476 58.34 -46.14 52.79
CA GLU A 1476 57.81 -47.36 53.48
C GLU A 1476 56.43 -47.75 52.93
N ILE A 1477 56.00 -47.16 51.79
CA ILE A 1477 54.76 -47.56 51.05
C ILE A 1477 55.18 -48.45 49.89
N PRO A 1478 54.49 -49.58 49.62
CA PRO A 1478 54.78 -50.43 48.45
C PRO A 1478 54.45 -49.82 47.08
N SER A 1479 55.38 -49.91 46.13
CA SER A 1479 55.49 -49.10 44.88
C SER A 1479 54.19 -49.03 44.05
N GLU A 1480 53.29 -50.03 44.14
CA GLU A 1480 52.01 -50.03 43.37
C GLU A 1480 51.05 -48.99 43.96
N ASP A 1481 50.87 -48.98 45.29
CA ASP A 1481 49.97 -48.05 46.02
C ASP A 1481 50.58 -46.64 46.00
N GLN A 1482 51.91 -46.55 46.10
CA GLN A 1482 52.72 -45.32 46.27
C GLN A 1482 52.13 -44.15 45.48
N ASN A 1483 51.93 -44.29 44.17
CA ASN A 1483 51.44 -43.17 43.32
C ASN A 1483 50.12 -42.63 43.88
N GLU A 1484 49.14 -43.51 44.13
CA GLU A 1484 47.78 -43.14 44.64
C GLU A 1484 47.89 -42.51 46.04
N PHE A 1485 48.85 -42.91 46.87
CA PHE A 1485 49.13 -42.31 48.20
C PHE A 1485 49.63 -40.88 48.02
N LEU A 1486 50.59 -40.66 47.12
CA LEU A 1486 51.19 -39.33 46.84
C LEU A 1486 50.12 -38.36 46.34
N LEU A 1487 49.09 -38.84 45.64
CA LEU A 1487 47.94 -38.01 45.19
C LEU A 1487 47.09 -37.56 46.37
N GLU A 1488 46.51 -38.50 47.13
CA GLU A 1488 45.64 -38.22 48.30
C GLU A 1488 46.39 -37.22 49.21
N ARG A 1489 47.71 -37.36 49.39
CA ARG A 1489 48.49 -36.60 50.40
C ARG A 1489 49.02 -35.26 49.87
N THR A 1490 49.30 -35.17 48.57
CA THR A 1490 49.72 -33.89 47.94
C THR A 1490 48.54 -32.93 47.96
N ARG A 1491 47.35 -33.37 47.52
CA ARG A 1491 46.12 -32.53 47.50
C ARG A 1491 45.90 -31.96 48.91
N GLU A 1492 45.90 -32.81 49.94
CA GLU A 1492 45.73 -32.41 51.37
C GLU A 1492 46.71 -31.28 51.68
N ILE A 1493 47.97 -31.37 51.22
CA ILE A 1493 49.02 -30.33 51.48
C ILE A 1493 48.64 -29.01 50.80
N HIS A 1494 48.40 -29.03 49.48
CA HIS A 1494 47.86 -27.86 48.73
C HIS A 1494 46.75 -27.19 49.57
N ASN A 1495 45.65 -27.90 49.88
CA ASN A 1495 44.55 -27.37 50.73
C ASN A 1495 45.13 -26.65 51.96
N GLU A 1496 45.86 -27.39 52.80
CA GLU A 1496 46.45 -26.85 54.05
C GLU A 1496 47.30 -25.58 53.75
N ALA A 1497 47.99 -25.51 52.61
CA ALA A 1497 48.81 -24.35 52.22
C ALA A 1497 47.88 -23.17 51.93
N GLU A 1498 46.90 -23.37 51.06
CA GLU A 1498 45.92 -22.33 50.65
C GLU A 1498 45.20 -21.83 51.88
N SER A 1499 44.66 -22.73 52.70
CA SER A 1499 43.92 -22.37 53.94
C SER A 1499 44.81 -21.46 54.80
N GLN A 1500 46.12 -21.71 54.86
CA GLN A 1500 47.08 -20.92 55.67
C GLN A 1500 47.35 -19.56 55.04
N LEU A 1501 47.55 -19.52 53.72
CA LEU A 1501 47.77 -18.24 52.99
C LEU A 1501 46.54 -17.35 53.15
N ARG A 1502 45.35 -17.89 52.94
CA ARG A 1502 44.08 -17.14 53.05
C ARG A 1502 43.96 -16.64 54.50
N ALA A 1503 44.26 -17.48 55.48
CA ALA A 1503 44.21 -17.10 56.90
C ALA A 1503 45.09 -15.87 57.15
N ALA A 1504 46.27 -15.81 56.54
CA ALA A 1504 47.24 -14.70 56.74
C ALA A 1504 46.68 -13.43 56.11
N GLN A 1505 46.16 -13.56 54.90
CA GLN A 1505 45.47 -12.47 54.17
C GLN A 1505 44.27 -12.03 54.99
N GLN A 1506 43.51 -12.95 55.56
CA GLN A 1506 42.37 -12.60 56.44
C GLN A 1506 42.89 -11.83 57.66
N GLN A 1507 43.95 -12.33 58.30
CA GLN A 1507 44.49 -11.78 59.57
C GLN A 1507 44.98 -10.34 59.35
N TRP A 1508 45.57 -10.04 58.19
CA TRP A 1508 46.29 -8.76 57.90
C TRP A 1508 45.59 -7.91 56.82
N GLY A 1509 44.72 -8.47 56.01
CA GLY A 1509 44.03 -7.72 54.96
C GLY A 1509 42.62 -7.33 55.36
N ASN A 1510 41.85 -8.26 55.93
CA ASN A 1510 40.38 -8.14 56.09
C ASN A 1510 39.96 -7.98 57.56
N ASP A 1511 40.68 -8.59 58.51
CA ASP A 1511 40.22 -8.75 59.92
C ASP A 1511 41.27 -8.12 60.85
N PHE A 1512 42.02 -7.14 60.36
CA PHE A 1512 43.14 -6.53 61.12
C PHE A 1512 42.58 -5.72 62.28
N TYR A 1513 41.35 -5.22 62.15
CA TYR A 1513 40.74 -4.26 63.12
C TYR A 1513 39.76 -4.95 64.09
N LYS A 1514 39.52 -6.26 63.99
CA LYS A 1514 38.44 -6.93 64.76
C LYS A 1514 38.81 -6.95 66.27
N ARG A 1515 39.95 -7.53 66.64
CA ARG A 1515 40.47 -7.57 68.05
C ARG A 1515 40.78 -6.14 68.54
N ASP A 1516 41.06 -5.14 67.67
CA ASP A 1516 41.64 -3.81 68.04
C ASP A 1516 40.55 -2.81 68.43
N PRO A 1517 40.47 -2.37 69.70
CA PRO A 1517 39.44 -1.42 70.14
C PRO A 1517 39.79 0.05 69.89
N ARG A 1518 40.84 0.35 69.12
CA ARG A 1518 41.23 1.71 68.69
C ARG A 1518 40.72 1.99 67.27
N ILE A 1519 40.21 0.99 66.56
CA ILE A 1519 39.70 1.14 65.16
C ILE A 1519 38.24 0.76 65.12
N ALA A 1520 37.39 1.68 64.68
CA ALA A 1520 35.94 1.48 64.59
C ALA A 1520 35.66 0.49 63.47
N PRO A 1521 34.63 -0.37 63.61
CA PRO A 1521 34.20 -1.19 62.48
C PRO A 1521 34.00 -0.41 61.19
N LEU A 1522 33.54 0.84 61.30
CA LEU A 1522 33.28 1.76 60.17
C LEU A 1522 34.61 2.21 59.59
N ARG A 1523 35.60 2.47 60.43
CA ARG A 1523 36.92 2.96 59.96
C ARG A 1523 37.67 1.81 59.29
N GLY A 1524 37.80 0.68 59.97
CA GLY A 1524 38.44 -0.53 59.44
C GLY A 1524 37.83 -1.00 58.12
N ALA A 1525 36.53 -0.91 57.95
CA ALA A 1525 35.84 -1.36 56.73
C ALA A 1525 36.39 -0.61 55.53
N LEU A 1526 36.51 0.71 55.65
CA LEU A 1526 37.07 1.60 54.60
C LEU A 1526 38.57 1.38 54.54
N ALA A 1527 39.24 1.33 55.71
CA ALA A 1527 40.71 1.26 55.84
C ALA A 1527 41.24 0.03 55.16
N THR A 1528 40.42 -1.01 55.03
CA THR A 1528 40.73 -2.27 54.34
C THR A 1528 41.27 -2.02 52.92
N TYR A 1529 40.61 -1.12 52.19
CA TYR A 1529 40.85 -0.78 50.76
C TYR A 1529 41.67 0.50 50.67
N GLY A 1530 42.19 1.02 51.78
CA GLY A 1530 43.03 2.23 51.77
C GLY A 1530 42.25 3.51 51.88
N LEU A 1531 40.92 3.42 51.96
CA LEU A 1531 40.03 4.58 52.16
C LEU A 1531 40.13 5.10 53.59
N THR A 1532 39.83 6.39 53.77
CA THR A 1532 39.75 7.08 55.08
C THR A 1532 38.29 7.37 55.36
N ILE A 1533 37.98 7.82 56.57
CA ILE A 1533 36.61 8.24 56.95
C ILE A 1533 36.18 9.41 56.05
N ASP A 1534 37.11 10.21 55.52
CA ASP A 1534 36.81 11.33 54.60
C ASP A 1534 36.32 10.81 53.25
N ASP A 1535 36.64 9.57 52.88
CA ASP A 1535 36.31 9.02 51.54
C ASP A 1535 34.85 8.54 51.49
N LEU A 1536 34.16 8.44 52.63
CA LEU A 1536 32.71 8.11 52.68
C LEU A 1536 31.90 9.36 52.31
N GLY A 1537 31.63 9.56 51.03
CA GLY A 1537 31.23 10.89 50.53
C GLY A 1537 29.75 11.07 50.41
N VAL A 1538 28.98 9.99 50.48
CA VAL A 1538 27.50 10.01 50.36
C VAL A 1538 26.90 9.13 51.44
N ALA A 1539 25.84 9.61 52.06
CA ALA A 1539 24.97 8.88 53.00
C ALA A 1539 23.60 8.82 52.37
N SER A 1540 23.08 7.62 52.11
CA SER A 1540 21.71 7.37 51.62
C SER A 1540 20.84 7.20 52.87
N PHE A 1541 20.22 8.28 53.29
CA PHE A 1541 19.40 8.35 54.53
C PHE A 1541 18.11 7.57 54.30
N HIS A 1542 17.64 6.90 55.34
CA HIS A 1542 16.26 6.37 55.47
C HIS A 1542 15.31 7.46 55.01
N GLY A 1543 15.29 8.61 55.69
CA GLY A 1543 14.65 9.83 55.17
C GLY A 1543 13.20 9.58 54.80
N THR A 1544 12.41 9.24 55.83
CA THR A 1544 11.01 8.79 55.69
C THR A 1544 10.06 9.98 55.57
N SER A 1545 10.52 11.20 55.83
CA SER A 1545 9.71 12.44 55.82
C SER A 1545 8.83 12.46 57.10
N THR A 1546 9.35 11.95 58.22
CA THR A 1546 8.70 12.04 59.55
C THR A 1546 9.60 12.85 60.48
N LYS A 1547 8.98 13.56 61.42
CA LYS A 1547 9.68 14.53 62.30
C LYS A 1547 10.84 13.83 62.99
N ALA A 1548 10.58 12.66 63.58
CA ALA A 1548 11.47 12.04 64.57
C ALA A 1548 12.63 11.35 63.83
N ASN A 1549 12.31 10.74 62.69
CA ASN A 1549 13.26 9.86 61.98
C ASN A 1549 14.35 10.73 61.34
N ASP A 1550 13.96 11.80 60.65
CA ASP A 1550 14.86 12.60 59.78
C ASP A 1550 15.80 13.45 60.66
N LYS A 1551 15.39 13.80 61.87
CA LYS A 1551 16.28 14.44 62.86
C LYS A 1551 17.27 13.42 63.45
N ASN A 1552 16.77 12.30 63.97
CA ASN A 1552 17.57 11.25 64.63
C ASN A 1552 18.68 10.78 63.70
N GLU A 1553 18.33 10.49 62.46
CA GLU A 1553 19.26 9.93 61.45
C GLU A 1553 20.41 10.90 61.21
N SER A 1554 20.09 12.16 60.90
CA SER A 1554 21.07 13.27 60.77
C SER A 1554 21.94 13.31 62.03
N ALA A 1555 21.36 13.37 63.22
CA ALA A 1555 22.13 13.39 64.48
C ALA A 1555 23.07 12.17 64.57
N THR A 1556 22.61 11.00 64.16
CA THR A 1556 23.36 9.72 64.26
C THR A 1556 24.58 9.78 63.36
N ILE A 1557 24.37 9.98 62.07
CA ILE A 1557 25.49 10.15 61.11
C ILE A 1557 26.40 11.30 61.59
N ASN A 1558 25.85 12.46 61.90
CA ASN A 1558 26.68 13.60 62.37
C ASN A 1558 27.61 13.13 63.49
N GLU A 1559 27.10 12.40 64.47
CA GLU A 1559 27.88 11.99 65.66
C GLU A 1559 28.90 10.88 65.34
N MET A 1560 28.60 10.00 64.37
CA MET A 1560 29.59 9.02 63.81
C MET A 1560 30.77 9.78 63.21
N MET A 1561 30.50 10.71 62.30
CA MET A 1561 31.54 11.50 61.59
C MET A 1561 32.37 12.28 62.62
N LYS A 1562 31.72 12.89 63.61
CA LYS A 1562 32.43 13.75 64.58
C LYS A 1562 33.42 12.89 65.37
N HIS A 1563 33.01 11.68 65.75
CA HIS A 1563 33.77 10.81 66.66
C HIS A 1563 34.98 10.24 65.93
N LEU A 1564 34.76 9.81 64.70
CA LEU A 1564 35.81 9.25 63.80
C LEU A 1564 36.65 10.35 63.18
N GLY A 1565 36.56 11.60 63.65
CA GLY A 1565 37.44 12.70 63.24
C GLY A 1565 37.39 12.90 61.75
N ARG A 1566 36.19 12.92 61.21
CA ARG A 1566 35.93 13.40 59.83
C ARG A 1566 36.31 14.87 59.78
N SER A 1567 37.00 15.27 58.71
CA SER A 1567 37.54 16.63 58.47
C SER A 1567 36.40 17.66 58.55
N GLU A 1568 36.61 18.73 59.31
CA GLU A 1568 35.66 19.87 59.34
C GLU A 1568 35.60 20.48 57.95
N GLY A 1569 34.40 20.83 57.52
CA GLY A 1569 34.13 21.29 56.15
C GLY A 1569 33.83 20.15 55.19
N ASN A 1570 33.86 18.89 55.62
CA ASN A 1570 33.64 17.75 54.69
C ASN A 1570 32.39 16.99 55.09
N PRO A 1571 31.18 17.55 54.88
CA PRO A 1571 29.96 16.84 55.23
C PRO A 1571 29.70 15.71 54.23
N VAL A 1572 29.05 14.65 54.71
CA VAL A 1572 28.50 13.61 53.80
C VAL A 1572 27.33 14.28 53.09
N ILE A 1573 27.16 13.95 51.84
CA ILE A 1573 26.01 14.41 51.04
C ILE A 1573 24.87 13.41 51.29
N GLY A 1574 23.77 13.88 51.84
CA GLY A 1574 22.55 13.11 52.06
C GLY A 1574 21.87 12.84 50.75
N VAL A 1575 21.37 11.61 50.59
CA VAL A 1575 20.44 11.22 49.50
C VAL A 1575 19.17 10.76 50.21
N PHE A 1576 18.01 11.16 49.70
CA PHE A 1576 16.69 10.91 50.31
C PHE A 1576 15.77 10.36 49.23
N GLN A 1577 16.15 9.20 48.70
CA GLN A 1577 15.49 8.51 47.56
C GLN A 1577 13.97 8.45 47.77
N LYS A 1578 13.53 8.32 49.03
CA LYS A 1578 12.10 8.13 49.40
C LYS A 1578 11.25 9.35 49.05
N PHE A 1579 11.83 10.47 48.60
CA PHE A 1579 11.03 11.63 48.15
C PHE A 1579 10.28 11.26 46.86
N LEU A 1580 10.84 10.34 46.10
CA LEU A 1580 10.30 9.98 44.78
C LEU A 1580 9.46 8.71 44.90
N THR A 1581 9.99 7.69 45.57
CA THR A 1581 9.44 6.32 45.58
C THR A 1581 8.37 6.16 46.66
N GLY A 1582 8.47 6.85 47.78
CA GLY A 1582 7.67 6.53 48.97
C GLY A 1582 8.41 5.52 49.81
N HIS A 1583 7.92 5.24 50.99
CA HIS A 1583 8.46 4.24 51.93
C HIS A 1583 7.79 2.89 51.72
N PRO A 1584 8.49 1.89 51.15
CA PRO A 1584 7.93 0.57 50.95
C PRO A 1584 8.24 -0.41 52.09
N LYS A 1585 8.61 0.08 53.27
CA LYS A 1585 8.91 -0.76 54.46
C LYS A 1585 10.03 -1.74 54.11
N GLY A 1586 9.78 -3.04 54.18
CA GLY A 1586 10.82 -4.07 53.98
C GLY A 1586 11.79 -3.68 52.87
N ALA A 1587 11.27 -3.20 51.74
CA ALA A 1587 12.07 -2.99 50.52
C ALA A 1587 12.93 -1.74 50.63
N ALA A 1588 12.77 -0.92 51.67
CA ALA A 1588 13.26 0.48 51.70
C ALA A 1588 14.75 0.52 51.45
N GLY A 1589 15.50 -0.25 52.23
CA GLY A 1589 16.97 -0.36 52.11
C GLY A 1589 17.39 -1.00 50.80
N ALA A 1590 16.58 -1.89 50.25
CA ALA A 1590 16.97 -2.62 49.03
C ALA A 1590 17.05 -1.63 47.88
N TRP A 1591 16.12 -0.69 47.88
CA TRP A 1591 16.05 0.40 46.91
C TRP A 1591 17.20 1.36 47.16
N MET A 1592 17.41 1.77 48.41
CA MET A 1592 18.48 2.70 48.79
C MET A 1592 19.84 2.16 48.35
N MET A 1593 20.06 0.88 48.57
CA MET A 1593 21.25 0.08 48.15
C MET A 1593 21.35 0.10 46.61
N ASN A 1594 20.31 -0.27 45.89
CA ASN A 1594 20.34 -0.20 44.41
C ASN A 1594 20.80 1.19 44.00
N GLY A 1595 20.22 2.22 44.57
CA GLY A 1595 20.60 3.59 44.23
C GLY A 1595 22.04 3.90 44.64
N ALA A 1596 22.51 3.37 45.76
CA ALA A 1596 23.91 3.59 46.19
C ALA A 1596 24.86 3.04 45.14
N LEU A 1597 24.56 1.85 44.62
CA LEU A 1597 25.40 1.20 43.59
C LEU A 1597 25.34 2.07 42.35
N GLN A 1598 24.17 2.57 41.99
CA GLN A 1598 24.01 3.44 40.80
C GLN A 1598 24.82 4.71 40.97
N ILE A 1599 24.79 5.32 42.14
CA ILE A 1599 25.64 6.50 42.49
C ILE A 1599 27.10 6.16 42.33
N LEU A 1600 27.61 5.09 42.92
CA LEU A 1600 29.05 4.70 42.82
C LEU A 1600 29.47 4.57 41.36
N ASN A 1601 28.66 3.91 40.55
CA ASN A 1601 29.07 3.62 39.17
C ASN A 1601 28.86 4.85 38.27
N SER A 1602 28.15 5.88 38.69
CA SER A 1602 27.88 7.06 37.83
C SER A 1602 28.68 8.26 38.30
N GLY A 1603 28.87 8.39 39.61
CA GLY A 1603 29.38 9.62 40.24
C GLY A 1603 28.34 10.72 40.23
N ILE A 1604 27.11 10.40 39.87
CA ILE A 1604 25.93 11.30 40.00
C ILE A 1604 25.26 11.07 41.36
N ILE A 1605 25.05 12.14 42.11
CA ILE A 1605 24.39 12.12 43.44
C ILE A 1605 23.03 12.78 43.33
N PRO A 1606 21.91 12.06 43.30
CA PRO A 1606 20.62 12.70 43.04
C PRO A 1606 20.19 13.70 44.11
N GLY A 1607 19.48 14.71 43.68
CA GLY A 1607 18.95 15.73 44.58
C GLY A 1607 17.59 15.35 45.11
N ASN A 1608 17.32 15.76 46.36
CA ASN A 1608 15.98 15.72 46.98
C ASN A 1608 15.15 16.86 46.37
N ARG A 1609 14.47 16.58 45.27
CA ARG A 1609 13.73 17.61 44.52
C ARG A 1609 12.53 18.12 45.32
N ASN A 1610 12.08 17.43 46.36
CA ASN A 1610 11.05 17.91 47.30
C ASN A 1610 11.66 18.61 48.51
N ALA A 1611 12.98 18.86 48.55
CA ALA A 1611 13.61 19.60 49.66
C ALA A 1611 13.40 21.10 49.43
N ASP A 1612 12.17 21.55 49.61
CA ASP A 1612 11.76 22.96 49.37
C ASP A 1612 12.56 23.82 50.34
N ASN A 1613 12.51 23.48 51.62
CA ASN A 1613 13.19 24.25 52.68
C ASN A 1613 13.71 23.31 53.78
N VAL A 1614 15.02 23.15 53.85
CA VAL A 1614 15.67 22.24 54.83
C VAL A 1614 15.35 22.74 56.22
N ASP A 1615 15.07 21.80 57.12
CA ASP A 1615 14.61 22.08 58.50
C ASP A 1615 15.77 22.72 59.27
N LYS A 1616 15.53 23.92 59.80
CA LYS A 1616 16.54 24.76 60.51
C LYS A 1616 17.21 23.97 61.64
N ILE A 1617 16.49 23.06 62.27
CA ILE A 1617 17.03 22.21 63.38
C ILE A 1617 18.21 21.39 62.87
N LEU A 1618 18.26 21.05 61.58
CA LEU A 1618 19.32 20.20 60.97
C LEU A 1618 20.59 21.00 60.71
N GLU A 1619 20.60 22.32 60.90
CA GLU A 1619 21.78 23.16 60.63
C GLU A 1619 22.86 22.88 61.68
N GLN A 1620 22.48 22.43 62.86
CA GLN A 1620 23.42 22.08 63.95
C GLN A 1620 24.33 20.90 63.54
N PHE A 1621 23.99 20.16 62.49
CA PHE A 1621 24.72 18.93 62.07
C PHE A 1621 25.66 19.25 60.91
N GLU A 1622 26.78 19.88 61.23
CA GLU A 1622 27.73 20.43 60.23
C GLU A 1622 28.20 19.33 59.27
N TYR A 1623 28.22 18.04 59.66
CA TYR A 1623 28.78 16.94 58.83
C TYR A 1623 27.74 16.34 57.88
N VAL A 1624 26.67 17.08 57.59
CA VAL A 1624 25.59 16.62 56.66
C VAL A 1624 25.19 17.80 55.79
N LEU A 1625 25.04 17.53 54.50
CA LEU A 1625 24.62 18.50 53.48
C LEU A 1625 23.40 17.91 52.78
N TYR A 1626 22.37 18.69 52.55
CA TYR A 1626 21.07 18.22 52.06
C TYR A 1626 20.80 18.79 50.69
N PRO A 1627 21.44 18.31 49.61
CA PRO A 1627 21.24 18.91 48.29
C PRO A 1627 19.79 18.76 47.85
N SER A 1628 19.34 19.68 46.99
CA SER A 1628 18.01 19.69 46.39
C SER A 1628 18.10 19.42 44.90
N LYS A 1629 19.29 19.21 44.37
CA LYS A 1629 19.44 18.95 42.92
C LYS A 1629 20.66 18.09 42.66
N THR A 1630 20.53 17.28 41.61
CA THR A 1630 21.50 16.27 41.16
C THR A 1630 22.84 16.97 40.93
N LEU A 1631 23.92 16.35 41.41
CA LEU A 1631 25.33 16.81 41.32
C LEU A 1631 26.13 15.74 40.59
N LYS A 1632 26.72 16.08 39.43
CA LYS A 1632 27.66 15.21 38.70
C LYS A 1632 29.04 15.48 39.29
N THR A 1633 29.49 14.64 40.20
CA THR A 1633 30.83 14.70 40.82
C THR A 1633 31.86 14.09 39.87
N ASP A 1634 33.13 14.18 40.23
CA ASP A 1634 34.25 13.52 39.51
C ASP A 1634 34.35 12.05 39.97
N GLY A 1635 33.74 11.72 41.12
CA GLY A 1635 33.66 10.33 41.62
C GLY A 1635 33.21 10.25 43.06
N VAL A 1636 32.59 9.13 43.42
CA VAL A 1636 32.15 8.75 44.78
C VAL A 1636 32.90 7.46 45.14
N ARG A 1637 33.63 7.45 46.24
CA ARG A 1637 34.48 6.30 46.64
C ARG A 1637 33.63 5.30 47.45
N ALA A 1638 32.69 5.78 48.27
CA ALA A 1638 31.95 4.93 49.23
C ALA A 1638 30.62 5.57 49.57
N VAL A 1639 29.59 4.76 49.82
CA VAL A 1639 28.24 5.24 50.22
C VAL A 1639 27.81 4.49 51.46
N SER A 1640 27.34 5.21 52.48
CA SER A 1640 26.63 4.66 53.66
C SER A 1640 25.16 4.52 53.32
N ILE A 1641 24.52 3.47 53.83
CA ILE A 1641 23.05 3.25 53.75
C ILE A 1641 22.55 2.98 55.15
N THR A 1642 21.80 3.90 55.76
CA THR A 1642 21.19 3.69 57.11
C THR A 1642 19.71 3.39 56.92
N SER A 1643 19.20 2.42 57.66
CA SER A 1643 17.74 2.12 57.75
C SER A 1643 17.38 2.05 59.22
N PHE A 1644 16.19 2.52 59.57
CA PHE A 1644 15.64 2.45 60.94
C PHE A 1644 14.26 1.83 60.82
N GLY A 1645 14.07 0.69 61.46
CA GLY A 1645 12.79 -0.02 61.48
C GLY A 1645 12.04 0.27 62.75
N PHE A 1646 10.80 -0.20 62.81
CA PHE A 1646 10.00 -0.30 64.05
C PHE A 1646 10.65 -1.40 64.88
N GLY A 1647 10.49 -1.31 66.19
CA GLY A 1647 11.00 -2.32 67.13
C GLY A 1647 12.50 -2.26 67.18
N GLN A 1648 13.05 -1.04 67.18
CA GLN A 1648 14.48 -0.74 67.46
C GLN A 1648 15.41 -1.40 66.42
N LYS A 1649 14.97 -1.59 65.19
CA LYS A 1649 15.84 -2.19 64.15
C LYS A 1649 16.67 -1.07 63.50
N GLY A 1650 17.83 -0.78 64.03
CA GLY A 1650 18.79 0.08 63.32
C GLY A 1650 19.70 -0.73 62.45
N GLY A 1651 20.04 -0.24 61.26
CA GLY A 1651 20.97 -0.89 60.31
C GLY A 1651 21.85 0.10 59.59
N GLN A 1652 23.07 -0.31 59.28
CA GLN A 1652 23.98 0.46 58.40
C GLN A 1652 24.65 -0.51 57.46
N ALA A 1653 25.05 -0.04 56.30
CA ALA A 1653 25.86 -0.80 55.34
C ALA A 1653 26.73 0.20 54.63
N ILE A 1654 28.02 -0.06 54.54
CA ILE A 1654 28.93 0.73 53.66
C ILE A 1654 29.15 -0.03 52.37
N VAL A 1655 29.03 0.65 51.24
CA VAL A 1655 29.31 0.07 49.91
C VAL A 1655 30.45 0.87 49.29
N VAL A 1656 31.56 0.18 49.00
CA VAL A 1656 32.75 0.82 48.38
C VAL A 1656 32.73 0.62 46.86
N HIS A 1657 33.15 1.66 46.13
CA HIS A 1657 33.35 1.64 44.66
C HIS A 1657 34.09 0.37 44.31
N PRO A 1658 33.66 -0.36 43.25
CA PRO A 1658 34.27 -1.65 42.92
C PRO A 1658 35.70 -1.52 42.39
N ASP A 1659 36.13 -0.38 41.90
CA ASP A 1659 37.49 -0.24 41.33
C ASP A 1659 38.56 -0.41 42.42
N TYR A 1660 38.19 -0.27 43.70
CA TYR A 1660 39.10 -0.56 44.84
C TYR A 1660 39.42 -2.05 44.92
N LEU A 1661 38.61 -2.95 44.36
CA LEU A 1661 38.86 -4.41 44.38
C LEU A 1661 40.03 -4.76 43.46
N TYR A 1662 40.05 -4.22 42.24
CA TYR A 1662 40.93 -4.68 41.14
C TYR A 1662 42.40 -4.34 41.45
N GLY A 1663 42.60 -3.42 42.39
CA GLY A 1663 43.93 -3.11 42.94
C GLY A 1663 44.53 -4.29 43.66
N ALA A 1664 43.71 -5.26 44.09
CA ALA A 1664 44.13 -6.43 44.90
C ALA A 1664 44.44 -7.66 44.05
N ILE A 1665 44.37 -7.57 42.72
CA ILE A 1665 44.68 -8.70 41.82
C ILE A 1665 45.74 -8.26 40.81
N THR A 1666 46.27 -9.23 40.05
CA THR A 1666 47.36 -9.03 39.07
C THR A 1666 46.76 -8.58 37.75
N GLU A 1667 47.61 -8.14 36.81
CA GLU A 1667 47.15 -7.64 35.50
C GLU A 1667 46.51 -8.80 34.75
N ASP A 1668 47.13 -9.97 34.77
CA ASP A 1668 46.67 -11.15 34.00
C ASP A 1668 45.29 -11.57 34.48
N ARG A 1669 45.05 -11.48 35.78
CA ARG A 1669 43.76 -11.88 36.40
C ARG A 1669 42.68 -10.86 36.03
N TYR A 1670 43.01 -9.57 36.09
CA TYR A 1670 42.08 -8.48 35.73
C TYR A 1670 41.71 -8.59 34.26
N ASN A 1671 42.71 -8.79 33.41
CA ASN A 1671 42.48 -8.86 31.94
C ASN A 1671 41.60 -10.07 31.62
N GLU A 1672 41.82 -11.19 32.27
CA GLU A 1672 41.00 -12.41 32.06
C GLU A 1672 39.56 -12.08 32.48
N TYR A 1673 39.42 -11.51 33.68
CA TYR A 1673 38.12 -11.04 34.25
C TYR A 1673 37.44 -10.17 33.20
N VAL A 1674 38.06 -9.06 32.79
CA VAL A 1674 37.49 -8.09 31.81
C VAL A 1674 37.00 -8.78 30.53
N ALA A 1675 37.72 -9.78 30.06
CA ALA A 1675 37.37 -10.50 28.82
C ALA A 1675 36.07 -11.27 29.05
N LYS A 1676 35.96 -11.95 30.20
CA LYS A 1676 34.83 -12.83 30.53
C LYS A 1676 33.59 -12.00 30.75
N VAL A 1677 33.73 -10.83 31.37
CA VAL A 1677 32.60 -9.92 31.64
C VAL A 1677 32.09 -9.41 30.30
N SER A 1678 32.97 -8.94 29.43
CA SER A 1678 32.53 -8.38 28.13
C SER A 1678 31.72 -9.44 27.39
N ALA A 1679 32.11 -10.71 27.49
CA ALA A 1679 31.40 -11.81 26.78
C ALA A 1679 30.03 -12.03 27.42
N ARG A 1680 30.02 -12.08 28.75
CA ARG A 1680 28.82 -12.28 29.58
C ARG A 1680 27.83 -11.13 29.36
N GLU A 1681 28.35 -9.91 29.26
CA GLU A 1681 27.55 -8.68 29.12
C GLU A 1681 26.82 -8.79 27.79
N LYS A 1682 27.51 -9.16 26.71
CA LYS A 1682 26.89 -9.30 25.37
C LYS A 1682 25.76 -10.33 25.46
N SER A 1683 26.04 -11.52 25.96
CA SER A 1683 25.04 -12.60 26.09
C SER A 1683 23.84 -12.19 26.96
N ALA A 1684 24.07 -11.36 27.96
CA ALA A 1684 23.02 -10.77 28.83
C ALA A 1684 22.16 -9.84 28.00
N TYR A 1685 22.77 -8.99 27.18
CA TYR A 1685 22.01 -8.02 26.37
C TYR A 1685 21.10 -8.75 25.36
N LYS A 1686 21.62 -9.83 24.81
CA LYS A 1686 20.93 -10.72 23.86
C LYS A 1686 19.71 -11.30 24.56
N PHE A 1687 19.94 -11.94 25.70
CA PHE A 1687 18.89 -12.57 26.52
C PHE A 1687 17.84 -11.54 26.91
N PHE A 1688 18.28 -10.34 27.28
CA PHE A 1688 17.38 -9.29 27.83
C PHE A 1688 16.39 -8.88 26.76
N HIS A 1689 16.85 -8.49 25.58
CA HIS A 1689 15.99 -7.93 24.52
C HIS A 1689 15.05 -9.01 24.00
N ASN A 1690 15.56 -10.19 23.76
CA ASN A 1690 14.73 -11.34 23.35
C ASN A 1690 13.61 -11.50 24.37
N GLY A 1691 13.95 -11.63 25.65
CA GLY A 1691 12.97 -11.79 26.75
C GLY A 1691 11.96 -10.66 26.82
N MET A 1692 12.39 -9.43 26.60
CA MET A 1692 11.50 -8.25 26.70
C MET A 1692 10.44 -8.37 25.61
N ILE A 1693 10.83 -8.44 24.35
CA ILE A 1693 9.85 -8.35 23.22
C ILE A 1693 8.96 -9.61 23.23
N TYR A 1694 9.46 -10.76 23.67
CA TYR A 1694 8.71 -12.03 23.62
C TYR A 1694 8.10 -12.42 24.98
N ASN A 1695 8.10 -11.49 25.92
CA ASN A 1695 7.51 -11.61 27.27
C ASN A 1695 7.93 -12.92 27.92
N LYS A 1696 9.23 -13.18 27.96
CA LYS A 1696 9.79 -14.43 28.53
C LYS A 1696 11.17 -14.16 29.12
N LEU A 1697 11.28 -13.06 29.85
CA LEU A 1697 12.45 -12.73 30.70
C LEU A 1697 12.48 -13.74 31.84
N PHE A 1698 11.35 -13.96 32.50
CA PHE A 1698 11.15 -15.01 33.53
C PHE A 1698 10.87 -16.35 32.85
N VAL A 1699 11.65 -17.36 33.20
CA VAL A 1699 11.45 -18.74 32.67
C VAL A 1699 11.51 -19.70 33.84
N SER A 1700 10.37 -20.27 34.21
CA SER A 1700 10.29 -21.14 35.40
C SER A 1700 11.03 -22.41 35.00
N LYS A 1701 11.87 -22.88 35.89
CA LYS A 1701 12.49 -24.21 35.77
C LYS A 1701 11.38 -25.24 35.95
N GLU A 1702 11.37 -26.24 35.08
CA GLU A 1702 10.40 -27.36 35.09
C GLU A 1702 11.03 -28.49 35.91
N HIS A 1703 12.36 -28.68 35.80
CA HIS A 1703 13.10 -29.72 36.54
C HIS A 1703 14.30 -29.10 37.26
N ALA A 1704 14.65 -29.71 38.40
CA ALA A 1704 15.93 -29.50 39.10
C ALA A 1704 17.06 -29.83 38.14
N PRO A 1705 18.28 -29.34 38.37
CA PRO A 1705 19.41 -29.70 37.52
C PRO A 1705 19.81 -31.17 37.73
N TYR A 1706 19.24 -31.87 38.69
CA TYR A 1706 19.51 -33.33 38.91
C TYR A 1706 18.18 -34.09 38.82
N THR A 1707 18.24 -35.29 38.23
CA THR A 1707 17.15 -36.30 38.29
C THR A 1707 17.00 -36.78 39.73
N ASP A 1708 15.81 -37.20 40.11
CA ASP A 1708 15.49 -37.63 41.50
C ASP A 1708 16.33 -38.86 41.89
N GLU A 1709 16.92 -39.59 40.94
CA GLU A 1709 17.82 -40.74 41.20
C GLU A 1709 19.20 -40.24 41.64
N LEU A 1710 19.65 -39.08 41.14
CA LEU A 1710 20.98 -38.49 41.46
C LEU A 1710 20.90 -37.45 42.58
N GLU A 1711 19.71 -37.08 43.05
CA GLU A 1711 19.48 -35.98 44.02
C GLU A 1711 20.38 -36.18 45.24
N GLU A 1712 20.36 -37.36 45.85
CA GLU A 1712 21.13 -37.64 47.10
C GLU A 1712 22.61 -37.83 46.79
N ASP A 1713 22.98 -38.21 45.57
CA ASP A 1713 24.41 -38.34 45.17
C ASP A 1713 24.99 -36.93 45.04
N VAL A 1714 24.24 -36.01 44.42
CA VAL A 1714 24.67 -34.60 44.24
C VAL A 1714 24.84 -33.96 45.62
N TYR A 1715 23.78 -33.88 46.40
CA TYR A 1715 23.77 -33.30 47.78
C TYR A 1715 24.98 -33.76 48.58
N LEU A 1716 25.27 -35.05 48.57
CA LEU A 1716 26.33 -35.61 49.43
C LEU A 1716 27.73 -35.31 48.85
N ASP A 1717 27.88 -35.03 47.55
CA ASP A 1717 29.21 -34.73 46.93
C ASP A 1717 29.46 -33.22 46.86
N PRO A 1718 30.41 -32.66 47.63
CA PRO A 1718 30.66 -31.23 47.59
C PRO A 1718 31.32 -30.70 46.32
N LEU A 1719 31.84 -31.59 45.45
CA LEU A 1719 32.52 -31.18 44.20
C LEU A 1719 31.66 -31.47 42.97
N ALA A 1720 30.44 -31.98 43.15
CA ALA A 1720 29.50 -32.17 42.03
C ALA A 1720 29.22 -30.82 41.39
N ARG A 1721 29.29 -30.75 40.06
CA ARG A 1721 29.04 -29.51 39.29
C ARG A 1721 28.28 -29.86 38.04
N VAL A 1722 27.45 -28.94 37.56
CA VAL A 1722 26.66 -29.17 36.33
C VAL A 1722 27.60 -29.05 35.14
N SER A 1723 27.26 -29.76 34.08
CA SER A 1723 27.90 -29.72 32.75
C SER A 1723 26.77 -29.57 31.74
N LYS A 1724 27.08 -29.02 30.57
CA LYS A 1724 26.11 -28.88 29.45
C LYS A 1724 25.84 -30.29 28.92
N ASP A 1725 24.58 -30.71 28.92
CA ASP A 1725 24.11 -31.97 28.29
C ASP A 1725 24.19 -31.77 26.77
N LYS A 1726 24.67 -32.76 26.03
CA LYS A 1726 24.80 -32.68 24.54
C LYS A 1726 23.40 -32.74 23.89
N LYS A 1727 22.51 -33.60 24.39
CA LYS A 1727 21.13 -33.80 23.84
C LYS A 1727 20.34 -32.49 23.96
N SER A 1728 20.00 -32.10 25.19
CA SER A 1728 19.06 -31.00 25.54
C SER A 1728 19.75 -29.63 25.48
N GLY A 1729 21.06 -29.56 25.70
CA GLY A 1729 21.84 -28.31 25.77
C GLY A 1729 21.73 -27.63 27.14
N SER A 1730 20.89 -28.16 28.04
CA SER A 1730 20.62 -27.59 29.39
C SER A 1730 21.67 -28.10 30.38
N LEU A 1731 22.04 -27.26 31.35
CA LEU A 1731 23.00 -27.59 32.42
C LEU A 1731 22.34 -28.56 33.40
N THR A 1732 22.93 -29.73 33.55
CA THR A 1732 22.45 -30.84 34.41
C THR A 1732 23.63 -31.51 35.08
N PHE A 1733 23.35 -32.24 36.15
CA PHE A 1733 24.31 -33.15 36.80
C PHE A 1733 24.34 -34.46 36.02
N ASN A 1734 25.56 -34.91 35.76
CA ASN A 1734 25.89 -36.17 35.05
C ASN A 1734 26.60 -37.09 36.05
N SER A 1735 26.19 -38.36 36.15
CA SER A 1735 26.76 -39.38 37.08
C SER A 1735 28.29 -39.46 36.98
N LYS A 1736 28.88 -39.17 35.83
CA LYS A 1736 30.36 -39.19 35.63
C LYS A 1736 31.04 -38.17 36.54
N ASN A 1737 30.46 -36.97 36.71
CA ASN A 1737 31.06 -35.83 37.46
C ASN A 1737 30.62 -35.84 38.93
N ILE A 1738 30.14 -36.98 39.46
CA ILE A 1738 29.72 -37.17 40.88
C ILE A 1738 30.61 -38.25 41.52
N GLN A 1739 31.33 -37.87 42.57
CA GLN A 1739 32.37 -38.67 43.27
C GLN A 1739 33.47 -39.08 42.27
N SER A 1740 33.68 -38.27 41.24
CA SER A 1740 34.75 -38.35 40.22
C SER A 1740 36.09 -38.07 40.89
N LYS A 1741 37.09 -38.94 40.70
CA LYS A 1741 38.47 -38.70 41.19
C LYS A 1741 39.03 -37.46 40.48
N ASP A 1742 38.55 -37.13 39.27
CA ASP A 1742 38.99 -35.93 38.49
C ASP A 1742 38.59 -34.62 39.19
N SER A 1743 37.53 -34.63 39.99
CA SER A 1743 37.10 -33.44 40.76
C SER A 1743 38.18 -33.13 41.80
N TYR A 1744 38.60 -34.13 42.58
CA TYR A 1744 39.52 -33.95 43.73
C TYR A 1744 40.95 -33.79 43.20
N ILE A 1745 41.42 -34.82 42.49
CA ILE A 1745 42.82 -34.96 41.96
C ILE A 1745 42.86 -34.33 40.58
N ASN A 1746 43.43 -33.13 40.50
CA ASN A 1746 43.51 -32.27 39.28
C ASN A 1746 44.93 -32.33 38.72
N ALA A 1747 45.15 -31.74 37.53
CA ALA A 1747 46.44 -31.73 36.81
C ALA A 1747 47.57 -31.41 37.78
N ASN A 1748 47.44 -30.31 38.52
CA ASN A 1748 48.51 -29.79 39.43
C ASN A 1748 48.85 -30.82 40.50
N THR A 1749 47.89 -31.59 41.01
CA THR A 1749 48.11 -32.63 42.05
C THR A 1749 48.84 -33.83 41.45
N ILE A 1750 48.44 -34.23 40.24
CA ILE A 1750 49.10 -35.33 39.45
C ILE A 1750 50.56 -34.93 39.20
N GLU A 1751 50.80 -33.71 38.69
CA GLU A 1751 52.14 -33.18 38.34
C GLU A 1751 53.05 -33.20 39.58
N THR A 1752 52.57 -32.68 40.72
CA THR A 1752 53.35 -32.51 41.98
C THR A 1752 53.59 -33.87 42.64
N ALA A 1753 52.62 -34.79 42.55
CA ALA A 1753 52.78 -36.21 42.98
C ALA A 1753 53.93 -36.84 42.19
N LYS A 1754 53.84 -36.80 40.85
CA LYS A 1754 54.85 -37.39 39.93
C LYS A 1754 56.25 -36.90 40.32
N MET A 1755 56.41 -35.60 40.61
CA MET A 1755 57.71 -34.95 40.96
C MET A 1755 58.33 -35.62 42.19
N ILE A 1756 57.52 -36.02 43.17
CA ILE A 1756 57.98 -36.73 44.41
C ILE A 1756 58.23 -38.22 44.11
N GLU A 1757 57.35 -38.85 43.32
CA GLU A 1757 57.50 -40.26 42.89
C GLU A 1757 58.89 -40.40 42.22
N ASN A 1758 59.25 -39.50 41.30
CA ASN A 1758 60.56 -39.46 40.58
C ASN A 1758 61.66 -38.81 41.45
N MET A 1759 61.49 -38.82 42.78
CA MET A 1759 62.43 -38.24 43.78
C MET A 1759 62.70 -39.22 44.93
N THR A 1760 61.95 -40.34 45.03
CA THR A 1760 62.15 -41.39 46.08
C THR A 1760 63.43 -42.18 45.78
N LYS A 1761 64.07 -42.72 46.83
CA LYS A 1761 65.41 -43.40 46.81
C LYS A 1761 65.44 -44.52 45.75
N GLU A 1762 64.35 -45.29 45.64
CA GLU A 1762 64.20 -46.40 44.66
C GLU A 1762 64.28 -45.84 43.23
N LYS A 1763 63.65 -44.68 42.95
CA LYS A 1763 63.61 -44.05 41.60
C LYS A 1763 64.96 -43.37 41.32
N VAL A 1764 65.36 -42.40 42.15
CA VAL A 1764 66.65 -41.65 41.98
C VAL A 1764 67.35 -41.52 43.33
N SER A 1765 68.63 -41.94 43.39
CA SER A 1765 69.54 -41.89 44.56
C SER A 1765 70.97 -41.64 44.08
N ASN A 1766 71.88 -41.31 45.00
CA ASN A 1766 73.34 -41.14 44.75
C ASN A 1766 73.58 -39.82 44.02
N GLY A 1767 73.20 -38.70 44.62
CA GLY A 1767 73.32 -37.34 44.05
C GLY A 1767 72.37 -36.35 44.69
N GLY A 1768 72.87 -35.16 45.05
CA GLY A 1768 72.11 -34.09 45.75
C GLY A 1768 70.79 -33.78 45.05
N VAL A 1769 69.72 -33.64 45.84
CA VAL A 1769 68.36 -33.24 45.36
C VAL A 1769 67.92 -32.01 46.15
N GLY A 1770 67.38 -31.01 45.44
CA GLY A 1770 66.80 -29.78 46.01
C GLY A 1770 65.32 -29.71 45.70
N VAL A 1771 64.52 -29.31 46.69
CA VAL A 1771 63.07 -29.01 46.55
C VAL A 1771 62.91 -27.56 47.00
N ASP A 1772 62.35 -26.72 46.14
CA ASP A 1772 61.90 -25.35 46.51
C ASP A 1772 60.46 -25.14 46.02
N VAL A 1773 59.61 -24.67 46.93
CA VAL A 1773 58.23 -24.21 46.65
C VAL A 1773 58.23 -22.69 46.84
N GLU A 1774 57.47 -21.97 46.02
CA GLU A 1774 57.28 -20.50 46.10
C GLU A 1774 55.81 -20.20 45.86
N LEU A 1775 55.20 -19.43 46.76
CA LEU A 1775 53.82 -18.92 46.58
C LEU A 1775 53.84 -17.86 45.48
N ILE A 1776 52.90 -17.95 44.53
CA ILE A 1776 52.89 -17.07 43.32
C ILE A 1776 52.56 -15.63 43.73
N THR A 1777 51.99 -15.40 44.92
CA THR A 1777 51.70 -14.05 45.46
C THR A 1777 53.03 -13.30 45.73
N SER A 1778 54.13 -14.01 45.99
CA SER A 1778 55.47 -13.45 46.29
C SER A 1778 56.16 -12.90 45.03
N ILE A 1779 55.60 -13.09 43.83
CA ILE A 1779 56.07 -12.45 42.57
C ILE A 1779 55.32 -11.13 42.38
N ASN A 1780 56.06 -10.02 42.21
CA ASN A 1780 55.51 -8.73 41.73
C ASN A 1780 56.11 -8.48 40.35
N VAL A 1781 55.42 -8.90 39.28
CA VAL A 1781 55.88 -8.79 37.86
C VAL A 1781 56.04 -7.30 37.47
N GLU A 1782 55.23 -6.42 38.05
CA GLU A 1782 55.33 -4.94 37.93
C GLU A 1782 56.71 -4.50 38.47
N ASN A 1783 57.17 -5.08 39.58
CA ASN A 1783 58.50 -4.82 40.22
C ASN A 1783 59.60 -5.35 39.28
N ASP A 1784 59.95 -4.55 38.26
CA ASP A 1784 60.84 -4.88 37.11
C ASP A 1784 62.29 -5.09 37.55
N THR A 1785 62.77 -4.38 38.57
CA THR A 1785 64.17 -4.47 39.08
C THR A 1785 64.49 -5.90 39.53
N PHE A 1786 63.57 -6.57 40.23
CA PHE A 1786 63.70 -7.99 40.68
C PHE A 1786 63.75 -8.94 39.47
N ILE A 1787 62.96 -8.66 38.43
CA ILE A 1787 62.81 -9.50 37.20
C ILE A 1787 64.13 -9.44 36.40
N GLU A 1788 64.69 -8.25 36.16
CA GLU A 1788 65.92 -8.08 35.34
C GLU A 1788 67.15 -8.54 36.13
N ARG A 1789 67.12 -8.44 37.46
CA ARG A 1789 68.25 -8.84 38.34
C ARG A 1789 68.34 -10.39 38.45
N ASN A 1790 67.20 -11.09 38.54
CA ASN A 1790 67.16 -12.54 38.90
C ASN A 1790 66.86 -13.44 37.69
N PHE A 1791 66.29 -12.91 36.59
CA PHE A 1791 65.86 -13.71 35.41
C PHE A 1791 66.64 -13.25 34.16
N THR A 1792 66.90 -14.20 33.26
CA THR A 1792 67.54 -13.97 31.94
C THR A 1792 66.48 -13.37 31.02
N PRO A 1793 66.87 -12.57 30.00
CA PRO A 1793 65.90 -11.94 29.10
C PRO A 1793 65.03 -12.90 28.26
N GLN A 1794 65.48 -14.15 28.00
CA GLN A 1794 64.70 -15.19 27.25
C GLN A 1794 63.71 -15.89 28.19
N GLU A 1795 64.06 -16.04 29.48
CA GLU A 1795 63.13 -16.51 30.57
C GLU A 1795 61.95 -15.54 30.66
N ILE A 1796 62.24 -14.24 30.75
CA ILE A 1796 61.24 -13.12 30.83
C ILE A 1796 60.34 -13.17 29.60
N GLU A 1797 60.92 -13.37 28.41
CA GLU A 1797 60.21 -13.41 27.11
C GLU A 1797 59.24 -14.58 27.08
N TYR A 1798 59.66 -15.75 27.59
CA TYR A 1798 58.81 -16.95 27.72
C TYR A 1798 57.67 -16.70 28.72
N CYS A 1799 58.02 -16.40 29.97
CA CYS A 1799 57.10 -16.15 31.11
C CYS A 1799 55.99 -15.15 30.74
N SER A 1800 56.35 -14.02 30.10
CA SER A 1800 55.40 -12.97 29.66
C SER A 1800 54.37 -13.55 28.67
N ALA A 1801 54.78 -14.44 27.78
CA ALA A 1801 53.94 -14.98 26.67
C ALA A 1801 52.94 -16.04 27.17
N GLN A 1802 52.83 -16.26 28.49
CA GLN A 1802 52.02 -17.34 29.11
C GLN A 1802 50.65 -16.79 29.53
N PRO A 1803 49.62 -17.66 29.72
CA PRO A 1803 48.33 -17.24 30.27
C PRO A 1803 48.40 -16.60 31.67
N SER A 1804 49.17 -17.19 32.59
CA SER A 1804 49.47 -16.63 33.93
C SER A 1804 50.95 -16.31 34.04
N VAL A 1805 51.31 -15.03 33.88
CA VAL A 1805 52.72 -14.52 33.91
C VAL A 1805 53.27 -14.76 35.32
N GLN A 1806 52.49 -14.41 36.33
CA GLN A 1806 52.89 -14.49 37.75
C GLN A 1806 53.15 -15.95 38.14
N SER A 1807 52.29 -16.87 37.73
CA SER A 1807 52.46 -18.33 38.00
C SER A 1807 53.76 -18.83 37.34
N SER A 1808 53.98 -18.48 36.07
CA SER A 1808 55.16 -18.90 35.26
C SER A 1808 56.46 -18.34 35.84
N PHE A 1809 56.50 -17.09 36.27
CA PHE A 1809 57.69 -16.47 36.93
C PHE A 1809 57.99 -17.20 38.25
N ALA A 1810 56.99 -17.67 38.97
CA ALA A 1810 57.13 -18.39 40.27
C ALA A 1810 57.71 -19.78 40.00
N GLY A 1811 57.23 -20.42 38.93
CA GLY A 1811 57.71 -21.72 38.46
C GLY A 1811 59.18 -21.68 38.10
N THR A 1812 59.61 -20.63 37.42
CA THR A 1812 61.03 -20.41 37.03
C THR A 1812 61.84 -20.09 38.30
N TRP A 1813 61.37 -19.18 39.16
CA TRP A 1813 62.09 -18.77 40.40
C TRP A 1813 62.25 -19.97 41.32
N SER A 1814 61.21 -20.78 41.48
CA SER A 1814 61.25 -22.03 42.28
C SER A 1814 62.30 -22.98 41.68
N ALA A 1815 62.40 -23.02 40.36
CA ALA A 1815 63.32 -23.90 39.60
C ALA A 1815 64.79 -23.43 39.71
N LYS A 1816 65.03 -22.17 40.05
CA LYS A 1816 66.42 -21.66 40.26
C LYS A 1816 66.89 -22.05 41.67
N GLU A 1817 66.06 -21.87 42.70
CA GLU A 1817 66.41 -22.27 44.10
C GLU A 1817 66.41 -23.80 44.22
N ALA A 1818 65.61 -24.50 43.43
CA ALA A 1818 65.60 -25.98 43.34
C ALA A 1818 66.98 -26.47 42.94
N VAL A 1819 67.47 -25.98 41.80
CA VAL A 1819 68.81 -26.26 41.21
C VAL A 1819 69.91 -25.81 42.18
N PHE A 1820 69.82 -24.60 42.73
CA PHE A 1820 70.82 -24.05 43.69
C PHE A 1820 71.01 -25.02 44.86
N LYS A 1821 69.92 -25.55 45.43
CA LYS A 1821 69.95 -26.52 46.57
C LYS A 1821 70.46 -27.88 46.09
N SER A 1822 70.13 -28.29 44.86
CA SER A 1822 70.54 -29.59 44.27
C SER A 1822 72.07 -29.65 44.18
N LEU A 1823 72.71 -28.57 43.72
CA LEU A 1823 74.19 -28.40 43.65
C LEU A 1823 74.77 -28.57 45.07
N GLY A 1824 74.07 -28.04 46.07
CA GLY A 1824 74.38 -28.22 47.51
C GLY A 1824 75.49 -27.29 48.00
N VAL A 1825 76.11 -26.53 47.10
CA VAL A 1825 77.27 -25.63 47.40
C VAL A 1825 76.78 -24.48 48.28
N LYS A 1826 77.67 -23.93 49.09
CA LYS A 1826 77.39 -22.78 49.99
C LYS A 1826 77.24 -21.53 49.13
N SER A 1827 76.24 -20.69 49.44
CA SER A 1827 75.95 -19.40 48.75
C SER A 1827 77.19 -18.49 48.80
N LEU A 1828 77.62 -17.97 47.65
CA LEU A 1828 78.77 -17.04 47.51
C LEU A 1828 78.49 -15.76 48.30
N GLY A 1829 77.26 -15.23 48.19
CA GLY A 1829 76.75 -14.07 48.96
C GLY A 1829 75.39 -14.36 49.58
N GLY A 1830 75.02 -13.60 50.62
CA GLY A 1830 73.74 -13.71 51.35
C GLY A 1830 72.54 -13.52 50.44
N GLY A 1831 72.61 -12.57 49.50
CA GLY A 1831 71.58 -12.28 48.47
C GLY A 1831 72.15 -12.35 47.06
N ALA A 1832 72.90 -13.42 46.75
CA ALA A 1832 73.60 -13.66 45.47
C ALA A 1832 72.58 -14.01 44.38
N ALA A 1833 72.55 -13.23 43.29
CA ALA A 1833 71.55 -13.31 42.19
C ALA A 1833 71.63 -14.68 41.50
N LEU A 1834 70.46 -15.29 41.26
CA LEU A 1834 70.30 -16.61 40.61
C LEU A 1834 70.19 -16.44 39.09
N LYS A 1835 70.61 -15.28 38.56
CA LYS A 1835 70.67 -14.99 37.10
C LYS A 1835 71.58 -16.01 36.39
N ASP A 1836 72.62 -16.49 37.10
CA ASP A 1836 73.56 -17.55 36.66
C ASP A 1836 72.75 -18.75 36.18
N ILE A 1837 71.94 -19.33 37.09
CA ILE A 1837 71.13 -20.57 36.85
C ILE A 1837 70.01 -20.23 35.86
N GLU A 1838 70.12 -20.72 34.62
CA GLU A 1838 69.17 -20.44 33.51
C GLU A 1838 68.36 -21.71 33.24
N ILE A 1839 67.06 -21.55 32.96
CA ILE A 1839 66.07 -22.64 32.70
C ILE A 1839 65.47 -22.42 31.31
N VAL A 1840 65.65 -23.37 30.37
CA VAL A 1840 65.20 -23.25 28.94
C VAL A 1840 63.84 -23.97 28.80
N ARG A 1841 62.87 -23.56 29.61
CA ARG A 1841 61.49 -24.12 29.63
C ARG A 1841 60.83 -23.75 28.29
N VAL A 1842 60.40 -24.77 27.54
CA VAL A 1842 59.66 -24.68 26.26
C VAL A 1842 58.29 -25.35 26.47
N ASN A 1843 57.26 -24.96 25.72
CA ASN A 1843 55.88 -25.51 25.83
C ASN A 1843 55.90 -27.00 25.49
N LYS A 1844 55.18 -27.82 26.27
CA LYS A 1844 55.03 -29.30 26.17
C LYS A 1844 56.41 -29.99 26.06
N ASN A 1845 57.47 -29.38 26.62
CA ASN A 1845 58.86 -29.90 26.66
C ASN A 1845 59.34 -29.81 28.11
N ALA A 1846 60.00 -30.84 28.63
CA ALA A 1846 60.63 -30.85 29.97
C ALA A 1846 61.68 -29.75 30.01
N PRO A 1847 61.70 -28.90 31.07
CA PRO A 1847 62.70 -27.83 31.17
C PRO A 1847 64.10 -28.37 31.46
N ALA A 1848 65.13 -27.82 30.80
CA ALA A 1848 66.55 -28.18 30.99
C ALA A 1848 67.28 -27.02 31.67
N VAL A 1849 68.28 -27.35 32.49
CA VAL A 1849 69.13 -26.39 33.23
C VAL A 1849 70.37 -26.11 32.40
N GLU A 1850 70.80 -24.84 32.37
CA GLU A 1850 72.09 -24.39 31.78
C GLU A 1850 72.69 -23.38 32.75
N LEU A 1851 73.89 -23.65 33.27
CA LEU A 1851 74.59 -22.74 34.23
C LEU A 1851 75.61 -21.90 33.45
N HIS A 1852 75.62 -20.58 33.64
CA HIS A 1852 76.43 -19.61 32.86
C HIS A 1852 77.66 -19.19 33.69
N GLY A 1853 77.46 -18.41 34.75
CA GLY A 1853 78.54 -17.76 35.51
C GLY A 1853 79.13 -18.64 36.61
N ASN A 1854 79.00 -18.22 37.87
CA ASN A 1854 79.60 -18.86 39.07
C ASN A 1854 78.88 -20.18 39.42
N ALA A 1855 77.65 -20.36 38.94
CA ALA A 1855 76.87 -21.61 39.04
C ALA A 1855 77.57 -22.71 38.22
N LYS A 1856 78.04 -22.38 37.01
CA LYS A 1856 78.75 -23.31 36.09
C LYS A 1856 80.03 -23.83 36.76
N LYS A 1857 80.74 -22.97 37.51
CA LYS A 1857 81.98 -23.32 38.24
C LYS A 1857 81.67 -24.08 39.53
N ALA A 1858 80.60 -23.70 40.24
CA ALA A 1858 80.11 -24.37 41.48
C ALA A 1858 79.71 -25.83 41.18
N ALA A 1859 79.25 -26.11 39.96
CA ALA A 1859 78.87 -27.46 39.46
C ALA A 1859 80.12 -28.25 38.99
N GLU A 1860 81.28 -27.60 38.89
CA GLU A 1860 82.55 -28.20 38.37
C GLU A 1860 83.43 -28.66 39.54
N GLU A 1861 83.54 -27.88 40.63
CA GLU A 1861 84.29 -28.30 41.85
C GLU A 1861 83.49 -29.34 42.64
N ALA A 1862 82.16 -29.39 42.47
CA ALA A 1862 81.25 -30.38 43.11
C ALA A 1862 81.11 -31.64 42.23
N GLY A 1863 81.73 -31.67 41.05
CA GLY A 1863 81.73 -32.81 40.11
C GLY A 1863 80.31 -33.18 39.69
N VAL A 1864 79.56 -32.19 39.20
CA VAL A 1864 78.13 -32.32 38.77
C VAL A 1864 78.09 -32.21 37.23
N THR A 1865 77.81 -33.34 36.56
CA THR A 1865 77.75 -33.48 35.07
C THR A 1865 76.46 -32.83 34.55
N ASP A 1866 75.30 -33.38 34.93
CA ASP A 1866 73.94 -32.95 34.47
C ASP A 1866 73.09 -32.54 35.68
N VAL A 1867 72.22 -31.53 35.50
CA VAL A 1867 71.17 -31.09 36.47
C VAL A 1867 69.82 -31.08 35.75
N LYS A 1868 68.89 -31.94 36.16
CA LYS A 1868 67.49 -31.96 35.63
C LYS A 1868 66.57 -31.28 36.66
N VAL A 1869 65.45 -30.73 36.21
CA VAL A 1869 64.44 -29.98 37.02
C VAL A 1869 63.02 -30.29 36.51
N SER A 1870 62.12 -30.67 37.41
CA SER A 1870 60.65 -30.78 37.18
C SER A 1870 59.98 -29.58 37.86
N ILE A 1871 58.97 -28.97 37.21
CA ILE A 1871 58.24 -27.77 37.71
C ILE A 1871 56.72 -27.99 37.53
N SER A 1872 55.97 -27.98 38.64
CA SER A 1872 54.48 -27.82 38.64
C SER A 1872 54.15 -26.49 39.32
N HIS A 1873 53.35 -25.65 38.63
CA HIS A 1873 52.86 -24.34 39.11
C HIS A 1873 51.38 -24.21 38.81
N ASP A 1874 50.62 -23.57 39.71
CA ASP A 1874 49.19 -23.22 39.53
C ASP A 1874 48.92 -21.82 40.11
N ASP A 1875 47.67 -21.54 40.48
CA ASP A 1875 47.18 -20.23 41.00
C ASP A 1875 47.58 -20.02 42.47
N LEU A 1876 48.16 -21.01 43.16
CA LEU A 1876 48.58 -20.87 44.58
C LEU A 1876 50.11 -20.89 44.67
N GLN A 1877 50.71 -22.03 44.30
CA GLN A 1877 52.12 -22.37 44.60
C GLN A 1877 52.78 -22.99 43.37
N ALA A 1878 54.07 -22.70 43.21
CA ALA A 1878 54.97 -23.36 42.23
C ALA A 1878 55.97 -24.22 43.02
N VAL A 1879 55.97 -25.53 42.75
CA VAL A 1879 56.93 -26.52 43.31
C VAL A 1879 57.93 -26.87 42.22
N ALA A 1880 59.20 -27.03 42.58
CA ALA A 1880 60.29 -27.42 41.66
C ALA A 1880 61.20 -28.41 42.37
N VAL A 1881 61.54 -29.51 41.69
CA VAL A 1881 62.43 -30.59 42.19
C VAL A 1881 63.57 -30.74 41.18
N ALA A 1882 64.78 -30.36 41.58
CA ALA A 1882 66.00 -30.47 40.75
C ALA A 1882 66.91 -31.56 41.33
N VAL A 1883 67.36 -32.46 40.48
CA VAL A 1883 68.32 -33.57 40.81
C VAL A 1883 69.62 -33.29 40.05
N SER A 1884 70.73 -33.26 40.78
CA SER A 1884 72.11 -33.08 40.25
C SER A 1884 72.85 -34.43 40.35
N THR A 1885 73.16 -35.05 39.21
CA THR A 1885 73.99 -36.28 39.11
C THR A 1885 75.47 -35.89 39.25
N LYS A 1886 76.38 -36.89 39.22
CA LYS A 1886 77.84 -36.72 39.42
C LYS A 1886 78.61 -37.52 38.37
N ILE B 140 -31.64 -8.15 4.63
CA ILE B 140 -31.11 -8.54 5.99
C ILE B 140 -29.68 -7.99 6.15
N ALA B 141 -28.89 -8.52 7.10
CA ALA B 141 -27.49 -8.12 7.39
C ALA B 141 -26.57 -8.47 6.21
N ASP B 142 -25.75 -7.50 5.78
CA ASP B 142 -24.78 -7.62 4.65
C ASP B 142 -23.36 -7.79 5.22
N GLU B 143 -22.94 -9.03 5.46
CA GLU B 143 -21.54 -9.41 5.84
C GLU B 143 -20.80 -9.80 4.56
N PRO B 144 -19.54 -9.34 4.32
CA PRO B 144 -18.79 -9.70 3.11
C PRO B 144 -18.46 -11.20 3.05
N VAL B 145 -18.44 -11.78 1.84
CA VAL B 145 -18.20 -13.25 1.60
C VAL B 145 -16.85 -13.65 2.18
N LYS B 146 -16.81 -14.80 2.86
CA LYS B 146 -15.59 -15.36 3.50
C LYS B 146 -14.69 -15.94 2.40
N ALA B 147 -13.37 -15.83 2.56
CA ALA B 147 -12.33 -16.32 1.64
C ALA B 147 -12.25 -17.85 1.69
N SER B 148 -12.49 -18.46 2.87
CA SER B 148 -12.51 -19.93 3.11
C SER B 148 -13.62 -20.62 2.32
N LEU B 149 -14.77 -19.96 2.12
CA LEU B 149 -15.89 -20.46 1.28
C LEU B 149 -15.52 -20.31 -0.19
N LEU B 150 -15.06 -19.11 -0.59
CA LEU B 150 -14.67 -18.79 -1.99
C LEU B 150 -13.62 -19.81 -2.46
N LEU B 151 -12.52 -19.96 -1.70
CA LEU B 151 -11.40 -20.89 -2.01
C LEU B 151 -11.92 -22.33 -2.15
N HIS B 152 -12.81 -22.77 -1.24
CA HIS B 152 -13.39 -24.14 -1.19
C HIS B 152 -14.29 -24.39 -2.42
N VAL B 153 -14.97 -23.37 -2.91
CA VAL B 153 -15.85 -23.42 -4.13
C VAL B 153 -14.98 -23.59 -5.38
N LEU B 154 -13.94 -22.75 -5.54
CA LEU B 154 -13.02 -22.71 -6.72
C LEU B 154 -12.30 -24.06 -6.89
N VAL B 155 -11.82 -24.64 -5.79
CA VAL B 155 -11.16 -25.97 -5.74
C VAL B 155 -12.21 -27.04 -6.11
N ALA B 156 -13.39 -27.01 -5.48
CA ALA B 156 -14.50 -27.96 -5.70
C ALA B 156 -14.98 -27.91 -7.17
N HIS B 157 -15.04 -26.71 -7.76
CA HIS B 157 -15.44 -26.49 -9.18
C HIS B 157 -14.38 -27.09 -10.14
N LYS B 158 -13.10 -26.90 -9.81
CA LYS B 158 -11.95 -27.34 -10.64
C LYS B 158 -11.82 -28.88 -10.60
N LEU B 159 -11.93 -29.47 -9.41
CA LEU B 159 -11.83 -30.94 -9.18
C LEU B 159 -13.12 -31.65 -9.63
N LYS B 160 -14.22 -30.90 -9.86
CA LYS B 160 -15.55 -31.39 -10.33
C LYS B 160 -16.18 -32.30 -9.26
N LYS B 161 -16.06 -31.92 -7.99
CA LYS B 161 -16.55 -32.69 -6.82
C LYS B 161 -17.48 -31.78 -6.00
N SER B 162 -18.41 -32.39 -5.26
CA SER B 162 -19.35 -31.70 -4.32
C SER B 162 -18.53 -31.06 -3.19
N LEU B 163 -18.96 -29.87 -2.72
CA LEU B 163 -18.25 -29.08 -1.67
C LEU B 163 -17.96 -29.96 -0.44
N ASP B 164 -18.83 -30.93 -0.11
CA ASP B 164 -18.68 -31.86 1.04
C ASP B 164 -17.53 -32.85 0.80
N SER B 165 -17.30 -33.28 -0.46
CA SER B 165 -16.29 -34.28 -0.88
C SER B 165 -14.85 -33.78 -0.66
N ILE B 166 -14.63 -32.45 -0.62
CA ILE B 166 -13.31 -31.81 -0.31
C ILE B 166 -13.31 -31.41 1.17
N PRO B 167 -12.51 -32.08 2.04
CA PRO B 167 -12.29 -31.61 3.41
C PRO B 167 -11.24 -30.49 3.42
N MET B 168 -11.46 -29.45 4.23
CA MET B 168 -10.56 -28.27 4.36
C MET B 168 -9.20 -28.66 4.95
N SER B 169 -9.11 -29.77 5.71
CA SER B 169 -7.88 -30.27 6.37
C SER B 169 -6.87 -30.78 5.32
N LYS B 170 -7.34 -31.34 4.21
CA LYS B 170 -6.47 -31.90 3.14
C LYS B 170 -5.82 -30.74 2.36
N THR B 171 -4.59 -30.95 1.89
CA THR B 171 -3.76 -29.99 1.10
C THR B 171 -4.08 -30.18 -0.38
N ILE B 172 -3.83 -29.15 -1.21
CA ILE B 172 -4.12 -29.17 -2.68
C ILE B 172 -3.33 -30.30 -3.35
N LYS B 173 -2.10 -30.57 -2.90
CA LYS B 173 -1.21 -31.65 -3.41
C LYS B 173 -1.78 -33.04 -3.08
N ASP B 174 -2.40 -33.19 -1.91
CA ASP B 174 -3.05 -34.46 -1.45
C ASP B 174 -4.37 -34.65 -2.23
N LEU B 175 -5.24 -33.63 -2.27
CA LEU B 175 -6.57 -33.63 -2.93
C LEU B 175 -6.47 -34.08 -4.39
N VAL B 176 -5.56 -33.45 -5.14
CA VAL B 176 -5.46 -33.54 -6.63
C VAL B 176 -5.05 -34.96 -7.05
N GLY B 177 -4.30 -35.69 -6.21
CA GLY B 177 -3.89 -37.08 -6.43
C GLY B 177 -2.86 -37.23 -7.53
N GLY B 178 -1.77 -36.46 -7.47
CA GLY B 178 -0.57 -36.60 -8.33
C GLY B 178 -0.69 -35.90 -9.68
N LYS B 179 -1.85 -35.33 -10.04
CA LYS B 179 -2.10 -34.59 -11.31
C LYS B 179 -1.60 -33.14 -11.21
N SER B 180 -0.28 -32.92 -11.16
CA SER B 180 0.35 -31.58 -11.08
C SER B 180 -0.31 -30.46 -11.95
N THR B 181 -0.70 -30.76 -13.22
CA THR B 181 -1.38 -29.86 -14.20
C THR B 181 -2.68 -29.28 -13.60
N VAL B 182 -3.49 -30.10 -12.91
CA VAL B 182 -4.74 -29.68 -12.19
C VAL B 182 -4.35 -28.79 -10.99
N GLN B 183 -3.40 -29.25 -10.16
CA GLN B 183 -2.85 -28.54 -8.97
C GLN B 183 -2.35 -27.15 -9.37
N ASN B 184 -1.61 -27.05 -10.47
CA ASN B 184 -0.99 -25.78 -10.97
C ASN B 184 -2.07 -24.88 -11.62
N GLU B 185 -3.16 -25.45 -12.14
CA GLU B 185 -4.33 -24.67 -12.63
C GLU B 185 -5.12 -24.13 -11.43
N ILE B 186 -5.19 -24.87 -10.31
CA ILE B 186 -5.81 -24.40 -9.02
C ILE B 186 -4.99 -23.22 -8.49
N LEU B 187 -3.67 -23.37 -8.37
CA LEU B 187 -2.74 -22.30 -7.88
C LEU B 187 -2.82 -21.08 -8.79
N GLY B 188 -3.08 -21.26 -10.09
CA GLY B 188 -3.23 -20.18 -11.08
C GLY B 188 -4.56 -19.45 -10.92
N ASP B 189 -5.62 -20.16 -10.55
CA ASP B 189 -6.99 -19.63 -10.25
C ASP B 189 -6.95 -18.80 -8.97
N LEU B 190 -6.28 -19.29 -7.93
CA LEU B 190 -6.07 -18.62 -6.62
C LEU B 190 -5.24 -17.34 -6.82
N GLY B 191 -4.16 -17.41 -7.62
CA GLY B 191 -3.27 -16.29 -7.93
C GLY B 191 -3.98 -15.16 -8.69
N LYS B 192 -4.93 -15.51 -9.55
CA LYS B 192 -5.74 -14.57 -10.37
C LYS B 192 -6.90 -14.01 -9.53
N GLU B 193 -7.45 -14.80 -8.60
CA GLU B 193 -8.61 -14.46 -7.75
C GLU B 193 -8.21 -13.41 -6.70
N PHE B 194 -7.26 -13.76 -5.82
CA PHE B 194 -6.84 -12.97 -4.63
C PHE B 194 -5.69 -12.03 -4.99
N GLY B 195 -4.69 -12.53 -5.73
CA GLY B 195 -3.45 -11.80 -6.09
C GLY B 195 -2.23 -12.48 -5.50
N THR B 196 -1.63 -11.88 -4.47
CA THR B 196 -0.45 -12.42 -3.73
C THR B 196 -0.89 -13.69 -3.01
N THR B 197 -0.06 -14.74 -3.06
CA THR B 197 -0.27 -16.05 -2.41
C THR B 197 0.91 -16.37 -1.48
N PRO B 198 0.72 -17.22 -0.43
CA PRO B 198 1.83 -17.70 0.39
C PRO B 198 2.99 -18.37 -0.38
N GLU B 199 4.05 -18.73 0.35
CA GLU B 199 5.33 -19.26 -0.21
C GLU B 199 5.07 -20.52 -1.03
N LYS B 200 4.44 -21.53 -0.40
CA LYS B 200 4.16 -22.87 -1.01
C LYS B 200 2.72 -23.27 -0.70
N PRO B 201 1.72 -22.80 -1.48
CA PRO B 201 0.30 -23.02 -1.16
C PRO B 201 -0.23 -24.45 -1.37
N GLU B 202 0.51 -25.30 -2.09
CA GLU B 202 0.06 -26.68 -2.42
C GLU B 202 0.25 -27.60 -1.19
N GLU B 203 1.20 -27.28 -0.29
CA GLU B 203 1.52 -28.07 0.95
C GLU B 203 0.80 -27.49 2.18
N THR B 204 0.35 -26.23 2.13
CA THR B 204 -0.47 -25.60 3.23
C THR B 204 -1.91 -26.11 3.11
N PRO B 205 -2.50 -26.66 4.20
CA PRO B 205 -3.91 -27.06 4.19
C PRO B 205 -4.82 -25.85 3.87
N LEU B 206 -6.05 -26.10 3.41
CA LEU B 206 -6.96 -25.07 2.87
C LEU B 206 -7.39 -24.07 3.97
N GLU B 207 -7.30 -24.43 5.25
CA GLU B 207 -7.55 -23.51 6.41
C GLU B 207 -6.49 -22.40 6.44
N GLU B 208 -5.21 -22.75 6.65
CA GLU B 208 -4.09 -21.78 6.81
C GLU B 208 -3.99 -20.90 5.57
N LEU B 209 -4.27 -21.46 4.40
CA LEU B 209 -4.31 -20.76 3.09
C LEU B 209 -5.51 -19.79 3.06
N ALA B 210 -6.67 -20.18 3.59
CA ALA B 210 -7.91 -19.36 3.63
C ALA B 210 -7.70 -18.11 4.51
N GLU B 211 -7.12 -18.27 5.72
CA GLU B 211 -6.92 -17.17 6.70
C GLU B 211 -5.77 -16.24 6.26
N THR B 212 -4.76 -16.75 5.53
CA THR B 212 -3.64 -15.92 4.96
C THR B 212 -4.17 -15.06 3.81
N PHE B 213 -5.14 -15.56 3.03
CA PHE B 213 -5.83 -14.79 1.97
C PHE B 213 -6.75 -13.73 2.61
N GLN B 214 -7.42 -14.07 3.72
CA GLN B 214 -8.40 -13.21 4.42
C GLN B 214 -7.72 -11.94 4.98
N ASP B 215 -6.45 -12.04 5.39
CA ASP B 215 -5.65 -10.91 5.95
C ASP B 215 -5.50 -9.77 4.92
N THR B 216 -5.52 -10.09 3.62
CA THR B 216 -5.44 -9.12 2.49
C THR B 216 -6.78 -9.04 1.73
N PHE B 217 -7.68 -10.03 1.87
CA PHE B 217 -8.94 -10.13 1.08
C PHE B 217 -9.88 -8.97 1.41
N SER B 218 -10.14 -8.11 0.41
CA SER B 218 -10.99 -6.89 0.52
C SER B 218 -12.49 -7.25 0.54
N GLY B 219 -12.86 -8.49 0.25
CA GLY B 219 -14.27 -8.97 0.24
C GLY B 219 -14.87 -9.02 -1.16
N ALA B 220 -14.19 -8.43 -2.16
CA ALA B 220 -14.63 -8.30 -3.57
C ALA B 220 -14.89 -9.69 -4.19
N LEU B 221 -15.77 -9.74 -5.21
CA LEU B 221 -16.17 -10.96 -5.95
C LEU B 221 -14.93 -11.66 -6.51
N GLY B 222 -14.05 -10.88 -7.18
CA GLY B 222 -12.81 -11.35 -7.85
C GLY B 222 -12.93 -11.25 -9.37
N LYS B 223 -11.84 -11.50 -10.10
CA LYS B 223 -11.86 -11.57 -11.59
C LYS B 223 -12.13 -13.00 -12.04
N GLN B 224 -11.49 -14.00 -11.42
CA GLN B 224 -11.68 -15.43 -11.79
C GLN B 224 -13.13 -15.84 -11.50
N SER B 225 -13.71 -15.38 -10.39
CA SER B 225 -15.13 -15.63 -9.99
C SER B 225 -16.11 -14.88 -10.90
N SER B 226 -15.74 -13.69 -11.41
CA SER B 226 -16.52 -12.94 -12.43
C SER B 226 -16.75 -13.83 -13.67
N SER B 227 -15.68 -14.42 -14.21
CA SER B 227 -15.70 -15.31 -15.40
C SER B 227 -16.47 -16.60 -15.10
N LEU B 228 -16.24 -17.25 -13.95
CA LEU B 228 -16.90 -18.51 -13.52
C LEU B 228 -18.43 -18.31 -13.44
N LEU B 229 -18.87 -17.18 -12.86
CA LEU B 229 -20.31 -16.86 -12.65
C LEU B 229 -20.95 -16.39 -13.97
N SER B 230 -20.23 -15.58 -14.76
CA SER B 230 -20.63 -15.13 -16.12
C SER B 230 -20.97 -16.33 -17.01
N ARG B 231 -20.15 -17.41 -16.96
CA ARG B 231 -20.24 -18.62 -17.82
C ARG B 231 -21.18 -19.68 -17.19
N LEU B 232 -21.46 -19.60 -15.89
CA LEU B 232 -22.52 -20.40 -15.23
C LEU B 232 -23.89 -19.86 -15.69
N ILE B 233 -24.08 -18.53 -15.66
CA ILE B 233 -25.35 -17.84 -16.02
C ILE B 233 -25.59 -17.96 -17.54
N SER B 234 -24.55 -17.77 -18.37
CA SER B 234 -24.68 -17.78 -19.86
C SER B 234 -24.96 -19.19 -20.38
N SER B 235 -24.38 -20.24 -19.77
CA SER B 235 -24.36 -21.62 -20.33
C SER B 235 -25.43 -22.53 -19.71
N LYS B 236 -25.93 -22.25 -18.49
CA LYS B 236 -26.83 -23.18 -17.74
C LYS B 236 -28.15 -22.53 -17.29
N MET B 237 -28.39 -21.24 -17.53
CA MET B 237 -29.67 -20.55 -17.19
C MET B 237 -30.49 -20.34 -18.46
N PRO B 238 -31.85 -20.31 -18.37
CA PRO B 238 -32.70 -20.13 -19.55
C PRO B 238 -32.49 -18.77 -20.23
N GLY B 239 -32.73 -18.70 -21.55
CA GLY B 239 -32.54 -17.49 -22.39
C GLY B 239 -33.44 -16.35 -21.94
N GLY B 240 -32.86 -15.21 -21.55
CA GLY B 240 -33.55 -14.06 -20.92
C GLY B 240 -33.21 -13.93 -19.44
N PHE B 241 -32.99 -15.06 -18.74
CA PHE B 241 -32.62 -15.10 -17.29
C PHE B 241 -31.11 -14.82 -17.15
N THR B 242 -30.76 -13.54 -16.99
CA THR B 242 -29.36 -13.04 -16.82
C THR B 242 -29.00 -13.06 -15.31
N ILE B 243 -27.82 -12.55 -14.96
CA ILE B 243 -27.27 -12.52 -13.57
C ILE B 243 -28.06 -11.50 -12.73
N THR B 244 -28.38 -10.34 -13.29
CA THR B 244 -29.08 -9.20 -12.59
C THR B 244 -30.54 -9.56 -12.25
N VAL B 245 -31.19 -10.41 -13.06
CA VAL B 245 -32.60 -10.89 -12.86
C VAL B 245 -32.63 -11.89 -11.70
N ALA B 246 -31.59 -12.73 -11.58
CA ALA B 246 -31.36 -13.67 -10.45
C ALA B 246 -31.00 -12.88 -9.18
N ARG B 247 -30.25 -11.77 -9.32
CA ARG B 247 -29.88 -10.85 -8.21
C ARG B 247 -31.11 -10.06 -7.72
N LYS B 248 -32.08 -9.80 -8.60
CA LYS B 248 -33.35 -9.14 -8.23
C LYS B 248 -34.26 -10.18 -7.53
N TYR B 249 -34.35 -11.40 -8.07
CA TYR B 249 -35.26 -12.48 -7.58
C TYR B 249 -34.91 -12.88 -6.14
N LEU B 250 -33.64 -13.18 -5.86
CA LEU B 250 -33.16 -13.65 -4.54
C LEU B 250 -33.25 -12.52 -3.49
N GLN B 251 -33.09 -11.26 -3.92
CA GLN B 251 -33.27 -10.04 -3.07
C GLN B 251 -34.75 -9.92 -2.65
N THR B 252 -35.69 -10.06 -3.59
CA THR B 252 -37.16 -9.98 -3.36
C THR B 252 -37.63 -11.17 -2.53
N ARG B 253 -37.17 -12.39 -2.85
CA ARG B 253 -37.65 -13.66 -2.25
C ARG B 253 -37.17 -13.77 -0.80
N TRP B 254 -35.86 -13.63 -0.56
CA TRP B 254 -35.19 -13.92 0.74
C TRP B 254 -34.84 -12.65 1.51
N GLY B 255 -34.78 -11.49 0.85
CA GLY B 255 -34.24 -10.23 1.42
C GLY B 255 -32.74 -10.32 1.64
N LEU B 256 -31.99 -10.95 0.71
CA LEU B 256 -30.52 -11.14 0.78
C LEU B 256 -29.82 -9.99 0.06
N PRO B 257 -28.95 -9.19 0.73
CA PRO B 257 -28.17 -8.14 0.08
C PRO B 257 -27.09 -8.68 -0.87
N SER B 258 -26.36 -7.79 -1.55
CA SER B 258 -25.35 -8.12 -2.61
C SER B 258 -24.20 -8.98 -2.04
N GLY B 259 -23.88 -8.84 -0.75
CA GLY B 259 -22.83 -9.64 -0.06
C GLY B 259 -23.25 -11.08 0.20
N ARG B 260 -24.55 -11.33 0.49
CA ARG B 260 -25.13 -12.69 0.62
C ARG B 260 -25.32 -13.30 -0.78
N GLN B 261 -25.87 -12.53 -1.72
CA GLN B 261 -26.20 -12.95 -3.11
C GLN B 261 -24.95 -13.43 -3.85
N ASP B 262 -23.80 -12.80 -3.58
CA ASP B 262 -22.47 -13.28 -4.04
C ASP B 262 -22.26 -14.72 -3.55
N GLY B 263 -22.42 -14.93 -2.24
CA GLY B 263 -22.25 -16.24 -1.56
C GLY B 263 -23.18 -17.32 -2.10
N VAL B 264 -24.45 -16.98 -2.37
CA VAL B 264 -25.50 -17.91 -2.92
C VAL B 264 -25.12 -18.29 -4.35
N LEU B 265 -24.59 -17.34 -5.14
CA LEU B 265 -24.10 -17.57 -6.53
C LEU B 265 -22.83 -18.43 -6.50
N LEU B 266 -21.93 -18.21 -5.52
CA LEU B 266 -20.66 -19.00 -5.37
C LEU B 266 -21.00 -20.47 -5.03
N VAL B 267 -21.91 -20.71 -4.07
CA VAL B 267 -22.32 -22.10 -3.66
C VAL B 267 -23.11 -22.76 -4.82
N ALA B 268 -23.76 -21.96 -5.68
CA ALA B 268 -24.43 -22.44 -6.92
C ALA B 268 -23.41 -22.96 -7.93
N LEU B 269 -22.25 -22.30 -8.02
CA LEU B 269 -21.12 -22.64 -8.93
C LEU B 269 -20.52 -24.02 -8.57
N SER B 270 -20.36 -24.31 -7.27
CA SER B 270 -19.68 -25.53 -6.75
C SER B 270 -20.44 -26.82 -7.09
N ASN B 271 -21.70 -26.70 -7.53
CA ASN B 271 -22.57 -27.84 -7.93
C ASN B 271 -23.38 -27.45 -9.19
N GLU B 272 -22.71 -26.86 -10.18
CA GLU B 272 -23.29 -26.41 -11.49
C GLU B 272 -24.04 -27.59 -12.13
N PRO B 273 -25.32 -27.42 -12.57
CA PRO B 273 -26.06 -28.51 -13.20
C PRO B 273 -25.55 -28.84 -14.61
N ALA B 274 -25.49 -30.14 -14.95
CA ALA B 274 -24.92 -30.70 -16.20
C ALA B 274 -25.58 -30.08 -17.45
N ALA B 275 -26.92 -29.94 -17.44
CA ALA B 275 -27.73 -29.38 -18.55
C ALA B 275 -28.36 -28.04 -18.15
N ARG B 276 -28.69 -27.21 -19.14
CA ARG B 276 -29.42 -25.91 -18.97
C ARG B 276 -30.83 -26.21 -18.45
N LEU B 277 -31.26 -25.46 -17.43
CA LEU B 277 -32.66 -25.48 -16.90
C LEU B 277 -33.55 -24.69 -17.87
N GLY B 278 -34.30 -25.41 -18.72
CA GLY B 278 -35.17 -24.84 -19.79
C GLY B 278 -36.26 -23.93 -19.23
N SER B 279 -36.94 -24.37 -18.17
CA SER B 279 -38.05 -23.64 -17.50
C SER B 279 -37.50 -22.66 -16.46
N GLU B 280 -38.15 -21.51 -16.32
CA GLU B 280 -37.82 -20.41 -15.36
C GLU B 280 -38.05 -20.88 -13.92
N ALA B 281 -39.10 -21.69 -13.68
CA ALA B 281 -39.52 -22.20 -12.35
C ALA B 281 -38.51 -23.23 -11.79
N ASP B 282 -37.81 -23.98 -12.66
CA ASP B 282 -36.72 -24.93 -12.27
C ASP B 282 -35.47 -24.14 -11.86
N ALA B 283 -35.16 -23.05 -12.56
CA ALA B 283 -34.05 -22.10 -12.23
C ALA B 283 -34.35 -21.41 -10.89
N LYS B 284 -35.61 -21.09 -10.60
CA LYS B 284 -36.08 -20.46 -9.33
C LYS B 284 -36.10 -21.48 -8.18
N ALA B 285 -36.31 -22.77 -8.46
CA ALA B 285 -36.30 -23.88 -7.48
C ALA B 285 -34.86 -24.24 -7.10
N PHE B 286 -33.93 -24.22 -8.07
CA PHE B 286 -32.46 -24.40 -7.87
C PHE B 286 -31.91 -23.27 -6.99
N LEU B 287 -32.17 -22.01 -7.35
CA LEU B 287 -31.71 -20.78 -6.63
C LEU B 287 -32.23 -20.80 -5.18
N ASP B 288 -33.47 -21.27 -4.98
CA ASP B 288 -34.13 -21.40 -3.65
C ASP B 288 -33.42 -22.50 -2.82
N SER B 289 -33.15 -23.67 -3.41
CA SER B 289 -32.42 -24.81 -2.79
C SER B 289 -30.98 -24.41 -2.42
N MET B 290 -30.32 -23.62 -3.28
CA MET B 290 -28.93 -23.11 -3.10
C MET B 290 -28.87 -22.11 -1.93
N ALA B 291 -29.91 -21.28 -1.75
CA ALA B 291 -30.03 -20.28 -0.65
C ALA B 291 -30.02 -21.00 0.71
N GLN B 292 -30.78 -22.09 0.85
CA GLN B 292 -30.90 -22.91 2.08
C GLN B 292 -29.57 -23.63 2.36
N LYS B 293 -28.87 -24.09 1.31
CA LYS B 293 -27.53 -24.74 1.40
C LYS B 293 -26.48 -23.70 1.84
N TYR B 294 -26.52 -22.48 1.29
CA TYR B 294 -25.66 -21.34 1.71
C TYR B 294 -25.97 -20.96 3.16
N ALA B 295 -27.26 -20.89 3.50
CA ALA B 295 -27.77 -20.56 4.86
C ALA B 295 -27.33 -21.63 5.87
N SER B 296 -27.29 -22.90 5.47
CA SER B 296 -26.78 -24.05 6.28
C SER B 296 -25.28 -23.89 6.55
N ILE B 297 -24.50 -23.58 5.51
CA ILE B 297 -23.00 -23.47 5.53
C ILE B 297 -22.59 -22.32 6.46
N VAL B 298 -23.19 -21.14 6.31
CA VAL B 298 -22.89 -19.91 7.12
C VAL B 298 -23.53 -20.05 8.50
N GLY B 299 -24.82 -20.44 8.55
CA GLY B 299 -25.64 -20.51 9.79
C GLY B 299 -26.65 -19.38 9.86
N VAL B 300 -27.40 -19.16 8.78
CA VAL B 300 -28.47 -18.12 8.64
C VAL B 300 -29.82 -18.85 8.67
N ASP B 301 -30.82 -18.30 9.39
CA ASP B 301 -32.21 -18.84 9.51
C ASP B 301 -33.17 -17.89 8.77
N LEU B 302 -33.89 -18.41 7.77
CA LEU B 302 -34.83 -17.64 6.90
C LEU B 302 -36.28 -17.99 7.27
N SER C 5 -47.20 -39.58 -70.98
CA SER C 5 -48.39 -39.68 -70.09
C SER C 5 -48.02 -40.46 -68.82
N THR C 6 -47.97 -39.77 -67.65
CA THR C 6 -47.54 -40.33 -66.33
C THR C 6 -48.18 -39.55 -65.15
N ARG C 7 -49.19 -40.12 -64.48
CA ARG C 7 -49.88 -39.47 -63.33
C ARG C 7 -49.10 -39.77 -62.05
N PRO C 8 -48.56 -38.73 -61.33
CA PRO C 8 -47.75 -38.96 -60.14
C PRO C 8 -48.57 -39.46 -58.94
N LEU C 9 -48.00 -40.41 -58.20
CA LEU C 9 -48.58 -41.04 -56.97
C LEU C 9 -47.78 -40.58 -55.75
N THR C 10 -48.47 -39.99 -54.77
CA THR C 10 -47.92 -39.29 -53.58
C THR C 10 -48.02 -40.26 -52.40
N LEU C 11 -46.90 -40.80 -51.90
CA LEU C 11 -46.88 -41.80 -50.79
C LEU C 11 -46.04 -41.27 -49.61
N SER C 12 -46.67 -41.23 -48.44
CA SER C 12 -46.26 -40.38 -47.29
C SER C 12 -46.15 -41.21 -46.03
N HIS C 13 -45.52 -40.61 -45.02
CA HIS C 13 -45.59 -41.03 -43.61
C HIS C 13 -45.35 -39.80 -42.74
N GLY C 14 -46.42 -39.06 -42.43
CA GLY C 14 -46.31 -37.77 -41.71
C GLY C 14 -45.52 -36.77 -42.54
N SER C 15 -44.50 -36.13 -41.93
CA SER C 15 -43.70 -35.05 -42.55
C SER C 15 -42.98 -35.57 -43.81
N LEU C 16 -42.31 -36.73 -43.71
CA LEU C 16 -41.49 -37.29 -44.82
C LEU C 16 -42.41 -37.83 -45.93
N GLU C 17 -41.98 -37.63 -47.17
CA GLU C 17 -42.78 -37.76 -48.41
C GLU C 17 -41.92 -38.46 -49.46
N HIS C 18 -42.56 -39.11 -50.42
CA HIS C 18 -41.93 -39.51 -51.72
C HIS C 18 -42.98 -39.44 -52.82
N VAL C 19 -42.55 -39.25 -54.08
CA VAL C 19 -43.43 -39.14 -55.27
C VAL C 19 -42.93 -40.11 -56.35
N LEU C 20 -43.80 -41.00 -56.82
CA LEU C 20 -43.51 -42.02 -57.86
C LEU C 20 -44.25 -41.62 -59.14
N LEU C 21 -43.54 -41.51 -60.27
CA LEU C 21 -44.11 -41.12 -61.59
C LEU C 21 -44.65 -42.38 -62.29
N VAL C 22 -45.80 -42.86 -61.81
CA VAL C 22 -46.49 -44.09 -62.31
C VAL C 22 -47.10 -43.76 -63.68
N PRO C 23 -46.79 -44.51 -64.75
CA PRO C 23 -47.47 -44.37 -66.05
C PRO C 23 -48.99 -44.57 -65.97
N THR C 24 -49.74 -43.84 -66.82
CA THR C 24 -51.23 -43.76 -66.81
C THR C 24 -51.88 -45.12 -67.16
N ALA C 25 -51.13 -46.05 -67.76
CA ALA C 25 -51.62 -47.39 -68.17
C ALA C 25 -51.88 -48.30 -66.96
N SER C 26 -51.07 -48.19 -65.90
CA SER C 26 -51.05 -49.11 -64.72
C SER C 26 -51.40 -48.39 -63.40
N PHE C 27 -51.70 -47.08 -63.43
CA PHE C 27 -51.94 -46.24 -62.21
C PHE C 27 -53.09 -46.81 -61.38
N PHE C 28 -54.07 -47.47 -62.02
CA PHE C 28 -55.21 -48.13 -61.32
C PHE C 28 -54.65 -49.08 -60.26
N ILE C 29 -53.71 -49.96 -60.63
CA ILE C 29 -53.13 -50.99 -59.71
C ILE C 29 -52.27 -50.29 -58.64
N ALA C 30 -51.47 -49.29 -59.02
CA ALA C 30 -50.57 -48.54 -58.12
C ALA C 30 -51.35 -47.78 -57.03
N SER C 31 -52.56 -47.29 -57.34
CA SER C 31 -53.43 -46.52 -56.41
C SER C 31 -53.98 -47.46 -55.32
N GLN C 32 -54.38 -48.68 -55.72
CA GLN C 32 -54.81 -49.77 -54.82
C GLN C 32 -53.66 -50.12 -53.87
N LEU C 33 -52.47 -50.41 -54.43
CA LEU C 33 -51.22 -50.75 -53.67
C LEU C 33 -50.88 -49.60 -52.71
N GLN C 34 -50.96 -48.34 -53.16
CA GLN C 34 -50.76 -47.10 -52.35
C GLN C 34 -51.72 -47.13 -51.14
N GLU C 35 -53.01 -47.40 -51.39
CA GLU C 35 -54.07 -47.44 -50.34
C GLU C 35 -53.71 -48.53 -49.32
N GLN C 36 -53.54 -49.77 -49.78
CA GLN C 36 -53.26 -50.96 -48.94
C GLN C 36 -51.99 -50.73 -48.11
N PHE C 37 -50.91 -50.25 -48.73
CA PHE C 37 -49.61 -49.94 -48.07
C PHE C 37 -49.83 -48.90 -46.97
N ASN C 38 -50.60 -47.84 -47.24
CA ASN C 38 -50.86 -46.71 -46.30
C ASN C 38 -51.77 -47.17 -45.15
N LYS C 39 -52.59 -48.19 -45.37
CA LYS C 39 -53.45 -48.83 -44.33
C LYS C 39 -52.58 -49.69 -43.38
N ILE C 40 -51.62 -50.45 -43.93
CA ILE C 40 -50.65 -51.33 -43.19
C ILE C 40 -49.66 -50.46 -42.40
N LEU C 41 -49.14 -49.41 -43.04
CA LEU C 41 -48.24 -48.39 -42.40
C LEU C 41 -48.92 -47.88 -41.14
N PRO C 42 -48.22 -47.87 -39.98
CA PRO C 42 -48.80 -47.34 -38.73
C PRO C 42 -48.90 -45.81 -38.71
N GLU C 43 -49.60 -45.25 -37.71
CA GLU C 43 -49.81 -43.79 -37.56
C GLU C 43 -48.47 -43.12 -37.24
N PRO C 44 -48.01 -42.12 -38.03
CA PRO C 44 -46.72 -41.47 -37.78
C PRO C 44 -46.60 -40.82 -36.38
N THR C 45 -45.41 -40.86 -35.80
CA THR C 45 -45.06 -40.20 -34.50
C THR C 45 -43.90 -39.23 -34.75
N GLU C 46 -43.69 -38.31 -33.81
CA GLU C 46 -42.60 -37.29 -33.84
C GLU C 46 -41.24 -37.99 -33.75
N GLY C 47 -40.27 -37.56 -34.57
CA GLY C 47 -38.92 -38.14 -34.65
C GLY C 47 -38.85 -39.40 -35.50
N PHE C 48 -39.95 -40.17 -35.55
CA PHE C 48 -40.13 -41.50 -36.20
C PHE C 48 -39.44 -42.60 -35.38
N ALA C 49 -39.11 -42.33 -34.10
CA ALA C 49 -38.32 -43.22 -33.21
C ALA C 49 -39.01 -44.57 -33.01
N ALA C 50 -40.35 -44.63 -33.17
CA ALA C 50 -41.17 -45.86 -33.09
C ALA C 50 -40.73 -46.86 -34.17
N ASP C 51 -40.85 -48.15 -33.88
CA ASP C 51 -40.40 -49.27 -34.77
C ASP C 51 -41.46 -49.52 -35.85
N ASP C 52 -41.10 -50.34 -36.85
CA ASP C 52 -41.90 -50.75 -38.04
C ASP C 52 -42.44 -49.52 -38.82
N GLU C 53 -41.83 -48.34 -38.66
CA GLU C 53 -42.18 -47.11 -39.43
C GLU C 53 -40.90 -46.46 -39.95
N PRO C 54 -40.88 -45.97 -41.21
CA PRO C 54 -39.67 -45.42 -41.80
C PRO C 54 -39.26 -44.09 -41.15
N THR C 55 -37.95 -43.80 -41.16
CA THR C 55 -37.31 -42.58 -40.60
C THR C 55 -36.93 -41.62 -41.73
N THR C 56 -36.66 -42.13 -42.93
CA THR C 56 -36.30 -41.32 -44.13
C THR C 56 -37.14 -41.80 -45.32
N PRO C 57 -37.26 -40.96 -46.38
CA PRO C 57 -37.95 -41.36 -47.60
C PRO C 57 -37.47 -42.67 -48.24
N ALA C 58 -36.15 -42.89 -48.22
CA ALA C 58 -35.46 -44.07 -48.81
C ALA C 58 -35.98 -45.36 -48.15
N GLU C 59 -36.18 -45.32 -46.82
CA GLU C 59 -36.69 -46.47 -46.02
C GLU C 59 -38.13 -46.76 -46.45
N LEU C 60 -38.96 -45.70 -46.51
CA LEU C 60 -40.40 -45.78 -46.90
C LEU C 60 -40.53 -46.50 -48.24
N VAL C 61 -39.71 -46.09 -49.21
CA VAL C 61 -39.71 -46.68 -50.59
C VAL C 61 -39.30 -48.15 -50.48
N GLY C 62 -38.34 -48.46 -49.60
CA GLY C 62 -37.91 -49.83 -49.24
C GLY C 62 -39.08 -50.65 -48.69
N LYS C 63 -39.78 -50.10 -47.70
CA LYS C 63 -40.94 -50.77 -47.03
C LYS C 63 -42.02 -51.04 -48.09
N PHE C 64 -42.20 -50.13 -49.05
CA PHE C 64 -43.16 -50.30 -50.17
C PHE C 64 -42.68 -51.44 -51.07
N LEU C 65 -41.41 -51.42 -51.50
CA LEU C 65 -40.78 -52.50 -52.31
C LEU C 65 -41.05 -53.85 -51.62
N GLY C 66 -40.75 -53.92 -50.32
CA GLY C 66 -40.95 -55.10 -49.45
C GLY C 66 -42.39 -55.55 -49.43
N TYR C 67 -43.32 -54.59 -49.30
CA TYR C 67 -44.78 -54.85 -49.27
C TYR C 67 -45.25 -55.44 -50.59
N VAL C 68 -44.85 -54.84 -51.72
CA VAL C 68 -45.23 -55.30 -53.09
C VAL C 68 -44.63 -56.69 -53.32
N SER C 69 -43.33 -56.85 -53.04
CA SER C 69 -42.55 -58.09 -53.29
C SER C 69 -43.16 -59.27 -52.52
N SER C 70 -43.78 -59.01 -51.36
CA SER C 70 -44.52 -60.01 -50.55
C SER C 70 -45.71 -60.57 -51.36
N LEU C 71 -46.42 -59.71 -52.10
CA LEU C 71 -47.69 -60.07 -52.81
C LEU C 71 -47.35 -60.79 -54.12
N VAL C 72 -46.39 -60.26 -54.88
CA VAL C 72 -45.96 -60.83 -56.19
C VAL C 72 -45.44 -62.26 -55.96
N GLU C 73 -45.79 -63.18 -56.86
CA GLU C 73 -45.26 -64.56 -56.91
C GLU C 73 -44.12 -64.61 -57.93
N PRO C 74 -42.96 -65.21 -57.60
CA PRO C 74 -41.82 -65.24 -58.52
C PRO C 74 -42.02 -66.14 -59.75
N SER C 75 -42.93 -67.12 -59.66
CA SER C 75 -43.23 -68.13 -60.71
C SER C 75 -44.37 -67.65 -61.62
N LYS C 76 -45.58 -67.46 -61.06
CA LYS C 76 -46.80 -67.02 -61.79
C LYS C 76 -46.68 -65.52 -62.10
N VAL C 77 -47.15 -65.09 -63.27
CA VAL C 77 -47.11 -63.68 -63.76
C VAL C 77 -48.38 -62.95 -63.30
N GLY C 78 -48.29 -62.23 -62.19
CA GLY C 78 -49.39 -61.41 -61.63
C GLY C 78 -49.43 -60.03 -62.26
N GLN C 79 -50.37 -59.18 -61.81
CA GLN C 79 -50.54 -57.80 -62.32
C GLN C 79 -49.52 -56.85 -61.66
N PHE C 80 -48.86 -57.29 -60.57
CA PHE C 80 -48.02 -56.44 -59.69
C PHE C 80 -46.55 -56.46 -60.15
N ASP C 81 -46.24 -57.19 -61.23
CA ASP C 81 -44.87 -57.30 -61.80
C ASP C 81 -44.40 -55.92 -62.23
N GLN C 82 -45.23 -55.20 -63.00
CA GLN C 82 -44.89 -53.91 -63.67
C GLN C 82 -44.68 -52.82 -62.61
N VAL C 83 -45.57 -52.74 -61.60
CA VAL C 83 -45.45 -51.73 -60.51
C VAL C 83 -44.16 -52.00 -59.71
N LEU C 84 -43.82 -53.27 -59.49
CA LEU C 84 -42.59 -53.67 -58.74
C LEU C 84 -41.36 -53.19 -59.51
N ASN C 85 -41.23 -53.54 -60.80
CA ASN C 85 -40.08 -53.17 -61.67
C ASN C 85 -39.94 -51.63 -61.71
N LEU C 86 -41.04 -50.90 -61.77
CA LEU C 86 -41.04 -49.41 -61.91
C LEU C 86 -40.57 -48.74 -60.61
N CYS C 87 -41.00 -49.23 -59.44
CA CYS C 87 -40.64 -48.66 -58.12
C CYS C 87 -39.21 -49.06 -57.70
N LEU C 88 -38.73 -50.23 -58.17
CA LEU C 88 -37.30 -50.64 -58.07
C LEU C 88 -36.45 -49.62 -58.84
N THR C 89 -36.70 -49.54 -60.16
CA THR C 89 -35.98 -48.65 -61.11
C THR C 89 -36.03 -47.21 -60.60
N GLU C 90 -37.15 -46.76 -60.02
CA GLU C 90 -37.28 -45.38 -59.46
C GLU C 90 -36.44 -45.26 -58.19
N PHE C 91 -36.42 -46.29 -57.32
CA PHE C 91 -35.63 -46.33 -56.06
C PHE C 91 -34.14 -46.32 -56.36
N GLU C 92 -33.70 -47.16 -57.30
CA GLU C 92 -32.30 -47.23 -57.80
C GLU C 92 -31.86 -45.82 -58.24
N ASN C 93 -32.55 -45.24 -59.22
CA ASN C 93 -32.17 -43.98 -59.92
C ASN C 93 -32.08 -42.83 -58.90
N CYS C 94 -32.98 -42.80 -57.91
CA CYS C 94 -33.16 -41.66 -56.96
C CYS C 94 -32.20 -41.76 -55.76
N TYR C 95 -31.88 -42.99 -55.31
CA TYR C 95 -31.21 -43.24 -54.00
C TYR C 95 -29.86 -43.97 -54.18
N LEU C 96 -29.79 -44.98 -55.05
CA LEU C 96 -28.54 -45.76 -55.34
C LEU C 96 -27.89 -45.24 -56.63
N GLU C 97 -27.20 -44.11 -56.55
CA GLU C 97 -26.57 -43.47 -57.74
C GLU C 97 -25.47 -44.39 -58.29
N GLY C 98 -25.86 -45.52 -58.93
CA GLY C 98 -24.96 -46.57 -59.41
C GLY C 98 -24.40 -47.46 -58.29
N ASN C 99 -24.26 -46.88 -57.09
CA ASN C 99 -23.62 -47.49 -55.89
C ASN C 99 -24.47 -48.69 -55.40
N ASP C 100 -23.94 -49.45 -54.45
CA ASP C 100 -24.60 -50.67 -53.89
C ASP C 100 -25.37 -50.31 -52.61
N ILE C 101 -26.46 -51.05 -52.37
CA ILE C 101 -27.46 -50.79 -51.28
C ILE C 101 -26.74 -50.55 -49.94
N HIS C 102 -25.71 -51.34 -49.65
CA HIS C 102 -24.96 -51.28 -48.37
C HIS C 102 -24.28 -49.91 -48.22
N ALA C 103 -23.84 -49.29 -49.33
CA ALA C 103 -23.24 -47.94 -49.34
C ALA C 103 -24.28 -46.91 -48.86
N LEU C 104 -25.54 -47.06 -49.28
CA LEU C 104 -26.65 -46.16 -48.87
C LEU C 104 -27.06 -46.46 -47.42
N ALA C 105 -27.17 -47.74 -47.07
CA ALA C 105 -27.39 -48.22 -45.69
C ALA C 105 -26.39 -47.58 -44.73
N ALA C 106 -25.09 -47.60 -45.07
CA ALA C 106 -24.00 -46.98 -44.29
C ALA C 106 -24.24 -45.48 -44.20
N LYS C 107 -24.57 -44.83 -45.32
CA LYS C 107 -24.76 -43.36 -45.42
C LYS C 107 -25.89 -42.91 -44.49
N LEU C 108 -26.99 -43.67 -44.43
CA LEU C 108 -28.16 -43.34 -43.56
C LEU C 108 -27.74 -43.39 -42.09
N LEU C 109 -27.00 -44.40 -41.66
CA LEU C 109 -26.57 -44.57 -40.24
C LEU C 109 -25.75 -43.35 -39.78
N GLN C 110 -24.80 -42.89 -40.59
CA GLN C 110 -23.78 -41.87 -40.19
C GLN C 110 -24.29 -40.43 -40.43
N GLU C 111 -25.41 -40.26 -41.14
CA GLU C 111 -26.01 -38.93 -41.42
C GLU C 111 -27.33 -38.79 -40.66
N ASN C 112 -28.30 -39.64 -40.98
CA ASN C 112 -29.69 -39.60 -40.43
C ASN C 112 -29.70 -40.23 -39.02
N ASP C 113 -30.89 -40.39 -38.45
CA ASP C 113 -31.13 -40.95 -37.09
C ASP C 113 -31.62 -42.40 -37.20
N THR C 114 -31.66 -42.96 -38.42
CA THR C 114 -32.05 -44.36 -38.71
C THR C 114 -31.30 -45.31 -37.76
N THR C 115 -32.02 -46.22 -37.09
CA THR C 115 -31.43 -47.29 -36.26
C THR C 115 -30.95 -48.42 -37.18
N LEU C 116 -30.13 -49.32 -36.65
CA LEU C 116 -29.47 -50.41 -37.41
C LEU C 116 -30.51 -51.42 -37.91
N VAL C 117 -31.52 -51.74 -37.10
CA VAL C 117 -32.59 -52.73 -37.44
C VAL C 117 -33.42 -52.24 -38.64
N LYS C 118 -33.69 -50.92 -38.72
CA LYS C 118 -34.50 -50.29 -39.81
C LYS C 118 -33.71 -50.31 -41.12
N THR C 119 -32.40 -50.07 -41.05
CA THR C 119 -31.41 -50.19 -42.15
C THR C 119 -31.40 -51.61 -42.72
N LYS C 120 -31.28 -52.63 -41.85
CA LYS C 120 -31.25 -54.07 -42.22
C LYS C 120 -32.58 -54.46 -42.87
N GLU C 121 -33.69 -53.89 -42.37
CA GLU C 121 -35.06 -54.10 -42.91
C GLU C 121 -35.08 -53.57 -44.35
N LEU C 122 -34.55 -52.36 -44.56
CA LEU C 122 -34.43 -51.70 -45.89
C LEU C 122 -33.68 -52.62 -46.86
N ILE C 123 -32.49 -53.08 -46.44
CA ILE C 123 -31.59 -53.97 -47.24
C ILE C 123 -32.35 -55.27 -47.57
N LYS C 124 -33.03 -55.86 -46.60
CA LYS C 124 -33.82 -57.11 -46.81
C LYS C 124 -34.81 -56.85 -47.95
N ASN C 125 -35.62 -55.80 -47.78
CA ASN C 125 -36.73 -55.41 -48.70
C ASN C 125 -36.16 -55.20 -50.11
N TYR C 126 -35.11 -54.37 -50.22
CA TYR C 126 -34.46 -54.05 -51.52
C TYR C 126 -33.98 -55.33 -52.21
N ILE C 127 -33.35 -56.24 -51.47
CA ILE C 127 -32.80 -57.51 -52.04
C ILE C 127 -33.98 -58.41 -52.40
N THR C 128 -34.95 -58.54 -51.48
CA THR C 128 -36.16 -59.37 -51.68
C THR C 128 -36.79 -58.92 -53.00
N ALA C 129 -37.15 -57.63 -53.07
CA ALA C 129 -37.71 -56.97 -54.27
C ALA C 129 -36.92 -57.47 -55.49
N ARG C 130 -35.63 -57.13 -55.53
CA ARG C 130 -34.70 -57.40 -56.67
C ARG C 130 -34.82 -58.86 -57.15
N ILE C 131 -35.00 -59.81 -56.25
CA ILE C 131 -35.01 -61.28 -56.61
C ILE C 131 -36.41 -61.67 -57.09
N MET C 132 -37.48 -61.14 -56.46
CA MET C 132 -38.90 -61.46 -56.79
C MET C 132 -39.28 -60.84 -58.14
N ALA C 133 -38.63 -59.74 -58.54
CA ALA C 133 -38.87 -59.00 -59.80
C ALA C 133 -38.12 -59.63 -60.98
N LYS C 134 -37.59 -60.84 -60.84
CA LYS C 134 -36.82 -61.59 -61.88
C LYS C 134 -35.66 -60.72 -62.39
N ARG C 135 -34.94 -60.07 -61.46
CA ARG C 135 -33.80 -59.16 -61.70
C ARG C 135 -32.62 -59.63 -60.84
N PRO C 136 -32.02 -60.80 -61.14
CA PRO C 136 -30.93 -61.33 -60.31
C PRO C 136 -29.70 -60.41 -60.38
N PHE C 137 -28.57 -60.83 -59.82
CA PHE C 137 -27.32 -60.02 -59.82
C PHE C 137 -26.36 -60.57 -60.90
N ASP C 138 -26.83 -60.55 -62.15
CA ASP C 138 -26.14 -61.12 -63.34
C ASP C 138 -24.83 -60.37 -63.57
N LYS C 139 -24.92 -59.05 -63.77
CA LYS C 139 -23.76 -58.19 -64.09
C LYS C 139 -22.82 -58.12 -62.88
N LYS C 140 -21.51 -58.11 -63.14
CA LYS C 140 -20.44 -58.01 -62.13
C LYS C 140 -20.48 -56.58 -61.58
N SER C 141 -20.58 -56.44 -60.25
CA SER C 141 -20.56 -55.10 -59.59
C SER C 141 -19.22 -54.45 -59.90
N ASN C 142 -19.21 -53.11 -59.95
CA ASN C 142 -18.01 -52.28 -60.19
C ASN C 142 -17.45 -51.87 -58.83
N SER C 143 -17.18 -52.85 -57.96
CA SER C 143 -16.64 -52.61 -56.59
C SER C 143 -15.21 -52.06 -56.72
N ALA C 144 -14.93 -50.96 -56.04
CA ALA C 144 -13.61 -50.28 -56.09
C ALA C 144 -12.52 -51.28 -55.72
N LEU C 145 -12.70 -51.93 -54.57
CA LEU C 145 -11.75 -52.90 -53.99
C LEU C 145 -11.47 -54.04 -54.99
N PHE C 146 -12.50 -54.59 -55.61
CA PHE C 146 -12.33 -55.72 -56.56
C PHE C 146 -11.82 -55.24 -57.93
N ARG C 147 -12.11 -54.00 -58.31
CA ARG C 147 -11.54 -53.36 -59.52
C ARG C 147 -10.03 -53.25 -59.31
N ALA C 148 -9.63 -52.69 -58.16
CA ALA C 148 -8.22 -52.48 -57.74
C ALA C 148 -7.48 -53.82 -57.62
N VAL C 149 -8.17 -54.92 -57.35
CA VAL C 149 -7.53 -56.26 -57.23
C VAL C 149 -7.24 -56.79 -58.64
N GLY C 150 -8.16 -56.58 -59.58
CA GLY C 150 -8.01 -56.95 -61.00
C GLY C 150 -6.83 -56.24 -61.63
N GLU C 151 -6.72 -54.93 -61.40
CA GLU C 151 -5.62 -54.03 -61.85
C GLU C 151 -4.29 -54.50 -61.23
N GLY C 152 -4.27 -54.77 -59.93
CA GLY C 152 -3.09 -55.22 -59.15
C GLY C 152 -2.67 -54.24 -58.06
N ASN C 153 -3.54 -53.29 -57.69
CA ASN C 153 -3.27 -52.24 -56.66
C ASN C 153 -3.83 -52.66 -55.30
N ALA C 154 -4.19 -53.94 -55.14
CA ALA C 154 -4.75 -54.46 -53.87
C ALA C 154 -4.69 -55.99 -53.89
N GLN C 155 -4.25 -56.58 -52.78
CA GLN C 155 -4.12 -58.05 -52.59
C GLN C 155 -5.07 -58.43 -51.47
N LEU C 156 -6.08 -59.22 -51.79
CA LEU C 156 -7.13 -59.64 -50.83
C LEU C 156 -6.73 -60.99 -50.22
N VAL C 157 -6.78 -61.09 -48.89
CA VAL C 157 -6.77 -62.39 -48.16
C VAL C 157 -8.07 -62.51 -47.34
N ALA C 158 -8.65 -63.72 -47.32
CA ALA C 158 -9.86 -64.09 -46.57
C ALA C 158 -9.48 -64.84 -45.30
N ILE C 159 -9.81 -64.29 -44.12
CA ILE C 159 -9.58 -64.96 -42.81
C ILE C 159 -10.94 -65.34 -42.23
N PHE C 160 -11.03 -66.56 -41.70
CA PHE C 160 -12.24 -67.09 -41.06
C PHE C 160 -11.97 -67.30 -39.57
N GLY C 161 -12.75 -66.60 -38.74
CA GLY C 161 -12.78 -66.72 -37.27
C GLY C 161 -13.18 -68.12 -36.81
N GLY C 162 -13.37 -68.26 -35.49
CA GLY C 162 -13.74 -69.53 -34.86
C GLY C 162 -14.53 -69.27 -33.62
N GLN C 163 -14.27 -70.07 -32.58
CA GLN C 163 -14.95 -69.99 -31.28
C GLN C 163 -14.37 -68.82 -30.49
N GLY C 164 -15.07 -68.38 -29.44
CA GLY C 164 -14.54 -67.47 -28.42
C GLY C 164 -14.61 -66.00 -28.82
N ASN C 165 -15.36 -65.66 -29.87
CA ASN C 165 -15.53 -64.25 -30.30
C ASN C 165 -16.76 -63.66 -29.61
N THR C 166 -17.90 -64.34 -29.73
CA THR C 166 -19.19 -63.94 -29.09
C THR C 166 -19.83 -65.17 -28.46
N ASP C 167 -20.63 -64.94 -27.42
CA ASP C 167 -21.46 -65.98 -26.74
C ASP C 167 -22.79 -66.15 -27.48
N ASP C 168 -23.18 -65.14 -28.27
CA ASP C 168 -24.50 -65.05 -28.95
C ASP C 168 -24.25 -65.17 -30.46
N TYR C 169 -23.50 -66.18 -30.88
CA TYR C 169 -23.08 -66.36 -32.30
C TYR C 169 -24.31 -66.60 -33.17
N PHE C 170 -25.32 -67.29 -32.64
CA PHE C 170 -26.51 -67.73 -33.43
C PHE C 170 -27.26 -66.52 -33.96
N GLU C 171 -27.27 -65.37 -33.27
CA GLU C 171 -27.94 -64.14 -33.77
C GLU C 171 -27.34 -63.72 -35.11
N GLU C 172 -26.04 -63.96 -35.33
CA GLU C 172 -25.36 -63.70 -36.64
C GLU C 172 -26.00 -64.59 -37.72
N LEU C 173 -26.40 -65.81 -37.38
CA LEU C 173 -27.06 -66.75 -38.34
C LEU C 173 -28.52 -66.33 -38.52
N ARG C 174 -29.16 -65.79 -37.48
CA ARG C 174 -30.56 -65.32 -37.56
C ARG C 174 -30.60 -64.10 -38.50
N ASP C 175 -29.70 -63.13 -38.29
CA ASP C 175 -29.58 -61.90 -39.12
C ASP C 175 -29.33 -62.24 -40.59
N LEU C 176 -28.58 -63.30 -40.91
CA LEU C 176 -28.33 -63.75 -42.31
C LEU C 176 -29.59 -64.39 -42.89
N TYR C 177 -30.33 -65.16 -42.09
CA TYR C 177 -31.55 -65.85 -42.54
C TYR C 177 -32.66 -64.82 -42.79
N GLN C 178 -32.78 -63.82 -41.90
CA GLN C 178 -33.77 -62.74 -42.05
C GLN C 178 -33.36 -61.89 -43.24
N THR C 179 -32.25 -61.16 -43.12
CA THR C 179 -31.85 -60.06 -44.04
C THR C 179 -31.61 -60.59 -45.46
N TYR C 180 -30.98 -61.74 -45.63
CA TYR C 180 -30.55 -62.20 -46.98
C TYR C 180 -31.25 -63.53 -47.30
N HIS C 181 -32.49 -63.71 -46.84
CA HIS C 181 -33.22 -65.00 -46.96
C HIS C 181 -33.14 -65.52 -48.40
N VAL C 182 -33.41 -64.64 -49.36
CA VAL C 182 -33.55 -65.00 -50.80
C VAL C 182 -32.18 -65.39 -51.41
N LEU C 183 -31.06 -65.05 -50.75
CA LEU C 183 -29.67 -65.37 -51.18
C LEU C 183 -29.17 -66.67 -50.52
N VAL C 184 -29.27 -66.77 -49.19
CA VAL C 184 -28.68 -67.87 -48.37
C VAL C 184 -29.78 -68.72 -47.74
N GLY C 185 -31.03 -68.60 -48.19
CA GLY C 185 -32.10 -69.50 -47.75
C GLY C 185 -31.83 -70.90 -48.21
N ASP C 186 -31.35 -71.04 -49.46
CA ASP C 186 -31.12 -72.35 -50.10
C ASP C 186 -29.90 -73.03 -49.47
N LEU C 187 -28.86 -72.27 -49.15
CA LEU C 187 -27.63 -72.75 -48.44
C LEU C 187 -28.02 -73.31 -47.07
N ILE C 188 -28.65 -72.49 -46.23
CA ILE C 188 -28.99 -72.83 -44.82
C ILE C 188 -29.89 -74.07 -44.79
N LYS C 189 -30.86 -74.20 -45.71
CA LYS C 189 -31.75 -75.38 -45.79
C LYS C 189 -30.93 -76.61 -46.17
N PHE C 190 -29.97 -76.45 -47.07
CA PHE C 190 -29.08 -77.56 -47.50
C PHE C 190 -28.20 -78.00 -46.32
N SER C 191 -27.61 -77.05 -45.59
CA SER C 191 -26.71 -77.35 -44.45
C SER C 191 -27.53 -78.05 -43.35
N ALA C 192 -28.73 -77.57 -43.03
CA ALA C 192 -29.65 -78.15 -42.01
C ALA C 192 -30.10 -79.57 -42.42
N GLU C 193 -30.19 -79.85 -43.72
CA GLU C 193 -30.58 -81.18 -44.25
C GLU C 193 -29.39 -82.12 -44.10
N THR C 194 -28.18 -81.68 -44.47
CA THR C 194 -26.91 -82.45 -44.37
C THR C 194 -26.63 -82.85 -42.91
N LEU C 195 -26.73 -81.89 -41.98
CA LEU C 195 -26.59 -82.11 -40.53
C LEU C 195 -27.60 -83.17 -40.07
N SER C 196 -28.91 -82.94 -40.29
CA SER C 196 -30.00 -83.90 -39.97
C SER C 196 -29.68 -85.30 -40.50
N GLU C 197 -29.03 -85.42 -41.67
CA GLU C 197 -28.66 -86.72 -42.30
C GLU C 197 -27.48 -87.35 -41.56
N LEU C 198 -26.50 -86.53 -41.16
CA LEU C 198 -25.32 -86.96 -40.37
C LEU C 198 -25.76 -87.51 -39.00
N ILE C 199 -26.72 -86.85 -38.34
CA ILE C 199 -27.29 -87.30 -37.02
C ILE C 199 -27.74 -88.75 -37.21
N ARG C 200 -28.59 -89.01 -38.21
CA ARG C 200 -29.16 -90.37 -38.45
C ARG C 200 -28.03 -91.35 -38.81
N THR C 201 -27.11 -90.96 -39.70
CA THR C 201 -26.02 -91.81 -40.27
C THR C 201 -25.00 -92.20 -39.18
N THR C 202 -24.53 -91.24 -38.39
CA THR C 202 -23.58 -91.43 -37.25
C THR C 202 -24.28 -92.26 -36.17
N LEU C 203 -23.57 -93.24 -35.62
CA LEU C 203 -24.14 -94.29 -34.73
C LEU C 203 -24.80 -93.65 -33.50
N ASP C 204 -24.06 -92.84 -32.73
CA ASP C 204 -24.57 -92.19 -31.49
C ASP C 204 -24.33 -90.69 -31.57
N ALA C 205 -25.24 -90.00 -32.25
CA ALA C 205 -25.27 -88.53 -32.40
C ALA C 205 -26.46 -87.96 -31.61
N GLU C 206 -27.63 -88.61 -31.66
CA GLU C 206 -28.83 -88.21 -30.88
C GLU C 206 -28.46 -88.04 -29.40
N LYS C 207 -27.52 -88.85 -28.86
CA LYS C 207 -27.10 -88.78 -27.43
C LYS C 207 -26.40 -87.44 -27.16
N VAL C 208 -25.54 -86.99 -28.06
CA VAL C 208 -24.78 -85.70 -27.90
C VAL C 208 -25.70 -84.50 -28.23
N PHE C 209 -26.68 -84.65 -29.13
CA PHE C 209 -27.68 -83.61 -29.50
C PHE C 209 -28.96 -83.84 -28.70
N THR C 210 -28.98 -83.37 -27.45
CA THR C 210 -30.06 -83.63 -26.46
C THR C 210 -31.35 -82.97 -26.94
N GLN C 211 -31.27 -81.69 -27.33
CA GLN C 211 -32.43 -80.87 -27.78
C GLN C 211 -32.49 -80.81 -29.30
N GLY C 212 -31.95 -81.83 -29.99
CA GLY C 212 -31.94 -81.93 -31.45
C GLY C 212 -31.14 -80.81 -32.08
N LEU C 213 -31.12 -80.76 -33.42
CA LEU C 213 -30.34 -79.81 -34.25
C LEU C 213 -31.25 -79.30 -35.37
N ASN C 214 -32.53 -79.04 -35.06
CA ASN C 214 -33.52 -78.59 -36.06
C ASN C 214 -33.38 -77.07 -36.19
N ILE C 215 -32.32 -76.61 -36.87
CA ILE C 215 -31.87 -75.19 -36.86
C ILE C 215 -32.89 -74.31 -37.59
N LEU C 216 -33.63 -74.88 -38.54
CA LEU C 216 -34.69 -74.18 -39.30
C LEU C 216 -35.83 -73.75 -38.38
N GLU C 217 -36.30 -74.66 -37.51
CA GLU C 217 -37.37 -74.36 -36.53
C GLU C 217 -36.91 -73.24 -35.59
N TRP C 218 -35.62 -73.19 -35.23
CA TRP C 218 -35.04 -72.15 -34.33
C TRP C 218 -34.87 -70.82 -35.06
N LEU C 219 -34.87 -70.81 -36.41
CA LEU C 219 -34.69 -69.57 -37.20
C LEU C 219 -36.05 -68.90 -37.38
N GLU C 220 -37.08 -69.69 -37.76
CA GLU C 220 -38.49 -69.20 -37.95
C GLU C 220 -39.03 -68.66 -36.62
N ASN C 221 -38.94 -69.45 -35.54
CA ASN C 221 -39.57 -69.17 -34.22
C ASN C 221 -38.50 -69.01 -33.15
N PRO C 222 -38.03 -67.78 -32.84
CA PRO C 222 -37.08 -67.54 -31.75
C PRO C 222 -37.46 -68.03 -30.34
N SER C 223 -38.70 -68.50 -30.17
CA SER C 223 -39.24 -69.12 -28.93
C SER C 223 -38.79 -70.58 -28.79
N ASN C 224 -38.60 -71.29 -29.90
CA ASN C 224 -38.15 -72.72 -29.93
C ASN C 224 -36.62 -72.82 -29.96
N THR C 225 -35.91 -71.72 -30.19
CA THR C 225 -34.42 -71.65 -30.10
C THR C 225 -34.01 -72.01 -28.68
N PRO C 226 -33.21 -73.09 -28.48
CA PRO C 226 -32.69 -73.41 -27.15
C PRO C 226 -31.86 -72.27 -26.53
N ASP C 227 -31.60 -72.38 -25.22
CA ASP C 227 -30.77 -71.44 -24.41
C ASP C 227 -29.40 -71.28 -25.06
N LYS C 228 -28.60 -70.29 -24.64
CA LYS C 228 -27.25 -70.04 -25.20
C LYS C 228 -26.30 -71.19 -24.83
N ASP C 229 -26.36 -71.71 -23.60
CA ASP C 229 -25.45 -72.77 -23.07
C ASP C 229 -25.46 -74.00 -23.98
N TYR C 230 -26.64 -74.39 -24.46
CA TYR C 230 -26.78 -75.54 -25.39
C TYR C 230 -26.20 -75.17 -26.74
N LEU C 231 -26.59 -74.01 -27.25
CA LEU C 231 -26.17 -73.55 -28.59
C LEU C 231 -24.64 -73.49 -28.65
N LEU C 232 -23.99 -73.08 -27.56
CA LEU C 232 -22.52 -72.83 -27.49
C LEU C 232 -21.76 -74.17 -27.48
N SER C 233 -22.39 -75.27 -27.04
CA SER C 233 -21.74 -76.60 -26.98
C SER C 233 -21.25 -76.98 -28.38
N ILE C 234 -20.03 -77.49 -28.49
CA ILE C 234 -19.28 -77.57 -29.78
C ILE C 234 -19.98 -78.41 -30.84
N PRO C 235 -20.81 -79.44 -30.54
CA PRO C 235 -21.44 -80.22 -31.62
C PRO C 235 -22.48 -79.41 -32.42
N ILE C 236 -22.91 -78.28 -31.87
CA ILE C 236 -23.78 -77.30 -32.57
C ILE C 236 -22.90 -76.14 -33.06
N SER C 237 -22.27 -75.44 -32.14
CA SER C 237 -21.48 -74.21 -32.42
C SER C 237 -20.43 -74.44 -33.50
N CYS C 238 -19.90 -75.65 -33.69
CA CYS C 238 -18.88 -75.86 -34.73
C CYS C 238 -19.52 -75.83 -36.11
N PRO C 239 -20.43 -76.75 -36.46
CA PRO C 239 -21.03 -76.71 -37.79
C PRO C 239 -21.71 -75.36 -38.06
N LEU C 240 -22.45 -74.79 -37.11
CA LEU C 240 -23.21 -73.53 -37.33
C LEU C 240 -22.27 -72.35 -37.56
N ILE C 241 -21.13 -72.29 -36.88
CA ILE C 241 -20.13 -71.21 -37.14
C ILE C 241 -19.61 -71.39 -38.56
N GLY C 242 -19.44 -72.63 -39.04
CA GLY C 242 -19.15 -72.89 -40.47
C GLY C 242 -20.19 -72.25 -41.37
N VAL C 243 -21.45 -72.62 -41.14
CA VAL C 243 -22.64 -72.15 -41.89
C VAL C 243 -22.64 -70.62 -41.95
N ILE C 244 -22.42 -69.92 -40.83
CA ILE C 244 -22.42 -68.42 -40.77
C ILE C 244 -21.34 -67.85 -41.69
N GLN C 245 -20.15 -68.45 -41.69
CA GLN C 245 -18.99 -67.98 -42.47
C GLN C 245 -19.26 -68.19 -43.96
N LEU C 246 -19.68 -69.40 -44.33
CA LEU C 246 -20.05 -69.74 -45.72
C LEU C 246 -21.19 -68.83 -46.20
N ALA C 247 -22.16 -68.53 -45.34
CA ALA C 247 -23.30 -67.65 -45.69
C ALA C 247 -22.73 -66.27 -45.99
N HIS C 248 -21.99 -65.66 -45.07
CA HIS C 248 -21.32 -64.35 -45.33
C HIS C 248 -20.54 -64.38 -46.64
N TYR C 249 -19.94 -65.51 -47.00
CA TYR C 249 -19.18 -65.68 -48.26
C TYR C 249 -20.16 -65.56 -49.44
N VAL C 250 -21.14 -66.46 -49.48
CA VAL C 250 -22.22 -66.51 -50.52
C VAL C 250 -22.79 -65.11 -50.67
N VAL C 251 -23.32 -64.51 -49.60
CA VAL C 251 -23.88 -63.13 -49.65
C VAL C 251 -22.88 -62.26 -50.41
N THR C 252 -21.62 -62.20 -49.97
CA THR C 252 -20.55 -61.40 -50.63
C THR C 252 -20.45 -61.81 -52.10
N ALA C 253 -20.42 -63.10 -52.43
CA ALA C 253 -20.33 -63.54 -53.84
C ALA C 253 -21.53 -63.05 -54.65
N LYS C 254 -22.76 -63.24 -54.15
CA LYS C 254 -24.00 -62.92 -54.90
C LYS C 254 -24.11 -61.42 -55.13
N LEU C 255 -23.92 -60.60 -54.11
CA LEU C 255 -24.03 -59.12 -54.25
C LEU C 255 -22.94 -58.55 -55.18
N LEU C 256 -21.79 -59.22 -55.31
CA LEU C 256 -20.71 -58.84 -56.25
C LEU C 256 -20.97 -59.45 -57.63
N GLY C 257 -21.94 -60.36 -57.73
CA GLY C 257 -22.32 -60.98 -59.01
C GLY C 257 -21.31 -62.02 -59.45
N PHE C 258 -20.47 -62.49 -58.52
CA PHE C 258 -19.46 -63.55 -58.76
C PHE C 258 -20.07 -64.89 -58.38
N THR C 259 -19.62 -65.96 -59.05
CA THR C 259 -19.75 -67.35 -58.57
C THR C 259 -18.61 -67.57 -57.60
N PRO C 260 -18.69 -68.54 -56.67
CA PRO C 260 -17.63 -68.73 -55.66
C PRO C 260 -16.23 -68.85 -56.27
N GLY C 261 -16.10 -69.52 -57.42
CA GLY C 261 -14.85 -69.58 -58.20
C GLY C 261 -14.23 -68.21 -58.38
N GLU C 262 -14.92 -67.28 -59.06
CA GLU C 262 -14.42 -65.92 -59.37
C GLU C 262 -13.95 -65.26 -58.08
N LEU C 263 -14.80 -65.26 -57.03
CA LEU C 263 -14.49 -64.60 -55.73
C LEU C 263 -13.24 -65.25 -55.12
N ARG C 264 -13.09 -66.57 -55.25
CA ARG C 264 -11.91 -67.32 -54.74
C ARG C 264 -10.66 -66.89 -55.51
N SER C 265 -10.75 -66.68 -56.83
CA SER C 265 -9.59 -66.34 -57.72
C SER C 265 -9.15 -64.88 -57.56
N TYR C 266 -10.00 -64.01 -56.99
CA TYR C 266 -9.68 -62.61 -56.62
C TYR C 266 -8.91 -62.56 -55.29
N LEU C 267 -8.81 -63.68 -54.57
CA LEU C 267 -8.06 -63.79 -53.29
C LEU C 267 -6.63 -64.30 -53.54
N LYS C 268 -5.64 -63.56 -53.03
CA LYS C 268 -4.21 -63.93 -53.07
C LYS C 268 -4.00 -65.19 -52.22
N GLY C 269 -4.76 -65.32 -51.13
CA GLY C 269 -4.74 -66.51 -50.26
C GLY C 269 -5.84 -66.45 -49.22
N ALA C 270 -6.05 -67.53 -48.46
CA ALA C 270 -7.05 -67.61 -47.37
C ALA C 270 -6.49 -68.45 -46.21
N THR C 271 -6.97 -68.18 -45.01
CA THR C 271 -6.54 -68.89 -43.79
C THR C 271 -7.66 -68.78 -42.74
N GLY C 272 -7.43 -69.35 -41.58
CA GLY C 272 -8.44 -69.40 -40.52
C GLY C 272 -7.80 -69.54 -39.15
N HIS C 273 -8.58 -69.27 -38.12
CA HIS C 273 -8.21 -69.33 -36.70
C HIS C 273 -9.06 -70.43 -36.10
N SER C 274 -8.45 -71.53 -35.67
CA SER C 274 -9.17 -72.71 -35.15
C SER C 274 -9.95 -73.34 -36.30
N GLN C 275 -11.22 -73.71 -36.04
CA GLN C 275 -12.19 -74.35 -36.97
C GLN C 275 -12.45 -73.47 -38.20
N GLY C 276 -12.11 -72.18 -38.15
CA GLY C 276 -12.10 -71.30 -39.35
C GLY C 276 -11.37 -71.94 -40.52
N LEU C 277 -10.17 -72.44 -40.27
CA LEU C 277 -9.30 -73.11 -41.27
C LEU C 277 -10.08 -74.14 -42.10
N VAL C 278 -11.10 -74.80 -41.55
CA VAL C 278 -11.93 -75.80 -42.29
C VAL C 278 -12.69 -75.11 -43.41
N THR C 279 -13.21 -73.91 -43.15
CA THR C 279 -13.97 -73.11 -44.14
C THR C 279 -12.97 -72.70 -45.23
N ALA C 280 -11.89 -72.02 -44.85
CA ALA C 280 -10.82 -71.46 -45.72
C ALA C 280 -10.33 -72.49 -46.76
N VAL C 281 -10.32 -73.80 -46.45
CA VAL C 281 -9.88 -74.85 -47.40
C VAL C 281 -11.07 -75.24 -48.28
N ALA C 282 -12.30 -75.16 -47.77
CA ALA C 282 -13.54 -75.47 -48.51
C ALA C 282 -13.84 -74.37 -49.54
N ILE C 283 -13.59 -73.12 -49.18
CA ILE C 283 -13.66 -71.93 -50.06
C ILE C 283 -12.69 -72.12 -51.23
N ALA C 284 -11.47 -72.57 -50.95
CA ALA C 284 -10.39 -72.67 -51.95
C ALA C 284 -10.70 -73.77 -52.99
N GLU C 285 -11.63 -74.68 -52.71
CA GLU C 285 -12.04 -75.76 -53.63
C GLU C 285 -13.16 -75.30 -54.57
N THR C 286 -13.84 -74.20 -54.25
CA THR C 286 -15.09 -73.76 -54.92
C THR C 286 -14.79 -73.35 -56.35
N ASP C 287 -15.72 -73.64 -57.28
CA ASP C 287 -15.61 -73.38 -58.74
C ASP C 287 -16.87 -72.62 -59.19
N SER C 288 -18.04 -73.27 -59.16
CA SER C 288 -19.34 -72.73 -59.68
C SER C 288 -20.47 -73.06 -58.69
N TRP C 289 -21.63 -72.39 -58.78
CA TRP C 289 -22.77 -72.53 -57.83
C TRP C 289 -23.30 -73.98 -57.76
N GLU C 290 -23.10 -74.78 -58.81
CA GLU C 290 -23.58 -76.18 -58.90
C GLU C 290 -22.68 -77.10 -58.07
N SER C 291 -21.37 -76.82 -58.05
CA SER C 291 -20.32 -77.61 -57.34
C SER C 291 -19.99 -76.99 -55.96
N PHE C 292 -20.70 -75.94 -55.54
CA PHE C 292 -20.50 -75.27 -54.22
C PHE C 292 -21.14 -76.09 -53.12
N PHE C 293 -22.17 -76.88 -53.47
CA PHE C 293 -22.92 -77.73 -52.52
C PHE C 293 -22.12 -78.99 -52.14
N VAL C 294 -20.99 -79.28 -52.80
CA VAL C 294 -20.06 -80.34 -52.33
C VAL C 294 -18.97 -79.69 -51.45
N SER C 295 -18.47 -78.50 -51.81
CA SER C 295 -17.46 -77.74 -51.03
C SER C 295 -18.01 -77.37 -49.64
N VAL C 296 -19.27 -76.95 -49.55
CA VAL C 296 -19.97 -76.70 -48.23
C VAL C 296 -20.14 -78.02 -47.50
N ARG C 297 -20.62 -79.08 -48.17
CA ARG C 297 -20.95 -80.37 -47.51
C ARG C 297 -19.70 -80.94 -46.84
N LYS C 298 -18.54 -80.83 -47.48
CA LYS C 298 -17.25 -81.20 -46.87
C LYS C 298 -17.11 -80.43 -45.54
N ALA C 299 -17.06 -79.10 -45.59
CA ALA C 299 -16.80 -78.19 -44.45
C ALA C 299 -17.83 -78.34 -43.32
N ILE C 300 -19.07 -78.71 -43.64
CA ILE C 300 -20.11 -78.99 -42.61
C ILE C 300 -19.75 -80.33 -41.96
N THR C 301 -19.49 -81.35 -42.77
CA THR C 301 -19.21 -82.74 -42.31
C THR C 301 -17.97 -82.77 -41.41
N VAL C 302 -16.92 -82.05 -41.78
CA VAL C 302 -15.68 -81.93 -40.95
C VAL C 302 -16.06 -81.25 -39.63
N LEU C 303 -16.65 -80.06 -39.68
CA LEU C 303 -16.98 -79.28 -38.46
C LEU C 303 -17.98 -80.03 -37.58
N PHE C 304 -18.82 -80.87 -38.17
CA PHE C 304 -19.77 -81.72 -37.42
C PHE C 304 -18.98 -82.77 -36.62
N PHE C 305 -18.11 -83.51 -37.30
CA PHE C 305 -17.38 -84.65 -36.67
C PHE C 305 -16.39 -84.09 -35.64
N ILE C 306 -15.71 -83.00 -35.93
CA ILE C 306 -14.79 -82.37 -34.94
C ILE C 306 -15.63 -82.11 -33.68
N GLY C 307 -16.72 -81.36 -33.84
CA GLY C 307 -17.62 -80.94 -32.76
C GLY C 307 -18.25 -82.11 -32.02
N VAL C 308 -18.54 -83.23 -32.69
CA VAL C 308 -19.09 -84.44 -32.01
C VAL C 308 -17.98 -85.12 -31.22
N ARG C 309 -16.93 -85.56 -31.89
CA ARG C 309 -15.83 -86.36 -31.29
C ARG C 309 -15.11 -85.58 -30.17
N CYS C 310 -14.83 -84.29 -30.36
CA CYS C 310 -14.17 -83.46 -29.32
C CYS C 310 -15.09 -83.30 -28.09
N TYR C 311 -16.42 -83.35 -28.26
CA TYR C 311 -17.37 -83.32 -27.13
C TYR C 311 -17.37 -84.67 -26.42
N GLU C 312 -17.47 -85.77 -27.17
CA GLU C 312 -17.37 -87.15 -26.60
C GLU C 312 -16.03 -87.35 -25.84
N ALA C 313 -14.97 -86.61 -26.18
CA ALA C 313 -13.61 -86.77 -25.60
C ALA C 313 -13.46 -85.98 -24.29
N TYR C 314 -13.93 -84.73 -24.24
CA TYR C 314 -13.93 -83.90 -23.00
C TYR C 314 -15.24 -83.12 -22.87
N PRO C 315 -16.34 -83.80 -22.46
CA PRO C 315 -17.61 -83.14 -22.23
C PRO C 315 -17.53 -82.26 -20.97
N ASN C 316 -18.17 -81.10 -21.04
CA ASN C 316 -18.18 -80.08 -19.95
C ASN C 316 -19.06 -80.64 -18.81
N THR C 317 -18.52 -80.67 -17.58
CA THR C 317 -19.18 -81.20 -16.36
C THR C 317 -19.44 -80.05 -15.38
N SER C 318 -20.48 -80.19 -14.56
CA SER C 318 -20.96 -79.15 -13.61
C SER C 318 -19.77 -78.65 -12.79
N LEU C 319 -19.60 -77.33 -12.70
CA LEU C 319 -18.53 -76.68 -11.92
C LEU C 319 -19.02 -76.49 -10.48
N PRO C 320 -18.18 -76.70 -9.44
CA PRO C 320 -18.52 -76.37 -8.06
C PRO C 320 -19.05 -74.94 -7.89
N PRO C 321 -20.18 -74.72 -7.20
CA PRO C 321 -20.75 -73.37 -7.09
C PRO C 321 -19.79 -72.35 -6.46
N SER C 322 -18.94 -72.78 -5.52
CA SER C 322 -17.96 -71.94 -4.78
C SER C 322 -17.03 -71.22 -5.78
N ILE C 323 -16.46 -72.00 -6.72
CA ILE C 323 -15.53 -71.53 -7.80
C ILE C 323 -16.25 -70.50 -8.66
N LEU C 324 -17.47 -70.79 -9.11
CA LEU C 324 -18.25 -69.87 -9.99
C LEU C 324 -18.57 -68.59 -9.22
N GLU C 325 -18.87 -68.68 -7.92
CA GLU C 325 -19.20 -67.52 -7.06
C GLU C 325 -17.95 -66.65 -6.89
N ASP C 326 -16.80 -67.27 -6.61
CA ASP C 326 -15.50 -66.56 -6.45
C ASP C 326 -15.19 -65.80 -7.74
N SER C 327 -15.25 -66.48 -8.88
CA SER C 327 -14.95 -65.89 -10.22
C SER C 327 -15.82 -64.64 -10.46
N LEU C 328 -17.11 -64.69 -10.16
CA LEU C 328 -18.05 -63.55 -10.37
C LEU C 328 -17.70 -62.39 -9.43
N GLU C 329 -17.30 -62.67 -8.19
CA GLU C 329 -17.01 -61.64 -7.15
C GLU C 329 -15.68 -60.93 -7.46
N ASN C 330 -14.79 -61.55 -8.24
CA ASN C 330 -13.47 -60.97 -8.64
C ASN C 330 -13.51 -60.40 -10.07
N ASN C 331 -14.71 -60.13 -10.61
CA ASN C 331 -14.93 -59.47 -11.93
C ASN C 331 -14.25 -60.25 -13.05
N GLU C 332 -14.06 -61.56 -12.88
CA GLU C 332 -13.61 -62.51 -13.93
C GLU C 332 -14.84 -63.14 -14.58
N GLY C 333 -14.64 -63.89 -15.65
CA GLY C 333 -15.75 -64.55 -16.38
C GLY C 333 -16.35 -65.70 -15.60
N VAL C 334 -17.20 -66.48 -16.29
CA VAL C 334 -17.69 -67.82 -15.87
C VAL C 334 -16.68 -68.85 -16.38
N PRO C 335 -16.01 -69.62 -15.49
CA PRO C 335 -14.95 -70.53 -15.93
C PRO C 335 -15.39 -71.39 -17.12
N SER C 336 -14.58 -71.36 -18.16
CA SER C 336 -14.70 -72.13 -19.42
C SER C 336 -13.40 -72.87 -19.66
N PRO C 337 -13.33 -73.77 -20.65
CA PRO C 337 -12.07 -74.46 -20.96
C PRO C 337 -11.02 -73.63 -21.70
N MET C 338 -11.23 -72.33 -21.94
CA MET C 338 -10.20 -71.46 -22.59
C MET C 338 -10.20 -70.07 -21.92
N LEU C 339 -9.01 -69.63 -21.52
CA LEU C 339 -8.76 -68.38 -20.77
C LEU C 339 -7.87 -67.47 -21.62
N SER C 340 -8.29 -66.23 -21.86
CA SER C 340 -7.51 -65.24 -22.63
C SER C 340 -6.75 -64.35 -21.66
N ILE C 341 -5.44 -64.22 -21.83
CA ILE C 341 -4.57 -63.38 -20.95
C ILE C 341 -3.92 -62.30 -21.81
N SER C 342 -4.43 -61.06 -21.71
CA SER C 342 -3.96 -59.88 -22.47
C SER C 342 -2.89 -59.14 -21.68
N ASN C 343 -1.91 -58.58 -22.39
CA ASN C 343 -0.91 -57.60 -21.89
C ASN C 343 0.21 -58.30 -21.12
N LEU C 344 0.41 -59.62 -21.31
CA LEU C 344 1.61 -60.37 -20.83
C LEU C 344 2.27 -61.04 -22.02
N THR C 345 3.60 -61.07 -22.05
CA THR C 345 4.42 -61.75 -23.10
C THR C 345 4.20 -63.26 -22.96
N GLN C 346 4.57 -64.02 -23.97
CA GLN C 346 4.33 -65.49 -24.00
C GLN C 346 5.21 -66.19 -22.98
N GLU C 347 6.42 -65.68 -22.70
CA GLU C 347 7.35 -66.26 -21.69
C GLU C 347 6.67 -66.17 -20.33
N GLN C 348 6.22 -64.97 -19.97
CA GLN C 348 5.57 -64.64 -18.67
C GLN C 348 4.42 -65.61 -18.40
N VAL C 349 3.51 -65.77 -19.36
CA VAL C 349 2.34 -66.69 -19.30
C VAL C 349 2.83 -68.14 -19.19
N GLN C 350 3.82 -68.54 -19.99
CA GLN C 350 4.38 -69.92 -19.98
C GLN C 350 5.07 -70.18 -18.65
N ASP C 351 5.59 -69.14 -17.98
CA ASP C 351 6.18 -69.26 -16.63
C ASP C 351 5.05 -69.62 -15.66
N TYR C 352 3.97 -68.84 -15.64
CA TYR C 352 2.79 -69.06 -14.78
C TYR C 352 2.19 -70.45 -15.05
N VAL C 353 2.03 -70.88 -16.30
CA VAL C 353 1.39 -72.21 -16.59
C VAL C 353 2.36 -73.30 -16.16
N ASN C 354 3.67 -73.07 -16.21
CA ASN C 354 4.68 -74.08 -15.78
C ASN C 354 4.62 -74.26 -14.26
N LYS C 355 4.40 -73.17 -13.51
CA LYS C 355 4.22 -73.20 -12.03
C LYS C 355 2.93 -73.97 -11.72
N THR C 356 1.81 -73.55 -12.29
CA THR C 356 0.48 -74.21 -12.14
C THR C 356 0.58 -75.69 -12.53
N ASN C 357 1.25 -76.03 -13.62
CA ASN C 357 1.29 -77.43 -14.12
C ASN C 357 2.27 -78.28 -13.32
N SER C 358 3.14 -77.69 -12.49
CA SER C 358 4.11 -78.45 -11.65
C SER C 358 3.34 -79.24 -10.57
N HIS C 359 2.30 -78.63 -9.99
CA HIS C 359 1.44 -79.19 -8.92
C HIS C 359 0.34 -80.12 -9.46
N LEU C 360 -0.12 -79.92 -10.71
CA LEU C 360 -1.25 -80.67 -11.32
C LEU C 360 -0.73 -81.95 -11.97
N PRO C 361 -1.57 -83.01 -12.05
CA PRO C 361 -1.23 -84.25 -12.79
C PRO C 361 -1.40 -84.11 -14.30
N ALA C 362 -0.93 -85.08 -15.08
CA ALA C 362 -0.93 -85.10 -16.58
C ALA C 362 -2.31 -84.69 -17.14
N GLY C 363 -3.36 -85.44 -16.83
CA GLY C 363 -4.71 -85.25 -17.40
C GLY C 363 -5.43 -83.98 -16.94
N LYS C 364 -4.79 -83.10 -16.15
CA LYS C 364 -5.39 -81.80 -15.71
C LYS C 364 -4.48 -80.61 -16.05
N GLN C 365 -3.47 -80.80 -16.87
CA GLN C 365 -2.45 -79.76 -17.15
C GLN C 365 -3.03 -78.79 -18.18
N VAL C 366 -2.86 -77.49 -17.95
CA VAL C 366 -3.19 -76.44 -18.95
C VAL C 366 -2.04 -76.38 -19.97
N GLU C 367 -2.22 -75.61 -21.04
CA GLU C 367 -1.15 -75.30 -22.03
C GLU C 367 -1.60 -74.13 -22.90
N ILE C 368 -0.67 -73.25 -23.26
CA ILE C 368 -0.92 -72.15 -24.22
C ILE C 368 -1.41 -72.78 -25.54
N SER C 369 -2.54 -72.30 -26.05
CA SER C 369 -3.28 -72.88 -27.21
C SER C 369 -3.33 -71.89 -28.38
N LEU C 370 -3.66 -70.65 -28.11
CA LEU C 370 -3.63 -69.59 -29.14
C LEU C 370 -2.55 -68.58 -28.75
N VAL C 371 -1.67 -68.26 -29.71
CA VAL C 371 -0.78 -67.07 -29.67
C VAL C 371 -1.36 -66.06 -30.65
N ASN C 372 -2.26 -65.22 -30.17
CA ASN C 372 -3.04 -64.27 -31.01
C ASN C 372 -2.19 -63.06 -31.36
N GLY C 373 -1.40 -62.55 -30.41
CA GLY C 373 -0.54 -61.37 -30.58
C GLY C 373 0.81 -61.60 -29.92
N ALA C 374 1.54 -60.52 -29.67
CA ALA C 374 2.78 -60.52 -28.85
C ALA C 374 2.37 -60.68 -27.38
N LYS C 375 1.39 -59.85 -26.97
CA LYS C 375 0.83 -59.75 -25.60
C LYS C 375 -0.67 -60.06 -25.70
N ASN C 376 -1.01 -61.22 -26.24
CA ASN C 376 -2.41 -61.70 -26.31
C ASN C 376 -2.37 -63.21 -26.51
N LEU C 377 -2.58 -63.97 -25.44
CA LEU C 377 -2.49 -65.45 -25.44
C LEU C 377 -3.78 -66.02 -24.91
N VAL C 378 -4.06 -67.26 -25.30
CA VAL C 378 -5.22 -68.02 -24.77
C VAL C 378 -4.75 -69.36 -24.24
N VAL C 379 -4.98 -69.61 -22.95
CA VAL C 379 -4.61 -70.89 -22.31
C VAL C 379 -5.85 -71.79 -22.29
N SER C 380 -5.67 -73.06 -22.67
CA SER C 380 -6.74 -74.08 -22.77
C SER C 380 -6.46 -75.24 -21.84
N GLY C 381 -7.44 -75.60 -21.02
CA GLY C 381 -7.34 -76.74 -20.10
C GLY C 381 -8.69 -77.09 -19.51
N PRO C 382 -8.71 -77.95 -18.47
CA PRO C 382 -9.91 -78.14 -17.65
C PRO C 382 -10.28 -76.84 -16.95
N PRO C 383 -11.56 -76.44 -16.91
CA PRO C 383 -11.95 -75.15 -16.35
C PRO C 383 -11.54 -74.90 -14.89
N GLN C 384 -11.43 -75.97 -14.08
CA GLN C 384 -10.90 -75.84 -12.70
C GLN C 384 -9.43 -75.42 -12.80
N SER C 385 -8.59 -76.18 -13.50
CA SER C 385 -7.15 -75.87 -13.69
C SER C 385 -6.95 -74.39 -14.05
N LEU C 386 -7.72 -73.89 -14.98
CA LEU C 386 -7.66 -72.49 -15.47
C LEU C 386 -8.15 -71.52 -14.39
N TYR C 387 -9.03 -71.96 -13.50
CA TYR C 387 -9.40 -71.19 -12.28
C TYR C 387 -8.19 -71.19 -11.33
N GLY C 388 -7.54 -72.34 -11.17
CA GLY C 388 -6.22 -72.44 -10.51
C GLY C 388 -5.25 -71.37 -11.02
N LEU C 389 -4.93 -71.44 -12.31
CA LEU C 389 -4.12 -70.41 -13.01
C LEU C 389 -4.65 -69.02 -12.68
N ASN C 390 -5.96 -68.79 -12.81
CA ASN C 390 -6.59 -67.47 -12.64
C ASN C 390 -6.29 -66.91 -11.24
N LEU C 391 -6.19 -67.78 -10.22
CA LEU C 391 -5.91 -67.39 -8.80
C LEU C 391 -4.45 -66.94 -8.69
N THR C 392 -3.52 -67.74 -9.20
CA THR C 392 -2.06 -67.40 -9.29
C THR C 392 -1.87 -66.04 -9.96
N LEU C 393 -2.66 -65.75 -11.00
CA LEU C 393 -2.59 -64.47 -11.77
C LEU C 393 -3.14 -63.34 -10.90
N ARG C 394 -4.31 -63.49 -10.27
CA ARG C 394 -5.00 -62.39 -9.52
C ARG C 394 -4.10 -61.93 -8.36
N LYS C 395 -3.28 -62.85 -7.84
CA LYS C 395 -2.19 -62.57 -6.87
C LYS C 395 -1.19 -61.56 -7.47
N ALA C 396 -0.73 -61.81 -8.69
CA ALA C 396 0.41 -61.14 -9.36
C ALA C 396 0.03 -59.81 -10.03
N LYS C 397 -1.21 -59.67 -10.52
CA LYS C 397 -1.66 -58.42 -11.21
C LYS C 397 -1.86 -57.32 -10.15
N ALA C 398 -1.63 -56.09 -10.57
CA ALA C 398 -1.94 -54.87 -9.80
C ALA C 398 -3.45 -54.62 -9.88
N PRO C 399 -4.04 -53.88 -8.90
CA PRO C 399 -5.40 -53.34 -9.07
C PRO C 399 -5.55 -52.53 -10.37
N SER C 400 -6.71 -52.63 -11.03
CA SER C 400 -6.99 -52.07 -12.39
C SER C 400 -7.01 -50.54 -12.36
N GLY C 401 -7.51 -49.94 -11.27
CA GLY C 401 -7.64 -48.48 -11.09
C GLY C 401 -6.39 -47.83 -10.51
N LEU C 402 -5.35 -48.62 -10.14
CA LEU C 402 -4.10 -48.12 -9.50
C LEU C 402 -3.36 -47.19 -10.46
N ASP C 403 -3.03 -45.98 -9.99
CA ASP C 403 -2.19 -44.99 -10.71
C ASP C 403 -0.73 -45.22 -10.32
N GLN C 404 0.14 -45.45 -11.31
CA GLN C 404 1.58 -45.74 -11.12
C GLN C 404 2.42 -44.65 -11.78
N SER C 405 1.82 -43.51 -12.15
CA SER C 405 2.49 -42.43 -12.90
C SER C 405 3.68 -41.88 -12.09
N ARG C 406 3.64 -41.96 -10.75
CA ARG C 406 4.66 -41.40 -9.83
C ARG C 406 5.61 -42.49 -9.30
N ILE C 407 5.56 -43.70 -9.86
CA ILE C 407 6.45 -44.85 -9.48
C ILE C 407 7.41 -45.09 -10.65
N PRO C 408 8.73 -45.28 -10.41
CA PRO C 408 9.66 -45.54 -11.50
C PRO C 408 9.27 -46.78 -12.29
N PHE C 409 9.47 -46.74 -13.61
CA PHE C 409 8.95 -47.70 -14.61
C PHE C 409 9.27 -49.15 -14.18
N SER C 410 10.50 -49.41 -13.74
CA SER C 410 11.02 -50.77 -13.38
C SER C 410 10.31 -51.31 -12.13
N GLU C 411 9.99 -50.45 -11.18
CA GLU C 411 9.37 -50.81 -9.87
C GLU C 411 7.85 -50.94 -10.01
N ARG C 412 7.29 -50.61 -11.18
CA ARG C 412 5.82 -50.67 -11.44
C ARG C 412 5.38 -52.13 -11.45
N LYS C 413 4.24 -52.40 -10.82
CA LYS C 413 3.57 -53.73 -10.83
C LYS C 413 2.94 -53.89 -12.21
N LEU C 414 3.28 -54.99 -12.90
CA LEU C 414 2.78 -55.30 -14.27
C LEU C 414 1.27 -55.40 -14.21
N LYS C 415 0.58 -54.76 -15.15
CA LYS C 415 -0.90 -54.74 -15.26
C LYS C 415 -1.31 -55.55 -16.48
N PHE C 416 -2.36 -56.36 -16.33
CA PHE C 416 -2.84 -57.30 -17.37
C PHE C 416 -4.25 -57.80 -17.03
N SER C 417 -5.11 -57.85 -18.04
CA SER C 417 -6.47 -58.45 -17.93
C SER C 417 -6.34 -59.97 -18.08
N ASN C 418 -7.43 -60.67 -17.78
CA ASN C 418 -7.59 -62.13 -17.95
C ASN C 418 -9.08 -62.42 -17.74
N ARG C 419 -9.73 -62.91 -18.79
CA ARG C 419 -11.16 -63.29 -18.77
C ARG C 419 -11.29 -64.63 -19.48
N PHE C 420 -12.31 -65.40 -19.14
CA PHE C 420 -12.60 -66.69 -19.83
C PHE C 420 -13.35 -66.38 -21.11
N LEU C 421 -13.06 -67.14 -22.15
CA LEU C 421 -13.73 -66.96 -23.46
C LEU C 421 -15.06 -67.68 -23.40
N PRO C 422 -16.04 -67.24 -24.20
CA PRO C 422 -17.30 -67.97 -24.36
C PRO C 422 -17.13 -69.17 -25.31
N VAL C 423 -16.73 -70.31 -24.75
CA VAL C 423 -16.45 -71.56 -25.51
C VAL C 423 -16.70 -72.75 -24.58
N ALA C 424 -17.06 -73.92 -25.11
CA ALA C 424 -17.55 -75.06 -24.31
C ALA C 424 -16.52 -76.21 -24.26
N SER C 425 -15.55 -76.24 -25.16
CA SER C 425 -14.54 -77.32 -25.20
C SER C 425 -13.14 -76.70 -25.17
N PRO C 426 -12.10 -77.43 -24.71
CA PRO C 426 -10.72 -76.94 -24.73
C PRO C 426 -10.03 -77.27 -26.04
N PHE C 427 -10.15 -76.39 -27.03
CA PHE C 427 -9.52 -76.54 -28.36
C PHE C 427 -8.01 -76.33 -28.22
N HIS C 428 -7.23 -76.98 -29.08
CA HIS C 428 -5.76 -76.87 -29.22
C HIS C 428 -5.07 -77.36 -27.95
N SER C 429 -5.62 -78.42 -27.33
CA SER C 429 -5.09 -79.01 -26.08
C SER C 429 -4.99 -80.53 -26.23
N HIS C 430 -4.22 -81.16 -25.35
CA HIS C 430 -3.96 -82.62 -25.28
C HIS C 430 -5.27 -83.37 -24.98
N LEU C 431 -6.24 -82.70 -24.33
CA LEU C 431 -7.49 -83.33 -23.84
C LEU C 431 -8.30 -83.89 -25.01
N LEU C 432 -8.19 -83.28 -26.19
CA LEU C 432 -8.96 -83.67 -27.41
C LEU C 432 -8.19 -84.70 -28.25
N VAL C 433 -6.94 -85.06 -27.90
CA VAL C 433 -6.08 -85.97 -28.70
C VAL C 433 -6.79 -87.30 -28.98
N PRO C 434 -7.49 -87.94 -28.01
CA PRO C 434 -8.15 -89.23 -28.27
C PRO C 434 -9.17 -89.19 -29.42
N ALA C 435 -9.77 -88.02 -29.66
CA ALA C 435 -10.72 -87.74 -30.77
C ALA C 435 -10.03 -87.97 -32.12
N SER C 436 -8.81 -87.42 -32.31
CA SER C 436 -8.05 -87.42 -33.59
C SER C 436 -8.35 -88.67 -34.43
N ASP C 437 -8.07 -89.84 -33.86
CA ASP C 437 -8.10 -91.13 -34.60
C ASP C 437 -9.55 -91.43 -35.02
N LEU C 438 -10.54 -91.05 -34.21
CA LEU C 438 -11.99 -91.26 -34.51
C LEU C 438 -12.41 -90.38 -35.69
N ILE C 439 -12.00 -89.11 -35.69
CA ILE C 439 -12.36 -88.11 -36.75
C ILE C 439 -11.81 -88.61 -38.09
N ASN C 440 -10.54 -88.98 -38.14
CA ASN C 440 -9.82 -89.43 -39.38
C ASN C 440 -10.42 -90.72 -39.95
N LYS C 441 -11.38 -91.37 -39.28
CA LYS C 441 -12.18 -92.51 -39.82
C LYS C 441 -13.56 -92.01 -40.29
N ASP C 442 -14.15 -91.05 -39.57
CA ASP C 442 -15.49 -90.47 -39.88
C ASP C 442 -15.42 -89.69 -41.20
N LEU C 443 -14.26 -89.09 -41.51
CA LEU C 443 -14.03 -88.36 -42.78
C LEU C 443 -13.90 -89.39 -43.93
N VAL C 444 -13.28 -90.55 -43.71
CA VAL C 444 -13.08 -91.58 -44.78
C VAL C 444 -14.31 -92.49 -44.89
N LYS C 445 -15.23 -92.47 -43.93
CA LYS C 445 -16.53 -93.19 -44.01
C LYS C 445 -17.53 -92.37 -44.84
N ASN C 446 -17.48 -91.04 -44.73
CA ASN C 446 -18.34 -90.08 -45.48
C ASN C 446 -17.57 -89.50 -46.69
N ASN C 447 -16.49 -90.16 -47.14
CA ASN C 447 -15.65 -89.80 -48.32
C ASN C 447 -15.46 -88.28 -48.38
N VAL C 448 -14.86 -87.72 -47.33
CA VAL C 448 -14.52 -86.29 -47.18
C VAL C 448 -12.99 -86.17 -47.16
N SER C 449 -12.40 -85.78 -48.30
CA SER C 449 -10.94 -85.61 -48.47
C SER C 449 -10.68 -84.33 -49.27
N PHE C 450 -9.86 -83.44 -48.72
CA PHE C 450 -9.35 -82.23 -49.42
C PHE C 450 -8.07 -82.65 -50.16
N ASN C 451 -8.09 -82.52 -51.49
CA ASN C 451 -6.96 -82.87 -52.38
C ASN C 451 -6.23 -81.58 -52.79
N ALA C 452 -4.90 -81.61 -52.88
CA ALA C 452 -4.03 -80.44 -53.16
C ALA C 452 -4.43 -79.79 -54.49
N LYS C 453 -4.61 -80.58 -55.55
CA LYS C 453 -4.89 -80.10 -56.93
C LYS C 453 -6.22 -79.32 -56.99
N ASP C 454 -7.23 -79.74 -56.22
CA ASP C 454 -8.58 -79.10 -56.17
C ASP C 454 -8.51 -77.71 -55.50
N ILE C 455 -7.44 -77.41 -54.74
CA ILE C 455 -7.21 -76.10 -54.04
C ILE C 455 -6.43 -75.16 -54.97
N GLN C 456 -7.03 -74.06 -55.40
CA GLN C 456 -6.45 -73.16 -56.46
C GLN C 456 -5.73 -71.96 -55.83
N ILE C 457 -6.06 -71.58 -54.60
CA ILE C 457 -5.35 -70.47 -53.87
C ILE C 457 -4.64 -71.07 -52.66
N PRO C 458 -3.50 -70.49 -52.24
CA PRO C 458 -2.77 -71.00 -51.09
C PRO C 458 -3.56 -70.74 -49.79
N VAL C 459 -3.67 -71.77 -48.95
CA VAL C 459 -4.39 -71.71 -47.64
C VAL C 459 -3.36 -71.98 -46.53
N TYR C 460 -3.22 -71.06 -45.59
CA TYR C 460 -2.09 -71.03 -44.64
C TYR C 460 -2.47 -71.77 -43.36
N ASP C 461 -1.72 -72.85 -43.07
CA ASP C 461 -1.68 -73.64 -41.82
C ASP C 461 -1.60 -72.68 -40.62
N THR C 462 -2.29 -73.00 -39.53
CA THR C 462 -2.41 -72.14 -38.33
C THR C 462 -1.19 -72.28 -37.41
N PHE C 463 -0.40 -73.35 -37.56
CA PHE C 463 0.73 -73.68 -36.66
C PHE C 463 2.00 -72.96 -37.13
N ASP C 464 2.49 -73.31 -38.32
CA ASP C 464 3.82 -72.88 -38.85
C ASP C 464 3.66 -71.81 -39.95
N GLY C 465 2.47 -71.65 -40.53
CA GLY C 465 2.17 -70.63 -41.55
C GLY C 465 2.43 -71.13 -42.96
N SER C 466 2.98 -72.35 -43.11
CA SER C 466 3.27 -72.97 -44.42
C SER C 466 1.94 -73.28 -45.11
N ASP C 467 1.93 -73.23 -46.44
CA ASP C 467 0.79 -73.60 -47.31
C ASP C 467 0.44 -75.08 -47.06
N LEU C 468 -0.85 -75.44 -47.16
CA LEU C 468 -1.34 -76.83 -46.95
C LEU C 468 -1.32 -77.63 -48.26
N ARG C 469 -1.10 -76.98 -49.40
CA ARG C 469 -1.06 -77.63 -50.73
C ARG C 469 0.23 -78.44 -50.90
N VAL C 470 1.30 -78.08 -50.17
CA VAL C 470 2.67 -78.64 -50.27
C VAL C 470 2.94 -79.64 -49.14
N LEU C 471 1.90 -80.33 -48.64
CA LEU C 471 2.03 -81.42 -47.64
C LEU C 471 2.08 -82.77 -48.36
N SER C 472 2.74 -83.75 -47.74
CA SER C 472 2.83 -85.15 -48.23
C SER C 472 1.58 -85.93 -47.80
N GLY C 473 1.16 -85.78 -46.53
CA GLY C 473 0.00 -86.49 -45.94
C GLY C 473 -1.33 -85.89 -46.37
N SER C 474 -2.41 -86.40 -45.79
CA SER C 474 -3.80 -85.88 -45.96
C SER C 474 -3.89 -84.47 -45.38
N ILE C 475 -4.57 -83.57 -46.09
CA ILE C 475 -4.80 -82.16 -45.66
C ILE C 475 -5.88 -82.16 -44.57
N SER C 476 -6.90 -83.02 -44.70
CA SER C 476 -8.02 -83.16 -43.72
C SER C 476 -7.47 -83.55 -42.34
N GLU C 477 -6.55 -84.51 -42.31
CA GLU C 477 -5.91 -85.04 -41.08
C GLU C 477 -5.03 -83.97 -40.44
N ARG C 478 -4.31 -83.19 -41.25
CA ARG C 478 -3.43 -82.08 -40.81
C ARG C 478 -4.27 -80.93 -40.23
N ILE C 479 -5.38 -80.56 -40.89
CA ILE C 479 -6.32 -79.50 -40.40
C ILE C 479 -6.84 -79.92 -39.02
N VAL C 480 -7.43 -81.10 -38.92
CA VAL C 480 -7.96 -81.68 -37.64
C VAL C 480 -6.87 -81.55 -36.57
N ASP C 481 -5.66 -82.06 -36.86
CA ASP C 481 -4.49 -81.99 -35.95
C ASP C 481 -4.24 -80.52 -35.56
N CYS C 482 -4.35 -79.56 -36.50
CA CYS C 482 -4.14 -78.10 -36.30
C CYS C 482 -5.22 -77.47 -35.41
N ILE C 483 -6.42 -78.06 -35.37
CA ILE C 483 -7.59 -77.52 -34.61
C ILE C 483 -7.63 -78.16 -33.22
N ILE C 484 -7.63 -79.49 -33.16
CA ILE C 484 -7.89 -80.21 -31.87
C ILE C 484 -6.69 -79.99 -30.93
N ARG C 485 -5.45 -80.20 -31.39
CA ARG C 485 -4.29 -80.31 -30.45
C ARG C 485 -3.21 -79.26 -30.71
N LEU C 486 -2.80 -79.04 -31.96
CA LEU C 486 -1.66 -78.12 -32.25
C LEU C 486 -2.08 -76.69 -31.93
N PRO C 487 -1.20 -75.87 -31.36
CA PRO C 487 -1.55 -74.50 -31.02
C PRO C 487 -1.77 -73.67 -32.29
N VAL C 488 -2.27 -72.44 -32.13
CA VAL C 488 -2.50 -71.48 -33.24
C VAL C 488 -1.56 -70.29 -33.04
N LYS C 489 -0.52 -70.19 -33.87
CA LYS C 489 0.38 -69.03 -33.89
C LYS C 489 -0.13 -68.05 -34.94
N TRP C 490 -0.99 -67.14 -34.53
CA TRP C 490 -1.73 -66.26 -35.47
C TRP C 490 -0.76 -65.32 -36.17
N GLU C 491 0.18 -64.71 -35.44
CA GLU C 491 1.18 -63.80 -36.04
C GLU C 491 1.99 -64.57 -37.08
N THR C 492 2.36 -65.82 -36.79
CA THR C 492 3.21 -66.67 -37.67
C THR C 492 2.48 -66.97 -38.98
N THR C 493 1.20 -67.35 -38.92
CA THR C 493 0.40 -67.69 -40.13
C THR C 493 0.08 -66.43 -40.95
N THR C 494 -0.29 -65.31 -40.32
CA THR C 494 -0.59 -64.05 -41.02
C THR C 494 0.70 -63.25 -41.24
N GLN C 495 1.70 -63.85 -41.87
CA GLN C 495 2.97 -63.18 -42.27
C GLN C 495 2.93 -62.89 -43.78
N PHE C 496 1.89 -63.36 -44.47
CA PHE C 496 1.59 -63.06 -45.90
C PHE C 496 1.48 -61.54 -46.11
N LYS C 497 1.93 -61.08 -47.28
CA LYS C 497 1.78 -59.66 -47.72
C LYS C 497 0.40 -59.54 -48.37
N ALA C 498 -0.38 -58.57 -47.90
CA ALA C 498 -1.73 -58.25 -48.42
C ALA C 498 -2.15 -56.85 -47.96
N THR C 499 -2.70 -56.06 -48.86
CA THR C 499 -3.23 -54.69 -48.59
C THR C 499 -4.58 -54.76 -47.86
N HIS C 500 -5.36 -55.82 -48.11
CA HIS C 500 -6.75 -55.97 -47.61
C HIS C 500 -6.96 -57.37 -47.06
N ILE C 501 -7.65 -57.48 -45.91
CA ILE C 501 -8.00 -58.75 -45.22
C ILE C 501 -9.51 -58.73 -44.93
N LEU C 502 -10.27 -59.68 -45.48
CA LEU C 502 -11.74 -59.83 -45.29
C LEU C 502 -12.05 -60.83 -44.16
N ASP C 503 -12.52 -60.34 -43.00
CA ASP C 503 -12.93 -61.18 -41.84
C ASP C 503 -14.36 -61.65 -42.11
N PHE C 504 -14.48 -62.82 -42.74
CA PHE C 504 -15.78 -63.50 -42.95
C PHE C 504 -16.33 -63.98 -41.60
N GLY C 505 -15.42 -64.29 -40.66
CA GLY C 505 -15.70 -64.96 -39.38
C GLY C 505 -16.88 -64.36 -38.66
N PRO C 506 -17.40 -65.06 -37.63
CA PRO C 506 -18.42 -64.49 -36.74
C PRO C 506 -17.71 -63.53 -35.79
N GLY C 507 -18.49 -62.64 -35.16
CA GLY C 507 -18.05 -61.74 -34.07
C GLY C 507 -18.06 -60.28 -34.49
N GLY C 508 -18.15 -60.00 -35.79
CA GLY C 508 -18.11 -58.61 -36.27
C GLY C 508 -16.95 -57.85 -35.67
N ALA C 509 -17.23 -56.81 -34.89
CA ALA C 509 -16.22 -55.90 -34.32
C ALA C 509 -15.41 -56.58 -33.21
N SER C 510 -15.86 -57.72 -32.68
CA SER C 510 -15.20 -58.46 -31.57
C SER C 510 -14.63 -59.79 -32.07
N GLY C 511 -14.47 -59.89 -33.40
CA GLY C 511 -14.05 -61.13 -34.09
C GLY C 511 -12.57 -61.12 -34.39
N LEU C 512 -12.16 -62.00 -35.30
CA LEU C 512 -10.75 -62.23 -35.70
C LEU C 512 -10.19 -61.00 -36.45
N GLY C 513 -11.03 -60.31 -37.20
CA GLY C 513 -10.61 -59.18 -38.04
C GLY C 513 -9.94 -58.13 -37.19
N VAL C 514 -10.64 -57.62 -36.19
CA VAL C 514 -10.17 -56.51 -35.31
C VAL C 514 -8.92 -56.96 -34.53
N LEU C 515 -8.81 -58.24 -34.17
CA LEU C 515 -7.60 -58.78 -33.52
C LEU C 515 -6.42 -58.64 -34.49
N THR C 516 -6.58 -59.13 -35.73
CA THR C 516 -5.57 -59.13 -36.81
C THR C 516 -5.18 -57.68 -37.16
N HIS C 517 -6.14 -56.76 -37.20
CA HIS C 517 -5.88 -55.31 -37.34
C HIS C 517 -4.90 -54.83 -36.26
N ARG C 518 -5.17 -55.12 -34.99
CA ARG C 518 -4.32 -54.67 -33.86
C ARG C 518 -2.92 -55.26 -34.00
N ASN C 519 -2.82 -56.51 -34.46
CA ASN C 519 -1.52 -57.22 -34.65
C ASN C 519 -0.68 -56.52 -35.70
N LYS C 520 -1.28 -56.02 -36.78
CA LYS C 520 -0.48 -55.45 -37.89
C LYS C 520 -0.98 -54.05 -38.26
N ASP C 521 -1.21 -53.25 -37.22
CA ASP C 521 -1.42 -51.79 -37.32
C ASP C 521 -0.13 -51.18 -37.82
N GLY C 522 -0.24 -50.15 -38.67
CA GLY C 522 0.90 -49.37 -39.18
C GLY C 522 1.75 -50.08 -40.25
N THR C 523 1.34 -51.26 -40.75
CA THR C 523 2.00 -51.98 -41.86
C THR C 523 1.31 -51.67 -43.19
N GLY C 524 0.24 -50.89 -43.16
CA GLY C 524 -0.59 -50.56 -44.34
C GLY C 524 -1.39 -51.77 -44.80
N VAL C 525 -2.11 -52.41 -43.86
CA VAL C 525 -3.04 -53.53 -44.11
C VAL C 525 -4.42 -53.12 -43.57
N ARG C 526 -5.39 -52.93 -44.47
CA ARG C 526 -6.77 -52.59 -44.10
C ARG C 526 -7.52 -53.91 -43.89
N VAL C 527 -8.04 -54.10 -42.67
CA VAL C 527 -9.00 -55.20 -42.36
C VAL C 527 -10.41 -54.68 -42.63
N ILE C 528 -11.21 -55.48 -43.32
CA ILE C 528 -12.63 -55.21 -43.63
C ILE C 528 -13.44 -56.35 -43.02
N VAL C 529 -14.28 -56.05 -42.04
CA VAL C 529 -15.25 -57.01 -41.43
C VAL C 529 -16.37 -57.25 -42.45
N ALA C 530 -16.42 -58.44 -43.05
CA ALA C 530 -17.24 -58.72 -44.25
C ALA C 530 -18.60 -59.28 -43.86
N GLY C 531 -18.88 -59.42 -42.56
CA GLY C 531 -20.10 -60.08 -42.03
C GLY C 531 -21.09 -59.11 -41.42
N THR C 532 -20.59 -57.99 -40.92
CA THR C 532 -21.36 -57.04 -40.07
C THR C 532 -21.40 -55.70 -40.80
N LEU C 533 -22.60 -55.20 -41.08
CA LEU C 533 -22.82 -53.77 -41.44
C LEU C 533 -22.80 -52.93 -40.16
N ASP C 534 -22.07 -51.83 -40.17
CA ASP C 534 -21.94 -50.92 -39.00
C ASP C 534 -21.13 -49.70 -39.43
N ILE C 535 -21.09 -48.68 -38.57
CA ILE C 535 -20.24 -47.47 -38.77
C ILE C 535 -19.13 -47.50 -37.73
N ASN C 536 -17.89 -47.53 -38.22
CA ASN C 536 -16.67 -47.27 -37.41
C ASN C 536 -16.55 -45.77 -37.25
N PRO C 537 -16.51 -45.24 -36.00
CA PRO C 537 -16.18 -43.83 -35.78
C PRO C 537 -14.75 -43.48 -36.20
N ASP C 538 -13.75 -44.19 -35.65
CA ASP C 538 -12.30 -43.99 -35.91
C ASP C 538 -11.95 -44.26 -37.39
N ASP C 539 -12.70 -45.14 -38.06
CA ASP C 539 -12.51 -45.54 -39.49
C ASP C 539 -11.10 -46.11 -39.72
N ASP C 540 -10.63 -47.00 -38.84
CA ASP C 540 -9.29 -47.66 -38.92
C ASP C 540 -9.43 -49.04 -39.57
N TYR C 541 -10.60 -49.66 -39.44
CA TYR C 541 -10.98 -50.91 -40.15
C TYR C 541 -12.35 -50.70 -40.77
N GLY C 542 -12.58 -51.36 -41.89
CA GLY C 542 -13.82 -51.24 -42.67
C GLY C 542 -14.89 -52.19 -42.19
N PHE C 543 -16.09 -52.02 -42.73
CA PHE C 543 -17.22 -52.96 -42.60
C PHE C 543 -17.78 -53.33 -43.97
N LYS C 544 -18.68 -54.32 -43.96
CA LYS C 544 -19.40 -54.89 -45.13
C LYS C 544 -19.43 -53.92 -46.32
N GLN C 545 -19.84 -52.66 -46.13
CA GLN C 545 -20.12 -51.71 -47.24
C GLN C 545 -18.89 -51.55 -48.14
N GLU C 546 -17.69 -51.38 -47.56
CA GLU C 546 -16.40 -51.18 -48.31
C GLU C 546 -16.19 -52.25 -49.38
N ILE C 547 -16.74 -53.45 -49.22
CA ILE C 547 -16.58 -54.56 -50.21
C ILE C 547 -17.43 -54.25 -51.45
N PHE C 548 -18.59 -53.61 -51.26
CA PHE C 548 -19.61 -53.41 -52.32
C PHE C 548 -19.46 -52.02 -52.95
N ASP C 549 -19.22 -50.99 -52.13
CA ASP C 549 -19.02 -49.58 -52.57
C ASP C 549 -18.23 -49.52 -53.89
N VAL C 550 -18.67 -48.68 -54.84
CA VAL C 550 -18.10 -48.50 -56.21
C VAL C 550 -17.30 -47.20 -56.30
N THR C 551 -17.44 -46.30 -55.32
CA THR C 551 -16.79 -44.97 -55.25
C THR C 551 -15.34 -45.13 -54.74
N SER C 552 -14.66 -44.03 -54.43
CA SER C 552 -13.32 -44.00 -53.77
C SER C 552 -13.39 -44.59 -52.36
N ASN C 553 -14.51 -44.40 -51.65
CA ASN C 553 -14.77 -44.92 -50.26
C ASN C 553 -14.81 -46.45 -50.21
N GLY C 554 -14.87 -47.13 -51.35
CA GLY C 554 -14.69 -48.59 -51.44
C GLY C 554 -13.24 -48.98 -51.14
N LEU C 555 -12.29 -48.31 -51.80
CA LEU C 555 -10.85 -48.61 -51.66
C LEU C 555 -10.21 -47.60 -50.70
N LYS C 556 -10.14 -47.97 -49.42
CA LYS C 556 -9.41 -47.24 -48.36
C LYS C 556 -8.19 -48.06 -47.98
N LYS C 557 -6.99 -47.49 -48.08
CA LYS C 557 -5.73 -48.12 -47.66
C LYS C 557 -5.36 -47.56 -46.28
N ASN C 558 -5.00 -48.44 -45.35
CA ASN C 558 -4.50 -48.04 -44.01
C ASN C 558 -3.08 -47.50 -44.16
N PRO C 559 -2.69 -46.57 -43.26
CA PRO C 559 -1.37 -45.93 -43.34
C PRO C 559 -0.26 -46.91 -43.00
N ASN C 560 0.75 -47.00 -43.89
CA ASN C 560 2.05 -47.65 -43.62
C ASN C 560 3.02 -46.59 -43.09
N TRP C 561 3.28 -46.58 -41.79
CA TRP C 561 4.06 -45.51 -41.12
C TRP C 561 5.45 -45.33 -41.74
N LEU C 562 6.11 -46.42 -42.16
CA LEU C 562 7.44 -46.33 -42.78
C LEU C 562 7.35 -45.56 -44.10
N GLU C 563 6.22 -45.63 -44.82
CA GLU C 563 6.04 -44.90 -46.10
C GLU C 563 5.44 -43.51 -45.86
N GLU C 564 4.43 -43.38 -45.02
CA GLU C 564 3.75 -42.07 -44.82
C GLU C 564 4.72 -41.08 -44.15
N TYR C 565 5.68 -41.57 -43.37
CA TYR C 565 6.59 -40.73 -42.52
C TYR C 565 8.05 -41.08 -42.79
N HIS C 566 8.35 -41.67 -43.95
CA HIS C 566 9.73 -41.88 -44.46
C HIS C 566 10.45 -40.55 -44.47
N PRO C 567 11.65 -40.44 -43.86
CA PRO C 567 12.43 -39.19 -43.93
C PRO C 567 13.17 -39.10 -45.26
N LYS C 568 13.08 -37.94 -45.90
CA LYS C 568 13.65 -37.68 -47.24
C LYS C 568 14.71 -36.59 -47.11
N LEU C 569 15.48 -36.42 -48.17
CA LEU C 569 16.38 -35.28 -48.40
C LEU C 569 15.77 -34.37 -49.47
N ILE C 570 15.96 -33.08 -49.31
CA ILE C 570 15.52 -32.03 -50.25
C ILE C 570 16.62 -30.98 -50.25
N LYS C 571 16.72 -30.12 -51.27
CA LYS C 571 17.69 -29.01 -51.26
C LYS C 571 17.05 -27.73 -51.83
N ASN C 572 17.41 -26.58 -51.26
CA ASN C 572 17.14 -25.21 -51.79
C ASN C 572 17.72 -25.06 -53.21
N LYS C 573 17.43 -23.91 -53.84
CA LYS C 573 18.12 -23.39 -55.04
C LYS C 573 19.59 -23.06 -54.70
N SER C 574 19.88 -22.71 -53.44
CA SER C 574 21.25 -22.45 -52.89
C SER C 574 22.00 -23.75 -52.63
N GLY C 575 21.35 -24.92 -52.78
CA GLY C 575 22.00 -26.23 -52.76
C GLY C 575 22.20 -26.77 -51.36
N LYS C 576 21.54 -26.17 -50.35
CA LYS C 576 21.62 -26.57 -48.92
C LYS C 576 20.68 -27.76 -48.73
N ILE C 577 21.20 -28.91 -48.31
CA ILE C 577 20.41 -30.15 -48.11
C ILE C 577 19.79 -30.13 -46.72
N PHE C 578 18.49 -30.37 -46.68
CA PHE C 578 17.68 -30.49 -45.45
C PHE C 578 17.24 -31.94 -45.32
N VAL C 579 17.22 -32.46 -44.09
CA VAL C 579 16.41 -33.64 -43.73
C VAL C 579 14.94 -33.18 -43.74
N GLU C 580 14.09 -33.84 -44.54
CA GLU C 580 12.71 -33.40 -44.81
C GLU C 580 11.78 -34.32 -44.02
N THR C 581 11.24 -33.81 -42.93
CA THR C 581 10.22 -34.48 -42.11
C THR C 581 9.02 -33.56 -41.95
N LYS C 582 7.89 -34.12 -41.55
CA LYS C 582 6.68 -33.34 -41.18
C LYS C 582 7.05 -32.05 -40.42
N PHE C 583 8.04 -32.09 -39.53
CA PHE C 583 8.45 -30.93 -38.70
C PHE C 583 9.28 -29.93 -39.53
N SER C 584 10.39 -30.35 -40.14
CA SER C 584 11.27 -29.43 -40.91
C SER C 584 10.46 -28.76 -42.04
N LYS C 585 9.51 -29.46 -42.63
CA LYS C 585 8.68 -28.95 -43.75
C LYS C 585 7.87 -27.73 -43.28
N LEU C 586 7.47 -27.66 -42.02
CA LEU C 586 6.73 -26.50 -41.49
C LEU C 586 7.68 -25.31 -41.35
N ILE C 587 8.83 -25.54 -40.72
CA ILE C 587 9.71 -24.46 -40.18
C ILE C 587 10.84 -24.15 -41.15
N GLY C 588 11.08 -24.98 -42.16
CA GLY C 588 12.11 -24.71 -43.18
C GLY C 588 13.51 -24.68 -42.60
N ARG C 589 13.70 -25.36 -41.49
CA ARG C 589 15.00 -25.54 -40.83
C ARG C 589 15.13 -27.00 -40.46
N PRO C 590 16.35 -27.53 -40.25
CA PRO C 590 16.54 -28.92 -39.84
C PRO C 590 15.67 -29.30 -38.65
N PRO C 591 15.22 -30.57 -38.57
CA PRO C 591 14.29 -31.00 -37.54
C PRO C 591 15.00 -31.35 -36.22
N LEU C 592 15.89 -30.45 -35.80
CA LEU C 592 16.65 -30.52 -34.54
C LEU C 592 16.32 -29.24 -33.78
N LEU C 593 15.86 -29.36 -32.54
CA LEU C 593 15.59 -28.17 -31.73
C LEU C 593 16.37 -28.24 -30.40
N VAL C 594 16.77 -27.08 -29.91
CA VAL C 594 17.26 -26.89 -28.52
C VAL C 594 16.05 -26.48 -27.72
N PRO C 595 15.66 -27.27 -26.71
CA PRO C 595 14.47 -26.96 -25.96
C PRO C 595 14.79 -25.86 -24.95
N GLY C 596 13.74 -25.21 -24.44
CA GLY C 596 13.82 -24.22 -23.36
C GLY C 596 14.49 -24.89 -22.19
N MET C 597 15.61 -24.33 -21.76
CA MET C 597 16.39 -24.83 -20.62
C MET C 597 16.68 -23.68 -19.68
N THR C 598 16.21 -23.76 -18.44
CA THR C 598 16.58 -22.84 -17.35
C THR C 598 17.78 -23.45 -16.62
N PRO C 599 18.97 -22.82 -16.61
CA PRO C 599 19.20 -21.49 -17.18
C PRO C 599 20.04 -21.42 -18.45
N CYS C 600 20.07 -22.48 -19.25
CA CYS C 600 20.96 -22.57 -20.44
C CYS C 600 20.45 -21.65 -21.57
N THR C 601 19.14 -21.66 -21.82
CA THR C 601 18.50 -20.87 -22.89
C THR C 601 17.76 -19.67 -22.30
N VAL C 602 18.07 -19.24 -21.07
CA VAL C 602 17.53 -17.95 -20.57
C VAL C 602 18.39 -16.81 -21.14
N SER C 603 19.65 -17.10 -21.48
CA SER C 603 20.59 -16.17 -22.14
C SER C 603 20.09 -15.76 -23.52
N PRO C 604 19.81 -14.47 -23.79
CA PRO C 604 19.58 -14.02 -25.17
C PRO C 604 20.77 -14.20 -26.15
N ASP C 605 22.00 -14.30 -25.67
CA ASP C 605 23.17 -14.46 -26.57
C ASP C 605 23.24 -15.89 -27.10
N PHE C 606 22.84 -16.88 -26.29
CA PHE C 606 22.81 -18.31 -26.68
C PHE C 606 21.65 -18.59 -27.62
N VAL C 607 20.48 -18.04 -27.31
CA VAL C 607 19.27 -18.15 -28.16
C VAL C 607 19.61 -17.57 -29.53
N ALA C 608 20.12 -16.34 -29.57
CA ALA C 608 20.51 -15.66 -30.81
C ALA C 608 21.56 -16.49 -31.56
N ALA C 609 22.55 -17.06 -30.89
CA ALA C 609 23.67 -17.74 -31.57
C ALA C 609 23.20 -19.06 -32.20
N THR C 610 22.22 -19.71 -31.60
CA THR C 610 21.61 -20.98 -32.05
C THR C 610 20.67 -20.69 -33.24
N THR C 611 19.86 -19.64 -33.12
CA THR C 611 19.00 -19.12 -34.22
C THR C 611 19.89 -18.76 -35.40
N ASN C 612 21.02 -18.10 -35.16
CA ASN C 612 21.92 -17.63 -36.24
C ASN C 612 22.61 -18.81 -36.92
N ALA C 613 22.74 -19.94 -36.23
CA ALA C 613 23.23 -21.23 -36.79
C ALA C 613 22.14 -21.90 -37.65
N GLY C 614 20.92 -21.39 -37.60
CA GLY C 614 19.78 -21.86 -38.43
C GLY C 614 19.10 -23.07 -37.80
N TYR C 615 18.98 -23.09 -36.48
CA TYR C 615 18.42 -24.18 -35.65
C TYR C 615 17.44 -23.60 -34.64
N THR C 616 16.27 -24.21 -34.46
CA THR C 616 15.21 -23.64 -33.60
C THR C 616 15.55 -23.83 -32.12
N ILE C 617 15.32 -22.81 -31.31
CA ILE C 617 15.62 -22.78 -29.86
C ILE C 617 14.49 -22.04 -29.13
N GLU C 618 14.16 -22.50 -27.93
CA GLU C 618 13.15 -21.88 -27.04
C GLU C 618 13.90 -20.97 -26.06
N LEU C 619 13.51 -19.71 -25.96
CA LEU C 619 13.92 -18.81 -24.83
C LEU C 619 13.17 -19.24 -23.57
N ALA C 620 13.87 -19.62 -22.51
CA ALA C 620 13.27 -20.17 -21.28
C ALA C 620 12.69 -19.05 -20.43
N GLY C 621 11.36 -18.98 -20.34
CA GLY C 621 10.61 -18.06 -19.45
C GLY C 621 10.95 -18.27 -17.99
N GLY C 622 11.32 -19.51 -17.61
CA GLY C 622 11.72 -19.87 -16.23
C GLY C 622 12.79 -18.98 -15.63
N GLY C 623 13.65 -18.36 -16.44
CA GLY C 623 14.71 -17.45 -15.95
C GLY C 623 14.26 -16.00 -15.77
N TYR C 624 12.96 -15.70 -15.85
CA TYR C 624 12.41 -14.33 -15.81
C TYR C 624 11.29 -14.30 -14.77
N PHE C 625 11.13 -13.16 -14.08
CA PHE C 625 10.19 -12.99 -12.95
C PHE C 625 9.32 -11.76 -13.17
N SER C 626 9.23 -11.26 -14.40
CA SER C 626 8.53 -9.99 -14.73
C SER C 626 8.41 -9.83 -16.24
N ALA C 627 7.31 -9.24 -16.70
CA ALA C 627 7.09 -8.89 -18.14
C ALA C 627 8.22 -8.00 -18.66
N ALA C 628 8.70 -7.03 -17.88
CA ALA C 628 9.76 -6.08 -18.29
C ALA C 628 11.07 -6.82 -18.51
N GLY C 629 11.43 -7.70 -17.57
CA GLY C 629 12.68 -8.48 -17.62
C GLY C 629 12.73 -9.40 -18.83
N MET C 630 11.59 -10.03 -19.15
CA MET C 630 11.43 -10.93 -20.31
C MET C 630 11.26 -10.13 -21.61
N THR C 631 10.61 -8.97 -21.58
CA THR C 631 10.57 -8.07 -22.78
C THR C 631 12.00 -7.67 -23.15
N ALA C 632 12.81 -7.23 -22.19
CA ALA C 632 14.20 -6.79 -22.41
C ALA C 632 15.08 -7.92 -22.94
N ALA C 633 14.70 -9.18 -22.69
CA ALA C 633 15.43 -10.39 -23.13
C ALA C 633 15.11 -10.65 -24.59
N ILE C 634 13.81 -10.68 -24.89
CA ILE C 634 13.25 -10.86 -26.25
C ILE C 634 13.74 -9.74 -27.16
N ASP C 635 13.66 -8.48 -26.72
CA ASP C 635 14.20 -7.30 -27.44
C ASP C 635 15.69 -7.52 -27.76
N SER C 636 16.48 -8.03 -26.82
CA SER C 636 17.92 -8.34 -27.01
C SER C 636 18.12 -9.49 -28.01
N VAL C 637 17.22 -10.50 -28.01
CA VAL C 637 17.32 -11.66 -28.95
C VAL C 637 17.08 -11.12 -30.37
N VAL C 638 16.03 -10.32 -30.54
CA VAL C 638 15.58 -9.70 -31.83
C VAL C 638 16.66 -8.75 -32.37
N SER C 639 17.46 -8.12 -31.50
CA SER C 639 18.54 -7.22 -31.96
C SER C 639 19.77 -8.01 -32.45
N GLN C 640 19.85 -9.34 -32.24
CA GLN C 640 21.09 -10.11 -32.51
C GLN C 640 20.91 -11.12 -33.65
N ILE C 641 19.68 -11.33 -34.11
CA ILE C 641 19.34 -12.34 -35.17
C ILE C 641 19.09 -11.61 -36.48
N GLU C 642 19.29 -12.29 -37.61
CA GLU C 642 19.08 -11.68 -38.95
C GLU C 642 17.59 -11.46 -39.16
N LYS C 643 17.22 -10.53 -40.04
CA LYS C 643 15.82 -10.29 -40.45
C LYS C 643 15.23 -11.61 -40.95
N GLY C 644 13.98 -11.90 -40.59
CA GLY C 644 13.29 -13.14 -41.02
C GLY C 644 13.49 -14.30 -40.06
N SER C 645 14.58 -14.30 -39.29
CA SER C 645 14.83 -15.28 -38.21
C SER C 645 13.72 -15.18 -37.17
N THR C 646 13.46 -16.32 -36.51
CA THR C 646 12.44 -16.50 -35.45
C THR C 646 13.07 -17.33 -34.34
N PHE C 647 12.45 -17.31 -33.17
CA PHE C 647 12.78 -18.18 -32.04
C PHE C 647 11.46 -18.51 -31.36
N GLY C 648 11.51 -19.28 -30.29
CA GLY C 648 10.30 -19.59 -29.53
C GLY C 648 10.48 -19.29 -28.06
N ILE C 649 9.41 -19.49 -27.30
CA ILE C 649 9.39 -19.21 -25.84
C ILE C 649 8.90 -20.46 -25.11
N ASN C 650 9.63 -20.86 -24.09
CA ASN C 650 9.25 -21.97 -23.21
C ASN C 650 8.67 -21.37 -21.93
N LEU C 651 7.48 -21.81 -21.53
CA LEU C 651 6.87 -21.45 -20.23
C LEU C 651 6.62 -22.76 -19.47
N ILE C 652 7.17 -22.83 -18.26
CA ILE C 652 6.88 -23.87 -17.23
C ILE C 652 5.41 -23.70 -16.83
N TYR C 653 4.74 -24.79 -16.49
CA TYR C 653 3.32 -24.81 -16.06
C TYR C 653 3.23 -25.00 -14.54
N VAL C 654 4.21 -25.69 -13.94
CA VAL C 654 4.38 -25.85 -12.46
C VAL C 654 4.76 -24.48 -11.84
N ASN C 655 4.79 -23.41 -12.62
CA ASN C 655 5.01 -22.02 -12.14
C ASN C 655 3.85 -21.17 -12.63
N PRO C 656 2.65 -21.28 -12.01
CA PRO C 656 1.44 -20.65 -12.53
C PRO C 656 1.40 -19.12 -12.45
N PHE C 657 2.27 -18.54 -11.61
CA PHE C 657 2.35 -17.08 -11.34
C PHE C 657 3.09 -16.39 -12.48
N MET C 658 3.95 -17.12 -13.19
CA MET C 658 4.64 -16.65 -14.42
C MET C 658 3.63 -16.56 -15.56
N LEU C 659 2.82 -17.59 -15.80
CA LEU C 659 1.85 -17.62 -16.92
C LEU C 659 0.91 -16.40 -16.91
N GLN C 660 0.53 -15.88 -15.74
CA GLN C 660 -0.51 -14.82 -15.69
C GLN C 660 0.06 -13.47 -16.16
N TRP C 661 1.39 -13.33 -16.29
CA TRP C 661 2.02 -12.18 -17.00
C TRP C 661 2.64 -12.60 -18.34
N GLY C 662 3.14 -13.84 -18.45
CA GLY C 662 3.85 -14.40 -19.62
C GLY C 662 2.96 -14.65 -20.83
N ILE C 663 1.75 -15.18 -20.64
CA ILE C 663 0.80 -15.45 -21.76
C ILE C 663 0.26 -14.14 -22.32
N PRO C 664 -0.20 -13.17 -21.49
CA PRO C 664 -0.60 -11.86 -22.01
C PRO C 664 0.55 -11.15 -22.71
N LEU C 665 1.78 -11.33 -22.23
CA LEU C 665 3.00 -10.75 -22.84
C LEU C 665 3.14 -11.24 -24.27
N ILE C 666 3.18 -12.57 -24.45
CA ILE C 666 3.32 -13.22 -25.78
C ILE C 666 2.21 -12.70 -26.69
N LYS C 667 0.98 -12.60 -26.18
CA LYS C 667 -0.20 -12.11 -26.94
C LYS C 667 0.08 -10.69 -27.44
N GLU C 668 0.65 -9.84 -26.59
CA GLU C 668 0.93 -8.42 -26.88
C GLU C 668 2.10 -8.33 -27.88
N LEU C 669 3.14 -9.13 -27.67
CA LEU C 669 4.35 -9.11 -28.52
C LEU C 669 4.03 -9.69 -29.91
N ARG C 670 3.14 -10.67 -30.00
CA ARG C 670 2.66 -11.20 -31.29
C ARG C 670 1.79 -10.15 -31.99
N SER C 671 0.99 -9.37 -31.25
CA SER C 671 0.13 -8.30 -31.80
C SER C 671 1.01 -7.19 -32.41
N LYS C 672 2.15 -6.88 -31.82
CA LYS C 672 3.16 -5.93 -32.39
C LYS C 672 4.00 -6.63 -33.47
N GLY C 673 3.89 -7.96 -33.58
CA GLY C 673 4.48 -8.75 -34.68
C GLY C 673 5.89 -9.20 -34.38
N TYR C 674 6.27 -9.34 -33.11
CA TYR C 674 7.59 -9.88 -32.70
C TYR C 674 7.75 -11.27 -33.30
N PRO C 675 8.97 -11.64 -33.74
CA PRO C 675 9.22 -12.93 -34.38
C PRO C 675 9.24 -14.11 -33.41
N ILE C 676 8.14 -14.34 -32.70
CA ILE C 676 7.94 -15.51 -31.82
C ILE C 676 7.17 -16.54 -32.65
N GLN C 677 7.86 -17.60 -33.05
CA GLN C 677 7.33 -18.62 -33.98
C GLN C 677 6.38 -19.53 -33.22
N PHE C 678 6.64 -19.77 -31.95
CA PHE C 678 5.93 -20.82 -31.19
C PHE C 678 6.20 -20.71 -29.70
N LEU C 679 5.29 -21.29 -28.95
CA LEU C 679 5.31 -21.37 -27.49
C LEU C 679 5.31 -22.86 -27.16
N THR C 680 6.20 -23.26 -26.28
CA THR C 680 6.27 -24.60 -25.69
C THR C 680 5.92 -24.48 -24.22
N ILE C 681 5.03 -25.34 -23.73
CA ILE C 681 4.71 -25.44 -22.29
C ILE C 681 5.38 -26.70 -21.75
N GLY C 682 6.35 -26.53 -20.85
CA GLY C 682 7.00 -27.62 -20.09
C GLY C 682 6.28 -27.83 -18.78
N ALA C 683 6.52 -29.01 -18.18
CA ALA C 683 6.08 -29.44 -16.83
C ALA C 683 4.55 -29.35 -16.74
N GLY C 684 3.88 -30.08 -17.62
CA GLY C 684 2.43 -30.33 -17.54
C GLY C 684 1.77 -29.89 -18.82
N VAL C 685 0.84 -30.71 -19.30
CA VAL C 685 0.02 -30.40 -20.50
C VAL C 685 -1.20 -29.59 -20.06
N PRO C 686 -1.41 -28.38 -20.60
CA PRO C 686 -2.58 -27.57 -20.26
C PRO C 686 -3.89 -28.34 -20.47
N SER C 687 -4.95 -27.88 -19.80
CA SER C 687 -6.34 -28.36 -19.99
C SER C 687 -6.85 -27.92 -21.37
N LEU C 688 -7.88 -28.58 -21.88
CA LEU C 688 -8.45 -28.33 -23.23
C LEU C 688 -8.79 -26.85 -23.43
N GLU C 689 -9.27 -26.17 -22.39
CA GLU C 689 -9.78 -24.77 -22.47
C GLU C 689 -8.60 -23.80 -22.61
N VAL C 690 -7.66 -23.85 -21.66
CA VAL C 690 -6.48 -22.92 -21.64
C VAL C 690 -5.64 -23.11 -22.91
N ALA C 691 -5.49 -24.36 -23.39
CA ALA C 691 -4.78 -24.71 -24.63
C ALA C 691 -5.48 -24.07 -25.82
N SER C 692 -6.82 -24.08 -25.85
CA SER C 692 -7.64 -23.44 -26.92
C SER C 692 -7.40 -21.92 -26.92
N GLU C 693 -7.25 -21.27 -25.76
CA GLU C 693 -6.95 -19.81 -25.67
C GLU C 693 -5.54 -19.57 -26.23
N TYR C 694 -4.54 -20.36 -25.81
CA TYR C 694 -3.14 -20.32 -26.32
C TYR C 694 -3.14 -20.47 -27.85
N ILE C 695 -3.95 -21.39 -28.38
CA ILE C 695 -3.96 -21.68 -29.84
C ILE C 695 -4.52 -20.47 -30.62
N GLU C 696 -5.71 -19.95 -30.30
CA GLU C 696 -6.33 -18.90 -31.17
C GLU C 696 -5.99 -17.48 -30.69
N THR C 697 -5.86 -17.22 -29.40
CA THR C 697 -5.64 -15.84 -28.87
C THR C 697 -4.18 -15.36 -29.10
N LEU C 698 -3.18 -16.25 -29.23
CA LEU C 698 -1.74 -15.86 -29.20
C LEU C 698 -1.18 -15.62 -30.62
N GLY C 699 -1.81 -16.15 -31.67
CA GLY C 699 -1.33 -16.02 -33.05
C GLY C 699 0.09 -16.53 -33.20
N LEU C 700 0.33 -17.76 -32.76
CA LEU C 700 1.58 -18.53 -32.98
C LEU C 700 1.43 -19.38 -34.23
N LYS C 701 2.55 -19.83 -34.77
CA LYS C 701 2.57 -20.79 -35.89
C LYS C 701 2.14 -22.14 -35.32
N TYR C 702 2.80 -22.57 -34.26
CA TYR C 702 2.55 -23.90 -33.69
C TYR C 702 2.75 -23.89 -32.17
N LEU C 703 2.19 -24.89 -31.51
CA LEU C 703 2.23 -25.02 -30.03
C LEU C 703 3.04 -26.26 -29.70
N GLY C 704 3.98 -26.12 -28.78
CA GLY C 704 4.81 -27.22 -28.26
C GLY C 704 4.27 -27.70 -26.95
N LEU C 705 4.21 -29.01 -26.77
CA LEU C 705 3.69 -29.66 -25.55
C LEU C 705 4.60 -30.83 -25.20
N LYS C 706 4.95 -30.96 -23.92
CA LYS C 706 5.91 -31.95 -23.42
C LYS C 706 5.18 -32.89 -22.47
N PRO C 707 4.37 -33.83 -22.99
CA PRO C 707 3.69 -34.79 -22.13
C PRO C 707 4.70 -35.66 -21.39
N GLY C 708 4.38 -35.97 -20.15
CA GLY C 708 5.23 -36.77 -19.24
C GLY C 708 4.82 -38.22 -19.22
N SER C 709 3.52 -38.49 -19.10
CA SER C 709 2.91 -39.85 -18.95
C SER C 709 2.01 -40.13 -20.15
N ILE C 710 1.49 -41.37 -20.23
CA ILE C 710 0.51 -41.81 -21.26
C ILE C 710 -0.74 -40.90 -21.17
N ASP C 711 -1.25 -40.68 -19.96
CA ASP C 711 -2.46 -39.84 -19.73
C ASP C 711 -2.23 -38.45 -20.33
N ALA C 712 -1.02 -37.90 -20.21
CA ALA C 712 -0.63 -36.58 -20.73
C ALA C 712 -0.60 -36.62 -22.26
N ILE C 713 -0.05 -37.69 -22.84
CA ILE C 713 -0.01 -37.89 -24.33
C ILE C 713 -1.44 -37.81 -24.84
N SER C 714 -2.35 -38.58 -24.22
CA SER C 714 -3.80 -38.63 -24.55
C SER C 714 -4.37 -37.21 -24.51
N GLN C 715 -4.01 -36.44 -23.48
CA GLN C 715 -4.42 -35.02 -23.29
C GLN C 715 -3.95 -34.17 -24.49
N VAL C 716 -2.72 -34.42 -25.00
CA VAL C 716 -2.12 -33.69 -26.17
C VAL C 716 -2.88 -34.08 -27.44
N ILE C 717 -3.24 -35.35 -27.58
CA ILE C 717 -4.05 -35.87 -28.73
C ILE C 717 -5.44 -35.22 -28.70
N ASN C 718 -6.01 -35.00 -27.52
CA ASN C 718 -7.31 -34.29 -27.37
C ASN C 718 -7.15 -32.85 -27.82
N ILE C 719 -6.05 -32.18 -27.48
CA ILE C 719 -5.85 -30.74 -27.83
C ILE C 719 -5.68 -30.62 -29.34
N ALA C 720 -5.01 -31.60 -29.95
CA ALA C 720 -4.75 -31.68 -31.40
C ALA C 720 -6.06 -31.83 -32.16
N LYS C 721 -6.92 -32.72 -31.69
CA LYS C 721 -8.23 -33.09 -32.31
C LYS C 721 -9.22 -31.92 -32.23
N ALA C 722 -9.17 -31.14 -31.15
CA ALA C 722 -10.01 -29.95 -30.93
C ALA C 722 -9.73 -28.89 -31.99
N HIS C 723 -8.46 -28.76 -32.41
CA HIS C 723 -8.01 -27.79 -33.46
C HIS C 723 -7.24 -28.54 -34.55
N PRO C 724 -7.92 -29.27 -35.46
CA PRO C 724 -7.23 -30.17 -36.39
C PRO C 724 -6.32 -29.48 -37.42
N ASN C 725 -6.44 -28.17 -37.59
CA ASN C 725 -5.67 -27.42 -38.61
C ASN C 725 -4.45 -26.76 -38.00
N PHE C 726 -4.43 -26.56 -36.67
CA PHE C 726 -3.27 -25.97 -35.97
C PHE C 726 -2.22 -27.03 -35.71
N PRO C 727 -0.94 -26.78 -36.09
CA PRO C 727 0.14 -27.72 -35.83
C PRO C 727 0.49 -27.79 -34.34
N ILE C 728 0.43 -28.98 -33.75
CA ILE C 728 0.90 -29.24 -32.38
C ILE C 728 2.22 -30.01 -32.50
N ALA C 729 3.22 -29.63 -31.73
CA ALA C 729 4.56 -30.25 -31.68
C ALA C 729 4.70 -31.04 -30.37
N LEU C 730 4.28 -32.31 -30.40
CA LEU C 730 4.33 -33.22 -29.23
C LEU C 730 5.77 -33.61 -28.96
N GLN C 731 6.43 -32.91 -28.05
CA GLN C 731 7.84 -33.14 -27.68
C GLN C 731 7.81 -34.23 -26.65
N TRP C 732 8.18 -35.45 -27.02
CA TRP C 732 8.15 -36.59 -26.09
C TRP C 732 9.55 -36.78 -25.55
N THR C 733 9.70 -36.70 -24.23
CA THR C 733 10.95 -36.99 -23.52
C THR C 733 10.66 -38.05 -22.47
N GLY C 734 11.52 -39.06 -22.38
CA GLY C 734 11.45 -40.04 -21.28
C GLY C 734 11.89 -39.44 -19.94
N GLY C 735 11.91 -40.27 -18.91
CA GLY C 735 12.39 -39.90 -17.57
C GLY C 735 13.91 -39.78 -17.56
N ARG C 736 14.59 -40.34 -18.55
CA ARG C 736 16.07 -40.31 -18.66
C ARG C 736 16.56 -38.89 -18.98
N GLY C 737 15.68 -37.92 -19.15
CA GLY C 737 16.09 -36.56 -19.56
C GLY C 737 16.70 -35.75 -18.43
N GLY C 738 17.40 -34.68 -18.75
CA GLY C 738 17.92 -33.73 -17.76
C GLY C 738 16.81 -32.85 -17.23
N GLY C 739 17.05 -32.16 -16.11
CA GLY C 739 16.08 -31.27 -15.46
C GLY C 739 14.89 -32.03 -14.92
N HIS C 740 13.76 -31.37 -14.69
CA HIS C 740 12.54 -32.06 -14.20
C HIS C 740 12.26 -33.21 -15.15
N HIS C 741 11.92 -34.37 -14.61
CA HIS C 741 11.70 -35.59 -15.41
C HIS C 741 10.54 -36.41 -14.86
N SER C 742 10.01 -37.27 -15.72
CA SER C 742 8.92 -38.23 -15.45
C SER C 742 9.56 -39.49 -14.92
N PHE C 743 8.73 -40.50 -14.66
CA PHE C 743 9.14 -41.86 -14.20
C PHE C 743 9.09 -42.81 -15.39
N GLU C 744 8.68 -42.30 -16.56
CA GLU C 744 8.30 -43.12 -17.74
C GLU C 744 9.57 -43.55 -18.48
N ASP C 745 9.56 -44.77 -19.01
CA ASP C 745 10.52 -45.29 -20.02
C ASP C 745 10.38 -44.43 -21.28
N ALA C 746 11.44 -44.30 -22.06
CA ALA C 746 11.47 -43.50 -23.30
C ALA C 746 10.68 -44.19 -24.42
N HIS C 747 10.71 -45.53 -24.49
CA HIS C 747 10.20 -46.30 -25.66
C HIS C 747 8.76 -46.71 -25.41
N THR C 748 8.50 -47.40 -24.31
CA THR C 748 7.21 -48.09 -24.09
C THR C 748 6.03 -47.17 -24.38
N PRO C 749 5.95 -45.94 -23.87
CA PRO C 749 4.77 -45.08 -24.09
C PRO C 749 4.54 -44.71 -25.56
N MET C 750 5.63 -44.63 -26.33
CA MET C 750 5.60 -44.36 -27.78
C MET C 750 5.11 -45.60 -28.52
N LEU C 751 5.48 -46.79 -28.07
CA LEU C 751 4.99 -48.05 -28.69
C LEU C 751 3.47 -48.07 -28.55
N GLN C 752 2.95 -47.78 -27.36
CA GLN C 752 1.49 -47.80 -27.07
C GLN C 752 0.79 -46.71 -27.88
N MET C 753 1.34 -45.51 -27.88
CA MET C 753 0.59 -44.29 -28.28
C MET C 753 0.91 -43.86 -29.72
N TYR C 754 1.94 -44.38 -30.37
CA TYR C 754 2.42 -43.87 -31.68
C TYR C 754 1.29 -43.96 -32.70
N SER C 755 0.64 -45.12 -32.76
CA SER C 755 -0.51 -45.33 -33.68
C SER C 755 -1.51 -44.19 -33.49
N LYS C 756 -1.99 -44.00 -32.26
CA LYS C 756 -3.03 -42.98 -31.91
C LYS C 756 -2.56 -41.58 -32.33
N ILE C 757 -1.28 -41.27 -32.18
CA ILE C 757 -0.72 -39.93 -32.44
C ILE C 757 -0.75 -39.67 -33.94
N ARG C 758 -0.44 -40.66 -34.77
CA ARG C 758 -0.36 -40.52 -36.24
C ARG C 758 -1.76 -40.39 -36.87
N ARG C 759 -2.84 -40.70 -36.14
CA ARG C 759 -4.23 -40.52 -36.63
C ARG C 759 -4.53 -39.03 -36.71
N HIS C 760 -3.69 -38.17 -36.11
CA HIS C 760 -3.85 -36.70 -36.13
C HIS C 760 -2.72 -36.09 -36.92
N PRO C 761 -2.89 -35.82 -38.23
CA PRO C 761 -1.79 -35.35 -39.07
C PRO C 761 -1.14 -34.04 -38.59
N ASN C 762 -1.87 -33.24 -37.81
CA ASN C 762 -1.35 -31.95 -37.29
C ASN C 762 -0.33 -32.15 -36.18
N ILE C 763 -0.29 -33.30 -35.51
CA ILE C 763 0.76 -33.58 -34.51
C ILE C 763 2.06 -33.90 -35.24
N MET C 764 3.09 -33.12 -34.92
CA MET C 764 4.50 -33.27 -35.35
C MET C 764 5.25 -33.88 -34.17
N LEU C 765 5.53 -35.18 -34.26
CA LEU C 765 6.04 -36.00 -33.14
C LEU C 765 7.56 -35.89 -33.07
N ILE C 766 8.07 -35.26 -32.00
CA ILE C 766 9.52 -35.01 -31.77
C ILE C 766 9.98 -35.83 -30.56
N PHE C 767 11.04 -36.63 -30.74
CA PHE C 767 11.64 -37.51 -29.71
C PHE C 767 12.79 -36.73 -29.08
N GLY C 768 12.84 -36.69 -27.75
CA GLY C 768 13.94 -36.11 -26.98
C GLY C 768 14.43 -37.05 -25.90
N SER C 769 15.52 -36.67 -25.22
CA SER C 769 16.06 -37.29 -23.98
C SER C 769 17.08 -38.37 -24.34
N GLY C 770 18.30 -38.18 -23.90
CA GLY C 770 19.40 -39.15 -24.03
C GLY C 770 20.05 -39.13 -25.39
N PHE C 771 20.01 -38.02 -26.13
CA PHE C 771 20.62 -37.93 -27.49
C PHE C 771 21.81 -36.99 -27.52
N GLY C 772 22.85 -37.42 -28.24
CA GLY C 772 24.10 -36.66 -28.38
C GLY C 772 24.52 -36.46 -29.82
N SER C 773 24.36 -37.49 -30.64
CA SER C 773 24.91 -37.51 -32.02
C SER C 773 23.81 -37.90 -33.02
N ALA C 774 24.20 -38.04 -34.28
CA ALA C 774 23.34 -38.54 -35.37
C ALA C 774 23.22 -40.07 -35.27
N ASP C 775 24.27 -40.76 -34.84
CA ASP C 775 24.32 -42.24 -34.72
C ASP C 775 23.18 -42.76 -33.85
N ASP C 776 22.92 -42.13 -32.71
CA ASP C 776 21.93 -42.64 -31.72
C ASP C 776 20.51 -42.18 -32.09
N THR C 777 20.34 -41.08 -32.85
CA THR C 777 19.03 -40.55 -33.28
C THR C 777 18.56 -41.16 -34.60
N TYR C 778 19.46 -41.68 -35.42
CA TYR C 778 19.15 -42.19 -36.78
C TYR C 778 18.07 -43.27 -36.71
N PRO C 779 18.14 -44.25 -35.80
CA PRO C 779 17.09 -45.24 -35.70
C PRO C 779 15.69 -44.66 -35.47
N TYR C 780 15.60 -43.50 -34.84
CA TYR C 780 14.29 -42.86 -34.53
C TYR C 780 13.82 -42.11 -35.78
N LEU C 781 14.75 -41.68 -36.63
CA LEU C 781 14.41 -40.92 -37.85
C LEU C 781 13.89 -41.93 -38.87
N THR C 782 14.67 -42.98 -39.08
CA THR C 782 14.35 -44.09 -40.01
C THR C 782 13.10 -44.82 -39.51
N GLY C 783 12.93 -44.95 -38.20
CA GLY C 783 11.84 -45.75 -37.59
C GLY C 783 12.30 -47.16 -37.23
N GLU C 784 13.49 -47.59 -37.64
CA GLU C 784 13.99 -48.96 -37.35
C GLU C 784 14.12 -49.19 -35.83
N TRP C 785 14.21 -48.13 -35.03
CA TRP C 785 14.27 -48.21 -33.55
C TRP C 785 13.22 -49.15 -32.96
N SER C 786 12.03 -49.20 -33.55
CA SER C 786 10.87 -49.96 -33.02
C SER C 786 10.85 -51.37 -33.59
N THR C 787 11.81 -51.77 -34.43
CA THR C 787 11.86 -53.15 -34.95
C THR C 787 12.41 -54.07 -33.85
N LYS C 788 13.29 -53.56 -32.98
CA LYS C 788 13.90 -54.32 -31.85
C LYS C 788 12.83 -54.80 -30.86
N PHE C 789 11.64 -54.19 -30.85
CA PHE C 789 10.48 -54.62 -30.02
C PHE C 789 9.43 -55.33 -30.88
N ASP C 790 9.76 -55.76 -32.10
CA ASP C 790 8.89 -56.56 -33.02
C ASP C 790 7.63 -55.76 -33.42
N TYR C 791 7.58 -54.47 -33.14
CA TYR C 791 6.62 -53.51 -33.75
C TYR C 791 7.11 -53.17 -35.15
N PRO C 792 6.24 -52.58 -36.00
CA PRO C 792 6.68 -52.07 -37.31
C PRO C 792 7.45 -50.76 -37.14
N PRO C 793 8.24 -50.33 -38.14
CA PRO C 793 8.93 -49.04 -38.07
C PRO C 793 7.99 -47.87 -37.72
N MET C 794 8.45 -46.97 -36.86
CA MET C 794 7.66 -45.81 -36.38
C MET C 794 8.50 -44.55 -36.46
N PRO C 795 8.70 -43.97 -37.65
CA PRO C 795 9.54 -42.79 -37.79
C PRO C 795 9.06 -41.59 -36.98
N PHE C 796 10.01 -40.78 -36.50
CA PHE C 796 9.77 -39.52 -35.77
C PHE C 796 10.12 -38.34 -36.65
N ASP C 797 9.46 -37.23 -36.40
CA ASP C 797 9.50 -36.04 -37.26
C ASP C 797 10.74 -35.23 -36.92
N GLY C 798 11.24 -35.30 -35.67
CA GLY C 798 12.37 -34.46 -35.25
C GLY C 798 12.94 -34.84 -33.89
N PHE C 799 13.93 -34.10 -33.42
CA PHE C 799 14.73 -34.43 -32.21
C PHE C 799 15.08 -33.19 -31.40
N LEU C 800 15.13 -33.32 -30.09
CA LEU C 800 15.57 -32.21 -29.20
C LEU C 800 16.74 -32.65 -28.33
N PHE C 801 17.74 -31.78 -28.27
CA PHE C 801 19.02 -31.95 -27.54
C PHE C 801 19.03 -30.92 -26.42
N GLY C 802 18.98 -31.38 -25.17
CA GLY C 802 19.08 -30.50 -23.99
C GLY C 802 20.48 -30.59 -23.39
N SER C 803 20.73 -31.62 -22.59
CA SER C 803 22.02 -31.84 -21.88
C SER C 803 23.20 -31.77 -22.85
N ARG C 804 23.02 -32.16 -24.11
CA ARG C 804 24.12 -32.26 -25.10
C ARG C 804 24.73 -30.90 -25.38
N VAL C 805 23.93 -29.83 -25.41
CA VAL C 805 24.41 -28.48 -25.87
C VAL C 805 24.80 -27.63 -24.66
N MET C 806 24.84 -28.18 -23.45
CA MET C 806 25.13 -27.43 -22.20
C MET C 806 26.60 -27.01 -22.13
N ILE C 807 27.49 -27.64 -22.90
CA ILE C 807 28.93 -27.35 -22.85
C ILE C 807 29.36 -26.70 -24.16
N ALA C 808 28.42 -26.12 -24.90
CA ALA C 808 28.73 -25.39 -26.15
C ALA C 808 29.48 -24.12 -25.79
N LYS C 809 30.15 -23.46 -26.74
CA LYS C 809 30.87 -22.19 -26.49
C LYS C 809 29.89 -21.12 -26.01
N GLU C 810 28.73 -20.97 -26.66
CA GLU C 810 27.88 -19.75 -26.52
C GLU C 810 26.99 -19.86 -25.28
N VAL C 811 27.09 -20.96 -24.52
CA VAL C 811 26.31 -21.19 -23.28
C VAL C 811 27.05 -20.56 -22.09
N LYS C 812 26.31 -19.86 -21.24
CA LYS C 812 26.86 -19.00 -20.16
C LYS C 812 27.41 -19.85 -19.00
N THR C 813 27.06 -21.15 -18.96
CA THR C 813 27.65 -22.17 -18.05
C THR C 813 29.14 -21.88 -17.81
N SER C 814 29.55 -21.86 -16.54
CA SER C 814 30.88 -21.40 -16.08
C SER C 814 31.91 -22.47 -16.43
N PRO C 815 33.14 -22.09 -16.80
CA PRO C 815 34.12 -23.08 -17.24
C PRO C 815 34.27 -24.30 -16.31
N ASP C 816 34.22 -24.08 -14.99
CA ASP C 816 34.39 -25.16 -13.98
C ASP C 816 33.16 -26.06 -13.94
N ALA C 817 31.98 -25.52 -14.25
CA ALA C 817 30.72 -26.28 -14.39
C ALA C 817 30.78 -27.15 -15.66
N LYS C 818 31.21 -26.58 -16.79
CA LYS C 818 31.40 -27.31 -18.07
C LYS C 818 32.43 -28.43 -17.87
N LYS C 819 33.50 -28.23 -17.11
CA LYS C 819 34.48 -29.30 -16.76
C LYS C 819 33.81 -30.41 -15.94
N CYS C 820 32.96 -30.02 -14.99
CA CYS C 820 32.16 -30.92 -14.11
C CYS C 820 31.14 -31.73 -14.92
N ILE C 821 30.47 -31.11 -15.91
CA ILE C 821 29.55 -31.77 -16.89
C ILE C 821 30.33 -32.75 -17.78
N ALA C 822 31.48 -32.35 -18.30
CA ALA C 822 32.29 -33.22 -19.18
C ALA C 822 32.84 -34.42 -18.40
N ALA C 823 33.05 -34.27 -17.09
CA ALA C 823 33.56 -35.32 -16.18
C ALA C 823 32.55 -36.46 -16.04
N CYS C 824 31.25 -36.15 -15.92
CA CYS C 824 30.15 -37.14 -15.77
C CYS C 824 30.23 -38.13 -16.92
N THR C 825 30.47 -39.41 -16.62
CA THR C 825 30.57 -40.49 -17.64
C THR C 825 29.19 -40.61 -18.26
N GLY C 826 28.17 -40.77 -17.41
CA GLY C 826 26.80 -41.07 -17.83
C GLY C 826 26.63 -42.56 -18.05
N VAL C 827 25.39 -43.00 -18.24
CA VAL C 827 25.04 -44.45 -18.28
C VAL C 827 24.13 -44.74 -19.47
N PRO C 828 24.16 -45.98 -20.03
CA PRO C 828 23.16 -46.42 -21.01
C PRO C 828 21.71 -46.46 -20.51
N ASP C 829 20.74 -46.37 -21.42
CA ASP C 829 19.29 -46.23 -21.12
C ASP C 829 18.83 -47.28 -20.10
N ASP C 830 19.38 -48.51 -20.13
CA ASP C 830 18.92 -49.61 -19.22
C ASP C 830 19.15 -49.22 -17.74
N LYS C 831 20.19 -48.43 -17.46
CA LYS C 831 20.69 -48.09 -16.09
C LYS C 831 20.33 -46.64 -15.71
N TRP C 832 19.32 -46.03 -16.33
CA TRP C 832 19.04 -44.61 -16.05
C TRP C 832 18.32 -44.51 -14.69
N GLU C 833 17.51 -45.48 -14.32
CA GLU C 833 16.56 -45.37 -13.17
C GLU C 833 17.33 -45.42 -11.85
N GLN C 834 18.59 -45.83 -11.88
CA GLN C 834 19.43 -45.91 -10.66
C GLN C 834 19.63 -44.50 -10.07
N THR C 835 19.48 -43.43 -10.86
CA THR C 835 19.54 -42.01 -10.40
C THR C 835 18.52 -41.72 -9.29
N TYR C 836 17.44 -42.49 -9.18
CA TYR C 836 16.46 -42.34 -8.07
C TYR C 836 17.07 -42.72 -6.73
N LYS C 837 18.11 -43.57 -6.70
CA LYS C 837 18.69 -44.17 -5.47
C LYS C 837 20.04 -43.52 -5.16
N LYS C 838 21.00 -43.65 -6.08
CA LYS C 838 22.42 -43.33 -5.83
C LYS C 838 22.98 -42.55 -7.01
N PRO C 839 24.11 -41.84 -6.85
CA PRO C 839 24.86 -41.30 -7.99
C PRO C 839 25.07 -42.38 -9.05
N THR C 840 24.61 -42.10 -10.27
CA THR C 840 24.68 -43.00 -11.45
C THR C 840 25.26 -42.21 -12.62
N GLY C 841 26.48 -42.53 -13.04
CA GLY C 841 27.21 -41.78 -14.07
C GLY C 841 27.27 -40.30 -13.74
N GLY C 842 27.53 -39.97 -12.46
CA GLY C 842 27.74 -38.60 -11.97
C GLY C 842 26.45 -37.81 -11.81
N ILE C 843 25.28 -38.43 -11.96
CA ILE C 843 23.93 -37.78 -11.96
C ILE C 843 23.09 -38.41 -10.84
N VAL C 844 22.15 -37.66 -10.30
CA VAL C 844 21.22 -38.20 -9.27
C VAL C 844 19.90 -37.46 -9.38
N THR C 845 18.83 -38.09 -8.91
CA THR C 845 17.48 -37.47 -8.88
C THR C 845 17.26 -36.92 -7.47
N VAL C 846 16.84 -35.65 -7.40
CA VAL C 846 16.40 -35.00 -6.13
C VAL C 846 15.04 -34.34 -6.35
N ARG C 847 14.36 -34.01 -5.26
CA ARG C 847 13.06 -33.29 -5.27
C ARG C 847 13.35 -31.81 -5.39
N SER C 848 12.94 -31.17 -6.48
CA SER C 848 13.27 -29.76 -6.80
C SER C 848 12.57 -28.80 -5.82
N GLU C 849 12.83 -27.50 -5.99
CA GLU C 849 12.09 -26.38 -5.31
C GLU C 849 10.58 -26.69 -5.31
N MET C 850 10.09 -27.11 -6.49
CA MET C 850 8.67 -27.17 -6.90
C MET C 850 8.08 -28.58 -6.68
N GLY C 851 8.85 -29.50 -6.09
CA GLY C 851 8.36 -30.76 -5.50
C GLY C 851 8.50 -31.97 -6.41
N GLU C 852 9.04 -31.77 -7.63
CA GLU C 852 9.06 -32.81 -8.68
C GLU C 852 10.48 -33.35 -8.83
N PRO C 853 10.65 -34.58 -9.33
CA PRO C 853 11.98 -35.16 -9.48
C PRO C 853 12.77 -34.36 -10.51
N ILE C 854 14.08 -34.21 -10.32
CA ILE C 854 14.96 -33.36 -11.17
C ILE C 854 16.35 -34.01 -11.22
N HIS C 855 16.95 -34.05 -12.40
CA HIS C 855 18.22 -34.77 -12.66
C HIS C 855 19.33 -33.73 -12.58
N LYS C 856 20.17 -33.85 -11.58
CA LYS C 856 21.25 -32.88 -11.27
C LYS C 856 22.54 -33.66 -11.19
N ILE C 857 23.65 -33.07 -11.60
CA ILE C 857 25.00 -33.65 -11.36
C ILE C 857 25.17 -33.83 -9.86
N ALA C 858 25.61 -35.01 -9.44
CA ALA C 858 25.88 -35.40 -8.04
C ALA C 858 27.16 -34.69 -7.58
N THR C 859 27.02 -33.39 -7.28
CA THR C 859 28.06 -32.54 -6.66
C THR C 859 27.89 -32.65 -5.15
N ARG C 860 28.81 -32.08 -4.35
CA ARG C 860 28.67 -32.12 -2.87
C ARG C 860 27.36 -31.39 -2.50
N GLY C 861 27.04 -30.30 -3.18
CA GLY C 861 25.81 -29.52 -2.94
C GLY C 861 24.56 -30.37 -3.09
N VAL C 862 24.47 -31.12 -4.18
CA VAL C 862 23.28 -31.93 -4.55
C VAL C 862 23.26 -33.19 -3.70
N MET C 863 24.42 -33.67 -3.27
CA MET C 863 24.48 -34.86 -2.39
C MET C 863 24.00 -34.49 -0.98
N LEU C 864 24.27 -33.28 -0.53
CA LEU C 864 23.63 -32.72 0.67
C LEU C 864 22.12 -32.59 0.42
N TRP C 865 21.74 -31.88 -0.64
CA TRP C 865 20.34 -31.72 -1.08
C TRP C 865 19.59 -33.05 -0.97
N LYS C 866 20.19 -34.11 -1.49
CA LYS C 866 19.59 -35.47 -1.49
C LYS C 866 19.44 -35.98 -0.06
N GLU C 867 20.50 -35.92 0.74
CA GLU C 867 20.54 -36.37 2.16
C GLU C 867 19.43 -35.66 2.95
N PHE C 868 19.26 -34.36 2.75
CA PHE C 868 18.24 -33.54 3.45
C PHE C 868 16.83 -33.89 2.97
N ASP C 869 16.69 -34.40 1.75
CA ASP C 869 15.38 -34.84 1.17
C ASP C 869 14.94 -36.11 1.88
N GLU C 870 15.89 -37.00 2.18
CA GLU C 870 15.67 -38.33 2.79
C GLU C 870 15.57 -38.25 4.32
N THR C 871 16.12 -37.22 4.98
CA THR C 871 16.27 -37.17 6.46
C THR C 871 15.54 -35.99 7.12
N ILE C 872 15.26 -34.89 6.41
CA ILE C 872 14.75 -33.62 7.00
C ILE C 872 13.45 -33.16 6.31
N PHE C 873 13.41 -33.09 4.98
CA PHE C 873 12.29 -32.44 4.23
C PHE C 873 11.14 -33.43 4.01
N ASN C 874 11.38 -34.72 4.27
CA ASN C 874 10.35 -35.80 4.21
C ASN C 874 9.60 -35.88 5.54
N LEU C 875 10.12 -35.28 6.61
CA LEU C 875 9.53 -35.35 7.97
C LEU C 875 8.22 -34.58 7.98
N PRO C 876 7.24 -34.98 8.82
CA PRO C 876 6.03 -34.18 9.04
C PRO C 876 6.33 -32.87 9.79
N LYS C 877 5.45 -31.87 9.67
CA LYS C 877 5.66 -30.46 10.12
C LYS C 877 5.76 -30.32 11.65
N ASN C 878 5.31 -31.32 12.43
CA ASN C 878 5.44 -31.36 13.91
C ASN C 878 6.86 -31.80 14.33
N LYS C 879 7.54 -32.62 13.51
CA LYS C 879 8.89 -33.21 13.83
C LYS C 879 10.02 -32.48 13.09
N LEU C 880 9.71 -31.43 12.33
CA LEU C 880 10.74 -30.70 11.55
C LEU C 880 11.63 -29.90 12.51
N VAL C 881 11.03 -29.00 13.30
CA VAL C 881 11.77 -28.02 14.16
C VAL C 881 12.61 -28.77 15.21
N PRO C 882 12.09 -29.77 15.97
CA PRO C 882 12.94 -30.55 16.88
C PRO C 882 14.16 -31.22 16.23
N THR C 883 13.96 -31.78 15.02
CA THR C 883 15.02 -32.47 14.24
C THR C 883 16.07 -31.46 13.77
N LEU C 884 15.64 -30.24 13.36
CA LEU C 884 16.56 -29.14 12.98
C LEU C 884 17.37 -28.70 14.20
N GLU C 885 16.69 -28.51 15.34
CA GLU C 885 17.33 -28.07 16.60
C GLU C 885 18.35 -29.11 17.09
N ALA C 886 18.00 -30.40 16.97
CA ALA C 886 18.84 -31.57 17.32
C ALA C 886 20.11 -31.60 16.47
N LYS C 887 19.98 -31.39 15.16
CA LYS C 887 21.05 -31.58 14.14
C LYS C 887 21.72 -30.25 13.79
N ARG C 888 21.27 -29.13 14.37
CA ARG C 888 21.77 -27.75 14.13
C ARG C 888 23.24 -27.77 13.70
N ASP C 889 24.13 -28.32 14.53
CA ASP C 889 25.60 -28.18 14.35
C ASP C 889 26.06 -28.90 13.08
N TYR C 890 25.44 -30.04 12.79
CA TYR C 890 25.76 -30.91 11.62
C TYR C 890 25.28 -30.20 10.35
N ILE C 891 24.00 -29.82 10.33
CA ILE C 891 23.40 -29.05 9.22
C ILE C 891 24.32 -27.87 8.89
N ILE C 892 24.55 -26.98 9.85
CA ILE C 892 25.43 -25.80 9.68
C ILE C 892 26.80 -26.20 9.10
N SER C 893 27.41 -27.32 9.53
CA SER C 893 28.79 -27.64 9.10
C SER C 893 28.78 -27.96 7.60
N ARG C 894 27.77 -28.72 7.16
CA ARG C 894 27.58 -29.18 5.75
C ARG C 894 27.15 -27.98 4.89
N LEU C 895 26.25 -27.12 5.35
CA LEU C 895 25.88 -25.91 4.59
C LEU C 895 27.17 -25.15 4.25
N ASN C 896 28.04 -24.95 5.24
CA ASN C 896 29.24 -24.08 5.06
C ASN C 896 30.29 -24.79 4.22
N ALA C 897 30.36 -26.11 4.24
CA ALA C 897 31.42 -26.89 3.58
C ALA C 897 31.03 -27.24 2.14
N ASP C 898 29.74 -27.47 1.87
CA ASP C 898 29.22 -28.24 0.71
C ASP C 898 28.19 -27.49 -0.15
N PHE C 899 27.46 -26.51 0.34
CA PHE C 899 26.27 -25.99 -0.37
C PHE C 899 26.51 -24.57 -0.86
N GLN C 900 25.76 -24.20 -1.90
CA GLN C 900 25.87 -22.89 -2.59
C GLN C 900 25.23 -21.78 -1.76
N LYS C 901 24.37 -22.16 -0.81
CA LYS C 901 23.85 -21.26 0.23
C LYS C 901 24.47 -21.66 1.56
N PRO C 902 25.52 -20.97 2.04
CA PRO C 902 26.08 -21.26 3.35
C PRO C 902 25.19 -20.72 4.50
N TRP C 903 25.56 -21.10 5.71
CA TRP C 903 25.03 -20.56 6.99
C TRP C 903 25.55 -19.13 7.06
N PHE C 904 24.66 -18.16 7.20
CA PHE C 904 25.06 -16.74 7.14
C PHE C 904 25.89 -16.35 8.34
N ALA C 905 25.52 -16.90 9.51
CA ALA C 905 26.09 -16.52 10.82
C ALA C 905 27.35 -17.33 11.04
N THR C 906 28.36 -17.08 10.22
CA THR C 906 29.67 -17.78 10.27
C THR C 906 30.74 -16.70 10.21
N VAL C 907 31.25 -16.32 11.38
CA VAL C 907 32.26 -15.23 11.53
C VAL C 907 33.64 -15.88 11.59
N ASN C 908 34.40 -15.74 10.51
CA ASN C 908 35.80 -16.21 10.34
C ASN C 908 35.83 -17.75 10.50
N GLY C 909 34.85 -18.44 9.93
CA GLY C 909 34.81 -19.92 9.84
C GLY C 909 34.22 -20.59 11.07
N GLN C 910 33.92 -19.83 12.14
CA GLN C 910 33.32 -20.33 13.39
C GLN C 910 31.79 -20.13 13.29
N ALA C 911 31.03 -21.23 13.33
CA ALA C 911 29.55 -21.22 13.30
C ALA C 911 29.01 -20.39 14.45
N ARG C 912 28.02 -19.55 14.20
CA ARG C 912 27.40 -18.68 15.23
C ARG C 912 25.89 -18.77 15.06
N ASP C 913 25.19 -17.72 15.46
CA ASP C 913 23.76 -17.47 15.14
C ASP C 913 23.63 -15.97 14.93
N LEU C 914 22.53 -15.50 14.37
CA LEU C 914 22.30 -14.06 14.16
C LEU C 914 22.32 -13.31 15.48
N ALA C 915 21.77 -13.92 16.53
CA ALA C 915 21.63 -13.36 17.88
C ALA C 915 23.00 -13.18 18.56
N THR C 916 24.05 -13.92 18.12
CA THR C 916 25.43 -13.85 18.65
C THR C 916 26.40 -13.19 17.65
N MET C 917 25.91 -12.39 16.71
CA MET C 917 26.77 -11.61 15.78
C MET C 917 26.64 -10.12 16.09
N THR C 918 27.74 -9.38 16.02
CA THR C 918 27.71 -7.91 16.14
C THR C 918 27.11 -7.36 14.87
N TYR C 919 26.76 -6.07 14.84
CA TYR C 919 26.18 -5.45 13.65
C TYR C 919 27.30 -5.39 12.62
N GLU C 920 28.51 -5.06 13.04
CA GLU C 920 29.66 -4.94 12.11
C GLU C 920 29.81 -6.29 11.42
N GLU C 921 29.77 -7.39 12.18
CA GLU C 921 29.99 -8.77 11.67
C GLU C 921 28.91 -9.08 10.63
N VAL C 922 27.69 -8.64 10.85
CA VAL C 922 26.53 -8.87 9.93
C VAL C 922 26.79 -8.08 8.64
N ALA C 923 27.03 -6.78 8.74
CA ALA C 923 27.29 -5.91 7.56
C ALA C 923 28.49 -6.42 6.73
N LYS C 924 29.49 -6.99 7.38
CA LYS C 924 30.71 -7.45 6.67
C LYS C 924 30.42 -8.74 5.92
N ARG C 925 29.74 -9.67 6.58
CA ARG C 925 29.30 -10.97 6.02
C ARG C 925 28.34 -10.71 4.84
N LEU C 926 27.45 -9.71 4.96
CA LEU C 926 26.55 -9.37 3.84
C LEU C 926 27.40 -9.03 2.63
N VAL C 927 28.40 -8.18 2.78
CA VAL C 927 29.27 -7.76 1.66
C VAL C 927 30.03 -9.00 1.14
N GLU C 928 30.55 -9.84 2.02
CA GLU C 928 31.32 -11.05 1.66
C GLU C 928 30.52 -11.97 0.72
N LEU C 929 29.22 -12.10 0.92
CA LEU C 929 28.37 -13.12 0.26
C LEU C 929 27.70 -12.50 -0.96
N MET C 930 27.45 -11.19 -0.94
CA MET C 930 26.54 -10.55 -1.92
C MET C 930 27.31 -9.64 -2.88
N PHE C 931 28.51 -9.20 -2.53
CA PHE C 931 29.38 -8.34 -3.37
C PHE C 931 30.50 -9.20 -3.91
N ILE C 932 30.82 -9.00 -5.19
CA ILE C 932 31.78 -9.84 -5.96
C ILE C 932 33.06 -9.02 -6.09
N ARG C 933 34.16 -9.47 -5.50
CA ARG C 933 35.42 -8.69 -5.49
C ARG C 933 36.06 -8.74 -6.88
N SER C 934 35.88 -9.84 -7.62
CA SER C 934 36.47 -10.09 -8.96
C SER C 934 35.97 -9.02 -9.95
N THR C 935 34.65 -8.78 -10.00
CA THR C 935 33.99 -7.81 -10.93
C THR C 935 33.92 -6.42 -10.28
N ASN C 936 34.18 -6.33 -8.97
CA ASN C 936 34.09 -5.09 -8.15
C ASN C 936 32.67 -4.50 -8.28
N SER C 937 31.64 -5.32 -8.06
CA SER C 937 30.23 -4.86 -8.13
C SER C 937 29.31 -5.80 -7.36
N TRP C 938 28.14 -5.30 -6.95
CA TRP C 938 27.08 -6.11 -6.32
C TRP C 938 26.52 -7.04 -7.38
N PHE C 939 26.27 -8.29 -7.01
CA PHE C 939 25.69 -9.31 -7.92
C PHE C 939 24.25 -8.96 -8.28
N ASP C 940 23.52 -8.28 -7.41
CA ASP C 940 22.12 -7.86 -7.70
C ASP C 940 21.84 -6.55 -6.97
N VAL C 941 21.22 -5.60 -7.64
CA VAL C 941 20.88 -4.29 -7.03
C VAL C 941 19.98 -4.53 -5.79
N THR C 942 19.16 -5.58 -5.77
CA THR C 942 18.26 -5.86 -4.61
C THR C 942 19.07 -6.30 -3.38
N TRP C 943 20.25 -6.90 -3.62
CA TRP C 943 21.18 -7.31 -2.55
C TRP C 943 21.85 -6.08 -1.97
N ARG C 944 22.18 -5.10 -2.81
CA ARG C 944 22.80 -3.82 -2.39
C ARG C 944 21.76 -3.05 -1.56
N THR C 945 20.48 -3.13 -1.93
CA THR C 945 19.38 -2.47 -1.20
C THR C 945 19.26 -3.11 0.19
N PHE C 946 19.19 -4.44 0.25
CA PHE C 946 19.17 -5.26 1.49
C PHE C 946 20.29 -4.78 2.43
N THR C 947 21.54 -4.78 1.95
CA THR C 947 22.71 -4.34 2.74
C THR C 947 22.58 -2.87 3.15
N GLY C 948 21.97 -2.03 2.33
CA GLY C 948 21.83 -0.61 2.64
C GLY C 948 20.74 -0.38 3.64
N ASP C 949 19.62 -1.08 3.49
CA ASP C 949 18.49 -1.09 4.46
C ASP C 949 19.01 -1.53 5.83
N PHE C 950 19.90 -2.53 5.87
CA PHE C 950 20.52 -2.99 7.13
C PHE C 950 21.35 -1.85 7.73
N LEU C 951 22.23 -1.21 6.98
CA LEU C 951 23.11 -0.12 7.53
C LEU C 951 22.29 1.07 8.01
N ARG C 952 21.17 1.38 7.38
CA ARG C 952 20.28 2.45 7.90
C ARG C 952 19.72 2.01 9.27
N ARG C 953 19.35 0.74 9.40
CA ARG C 953 18.83 0.18 10.67
C ARG C 953 19.91 0.25 11.76
N VAL C 954 21.17 0.11 11.40
CA VAL C 954 22.29 0.29 12.35
C VAL C 954 22.30 1.76 12.79
N GLU C 955 22.19 2.71 11.88
CA GLU C 955 22.20 4.15 12.24
C GLU C 955 20.98 4.42 13.15
N GLU C 956 19.80 3.92 12.78
CA GLU C 956 18.55 4.09 13.56
C GLU C 956 18.78 3.58 15.00
N ARG C 957 19.34 2.39 15.15
CA ARG C 957 19.48 1.69 16.45
C ARG C 957 20.45 2.43 17.37
N PHE C 958 21.53 3.00 16.86
CA PHE C 958 22.66 3.54 17.68
C PHE C 958 22.73 5.07 17.70
N THR C 959 21.87 5.78 16.98
CA THR C 959 21.83 7.25 17.06
C THR C 959 20.96 7.66 18.24
N LYS C 960 21.36 8.73 18.93
CA LYS C 960 20.67 9.24 20.14
C LYS C 960 19.62 10.28 19.75
N SER C 961 19.82 10.97 18.63
CA SER C 961 18.92 12.03 18.11
C SER C 961 18.66 11.79 16.63
N LYS C 962 17.60 12.37 16.09
CA LYS C 962 17.35 12.52 14.63
C LYS C 962 18.61 13.12 13.97
N THR C 963 19.13 12.47 12.94
CA THR C 963 20.33 12.88 12.16
C THR C 963 20.13 12.55 10.68
N LEU C 964 21.04 13.03 9.84
CA LEU C 964 21.12 12.65 8.41
C LEU C 964 21.77 11.27 8.35
N SER C 965 21.23 10.40 7.51
CA SER C 965 21.86 9.12 7.07
C SER C 965 23.25 9.42 6.48
N LEU C 966 24.23 8.62 6.83
CA LEU C 966 25.58 8.62 6.21
C LEU C 966 25.52 7.91 4.85
N ILE C 967 24.59 6.97 4.68
CA ILE C 967 24.25 6.33 3.38
C ILE C 967 23.01 7.06 2.84
N GLN C 968 23.25 8.08 2.03
CA GLN C 968 22.22 8.99 1.47
C GLN C 968 21.58 8.34 0.24
N SER C 969 22.42 7.77 -0.62
CA SER C 969 22.01 6.88 -1.74
C SER C 969 22.80 5.57 -1.63
N TYR C 970 22.18 4.46 -2.00
CA TYR C 970 22.81 3.11 -1.97
C TYR C 970 23.87 2.99 -3.06
N SER C 971 24.01 3.98 -3.95
CA SER C 971 25.15 4.09 -4.91
C SER C 971 26.49 4.05 -4.17
N LEU C 972 26.54 4.58 -2.93
CA LEU C 972 27.78 4.72 -2.15
C LEU C 972 28.30 3.34 -1.73
N LEU C 973 27.42 2.34 -1.71
CA LEU C 973 27.80 0.94 -1.37
C LEU C 973 28.62 0.31 -2.50
N ASP C 974 28.59 0.85 -3.73
CA ASP C 974 29.39 0.35 -4.88
C ASP C 974 30.89 0.38 -4.56
N LYS C 975 31.29 1.04 -3.45
CA LYS C 975 32.57 0.80 -2.72
C LYS C 975 32.25 0.43 -1.27
N PRO C 976 31.93 -0.84 -0.96
CA PRO C 976 31.20 -1.18 0.27
C PRO C 976 32.05 -1.18 1.54
N ASP C 977 33.35 -1.46 1.44
CA ASP C 977 34.30 -1.44 2.58
C ASP C 977 34.30 -0.05 3.23
N GLU C 978 34.37 1.00 2.40
CA GLU C 978 34.43 2.42 2.84
C GLU C 978 33.09 2.85 3.44
N ALA C 979 31.97 2.36 2.91
CA ALA C 979 30.61 2.66 3.39
C ALA C 979 30.43 2.08 4.80
N ILE C 980 30.87 0.84 5.00
CA ILE C 980 30.83 0.15 6.31
C ILE C 980 31.69 0.96 7.29
N GLU C 981 32.97 1.21 6.99
CA GLU C 981 33.84 2.07 7.85
C GLU C 981 33.13 3.40 8.21
N LYS C 982 32.47 4.06 7.27
CA LYS C 982 31.84 5.39 7.52
C LYS C 982 30.72 5.23 8.56
N VAL C 983 29.96 4.15 8.49
CA VAL C 983 28.75 3.90 9.33
C VAL C 983 29.18 3.36 10.69
N PHE C 984 30.25 2.59 10.75
CA PHE C 984 30.72 1.96 12.01
C PHE C 984 31.81 2.82 12.67
N ASN C 985 32.09 4.00 12.14
CA ASN C 985 32.93 5.01 12.85
C ASN C 985 32.01 5.99 13.56
N ALA C 986 30.89 6.34 12.94
CA ALA C 986 29.86 7.17 13.58
C ALA C 986 29.21 6.42 14.76
N TYR C 987 29.16 5.09 14.70
CA TYR C 987 28.40 4.26 15.67
C TYR C 987 29.27 3.09 16.13
N PRO C 988 30.41 3.36 16.82
CA PRO C 988 31.37 2.32 17.12
C PRO C 988 30.91 1.36 18.25
N ALA C 989 29.81 1.68 18.92
CA ALA C 989 29.07 0.77 19.84
C ALA C 989 28.59 -0.48 19.07
N ALA C 990 28.12 -0.27 17.85
CA ALA C 990 27.62 -1.33 16.94
C ALA C 990 28.72 -2.35 16.58
N ARG C 991 30.00 -2.02 16.80
CA ARG C 991 31.11 -2.97 16.56
C ARG C 991 31.16 -4.02 17.68
N GLU C 992 30.63 -3.67 18.87
CA GLU C 992 30.88 -4.41 20.13
C GLU C 992 29.55 -4.84 20.76
N GLN C 993 28.55 -5.08 19.95
CA GLN C 993 27.20 -5.37 20.46
C GLN C 993 26.49 -6.33 19.52
N PHE C 994 26.02 -7.46 20.05
CA PHE C 994 25.21 -8.42 19.28
C PHE C 994 23.94 -7.73 18.79
N LEU C 995 23.30 -8.32 17.81
CA LEU C 995 22.06 -7.75 17.24
C LEU C 995 20.99 -7.71 18.32
N ASN C 996 20.40 -6.54 18.53
CA ASN C 996 19.10 -6.36 19.22
C ASN C 996 18.14 -7.43 18.67
N ALA C 997 17.30 -8.02 19.52
CA ALA C 997 16.35 -9.06 19.12
C ALA C 997 15.40 -8.54 18.04
N GLN C 998 15.13 -7.23 18.05
CA GLN C 998 14.16 -6.59 17.13
C GLN C 998 14.80 -6.58 15.74
N ASP C 999 16.10 -6.36 15.70
CA ASP C 999 16.89 -6.20 14.45
C ASP C 999 17.12 -7.57 13.82
N ILE C 1000 17.06 -8.65 14.61
CA ILE C 1000 17.13 -10.05 14.13
C ILE C 1000 15.84 -10.34 13.39
N ASP C 1001 14.72 -10.02 14.01
CA ASP C 1001 13.38 -10.20 13.40
C ASP C 1001 13.31 -9.38 12.10
N HIS C 1002 13.84 -8.17 12.09
CA HIS C 1002 13.78 -7.27 10.91
C HIS C 1002 14.61 -7.87 9.79
N PHE C 1003 15.80 -8.35 10.12
CA PHE C 1003 16.73 -8.96 9.15
C PHE C 1003 16.08 -10.20 8.53
N LEU C 1004 15.54 -11.10 9.35
CA LEU C 1004 14.81 -12.30 8.89
C LEU C 1004 13.55 -11.93 8.08
N SER C 1005 12.92 -10.78 8.35
CA SER C 1005 11.74 -10.32 7.59
C SER C 1005 12.19 -9.89 6.19
N MET C 1006 13.30 -9.16 6.13
CA MET C 1006 13.92 -8.64 4.87
C MET C 1006 14.33 -9.82 3.99
N CYS C 1007 14.69 -10.95 4.58
CA CYS C 1007 15.16 -12.16 3.85
C CYS C 1007 14.00 -12.82 3.11
N GLN C 1008 12.77 -12.63 3.58
CA GLN C 1008 11.54 -13.21 3.03
C GLN C 1008 10.96 -12.31 1.94
N ASN C 1009 11.37 -11.03 1.88
CA ASN C 1009 10.91 -10.04 0.87
C ASN C 1009 10.79 -10.70 -0.50
N PRO C 1010 9.57 -10.79 -1.09
CA PRO C 1010 9.40 -11.42 -2.39
C PRO C 1010 9.91 -10.56 -3.56
N MET C 1011 9.94 -9.23 -3.38
CA MET C 1011 10.39 -8.25 -4.40
C MET C 1011 11.91 -8.05 -4.31
N GLN C 1012 12.67 -9.14 -4.16
CA GLN C 1012 14.15 -9.11 -4.28
C GLN C 1012 14.66 -10.50 -4.62
N LYS C 1013 15.87 -10.57 -5.16
CA LYS C 1013 16.50 -11.87 -5.48
C LYS C 1013 16.75 -12.58 -4.15
N PRO C 1014 16.30 -13.84 -4.01
CA PRO C 1014 16.50 -14.61 -2.78
C PRO C 1014 17.96 -14.62 -2.31
N VAL C 1015 18.13 -14.36 -1.02
CA VAL C 1015 19.45 -14.16 -0.37
C VAL C 1015 20.27 -15.43 -0.53
N PRO C 1016 21.58 -15.29 -0.83
CA PRO C 1016 22.43 -16.43 -1.10
C PRO C 1016 22.99 -17.01 0.19
N PHE C 1017 22.11 -17.42 1.09
CA PHE C 1017 22.46 -17.98 2.42
C PHE C 1017 21.20 -18.38 3.17
N VAL C 1018 21.41 -19.28 4.13
CA VAL C 1018 20.38 -19.67 5.12
C VAL C 1018 20.64 -18.83 6.37
N PRO C 1019 19.70 -17.96 6.78
CA PRO C 1019 19.88 -17.13 7.96
C PRO C 1019 19.19 -17.66 9.23
N VAL C 1020 18.53 -18.83 9.17
CA VAL C 1020 17.90 -19.46 10.37
C VAL C 1020 17.35 -20.85 10.04
N LEU C 1021 17.53 -21.81 10.97
CA LEU C 1021 16.90 -23.15 10.93
C LEU C 1021 15.54 -23.09 11.63
N ASP C 1022 14.47 -23.27 10.86
CA ASP C 1022 13.06 -23.09 11.28
C ASP C 1022 12.18 -23.76 10.23
N ARG C 1023 10.86 -23.63 10.32
CA ARG C 1023 9.93 -24.37 9.44
C ARG C 1023 10.24 -24.04 7.97
N ARG C 1024 10.64 -22.80 7.68
CA ARG C 1024 10.93 -22.29 6.30
C ARG C 1024 12.31 -22.72 5.80
N PHE C 1025 13.02 -23.65 6.47
CA PHE C 1025 14.38 -24.10 6.07
C PHE C 1025 14.37 -24.67 4.66
N GLU C 1026 13.33 -25.40 4.28
CA GLU C 1026 13.27 -26.08 2.96
C GLU C 1026 13.26 -25.01 1.87
N ILE C 1027 12.51 -23.93 2.05
CA ILE C 1027 12.51 -22.77 1.10
C ILE C 1027 13.91 -22.15 1.05
N PHE C 1028 14.47 -21.76 2.18
CA PHE C 1028 15.81 -21.10 2.21
C PHE C 1028 16.85 -21.97 1.50
N PHE C 1029 16.83 -23.28 1.72
CA PHE C 1029 17.76 -24.26 1.11
C PHE C 1029 17.53 -24.30 -0.40
N LYS C 1030 16.27 -24.50 -0.82
CA LYS C 1030 15.92 -24.85 -2.22
C LYS C 1030 15.64 -23.63 -3.11
N LYS C 1031 15.13 -22.51 -2.59
CA LYS C 1031 14.71 -21.37 -3.44
C LYS C 1031 15.89 -20.89 -4.28
N ASP C 1032 15.66 -20.69 -5.58
CA ASP C 1032 16.55 -19.95 -6.51
C ASP C 1032 17.88 -20.69 -6.61
N SER C 1033 17.84 -21.95 -7.02
CA SER C 1033 18.98 -22.89 -6.91
C SER C 1033 19.74 -23.10 -8.23
N LEU C 1034 19.45 -22.35 -9.30
CA LEU C 1034 19.90 -22.76 -10.68
C LEU C 1034 20.88 -21.79 -11.32
N TRP C 1035 20.82 -20.50 -11.02
CA TRP C 1035 21.75 -19.46 -11.56
C TRP C 1035 23.22 -19.70 -11.17
N GLN C 1036 23.50 -20.29 -10.01
CA GLN C 1036 24.88 -20.37 -9.47
C GLN C 1036 25.84 -21.03 -10.47
N SER C 1037 25.40 -22.02 -11.26
CA SER C 1037 26.27 -22.74 -12.24
C SER C 1037 26.68 -21.79 -13.38
N GLU C 1038 25.87 -20.77 -13.69
CA GLU C 1038 26.18 -19.77 -14.74
C GLU C 1038 27.11 -18.69 -14.18
N HIS C 1039 27.15 -18.50 -12.85
CA HIS C 1039 27.86 -17.38 -12.16
C HIS C 1039 28.64 -17.89 -10.94
N LEU C 1040 29.69 -18.69 -11.13
CA LEU C 1040 30.43 -19.29 -9.98
C LEU C 1040 31.18 -18.19 -9.21
N GLU C 1041 31.43 -17.04 -9.83
CA GLU C 1041 32.10 -15.87 -9.21
C GLU C 1041 31.30 -15.43 -7.96
N ALA C 1042 29.99 -15.66 -7.92
CA ALA C 1042 29.09 -15.28 -6.80
C ALA C 1042 28.80 -16.43 -5.83
N VAL C 1043 29.49 -17.56 -5.96
CA VAL C 1043 29.44 -18.68 -4.99
C VAL C 1043 30.66 -18.54 -4.08
N VAL C 1044 30.63 -19.14 -2.89
CA VAL C 1044 31.59 -18.90 -1.77
C VAL C 1044 33.04 -19.08 -2.28
N ASP C 1045 33.47 -20.31 -2.56
CA ASP C 1045 34.89 -20.57 -2.92
C ASP C 1045 35.05 -20.64 -4.43
N GLN C 1046 34.10 -20.07 -5.20
CA GLN C 1046 33.93 -20.29 -6.66
C GLN C 1046 33.88 -21.79 -6.97
N ASP C 1047 33.26 -22.56 -6.07
CA ASP C 1047 33.34 -24.05 -6.03
C ASP C 1047 32.14 -24.61 -6.79
N VAL C 1048 32.37 -25.16 -7.98
CA VAL C 1048 31.31 -25.81 -8.79
C VAL C 1048 30.59 -26.82 -7.89
N GLN C 1049 31.34 -27.53 -7.06
CA GLN C 1049 30.86 -28.66 -6.20
C GLN C 1049 29.88 -28.18 -5.13
N ARG C 1050 29.59 -26.89 -5.05
CA ARG C 1050 28.52 -26.36 -4.17
C ARG C 1050 27.20 -26.28 -4.95
N THR C 1051 27.22 -26.35 -6.28
CA THR C 1051 26.11 -25.89 -7.14
C THR C 1051 25.25 -27.04 -7.65
N CYS C 1052 24.02 -26.71 -8.02
CA CYS C 1052 23.08 -27.56 -8.80
C CYS C 1052 23.27 -27.30 -10.31
N ILE C 1053 23.69 -28.34 -11.04
CA ILE C 1053 23.80 -28.36 -12.53
C ILE C 1053 22.83 -29.44 -13.05
N LEU C 1054 21.78 -29.04 -13.76
CA LEU C 1054 20.81 -30.01 -14.33
C LEU C 1054 21.47 -30.77 -15.49
N HIS C 1055 21.17 -32.06 -15.64
CA HIS C 1055 21.82 -32.88 -16.70
C HIS C 1055 21.17 -34.26 -16.74
N GLY C 1056 20.99 -34.81 -17.92
CA GLY C 1056 20.44 -36.17 -18.08
C GLY C 1056 21.52 -37.22 -17.84
N PRO C 1057 21.18 -38.36 -17.20
CA PRO C 1057 22.12 -39.46 -17.05
C PRO C 1057 22.56 -40.07 -18.38
N VAL C 1058 21.68 -40.09 -19.39
CA VAL C 1058 21.94 -40.84 -20.65
C VAL C 1058 22.65 -39.91 -21.64
N ALA C 1059 22.17 -38.68 -21.77
CA ALA C 1059 22.78 -37.65 -22.63
C ALA C 1059 24.21 -37.35 -22.19
N ALA C 1060 24.53 -37.61 -20.91
CA ALA C 1060 25.84 -37.36 -20.26
C ALA C 1060 26.95 -38.22 -20.87
N GLN C 1061 26.59 -39.31 -21.54
CA GLN C 1061 27.53 -40.17 -22.28
C GLN C 1061 28.23 -39.39 -23.39
N PHE C 1062 27.57 -38.36 -23.96
CA PHE C 1062 28.00 -37.67 -25.20
C PHE C 1062 28.49 -36.24 -24.96
N THR C 1063 28.22 -35.65 -23.80
CA THR C 1063 28.83 -34.35 -23.37
C THR C 1063 30.29 -34.61 -22.96
N LYS C 1064 31.24 -34.30 -23.86
CA LYS C 1064 32.67 -34.66 -23.74
C LYS C 1064 33.58 -33.50 -24.18
N VAL C 1065 33.33 -32.89 -25.33
CA VAL C 1065 34.13 -31.78 -25.90
C VAL C 1065 33.61 -30.43 -25.38
N ILE C 1066 34.40 -29.75 -24.55
CA ILE C 1066 34.03 -28.45 -23.92
C ILE C 1066 34.26 -27.32 -24.93
N ASP C 1067 33.43 -26.28 -24.86
CA ASP C 1067 33.48 -25.04 -25.68
C ASP C 1067 33.50 -25.38 -27.17
N GLU C 1068 32.76 -26.41 -27.59
CA GLU C 1068 32.43 -26.71 -29.00
C GLU C 1068 31.32 -25.75 -29.43
N PRO C 1069 31.41 -25.02 -30.56
CA PRO C 1069 30.37 -24.05 -30.92
C PRO C 1069 29.01 -24.73 -31.24
N ILE C 1070 27.89 -24.08 -30.90
CA ILE C 1070 26.53 -24.72 -30.97
C ILE C 1070 26.24 -25.09 -32.42
N LYS C 1071 26.72 -24.26 -33.35
CA LYS C 1071 26.59 -24.50 -34.80
C LYS C 1071 27.30 -25.80 -35.19
N SER C 1072 28.52 -26.02 -34.71
CA SER C 1072 29.36 -27.20 -35.03
C SER C 1072 28.71 -28.49 -34.49
N ILE C 1073 28.03 -28.40 -33.33
CA ILE C 1073 27.32 -29.53 -32.66
C ILE C 1073 26.15 -29.95 -33.52
N MET C 1074 25.27 -28.98 -33.79
CA MET C 1074 23.98 -29.17 -34.51
C MET C 1074 24.26 -29.53 -35.97
N ASP C 1075 25.09 -28.78 -36.67
CA ASP C 1075 25.49 -29.12 -38.06
C ASP C 1075 26.00 -30.57 -38.04
N GLY C 1076 26.79 -30.96 -37.05
CA GLY C 1076 27.41 -32.31 -37.00
C GLY C 1076 26.39 -33.43 -36.89
N ILE C 1077 25.25 -33.13 -36.28
CA ILE C 1077 24.09 -34.05 -36.18
C ILE C 1077 23.34 -34.04 -37.52
N HIS C 1078 22.91 -32.87 -37.97
CA HIS C 1078 22.22 -32.67 -39.26
C HIS C 1078 23.02 -33.29 -40.42
N ASP C 1079 24.35 -33.13 -40.45
CA ASP C 1079 25.18 -33.60 -41.58
C ASP C 1079 25.33 -35.11 -41.45
N GLY C 1080 25.36 -35.61 -40.23
CA GLY C 1080 25.39 -37.06 -39.92
C GLY C 1080 24.16 -37.73 -40.45
N HIS C 1081 22.98 -37.19 -40.16
CA HIS C 1081 21.69 -37.65 -40.71
C HIS C 1081 21.71 -37.60 -42.24
N ILE C 1082 22.16 -36.50 -42.82
CA ILE C 1082 22.19 -36.33 -44.29
C ILE C 1082 23.08 -37.43 -44.88
N LYS C 1083 24.25 -37.67 -44.32
CA LYS C 1083 25.22 -38.66 -44.87
C LYS C 1083 24.67 -40.09 -44.77
N LYS C 1084 23.98 -40.44 -43.68
CA LYS C 1084 23.32 -41.75 -43.52
C LYS C 1084 22.14 -41.87 -44.49
N LEU C 1085 21.24 -40.88 -44.54
CA LEU C 1085 20.05 -40.87 -45.45
C LEU C 1085 20.53 -40.98 -46.89
N LEU C 1086 21.67 -40.37 -47.22
CA LEU C 1086 22.18 -40.33 -48.62
C LEU C 1086 22.65 -41.73 -49.02
N HIS C 1087 23.33 -42.42 -48.11
CA HIS C 1087 23.89 -43.79 -48.32
C HIS C 1087 22.75 -44.80 -48.48
N GLN C 1088 21.72 -44.67 -47.66
CA GLN C 1088 20.67 -45.70 -47.48
C GLN C 1088 19.60 -45.58 -48.58
N TYR C 1089 19.24 -44.36 -48.98
CA TYR C 1089 18.01 -44.09 -49.78
C TYR C 1089 18.30 -43.33 -51.07
N TYR C 1090 19.53 -42.98 -51.39
CA TYR C 1090 19.85 -42.17 -52.59
C TYR C 1090 21.12 -42.69 -53.28
N GLY C 1091 21.49 -43.94 -53.03
CA GLY C 1091 22.73 -44.58 -53.52
C GLY C 1091 23.96 -43.69 -53.41
N ASP C 1092 24.05 -42.88 -52.36
CA ASP C 1092 25.22 -42.01 -52.04
C ASP C 1092 25.54 -41.08 -53.22
N ASP C 1093 24.52 -40.40 -53.76
CA ASP C 1093 24.62 -39.50 -54.97
C ASP C 1093 23.70 -38.28 -54.79
N GLU C 1094 24.28 -37.10 -54.50
CA GLU C 1094 23.53 -35.85 -54.17
C GLU C 1094 22.67 -35.38 -55.35
N SER C 1095 23.02 -35.76 -56.59
CA SER C 1095 22.28 -35.42 -57.83
C SER C 1095 20.84 -35.97 -57.80
N LYS C 1096 20.55 -37.00 -56.99
CA LYS C 1096 19.21 -37.65 -56.91
C LYS C 1096 18.36 -37.04 -55.80
N ILE C 1097 18.84 -35.99 -55.12
CA ILE C 1097 18.08 -35.24 -54.09
C ILE C 1097 17.19 -34.25 -54.83
N PRO C 1098 15.84 -34.32 -54.67
CA PRO C 1098 14.94 -33.36 -55.30
C PRO C 1098 15.23 -31.93 -54.82
N ALA C 1099 15.19 -30.96 -55.74
CA ALA C 1099 15.47 -29.53 -55.46
C ALA C 1099 14.16 -28.74 -55.54
N VAL C 1100 14.02 -27.77 -54.64
CA VAL C 1100 12.91 -26.78 -54.62
C VAL C 1100 13.51 -25.39 -54.45
N GLU C 1101 12.74 -24.36 -54.81
CA GLU C 1101 13.14 -22.94 -54.77
C GLU C 1101 13.46 -22.61 -53.31
N TYR C 1102 12.54 -22.95 -52.41
CA TYR C 1102 12.67 -22.68 -50.96
C TYR C 1102 11.97 -23.81 -50.17
N PHE C 1103 12.63 -24.27 -49.11
CA PHE C 1103 12.14 -25.39 -48.27
C PHE C 1103 11.55 -24.80 -47.00
N GLY C 1104 10.24 -24.94 -46.81
CA GLY C 1104 9.53 -24.45 -45.62
C GLY C 1104 8.07 -24.14 -45.89
N GLY C 1105 7.34 -23.68 -44.86
CA GLY C 1105 5.99 -23.13 -44.99
C GLY C 1105 4.90 -24.19 -45.02
N GLU C 1106 5.18 -25.38 -45.56
CA GLU C 1106 4.23 -26.52 -45.74
C GLU C 1106 3.62 -26.91 -44.38
N SER C 1107 2.32 -26.67 -44.17
CA SER C 1107 1.52 -27.12 -42.99
C SER C 1107 1.42 -28.63 -42.99
N PRO C 1108 1.51 -29.28 -41.80
CA PRO C 1108 1.48 -30.74 -41.71
C PRO C 1108 0.16 -31.41 -42.12
N VAL C 1109 -0.94 -30.67 -42.17
CA VAL C 1109 -2.31 -31.19 -42.51
C VAL C 1109 -2.34 -31.82 -43.91
N ASP C 1110 -1.73 -31.19 -44.92
CA ASP C 1110 -1.57 -31.76 -46.30
C ASP C 1110 -0.48 -30.99 -47.04
N SER C 1121 -0.66 -27.10 -64.69
CA SER C 1121 0.35 -26.94 -65.79
C SER C 1121 -0.19 -26.03 -66.90
N GLU C 1122 -1.05 -25.06 -66.57
CA GLU C 1122 -1.71 -24.14 -67.55
C GLU C 1122 -0.92 -22.82 -67.60
N ASP C 1123 -0.50 -22.40 -68.80
CA ASP C 1123 0.34 -21.19 -69.05
C ASP C 1123 -0.48 -19.92 -68.79
N SER C 1124 -1.70 -19.83 -69.35
CA SER C 1124 -2.59 -18.64 -69.28
C SER C 1124 -3.96 -19.02 -68.71
N ALA C 1125 -4.11 -19.00 -67.38
CA ALA C 1125 -5.37 -19.34 -66.68
C ALA C 1125 -6.22 -18.08 -66.47
N VAL C 1126 -7.45 -18.28 -66.01
CA VAL C 1126 -8.41 -17.23 -65.55
C VAL C 1126 -9.18 -17.83 -64.37
N PHE C 1127 -9.52 -17.01 -63.39
CA PHE C 1127 -10.24 -17.41 -62.15
C PHE C 1127 -11.25 -16.32 -61.81
N LYS C 1128 -12.54 -16.66 -61.79
CA LYS C 1128 -13.62 -15.73 -61.40
C LYS C 1128 -14.03 -16.12 -60.00
N ALA C 1129 -13.81 -15.25 -59.04
CA ALA C 1129 -14.32 -15.40 -57.65
C ALA C 1129 -15.83 -15.28 -57.68
N THR C 1130 -16.48 -15.80 -56.64
CA THR C 1130 -17.94 -15.65 -56.35
C THR C 1130 -18.08 -15.44 -54.84
N SER C 1131 -19.31 -15.36 -54.34
CA SER C 1131 -19.61 -15.29 -52.88
C SER C 1131 -19.42 -16.68 -52.24
N SER C 1132 -19.55 -17.76 -53.02
CA SER C 1132 -19.42 -19.17 -52.58
C SER C 1132 -17.96 -19.63 -52.59
N THR C 1133 -17.05 -18.90 -53.26
CA THR C 1133 -15.64 -19.31 -53.50
C THR C 1133 -14.97 -19.62 -52.16
N ASP C 1134 -14.34 -20.80 -52.08
CA ASP C 1134 -13.63 -21.33 -50.89
C ASP C 1134 -12.23 -20.70 -50.87
N GLU C 1135 -11.91 -19.96 -49.80
CA GLU C 1135 -10.70 -19.12 -49.65
C GLU C 1135 -9.42 -19.96 -49.85
N GLU C 1136 -9.40 -21.19 -49.32
CA GLU C 1136 -8.20 -22.08 -49.32
C GLU C 1136 -7.93 -22.60 -50.74
N SER C 1137 -8.94 -23.10 -51.43
CA SER C 1137 -8.84 -23.60 -52.84
C SER C 1137 -8.48 -22.44 -53.77
N TRP C 1138 -9.03 -21.24 -53.49
CA TRP C 1138 -8.80 -19.99 -54.27
C TRP C 1138 -7.31 -19.70 -54.34
N PHE C 1139 -6.69 -19.53 -53.18
CA PHE C 1139 -5.25 -19.20 -53.03
C PHE C 1139 -4.40 -20.32 -53.65
N LYS C 1140 -4.63 -21.59 -53.28
CA LYS C 1140 -3.86 -22.73 -53.83
C LYS C 1140 -3.83 -22.63 -55.36
N ALA C 1141 -4.95 -22.23 -55.97
CA ALA C 1141 -5.12 -22.11 -57.44
C ALA C 1141 -4.22 -20.99 -57.99
N LEU C 1142 -4.25 -19.82 -57.35
CA LEU C 1142 -3.44 -18.62 -57.72
C LEU C 1142 -1.95 -18.96 -57.61
N ALA C 1143 -1.57 -19.60 -56.49
CA ALA C 1143 -0.19 -20.01 -56.15
C ALA C 1143 0.40 -20.94 -57.20
N GLY C 1144 -0.38 -21.89 -57.69
CA GLY C 1144 0.08 -22.94 -58.62
C GLY C 1144 0.78 -24.06 -57.87
N SER C 1145 1.26 -25.06 -58.63
CA SER C 1145 1.83 -26.33 -58.10
C SER C 1145 3.31 -26.16 -57.79
N GLU C 1146 4.06 -25.48 -58.66
CA GLU C 1146 5.54 -25.28 -58.50
C GLU C 1146 5.78 -24.35 -57.31
N ILE C 1147 6.80 -24.65 -56.50
CA ILE C 1147 7.28 -23.79 -55.38
C ILE C 1147 8.19 -22.73 -55.99
N ASN C 1148 7.73 -21.47 -56.02
CA ASN C 1148 8.43 -20.26 -56.55
C ASN C 1148 7.86 -19.03 -55.86
N TRP C 1149 8.26 -17.84 -56.30
CA TRP C 1149 7.88 -16.53 -55.70
C TRP C 1149 6.36 -16.40 -55.63
N ARG C 1150 5.62 -16.91 -56.61
CA ARG C 1150 4.13 -16.84 -56.63
C ARG C 1150 3.58 -17.69 -55.50
N HIS C 1151 4.08 -18.91 -55.36
CA HIS C 1151 3.64 -19.90 -54.34
C HIS C 1151 3.79 -19.27 -52.96
N ALA C 1152 4.91 -18.60 -52.71
CA ALA C 1152 5.19 -17.88 -51.44
C ALA C 1152 4.16 -16.77 -51.24
N SER C 1153 4.07 -15.91 -52.25
CA SER C 1153 3.19 -14.73 -52.29
C SER C 1153 1.79 -15.13 -51.87
N PHE C 1154 1.28 -16.27 -52.33
CA PHE C 1154 -0.15 -16.61 -52.14
C PHE C 1154 -0.36 -17.56 -50.97
N LEU C 1155 0.66 -18.20 -50.43
CA LEU C 1155 0.42 -19.22 -49.37
C LEU C 1155 1.17 -18.92 -48.07
N CYS C 1156 2.31 -18.21 -48.09
CA CYS C 1156 2.94 -17.65 -46.86
C CYS C 1156 1.91 -16.78 -46.13
N SER C 1157 1.55 -17.15 -44.91
CA SER C 1157 0.53 -16.44 -44.10
C SER C 1157 1.11 -15.12 -43.58
N PHE C 1158 2.42 -15.09 -43.27
CA PHE C 1158 3.17 -13.94 -42.73
C PHE C 1158 4.31 -13.56 -43.67
N ILE C 1159 4.59 -12.25 -43.76
CA ILE C 1159 5.81 -11.61 -44.36
C ILE C 1159 6.56 -10.87 -43.25
N THR C 1160 7.75 -10.34 -43.54
CA THR C 1160 8.58 -9.63 -42.53
C THR C 1160 8.82 -8.18 -42.93
N GLN C 1161 8.41 -7.23 -42.08
CA GLN C 1161 8.80 -5.79 -42.12
C GLN C 1161 9.97 -5.52 -41.16
N ASP C 1162 11.16 -5.32 -41.71
CA ASP C 1162 12.46 -5.38 -40.98
C ASP C 1162 12.50 -6.72 -40.23
N LYS C 1163 12.33 -6.72 -38.90
CA LYS C 1163 12.42 -7.93 -38.05
C LYS C 1163 11.04 -8.39 -37.60
N MET C 1164 10.02 -7.52 -37.66
CA MET C 1164 8.63 -7.86 -37.24
C MET C 1164 7.99 -8.76 -38.29
N PHE C 1165 6.87 -9.41 -37.92
CA PHE C 1165 6.13 -10.42 -38.72
C PHE C 1165 4.66 -10.01 -38.80
N VAL C 1166 4.23 -9.58 -39.98
CA VAL C 1166 2.89 -9.01 -40.22
C VAL C 1166 2.13 -9.89 -41.19
N SER C 1167 0.80 -9.89 -41.10
CA SER C 1167 -0.14 -10.56 -42.02
C SER C 1167 0.25 -10.28 -43.46
N ASN C 1168 0.34 -11.32 -44.30
CA ASN C 1168 0.67 -11.23 -45.74
C ASN C 1168 -0.34 -10.33 -46.43
N PRO C 1169 0.10 -9.17 -46.98
CA PRO C 1169 -0.81 -8.17 -47.53
C PRO C 1169 -1.34 -8.57 -48.92
N ILE C 1170 -0.55 -9.30 -49.70
CA ILE C 1170 -1.00 -9.94 -50.98
C ILE C 1170 -2.25 -10.79 -50.72
N ARG C 1171 -2.22 -11.72 -49.77
CA ARG C 1171 -3.41 -12.56 -49.44
C ARG C 1171 -4.60 -11.67 -49.05
N LYS C 1172 -4.39 -10.64 -48.21
CA LYS C 1172 -5.49 -9.70 -47.81
C LYS C 1172 -6.12 -9.09 -49.06
N VAL C 1173 -5.29 -8.75 -50.04
CA VAL C 1173 -5.69 -7.96 -51.24
C VAL C 1173 -6.42 -8.84 -52.24
N PHE C 1174 -5.95 -10.07 -52.41
CA PHE C 1174 -6.56 -11.09 -53.31
C PHE C 1174 -7.68 -11.87 -52.61
N LYS C 1175 -7.96 -11.63 -51.33
CA LYS C 1175 -9.07 -12.30 -50.59
C LYS C 1175 -10.31 -12.30 -51.48
N PRO C 1176 -10.87 -13.49 -51.80
CA PRO C 1176 -11.85 -13.63 -52.88
C PRO C 1176 -13.21 -13.01 -52.51
N SER C 1177 -13.76 -12.25 -53.45
CA SER C 1177 -15.05 -11.52 -53.33
C SER C 1177 -15.68 -11.50 -54.72
N GLN C 1178 -17.00 -11.34 -54.81
CA GLN C 1178 -17.74 -11.21 -56.10
C GLN C 1178 -17.10 -10.12 -56.98
N GLY C 1179 -17.02 -10.35 -58.30
CA GLY C 1179 -16.60 -9.35 -59.29
C GLY C 1179 -15.12 -9.48 -59.63
N MET C 1180 -14.33 -10.03 -58.70
CA MET C 1180 -12.86 -10.19 -58.84
C MET C 1180 -12.58 -11.22 -59.94
N VAL C 1181 -11.55 -10.96 -60.74
CA VAL C 1181 -11.16 -11.75 -61.94
C VAL C 1181 -9.63 -11.74 -62.03
N VAL C 1182 -9.01 -12.89 -61.78
CA VAL C 1182 -7.52 -13.03 -61.77
C VAL C 1182 -7.08 -13.67 -63.08
N GLU C 1183 -6.47 -12.89 -63.96
CA GLU C 1183 -5.78 -13.37 -65.17
C GLU C 1183 -4.34 -13.68 -64.74
N ILE C 1184 -3.85 -14.88 -65.05
CA ILE C 1184 -2.42 -15.29 -64.92
C ILE C 1184 -1.85 -15.48 -66.33
N SER C 1185 -0.64 -15.04 -66.58
CA SER C 1185 0.00 -15.07 -67.92
C SER C 1185 1.47 -15.50 -67.76
N ASN C 1186 1.91 -16.45 -68.58
CA ASN C 1186 3.24 -17.12 -68.47
C ASN C 1186 3.34 -17.78 -67.08
N GLY C 1187 2.32 -18.56 -66.70
CA GLY C 1187 2.21 -19.21 -65.39
C GLY C 1187 3.19 -20.35 -65.20
N ASN C 1188 3.89 -20.79 -66.25
CA ASN C 1188 4.88 -21.90 -66.22
C ASN C 1188 6.28 -21.35 -65.97
N THR C 1189 6.70 -20.33 -66.70
CA THR C 1189 7.99 -19.62 -66.48
C THR C 1189 7.82 -18.62 -65.32
N SER C 1190 8.26 -18.98 -64.11
CA SER C 1190 8.09 -18.17 -62.88
C SER C 1190 8.77 -16.79 -63.03
N SER C 1191 9.81 -16.64 -63.85
CA SER C 1191 10.46 -15.32 -64.10
C SER C 1191 9.48 -14.33 -64.76
N LYS C 1192 8.65 -14.83 -65.69
CA LYS C 1192 7.81 -14.01 -66.61
C LYS C 1192 6.38 -13.94 -66.10
N THR C 1193 6.01 -14.72 -65.09
CA THR C 1193 4.61 -14.82 -64.62
C THR C 1193 4.12 -13.44 -64.19
N VAL C 1194 2.95 -13.02 -64.70
CA VAL C 1194 2.26 -11.80 -64.25
C VAL C 1194 0.84 -12.17 -63.84
N VAL C 1195 0.49 -11.92 -62.57
CA VAL C 1195 -0.87 -12.09 -62.01
C VAL C 1195 -1.54 -10.72 -62.04
N THR C 1196 -2.74 -10.63 -62.63
CA THR C 1196 -3.48 -9.38 -62.89
C THR C 1196 -4.89 -9.51 -62.33
N LEU C 1197 -5.14 -8.95 -61.14
CA LEU C 1197 -6.50 -8.85 -60.54
C LEU C 1197 -7.24 -7.68 -61.18
N SER C 1198 -8.41 -7.92 -61.76
CA SER C 1198 -9.30 -6.87 -62.32
C SER C 1198 -10.64 -6.93 -61.59
N GLU C 1199 -11.14 -5.78 -61.15
CA GLU C 1199 -12.44 -5.68 -60.43
C GLU C 1199 -13.34 -4.74 -61.24
N PRO C 1200 -14.66 -4.68 -60.94
CA PRO C 1200 -15.52 -3.68 -61.56
C PRO C 1200 -15.22 -2.29 -60.97
N VAL C 1201 -15.05 -1.30 -61.84
CA VAL C 1201 -14.79 0.13 -61.50
C VAL C 1201 -15.63 1.00 -62.43
N GLN C 1202 -16.71 1.59 -61.91
CA GLN C 1202 -17.78 2.26 -62.71
C GLN C 1202 -18.30 1.22 -63.73
N GLY C 1203 -18.88 0.12 -63.24
CA GLY C 1203 -19.56 -0.90 -64.06
C GLY C 1203 -18.58 -1.79 -64.82
N GLU C 1204 -17.71 -1.22 -65.66
CA GLU C 1204 -16.74 -1.97 -66.51
C GLU C 1204 -15.61 -2.59 -65.65
N LEU C 1205 -14.86 -3.52 -66.24
CA LEU C 1205 -13.81 -4.34 -65.55
C LEU C 1205 -12.42 -3.80 -65.90
N LYS C 1206 -11.71 -3.27 -64.90
CA LYS C 1206 -10.40 -2.59 -65.05
C LYS C 1206 -9.37 -3.26 -64.16
N PRO C 1207 -8.06 -3.28 -64.54
CA PRO C 1207 -7.00 -3.80 -63.67
C PRO C 1207 -6.90 -3.05 -62.34
N THR C 1208 -6.77 -3.77 -61.22
CA THR C 1208 -6.59 -3.17 -59.86
C THR C 1208 -5.21 -3.52 -59.30
N VAL C 1209 -4.82 -4.79 -59.36
CA VAL C 1209 -3.50 -5.27 -58.86
C VAL C 1209 -2.78 -5.99 -60.00
N ILE C 1210 -1.49 -5.76 -60.12
CA ILE C 1210 -0.55 -6.49 -61.00
C ILE C 1210 0.62 -6.95 -60.13
N LEU C 1211 0.67 -8.25 -59.82
CA LEU C 1211 1.77 -8.93 -59.10
C LEU C 1211 2.76 -9.52 -60.11
N LYS C 1212 4.00 -9.08 -60.13
CA LYS C 1212 5.05 -9.69 -60.98
C LYS C 1212 6.41 -9.58 -60.29
N LEU C 1213 7.41 -10.33 -60.75
CA LEU C 1213 8.84 -10.06 -60.44
C LEU C 1213 9.28 -8.83 -61.24
N LEU C 1214 10.16 -8.02 -60.66
CA LEU C 1214 10.92 -6.98 -61.41
C LEU C 1214 12.28 -7.58 -61.80
N LYS C 1215 13.11 -7.87 -60.81
CA LYS C 1215 14.41 -8.58 -60.94
C LYS C 1215 14.36 -9.82 -60.04
N GLU C 1216 15.41 -10.64 -60.08
CA GLU C 1216 15.47 -12.03 -59.52
C GLU C 1216 14.76 -12.16 -58.17
N ASN C 1217 14.88 -11.16 -57.29
CA ASN C 1217 14.48 -11.24 -55.86
C ASN C 1217 13.65 -10.02 -55.46
N ILE C 1218 12.81 -9.47 -56.33
CA ILE C 1218 11.89 -8.36 -55.99
C ILE C 1218 10.51 -8.64 -56.57
N ILE C 1219 9.50 -8.74 -55.71
CA ILE C 1219 8.07 -8.89 -56.09
C ILE C 1219 7.38 -7.52 -56.01
N GLN C 1220 7.11 -6.90 -57.16
CA GLN C 1220 6.30 -5.67 -57.24
C GLN C 1220 4.84 -6.08 -57.16
N MET C 1221 4.05 -5.34 -56.41
CA MET C 1221 2.59 -5.54 -56.32
C MET C 1221 1.93 -4.20 -56.63
N GLU C 1222 1.90 -3.88 -57.93
CA GLU C 1222 1.43 -2.58 -58.47
C GLU C 1222 -0.06 -2.49 -58.15
N MET C 1223 -0.43 -1.89 -57.01
CA MET C 1223 -1.83 -1.52 -56.69
C MET C 1223 -2.21 -0.38 -57.61
N ILE C 1224 -3.43 -0.38 -58.15
CA ILE C 1224 -3.86 0.65 -59.15
C ILE C 1224 -5.11 1.33 -58.61
N GLU C 1225 -5.20 2.63 -58.81
CA GLU C 1225 -6.41 3.44 -58.59
C GLU C 1225 -6.84 4.03 -59.93
N ASN C 1226 -8.09 3.81 -60.34
CA ASN C 1226 -8.64 4.23 -61.67
C ASN C 1226 -9.46 5.51 -61.52
N ARG C 1227 -9.87 5.84 -60.30
CA ARG C 1227 -10.57 7.09 -59.96
C ARG C 1227 -9.53 8.16 -59.61
N THR C 1228 -9.19 8.99 -60.58
CA THR C 1228 -8.10 9.99 -60.50
C THR C 1228 -8.64 11.35 -60.95
N MET C 1229 -7.79 12.37 -60.94
CA MET C 1229 -8.19 13.74 -61.38
C MET C 1229 -8.42 13.73 -62.90
N ASP C 1230 -7.43 13.27 -63.66
CA ASP C 1230 -7.41 13.32 -65.15
C ASP C 1230 -8.06 12.07 -65.77
N GLY C 1231 -8.32 11.01 -64.98
CA GLY C 1231 -8.91 9.73 -65.44
C GLY C 1231 -7.85 8.67 -65.69
N LYS C 1232 -6.62 9.08 -66.07
CA LYS C 1232 -5.43 8.21 -66.20
C LYS C 1232 -5.16 7.52 -64.86
N PRO C 1233 -4.97 6.18 -64.81
CA PRO C 1233 -4.84 5.48 -63.54
C PRO C 1233 -3.47 5.73 -62.88
N VAL C 1234 -3.43 5.68 -61.55
CA VAL C 1234 -2.24 5.96 -60.69
C VAL C 1234 -1.85 4.67 -59.97
N SER C 1235 -0.59 4.26 -60.14
CA SER C 1235 -0.02 2.99 -59.63
C SER C 1235 0.76 3.27 -58.34
N LEU C 1236 0.54 2.48 -57.30
CA LEU C 1236 1.41 2.44 -56.09
C LEU C 1236 2.28 1.19 -56.16
N PRO C 1237 3.58 1.25 -56.50
CA PRO C 1237 4.42 0.07 -56.49
C PRO C 1237 4.81 -0.31 -55.05
N LEU C 1238 4.35 -1.46 -54.58
CA LEU C 1238 4.76 -2.04 -53.28
C LEU C 1238 5.80 -3.13 -53.54
N LEU C 1239 7.02 -2.96 -53.05
CA LEU C 1239 8.15 -3.88 -53.34
C LEU C 1239 8.35 -4.81 -52.15
N TYR C 1240 8.75 -6.06 -52.45
CA TYR C 1240 8.96 -7.14 -51.47
C TYR C 1240 10.14 -7.99 -51.90
N ASN C 1241 11.18 -8.12 -51.05
CA ASN C 1241 12.34 -9.00 -51.34
C ASN C 1241 11.83 -10.44 -51.26
N PHE C 1242 12.23 -11.28 -52.21
CA PHE C 1242 12.01 -12.74 -52.17
C PHE C 1242 13.34 -13.44 -51.94
N ASN C 1243 13.52 -13.97 -50.73
CA ASN C 1243 14.77 -14.61 -50.26
C ASN C 1243 14.45 -16.09 -50.05
N PRO C 1244 14.78 -16.97 -51.01
CA PRO C 1244 14.46 -18.39 -50.89
C PRO C 1244 15.26 -19.13 -49.81
N ASP C 1245 16.33 -18.54 -49.28
CA ASP C 1245 17.17 -19.14 -48.21
C ASP C 1245 16.45 -19.12 -46.86
N ASN C 1246 15.28 -18.49 -46.75
CA ASN C 1246 14.50 -18.40 -45.49
C ASN C 1246 13.11 -18.99 -45.77
N GLY C 1247 13.01 -20.31 -45.86
CA GLY C 1247 11.80 -20.96 -46.38
C GLY C 1247 10.56 -20.67 -45.55
N PHE C 1248 10.69 -20.44 -44.25
CA PHE C 1248 9.53 -20.12 -43.38
C PHE C 1248 8.92 -18.77 -43.78
N ALA C 1249 9.77 -17.76 -43.98
CA ALA C 1249 9.41 -16.35 -44.25
C ALA C 1249 10.26 -15.83 -45.41
N PRO C 1250 9.97 -16.28 -46.65
CA PRO C 1250 10.79 -15.91 -47.81
C PRO C 1250 10.46 -14.53 -48.41
N ILE C 1251 9.44 -13.84 -47.88
CA ILE C 1251 9.00 -12.50 -48.36
C ILE C 1251 9.14 -11.47 -47.24
N SER C 1252 9.91 -10.42 -47.52
CA SER C 1252 10.18 -9.26 -46.64
C SER C 1252 9.76 -7.99 -47.39
N GLU C 1253 8.96 -7.13 -46.76
CA GLU C 1253 8.63 -5.80 -47.34
C GLU C 1253 9.91 -4.97 -47.40
N VAL C 1254 10.17 -4.34 -48.54
CA VAL C 1254 11.22 -3.30 -48.73
C VAL C 1254 10.70 -2.03 -48.05
N MET C 1255 11.11 -1.76 -46.80
CA MET C 1255 10.59 -0.63 -45.97
C MET C 1255 11.27 0.69 -46.36
N GLU C 1256 12.41 0.65 -47.08
CA GLU C 1256 13.21 1.83 -47.50
C GLU C 1256 12.49 2.54 -48.65
N ASP C 1257 12.10 3.80 -48.47
CA ASP C 1257 11.44 4.62 -49.52
C ASP C 1257 9.92 4.34 -49.54
N ARG C 1258 9.41 3.42 -48.72
CA ARG C 1258 7.99 2.99 -48.77
C ARG C 1258 7.05 4.18 -48.53
N ASN C 1259 7.39 5.08 -47.60
CA ASN C 1259 6.55 6.23 -47.24
C ASN C 1259 6.56 7.31 -48.33
N GLN C 1260 7.66 7.41 -49.10
CA GLN C 1260 7.74 8.32 -50.27
C GLN C 1260 6.84 7.74 -51.36
N ARG C 1261 7.00 6.46 -51.68
CA ARG C 1261 6.23 5.81 -52.77
C ARG C 1261 4.75 5.94 -52.49
N ILE C 1262 4.33 5.86 -51.23
CA ILE C 1262 2.89 6.05 -50.89
C ILE C 1262 2.53 7.52 -51.11
N LYS C 1263 3.28 8.45 -50.52
CA LYS C 1263 3.07 9.92 -50.71
C LYS C 1263 2.97 10.22 -52.22
N GLU C 1264 3.84 9.65 -53.04
CA GLU C 1264 3.90 9.97 -54.49
C GLU C 1264 2.56 9.62 -55.15
N MET C 1265 1.90 8.56 -54.69
CA MET C 1265 0.57 8.15 -55.22
C MET C 1265 -0.45 9.19 -54.77
N TYR C 1266 -0.53 9.37 -53.47
CA TYR C 1266 -1.51 10.30 -52.86
C TYR C 1266 -1.32 11.70 -53.42
N TRP C 1267 -0.09 12.11 -53.72
CA TRP C 1267 0.16 13.44 -54.32
C TRP C 1267 -0.54 13.52 -55.68
N LYS C 1268 -0.26 12.60 -56.60
CA LYS C 1268 -0.90 12.54 -57.95
C LYS C 1268 -2.43 12.53 -57.83
N LEU C 1269 -2.98 11.95 -56.77
CA LEU C 1269 -4.46 11.85 -56.54
C LEU C 1269 -5.04 13.15 -55.98
N TRP C 1270 -4.28 13.92 -55.20
CA TRP C 1270 -4.76 15.08 -54.43
C TRP C 1270 -4.22 16.40 -54.98
N ILE C 1271 -2.90 16.56 -55.11
CA ILE C 1271 -2.22 17.86 -55.35
C ILE C 1271 -1.85 18.01 -56.84
N ASP C 1272 -2.37 19.02 -57.52
CA ASP C 1272 -2.15 19.22 -58.98
C ASP C 1272 -0.75 19.78 -59.29
N GLU C 1273 -0.02 20.26 -58.28
CA GLU C 1273 1.38 20.74 -58.41
C GLU C 1273 2.27 19.57 -58.82
N PRO C 1274 3.53 19.81 -59.26
CA PRO C 1274 4.56 18.77 -59.33
C PRO C 1274 4.94 18.16 -57.98
N PHE C 1275 5.32 16.87 -57.96
CA PHE C 1275 5.65 16.08 -56.74
C PHE C 1275 7.00 16.54 -56.18
N ASN C 1276 6.95 17.29 -55.07
CA ASN C 1276 8.14 17.77 -54.34
C ASN C 1276 7.86 17.76 -52.83
N LEU C 1277 8.59 16.93 -52.07
CA LEU C 1277 8.41 16.77 -50.59
C LEU C 1277 9.47 17.58 -49.82
N ASP C 1278 10.24 18.41 -50.53
CA ASP C 1278 11.31 19.27 -49.95
C ASP C 1278 10.74 20.69 -49.78
N PHE C 1279 9.91 20.89 -48.76
CA PHE C 1279 9.44 22.21 -48.29
C PHE C 1279 9.26 22.13 -46.77
N ASP C 1280 9.48 23.25 -46.08
CA ASP C 1280 9.50 23.34 -44.59
C ASP C 1280 8.07 23.36 -44.10
N PRO C 1281 7.67 22.51 -43.13
CA PRO C 1281 6.32 22.59 -42.55
C PRO C 1281 6.03 23.91 -41.81
N ARG C 1282 7.06 24.62 -41.35
CA ARG C 1282 6.92 25.94 -40.68
C ARG C 1282 6.32 26.93 -41.68
N ASP C 1283 6.78 26.92 -42.94
CA ASP C 1283 6.34 27.84 -44.02
C ASP C 1283 4.82 27.73 -44.24
N VAL C 1284 4.26 28.66 -45.01
CA VAL C 1284 2.79 28.81 -45.25
C VAL C 1284 2.50 28.26 -46.65
N ILE C 1285 1.48 27.41 -46.74
CA ILE C 1285 1.05 26.75 -48.00
C ILE C 1285 0.03 27.65 -48.71
N LYS C 1286 0.30 28.02 -49.97
CA LYS C 1286 -0.54 28.97 -50.75
C LYS C 1286 -1.38 28.19 -51.76
N GLY C 1287 -2.54 27.70 -51.32
CA GLY C 1287 -3.54 27.07 -52.20
C GLY C 1287 -4.02 28.03 -53.26
N LYS C 1288 -4.33 27.51 -54.45
CA LYS C 1288 -4.70 28.32 -55.64
C LYS C 1288 -6.14 28.83 -55.47
N ASP C 1289 -6.48 29.92 -56.18
CA ASP C 1289 -7.76 30.67 -56.05
C ASP C 1289 -8.88 29.83 -56.62
N PHE C 1290 -9.98 29.71 -55.88
CA PHE C 1290 -11.16 28.86 -56.20
C PHE C 1290 -12.37 29.75 -56.47
N GLU C 1291 -12.98 29.61 -57.65
CA GLU C 1291 -14.17 30.41 -58.08
C GLU C 1291 -15.41 29.56 -57.85
N ILE C 1292 -16.23 29.91 -56.85
CA ILE C 1292 -17.41 29.10 -56.42
C ILE C 1292 -18.51 29.24 -57.47
N THR C 1293 -18.89 28.12 -58.10
CA THR C 1293 -19.89 28.04 -59.21
C THR C 1293 -21.18 27.43 -58.66
N ALA C 1294 -22.30 27.72 -59.33
CA ALA C 1294 -23.63 27.18 -58.95
C ALA C 1294 -23.61 25.65 -59.11
N LYS C 1295 -23.01 25.16 -60.20
CA LYS C 1295 -22.90 23.71 -60.53
C LYS C 1295 -22.16 22.98 -59.39
N GLU C 1296 -21.07 23.57 -58.89
CA GLU C 1296 -20.20 22.95 -57.85
C GLU C 1296 -20.93 22.86 -56.52
N VAL C 1297 -21.76 23.86 -56.20
CA VAL C 1297 -22.59 23.95 -54.96
C VAL C 1297 -23.71 22.92 -55.03
N TYR C 1298 -24.43 22.89 -56.15
CA TYR C 1298 -25.43 21.85 -56.49
C TYR C 1298 -24.84 20.46 -56.23
N ASP C 1299 -23.77 20.11 -56.94
CA ASP C 1299 -23.13 18.77 -56.90
C ASP C 1299 -22.66 18.44 -55.48
N PHE C 1300 -22.20 19.44 -54.74
CA PHE C 1300 -21.77 19.26 -53.33
C PHE C 1300 -22.98 19.00 -52.43
N THR C 1301 -24.06 19.79 -52.54
CA THR C 1301 -25.19 19.70 -51.56
C THR C 1301 -25.97 18.40 -51.77
N HIS C 1302 -26.08 17.94 -53.01
CA HIS C 1302 -26.75 16.66 -53.35
C HIS C 1302 -25.92 15.48 -52.80
N ALA C 1303 -24.61 15.55 -52.88
CA ALA C 1303 -23.69 14.49 -52.40
C ALA C 1303 -23.75 14.34 -50.87
N VAL C 1304 -24.06 15.40 -50.12
CA VAL C 1304 -24.04 15.37 -48.62
C VAL C 1304 -25.48 15.34 -48.06
N GLY C 1305 -26.50 15.50 -48.90
CA GLY C 1305 -27.92 15.55 -48.49
C GLY C 1305 -28.22 16.81 -47.70
N ASN C 1306 -27.88 17.99 -48.25
CA ASN C 1306 -28.13 19.34 -47.64
C ASN C 1306 -29.20 20.02 -48.48
N ASN C 1307 -30.46 19.88 -48.08
CA ASN C 1307 -31.62 20.31 -48.90
C ASN C 1307 -32.10 21.68 -48.42
N CYS C 1308 -31.25 22.45 -47.73
CA CYS C 1308 -31.51 23.83 -47.27
C CYS C 1308 -31.73 24.71 -48.50
N GLU C 1309 -32.70 25.62 -48.45
CA GLU C 1309 -33.14 26.49 -49.58
C GLU C 1309 -31.99 27.43 -49.98
N ASP C 1310 -31.20 27.89 -49.01
CA ASP C 1310 -30.17 28.95 -49.24
C ASP C 1310 -29.21 28.53 -50.35
N PHE C 1311 -29.03 27.22 -50.58
CA PHE C 1311 -28.07 26.63 -51.54
C PHE C 1311 -28.73 26.33 -52.90
N VAL C 1312 -30.04 26.10 -52.90
CA VAL C 1312 -30.83 25.88 -54.14
C VAL C 1312 -31.00 27.21 -54.86
N SER C 1313 -30.89 27.25 -56.19
CA SER C 1313 -31.09 28.49 -56.99
C SER C 1313 -32.58 28.79 -56.95
N ARG C 1314 -32.94 30.01 -56.57
CA ARG C 1314 -34.32 30.51 -56.67
C ARG C 1314 -34.30 31.74 -57.56
N PRO C 1315 -35.46 32.14 -58.12
CA PRO C 1315 -35.55 33.42 -58.82
C PRO C 1315 -35.26 34.57 -57.85
N ASP C 1316 -34.59 35.62 -58.34
CA ASP C 1316 -34.47 36.97 -57.70
C ASP C 1316 -33.81 36.83 -56.31
N ARG C 1317 -32.81 35.97 -56.18
CA ARG C 1317 -32.09 35.67 -54.91
C ARG C 1317 -30.73 35.06 -55.26
N THR C 1318 -29.65 35.50 -54.58
CA THR C 1318 -28.28 34.96 -54.79
C THR C 1318 -28.10 33.66 -53.99
N MET C 1319 -27.50 32.66 -54.65
CA MET C 1319 -27.26 31.31 -54.09
C MET C 1319 -26.07 31.40 -53.13
N LEU C 1320 -26.28 31.06 -51.87
CA LEU C 1320 -25.18 30.88 -50.87
C LEU C 1320 -24.54 29.50 -51.09
N ALA C 1321 -23.27 29.38 -50.72
CA ALA C 1321 -22.53 28.10 -50.65
C ALA C 1321 -22.52 27.65 -49.19
N PRO C 1322 -22.67 26.34 -48.91
CA PRO C 1322 -22.65 25.83 -47.55
C PRO C 1322 -21.26 26.01 -46.95
N MET C 1323 -21.11 26.04 -45.62
CA MET C 1323 -19.77 26.29 -45.02
C MET C 1323 -18.94 25.01 -44.97
N ASP C 1324 -19.51 23.85 -45.27
CA ASP C 1324 -18.78 22.58 -45.52
C ASP C 1324 -17.95 22.70 -46.80
N PHE C 1325 -18.47 23.42 -47.78
CA PHE C 1325 -17.82 23.73 -49.06
C PHE C 1325 -16.45 24.37 -48.82
N ALA C 1326 -16.21 24.89 -47.62
CA ALA C 1326 -14.92 25.49 -47.22
C ALA C 1326 -13.77 24.48 -47.32
N ILE C 1327 -14.03 23.19 -47.04
CA ILE C 1327 -13.04 22.09 -47.17
C ILE C 1327 -12.81 21.73 -48.64
N VAL C 1328 -13.81 21.83 -49.51
CA VAL C 1328 -13.62 21.70 -50.99
C VAL C 1328 -12.60 22.75 -51.46
N VAL C 1329 -12.76 23.98 -51.00
CA VAL C 1329 -11.89 25.13 -51.39
C VAL C 1329 -10.48 24.92 -50.83
N GLY C 1330 -10.39 24.44 -49.59
CA GLY C 1330 -9.14 24.46 -48.80
C GLY C 1330 -8.48 23.10 -48.67
N TRP C 1331 -9.05 22.04 -49.28
CA TRP C 1331 -8.52 20.65 -49.13
C TRP C 1331 -7.13 20.57 -49.73
N ARG C 1332 -6.98 21.02 -50.97
CA ARG C 1332 -5.69 20.94 -51.68
C ARG C 1332 -4.60 21.59 -50.81
N ALA C 1333 -4.89 22.70 -50.12
CA ALA C 1333 -3.89 23.44 -49.32
C ALA C 1333 -3.72 22.84 -47.92
N ILE C 1334 -4.83 22.43 -47.30
CA ILE C 1334 -4.79 21.80 -45.94
C ILE C 1334 -4.03 20.49 -46.02
N ILE C 1335 -4.41 19.60 -46.95
CA ILE C 1335 -3.84 18.23 -46.99
C ILE C 1335 -2.35 18.30 -47.35
N LYS C 1336 -1.93 19.32 -48.08
CA LYS C 1336 -0.51 19.46 -48.51
C LYS C 1336 0.38 19.58 -47.28
N ALA C 1337 -0.18 19.93 -46.12
CA ALA C 1337 0.58 20.11 -44.86
C ALA C 1337 1.09 18.79 -44.30
N ILE C 1338 0.50 17.65 -44.64
CA ILE C 1338 0.99 16.34 -44.11
C ILE C 1338 1.98 15.68 -45.08
N PHE C 1339 2.42 16.36 -46.14
CA PHE C 1339 3.33 15.74 -47.15
C PHE C 1339 4.81 15.92 -46.85
N PRO C 1340 5.30 17.04 -46.29
CA PRO C 1340 6.74 17.32 -46.31
C PRO C 1340 7.60 16.27 -45.60
N ASN C 1341 8.77 15.93 -46.16
CA ASN C 1341 9.69 14.85 -45.70
C ASN C 1341 9.82 14.81 -44.17
N THR C 1342 9.99 15.99 -43.56
CA THR C 1342 10.21 16.19 -42.08
C THR C 1342 8.99 15.65 -41.31
N VAL C 1343 7.78 15.78 -41.87
CA VAL C 1343 6.53 15.13 -41.36
C VAL C 1343 6.42 13.75 -42.02
N ASP C 1344 7.28 12.81 -41.62
CA ASP C 1344 7.32 11.43 -42.19
C ASP C 1344 6.09 10.68 -41.71
N GLY C 1345 5.51 9.82 -42.56
CA GLY C 1345 4.37 8.99 -42.16
C GLY C 1345 3.82 8.13 -43.29
N ASP C 1346 3.11 7.06 -42.89
CA ASP C 1346 2.39 6.11 -43.76
C ASP C 1346 0.98 6.67 -44.00
N LEU C 1347 0.70 7.18 -45.19
CA LEU C 1347 -0.64 7.78 -45.48
C LEU C 1347 -1.73 6.72 -45.45
N LEU C 1348 -1.43 5.44 -45.72
CA LEU C 1348 -2.45 4.38 -45.62
C LEU C 1348 -2.96 4.28 -44.18
N LYS C 1349 -2.13 4.59 -43.19
CA LYS C 1349 -2.47 4.56 -41.75
C LYS C 1349 -2.94 5.93 -41.23
N LEU C 1350 -3.04 6.96 -42.09
CA LEU C 1350 -3.48 8.32 -41.72
C LEU C 1350 -4.94 8.29 -41.31
N VAL C 1351 -5.21 8.77 -40.10
CA VAL C 1351 -6.56 9.04 -39.56
C VAL C 1351 -6.79 10.56 -39.60
N HIS C 1352 -8.02 10.97 -39.92
CA HIS C 1352 -8.54 12.34 -39.71
C HIS C 1352 -9.21 12.33 -38.34
N LEU C 1353 -8.66 13.04 -37.35
CA LEU C 1353 -9.15 12.99 -35.94
C LEU C 1353 -10.37 13.91 -35.79
N SER C 1354 -10.31 15.07 -36.42
CA SER C 1354 -11.19 16.21 -36.10
C SER C 1354 -11.13 17.22 -37.25
N ASN C 1355 -12.25 17.85 -37.53
CA ASN C 1355 -12.32 18.98 -38.47
C ASN C 1355 -13.16 20.04 -37.79
N GLY C 1356 -12.98 21.30 -38.14
CA GLY C 1356 -13.78 22.41 -37.62
C GLY C 1356 -13.76 23.60 -38.53
N TYR C 1357 -14.90 24.24 -38.74
CA TYR C 1357 -14.98 25.55 -39.41
C TYR C 1357 -15.38 26.59 -38.36
N LYS C 1358 -14.94 27.84 -38.56
CA LYS C 1358 -15.26 28.98 -37.68
C LYS C 1358 -15.28 30.23 -38.54
N MET C 1359 -16.44 30.88 -38.67
CA MET C 1359 -16.58 32.13 -39.45
C MET C 1359 -15.94 33.26 -38.67
N ILE C 1360 -15.15 34.09 -39.35
CA ILE C 1360 -14.56 35.31 -38.74
C ILE C 1360 -15.68 36.32 -38.50
N PRO C 1361 -15.80 36.90 -37.28
CA PRO C 1361 -16.91 37.81 -36.98
C PRO C 1361 -17.07 38.93 -38.02
N GLY C 1362 -18.31 39.17 -38.45
CA GLY C 1362 -18.66 40.22 -39.42
C GLY C 1362 -18.65 39.73 -40.84
N ALA C 1363 -18.13 38.51 -41.08
CA ALA C 1363 -17.97 37.93 -42.42
C ALA C 1363 -19.29 37.35 -42.87
N LYS C 1364 -19.64 37.56 -44.13
CA LYS C 1364 -20.88 37.00 -44.73
C LYS C 1364 -20.54 35.57 -45.14
N PRO C 1365 -21.52 34.65 -45.19
CA PRO C 1365 -21.27 33.31 -45.72
C PRO C 1365 -20.81 33.38 -47.19
N LEU C 1366 -20.13 32.31 -47.65
CA LEU C 1366 -19.66 32.15 -49.04
C LEU C 1366 -20.84 32.21 -50.00
N GLN C 1367 -20.63 32.73 -51.21
CA GLN C 1367 -21.67 32.99 -52.23
C GLN C 1367 -21.19 32.40 -53.56
N VAL C 1368 -22.11 32.18 -54.49
CA VAL C 1368 -21.77 31.80 -55.88
C VAL C 1368 -21.22 33.04 -56.59
N GLY C 1369 -20.03 32.90 -57.19
CA GLY C 1369 -19.31 33.96 -57.91
C GLY C 1369 -18.15 34.52 -57.10
N ASP C 1370 -18.05 34.15 -55.83
CA ASP C 1370 -17.00 34.63 -54.90
C ASP C 1370 -15.68 33.91 -55.20
N VAL C 1371 -14.62 34.66 -55.51
CA VAL C 1371 -13.23 34.13 -55.68
C VAL C 1371 -12.59 33.97 -54.29
N VAL C 1372 -12.42 32.74 -53.84
CA VAL C 1372 -11.97 32.40 -52.47
C VAL C 1372 -10.51 31.95 -52.52
N SER C 1373 -9.60 32.78 -52.01
CA SER C 1373 -8.17 32.45 -51.79
C SER C 1373 -8.08 31.53 -50.57
N THR C 1374 -7.06 30.68 -50.53
CA THR C 1374 -6.76 29.77 -49.40
C THR C 1374 -5.30 29.96 -49.03
N THR C 1375 -5.00 29.67 -47.77
CA THR C 1375 -3.63 29.68 -47.21
C THR C 1375 -3.71 28.81 -45.95
N ALA C 1376 -2.87 27.81 -45.82
CA ALA C 1376 -2.90 26.87 -44.67
C ALA C 1376 -1.52 26.86 -44.03
N VAL C 1377 -1.48 26.51 -42.75
CA VAL C 1377 -0.22 26.52 -41.97
C VAL C 1377 -0.36 25.44 -40.90
N ILE C 1378 0.73 24.79 -40.54
CA ILE C 1378 0.72 23.83 -39.40
C ILE C 1378 0.97 24.60 -38.11
N GLU C 1379 -0.02 24.60 -37.22
CA GLU C 1379 0.10 25.10 -35.84
C GLU C 1379 1.07 24.21 -35.10
N SER C 1380 0.91 22.90 -35.23
CA SER C 1380 1.50 21.91 -34.29
C SER C 1380 1.74 20.57 -35.00
N VAL C 1381 2.92 19.97 -34.82
CA VAL C 1381 3.19 18.54 -35.20
C VAL C 1381 3.89 17.83 -34.05
N VAL C 1382 3.19 17.02 -33.27
CA VAL C 1382 3.73 16.40 -32.03
C VAL C 1382 3.77 14.87 -32.19
N ASN C 1383 4.88 14.27 -31.75
CA ASN C 1383 5.05 12.81 -31.62
C ASN C 1383 4.43 12.37 -30.30
N GLN C 1384 3.19 11.91 -30.34
CA GLN C 1384 2.58 11.15 -29.22
C GLN C 1384 3.30 9.80 -29.13
N PRO C 1385 3.17 9.06 -28.02
CA PRO C 1385 3.63 7.66 -27.97
C PRO C 1385 3.00 6.74 -29.03
N THR C 1386 1.69 6.86 -29.23
CA THR C 1386 0.88 6.00 -30.13
C THR C 1386 1.05 6.40 -31.62
N GLY C 1387 1.56 7.61 -31.93
CA GLY C 1387 1.69 8.14 -33.31
C GLY C 1387 1.99 9.64 -33.37
N LYS C 1388 1.95 10.24 -34.57
CA LYS C 1388 2.24 11.69 -34.81
C LYS C 1388 0.96 12.47 -35.14
N ILE C 1389 0.63 13.49 -34.34
CA ILE C 1389 -0.51 14.39 -34.59
C ILE C 1389 -0.03 15.57 -35.43
N VAL C 1390 -0.77 15.93 -36.46
CA VAL C 1390 -0.54 17.16 -37.27
C VAL C 1390 -1.81 17.99 -37.23
N ASP C 1391 -1.71 19.18 -36.65
CA ASP C 1391 -2.80 20.17 -36.49
C ASP C 1391 -2.57 21.25 -37.54
N VAL C 1392 -3.45 21.33 -38.54
CA VAL C 1392 -3.43 22.31 -39.67
C VAL C 1392 -4.51 23.36 -39.41
N VAL C 1393 -4.35 24.55 -40.00
CA VAL C 1393 -5.28 25.70 -39.87
C VAL C 1393 -5.27 26.49 -41.17
N GLY C 1394 -6.19 26.14 -42.06
CA GLY C 1394 -6.48 26.86 -43.32
C GLY C 1394 -7.28 28.11 -43.03
N THR C 1395 -7.04 29.18 -43.78
CA THR C 1395 -7.78 30.46 -43.66
C THR C 1395 -8.28 30.83 -45.05
N LEU C 1396 -9.58 30.67 -45.29
CA LEU C 1396 -10.24 31.06 -46.55
C LEU C 1396 -10.45 32.56 -46.53
N SER C 1397 -9.90 33.28 -47.50
CA SER C 1397 -10.07 34.75 -47.67
C SER C 1397 -10.81 35.03 -48.97
N ARG C 1398 -11.41 36.22 -49.08
CA ARG C 1398 -12.16 36.70 -50.27
C ARG C 1398 -12.07 38.22 -50.34
N ASN C 1399 -11.65 38.78 -51.48
CA ASN C 1399 -11.47 40.24 -51.69
C ASN C 1399 -10.50 40.80 -50.64
N GLY C 1400 -9.40 40.10 -50.37
CA GLY C 1400 -8.42 40.48 -49.33
C GLY C 1400 -8.84 40.06 -47.94
N LYS C 1401 -10.04 40.44 -47.48
CA LYS C 1401 -10.51 40.22 -46.08
C LYS C 1401 -10.69 38.72 -45.83
N PRO C 1402 -10.18 38.15 -44.71
CA PRO C 1402 -10.41 36.74 -44.39
C PRO C 1402 -11.89 36.50 -44.03
N VAL C 1403 -12.36 35.27 -44.24
CA VAL C 1403 -13.80 34.89 -44.24
C VAL C 1403 -14.03 33.82 -43.17
N MET C 1404 -13.30 32.70 -43.25
CA MET C 1404 -13.34 31.68 -42.18
C MET C 1404 -12.04 30.91 -42.06
N GLU C 1405 -11.87 30.28 -40.89
CA GLU C 1405 -10.73 29.42 -40.50
C GLU C 1405 -11.19 27.97 -40.47
N VAL C 1406 -10.48 27.09 -41.18
CA VAL C 1406 -10.70 25.62 -41.16
C VAL C 1406 -9.58 24.97 -40.36
N THR C 1407 -9.91 24.28 -39.28
CA THR C 1407 -8.96 23.53 -38.43
C THR C 1407 -9.15 22.04 -38.70
N SER C 1408 -8.06 21.31 -38.91
CA SER C 1408 -8.06 19.87 -39.21
C SER C 1408 -6.93 19.19 -38.41
N SER C 1409 -7.23 18.05 -37.80
CA SER C 1409 -6.24 17.30 -37.01
C SER C 1409 -6.06 15.92 -37.62
N PHE C 1410 -4.93 15.69 -38.27
CA PHE C 1410 -4.51 14.39 -38.82
C PHE C 1410 -3.67 13.65 -37.78
N PHE C 1411 -3.60 12.34 -37.94
CA PHE C 1411 -2.91 11.41 -37.01
C PHE C 1411 -2.27 10.31 -37.85
N TYR C 1412 -0.96 10.25 -37.81
CA TYR C 1412 -0.18 9.13 -38.39
C TYR C 1412 -0.06 8.06 -37.30
N ARG C 1413 -0.69 6.89 -37.43
CA ARG C 1413 -0.40 5.77 -36.50
C ARG C 1413 1.06 5.38 -36.71
N GLY C 1414 1.79 5.15 -35.63
CA GLY C 1414 3.19 4.64 -35.71
C GLY C 1414 3.98 4.95 -34.45
N ASN C 1415 5.23 4.49 -34.44
CA ASN C 1415 6.29 4.89 -33.48
C ASN C 1415 7.16 5.92 -34.21
N TYR C 1416 7.33 7.11 -33.63
CA TYR C 1416 8.17 8.21 -34.19
C TYR C 1416 9.06 8.77 -33.08
N THR C 1417 10.28 9.16 -33.45
CA THR C 1417 11.33 9.71 -32.55
C THR C 1417 12.06 10.89 -33.22
N ASP C 1418 11.48 11.48 -34.28
CA ASP C 1418 12.08 12.60 -35.05
C ASP C 1418 11.70 13.93 -34.38
N PHE C 1419 12.17 14.13 -33.14
CA PHE C 1419 11.75 15.26 -32.27
C PHE C 1419 12.31 16.59 -32.79
N GLU C 1420 13.45 16.58 -33.50
CA GLU C 1420 14.05 17.80 -34.10
C GLU C 1420 13.03 18.52 -35.02
N ASN C 1421 12.05 17.80 -35.56
CA ASN C 1421 11.08 18.29 -36.60
C ASN C 1421 9.71 18.59 -35.99
N THR C 1422 9.49 18.14 -34.76
CA THR C 1422 8.20 18.27 -34.03
C THR C 1422 8.20 19.68 -33.42
N PHE C 1423 7.00 20.26 -33.20
CA PHE C 1423 6.76 21.57 -32.53
C PHE C 1423 5.27 21.76 -32.24
N GLN C 1424 4.93 22.76 -31.44
CA GLN C 1424 3.53 22.93 -30.95
C GLN C 1424 3.27 24.38 -30.56
N LYS C 1425 2.30 25.01 -31.22
CA LYS C 1425 1.86 26.41 -30.95
C LYS C 1425 0.46 26.36 -30.35
N THR C 1426 0.36 26.58 -29.04
CA THR C 1426 -0.90 26.52 -28.24
C THR C 1426 -1.34 27.94 -27.91
N VAL C 1427 -2.61 28.29 -28.18
CA VAL C 1427 -3.25 29.51 -27.60
C VAL C 1427 -3.75 29.11 -26.21
N GLU C 1428 -3.26 29.80 -25.18
CA GLU C 1428 -3.59 29.45 -23.77
C GLU C 1428 -4.92 30.12 -23.48
N PRO C 1429 -5.69 29.60 -22.50
CA PRO C 1429 -6.91 30.26 -22.07
C PRO C 1429 -6.52 31.57 -21.37
N VAL C 1430 -7.38 32.58 -21.48
CA VAL C 1430 -7.13 33.92 -20.90
C VAL C 1430 -7.17 33.78 -19.36
N TYR C 1431 -6.10 34.22 -18.69
CA TYR C 1431 -6.01 34.21 -17.21
C TYR C 1431 -6.26 35.63 -16.72
N GLN C 1432 -7.03 35.74 -15.62
CA GLN C 1432 -7.40 37.00 -14.96
C GLN C 1432 -6.85 36.99 -13.53
N MET C 1433 -6.23 38.09 -13.10
CA MET C 1433 -5.76 38.28 -11.70
C MET C 1433 -6.36 39.57 -11.12
N HIS C 1434 -6.93 39.51 -9.92
CA HIS C 1434 -7.26 40.70 -9.09
C HIS C 1434 -6.05 41.00 -8.22
N ILE C 1435 -5.29 42.04 -8.55
CA ILE C 1435 -4.11 42.53 -7.79
C ILE C 1435 -4.61 43.41 -6.63
N LYS C 1436 -4.81 42.83 -5.44
CA LYS C 1436 -5.48 43.50 -4.30
C LYS C 1436 -4.47 44.05 -3.30
N THR C 1437 -3.34 43.37 -3.09
CA THR C 1437 -2.30 43.70 -2.08
C THR C 1437 -0.99 44.05 -2.78
N SER C 1438 -0.02 44.59 -2.06
CA SER C 1438 1.33 44.97 -2.58
C SER C 1438 2.25 43.73 -2.62
N LYS C 1439 1.89 42.66 -1.90
CA LYS C 1439 2.56 41.35 -2.02
C LYS C 1439 2.42 40.86 -3.47
N ASP C 1440 1.18 40.76 -3.96
CA ASP C 1440 0.81 40.40 -5.36
C ASP C 1440 1.66 41.21 -6.34
N ILE C 1441 1.70 42.53 -6.19
CA ILE C 1441 2.48 43.46 -7.08
C ILE C 1441 3.96 43.05 -7.06
N ALA C 1442 4.52 42.71 -5.89
CA ALA C 1442 5.98 42.44 -5.72
C ALA C 1442 6.31 41.08 -6.33
N VAL C 1443 5.43 40.09 -6.20
CA VAL C 1443 5.56 38.75 -6.83
C VAL C 1443 5.61 38.94 -8.35
N LEU C 1444 4.61 39.61 -8.93
CA LEU C 1444 4.52 39.87 -10.39
C LEU C 1444 5.77 40.63 -10.88
N ARG C 1445 6.27 41.62 -10.12
CA ARG C 1445 7.45 42.40 -10.57
C ARG C 1445 8.72 41.53 -10.47
N SER C 1446 8.70 40.47 -9.65
CA SER C 1446 9.80 39.49 -9.49
C SER C 1446 10.07 38.81 -10.84
N LYS C 1447 8.98 38.45 -11.55
CA LYS C 1447 8.99 37.67 -12.81
C LYS C 1447 9.60 38.54 -13.92
N GLU C 1448 10.63 38.03 -14.61
CA GLU C 1448 11.35 38.76 -15.70
C GLU C 1448 10.40 38.95 -16.89
N TRP C 1449 9.47 38.02 -17.05
CA TRP C 1449 8.55 37.95 -18.20
C TRP C 1449 7.40 38.95 -18.08
N PHE C 1450 7.14 39.49 -16.90
CA PHE C 1450 6.07 40.49 -16.66
C PHE C 1450 6.57 41.90 -17.00
N GLN C 1451 6.54 42.28 -18.27
CA GLN C 1451 7.20 43.52 -18.78
C GLN C 1451 6.15 44.58 -19.09
N LEU C 1452 5.88 45.47 -18.13
CA LEU C 1452 4.93 46.60 -18.29
C LEU C 1452 5.54 47.65 -19.22
N ASP C 1453 4.69 48.30 -20.00
CA ASP C 1453 5.06 49.36 -20.97
C ASP C 1453 5.65 50.53 -20.18
N ASP C 1454 4.95 50.97 -19.12
CA ASP C 1454 5.38 51.97 -18.10
C ASP C 1454 5.71 51.23 -16.80
N GLU C 1455 6.89 51.43 -16.23
CA GLU C 1455 7.36 50.72 -15.01
C GLU C 1455 6.59 51.23 -13.78
N ASP C 1456 6.12 52.50 -13.81
CA ASP C 1456 5.48 53.22 -12.68
C ASP C 1456 3.94 53.08 -12.74
N PHE C 1457 3.42 52.09 -13.47
CA PHE C 1457 1.96 51.83 -13.56
C PHE C 1457 1.45 51.38 -12.18
N ASP C 1458 0.29 51.88 -11.75
CA ASP C 1458 -0.32 51.51 -10.45
C ASP C 1458 -1.19 50.25 -10.63
N LEU C 1459 -0.71 49.10 -10.17
CA LEU C 1459 -1.42 47.80 -10.31
C LEU C 1459 -2.41 47.60 -9.16
N LEU C 1460 -2.40 48.44 -8.14
CA LEU C 1460 -3.17 48.16 -6.90
C LEU C 1460 -4.67 48.28 -7.21
N ASN C 1461 -5.44 47.24 -6.89
CA ASN C 1461 -6.92 47.18 -7.01
C ASN C 1461 -7.31 47.14 -8.49
N LYS C 1462 -6.43 46.54 -9.31
CA LYS C 1462 -6.65 46.36 -10.77
C LYS C 1462 -6.97 44.91 -11.06
N THR C 1463 -7.55 44.70 -12.23
CA THR C 1463 -7.82 43.37 -12.81
C THR C 1463 -6.98 43.26 -14.07
N LEU C 1464 -5.98 42.39 -14.04
CA LEU C 1464 -5.12 42.07 -15.21
C LEU C 1464 -5.68 40.83 -15.93
N THR C 1465 -5.65 40.84 -17.26
CA THR C 1465 -5.93 39.65 -18.11
C THR C 1465 -4.65 39.35 -18.88
N PHE C 1466 -4.33 38.06 -19.05
CA PHE C 1466 -3.15 37.57 -19.78
C PHE C 1466 -3.60 36.76 -20.99
N GLU C 1467 -3.49 37.33 -22.18
CA GLU C 1467 -3.71 36.61 -23.46
C GLU C 1467 -2.35 36.10 -23.97
N THR C 1468 -2.07 34.82 -23.76
CA THR C 1468 -0.74 34.20 -23.94
C THR C 1468 -0.81 33.07 -24.99
N GLU C 1469 0.17 33.04 -25.88
CA GLU C 1469 0.46 31.95 -26.84
C GLU C 1469 1.78 31.30 -26.43
N THR C 1470 1.87 29.97 -26.53
CA THR C 1470 3.03 29.15 -26.11
C THR C 1470 3.59 28.36 -27.30
N GLU C 1471 4.62 28.88 -27.97
CA GLU C 1471 5.41 28.15 -29.00
C GLU C 1471 6.47 27.29 -28.32
N VAL C 1472 6.42 25.98 -28.54
CA VAL C 1472 7.30 24.96 -27.93
C VAL C 1472 7.91 24.10 -29.05
N THR C 1473 9.22 23.87 -29.03
CA THR C 1473 9.91 22.77 -29.75
C THR C 1473 10.25 21.67 -28.74
N PHE C 1474 10.37 20.42 -29.17
CA PHE C 1474 10.62 19.27 -28.27
C PHE C 1474 12.06 18.78 -28.42
N LYS C 1475 12.53 18.10 -27.37
CA LYS C 1475 13.84 17.38 -27.27
C LYS C 1475 13.53 15.89 -27.17
N ASN C 1476 12.64 15.53 -26.25
CA ASN C 1476 12.11 14.17 -26.01
C ASN C 1476 10.58 14.25 -26.00
N ALA C 1477 9.91 13.14 -25.73
CA ALA C 1477 8.45 13.09 -25.50
C ALA C 1477 8.04 14.17 -24.48
N ASN C 1478 8.71 14.18 -23.32
CA ASN C 1478 8.26 14.86 -22.07
C ASN C 1478 9.13 16.07 -21.70
N ILE C 1479 10.22 16.34 -22.44
CA ILE C 1479 11.17 17.46 -22.17
C ILE C 1479 11.20 18.39 -23.39
N PHE C 1480 10.87 19.66 -23.22
CA PHE C 1480 10.93 20.68 -24.30
C PHE C 1480 12.39 21.12 -24.50
N SER C 1481 12.66 21.71 -25.66
CA SER C 1481 14.01 22.12 -26.11
C SER C 1481 14.04 23.63 -26.33
N SER C 1482 12.89 24.30 -26.28
CA SER C 1482 12.77 25.77 -26.49
C SER C 1482 11.33 26.19 -26.26
N VAL C 1483 10.97 26.50 -25.01
CA VAL C 1483 9.65 27.07 -24.63
C VAL C 1483 9.69 28.59 -24.85
N LYS C 1484 8.59 29.15 -25.35
CA LYS C 1484 8.41 30.60 -25.60
C LYS C 1484 6.92 30.94 -25.45
N CYS C 1485 6.53 31.40 -24.26
CA CYS C 1485 5.22 32.00 -23.93
C CYS C 1485 5.33 33.50 -24.11
N PHE C 1486 4.35 34.14 -24.74
CA PHE C 1486 4.33 35.59 -25.07
C PHE C 1486 2.90 36.01 -25.37
N GLY C 1487 2.62 37.30 -25.22
CA GLY C 1487 1.28 37.86 -25.48
C GLY C 1487 1.00 39.09 -24.63
N PRO C 1488 -0.03 39.87 -24.98
CA PRO C 1488 -0.37 41.10 -24.26
C PRO C 1488 -0.89 40.88 -22.84
N ILE C 1489 -0.54 41.81 -21.95
CA ILE C 1489 -1.13 41.98 -20.59
C ILE C 1489 -2.06 43.18 -20.66
N LYS C 1490 -3.30 43.00 -20.22
CA LYS C 1490 -4.36 44.02 -20.37
C LYS C 1490 -5.00 44.30 -19.02
N VAL C 1491 -5.25 45.58 -18.73
CA VAL C 1491 -5.89 46.07 -17.48
C VAL C 1491 -7.34 46.42 -17.81
N GLU C 1492 -8.26 46.01 -16.94
CA GLU C 1492 -9.71 46.33 -17.00
C GLU C 1492 -9.85 47.78 -16.59
N LEU C 1493 -10.44 48.60 -17.47
CA LEU C 1493 -10.86 49.99 -17.15
C LEU C 1493 -12.15 49.95 -16.35
N PRO C 1494 -12.60 51.10 -15.78
CA PRO C 1494 -13.92 51.18 -15.17
C PRO C 1494 -15.09 50.81 -16.10
N THR C 1495 -14.97 51.06 -17.41
CA THR C 1495 -16.02 50.74 -18.41
C THR C 1495 -15.99 49.26 -18.80
N LYS C 1496 -15.17 48.43 -18.15
CA LYS C 1496 -15.07 46.96 -18.38
C LYS C 1496 -14.27 46.66 -19.66
N GLU C 1497 -13.95 47.68 -20.47
CA GLU C 1497 -13.01 47.59 -21.61
C GLU C 1497 -11.64 47.17 -21.07
N THR C 1498 -10.88 46.39 -21.83
CA THR C 1498 -9.49 45.98 -21.50
C THR C 1498 -8.54 46.74 -22.42
N VAL C 1499 -7.41 47.17 -21.88
CA VAL C 1499 -6.39 48.00 -22.57
C VAL C 1499 -5.04 47.35 -22.31
N GLU C 1500 -4.21 47.21 -23.35
CA GLU C 1500 -2.83 46.67 -23.26
C GLU C 1500 -1.97 47.63 -22.43
N ILE C 1501 -1.35 47.13 -21.36
CA ILE C 1501 -0.37 47.89 -20.52
C ILE C 1501 1.02 47.27 -20.63
N GLY C 1502 1.13 46.01 -21.08
CA GLY C 1502 2.41 45.27 -21.02
C GLY C 1502 2.44 44.10 -21.97
N ILE C 1503 3.39 43.19 -21.73
CA ILE C 1503 3.62 41.94 -22.52
C ILE C 1503 4.14 40.87 -21.56
N VAL C 1504 3.63 39.65 -21.69
CA VAL C 1504 4.37 38.44 -21.27
C VAL C 1504 5.45 38.28 -22.32
N ASP C 1505 6.69 38.00 -21.94
CA ASP C 1505 7.83 37.78 -22.88
C ASP C 1505 8.79 36.76 -22.26
N TYR C 1506 8.28 35.60 -21.88
CA TYR C 1506 9.08 34.42 -21.49
C TYR C 1506 9.76 33.82 -22.72
N GLU C 1507 10.91 33.19 -22.50
CA GLU C 1507 11.72 32.54 -23.57
C GLU C 1507 12.83 31.73 -22.90
N ALA C 1508 12.75 30.41 -22.97
CA ALA C 1508 13.72 29.49 -22.34
C ALA C 1508 14.43 28.62 -23.40
N GLY C 1509 15.32 27.75 -22.90
CA GLY C 1509 15.79 26.52 -23.54
C GLY C 1509 15.20 25.32 -22.80
N ALA C 1510 15.93 24.23 -22.69
CA ALA C 1510 15.42 22.94 -22.18
C ALA C 1510 14.64 23.12 -20.87
N SER C 1511 13.36 22.75 -20.88
CA SER C 1511 12.41 22.94 -19.75
C SER C 1511 11.54 21.70 -19.65
N HIS C 1512 10.92 21.45 -18.48
CA HIS C 1512 9.91 20.39 -18.28
C HIS C 1512 8.52 21.02 -18.18
N GLY C 1513 8.43 22.34 -18.38
CA GLY C 1513 7.15 23.06 -18.25
C GLY C 1513 7.25 24.50 -18.67
N ASN C 1514 6.06 25.11 -18.80
CA ASN C 1514 5.85 26.57 -18.95
C ASN C 1514 5.54 27.12 -17.56
N PRO C 1515 6.44 27.94 -16.97
CA PRO C 1515 6.19 28.52 -15.64
C PRO C 1515 5.19 29.69 -15.65
N VAL C 1516 5.04 30.38 -16.79
CA VAL C 1516 4.05 31.46 -16.97
C VAL C 1516 2.63 30.90 -16.78
N VAL C 1517 2.28 29.83 -17.47
CA VAL C 1517 0.91 29.24 -17.39
C VAL C 1517 0.73 28.63 -15.99
N ASP C 1518 1.75 27.96 -15.45
CA ASP C 1518 1.65 27.32 -14.13
C ASP C 1518 1.42 28.40 -13.06
N PHE C 1519 2.15 29.51 -13.16
CA PHE C 1519 2.01 30.67 -12.24
C PHE C 1519 0.56 31.19 -12.27
N LEU C 1520 0.10 31.56 -13.47
CA LEU C 1520 -1.23 32.17 -13.74
C LEU C 1520 -2.35 31.22 -13.28
N LYS C 1521 -2.25 29.91 -13.53
CA LYS C 1521 -3.27 28.93 -13.08
C LYS C 1521 -3.43 29.00 -11.55
N ARG C 1522 -2.30 28.93 -10.84
CA ARG C 1522 -2.25 28.89 -9.34
C ARG C 1522 -2.82 30.19 -8.79
N ASN C 1523 -2.41 31.34 -9.32
CA ASN C 1523 -2.63 32.69 -8.73
C ASN C 1523 -3.88 33.34 -9.30
N GLY C 1524 -4.02 33.37 -10.63
CA GLY C 1524 -5.20 33.92 -11.31
C GLY C 1524 -6.33 32.91 -11.42
N SER C 1525 -7.29 33.21 -12.29
CA SER C 1525 -8.46 32.36 -12.65
C SER C 1525 -8.52 32.26 -14.18
N THR C 1526 -9.31 31.33 -14.70
CA THR C 1526 -9.48 31.07 -16.15
C THR C 1526 -10.79 31.72 -16.62
N LEU C 1527 -10.72 32.72 -17.49
CA LEU C 1527 -11.92 33.30 -18.18
C LEU C 1527 -12.41 32.31 -19.23
N GLU C 1528 -13.47 31.56 -18.90
CA GLU C 1528 -14.18 30.65 -19.82
C GLU C 1528 -15.25 31.45 -20.58
N GLN C 1529 -15.15 31.51 -21.90
CA GLN C 1529 -16.10 32.22 -22.81
C GLN C 1529 -17.40 31.44 -22.93
N LYS C 1530 -17.32 30.10 -22.92
CA LYS C 1530 -18.49 29.19 -23.01
C LYS C 1530 -19.11 29.05 -21.63
N VAL C 1531 -20.41 29.32 -21.54
CA VAL C 1531 -21.19 29.20 -20.27
C VAL C 1531 -22.24 28.12 -20.45
N ASN C 1532 -22.14 27.04 -19.68
CA ASN C 1532 -23.12 25.94 -19.68
C ASN C 1532 -24.45 26.46 -19.16
N LEU C 1533 -25.54 26.02 -19.79
CA LEU C 1533 -26.94 26.19 -19.30
C LEU C 1533 -27.16 25.31 -18.06
N GLU C 1534 -28.15 25.67 -17.24
CA GLU C 1534 -28.57 24.91 -16.02
C GLU C 1534 -28.69 23.43 -16.40
N ASN C 1535 -29.54 23.15 -17.39
CA ASN C 1535 -29.82 21.79 -17.93
C ASN C 1535 -29.80 21.85 -19.45
N PRO C 1536 -29.21 20.84 -20.12
CA PRO C 1536 -29.23 20.80 -21.59
C PRO C 1536 -30.68 20.68 -22.10
N ILE C 1537 -30.96 21.34 -23.22
CA ILE C 1537 -32.30 21.38 -23.86
C ILE C 1537 -32.28 20.49 -25.10
N PRO C 1538 -32.80 19.24 -25.07
CA PRO C 1538 -32.83 18.44 -26.29
C PRO C 1538 -33.54 19.21 -27.42
N ILE C 1539 -33.01 19.09 -28.64
CA ILE C 1539 -33.60 19.67 -29.87
C ILE C 1539 -34.30 18.55 -30.63
N ALA C 1540 -33.53 17.54 -31.06
CA ALA C 1540 -34.05 16.41 -31.84
C ALA C 1540 -33.07 15.24 -31.83
N VAL C 1541 -33.59 14.04 -32.08
CA VAL C 1541 -32.82 12.83 -32.47
C VAL C 1541 -33.18 12.51 -33.94
N LEU C 1542 -32.18 12.44 -34.80
CA LEU C 1542 -32.38 12.40 -36.26
C LEU C 1542 -31.65 11.19 -36.85
N ASP C 1543 -32.22 10.67 -37.94
CA ASP C 1543 -31.67 9.54 -38.72
C ASP C 1543 -31.09 10.09 -40.02
N SER C 1544 -29.83 9.80 -40.24
CA SER C 1544 -29.11 10.00 -41.51
C SER C 1544 -28.65 8.64 -41.99
N TYR C 1545 -28.37 8.53 -43.29
CA TYR C 1545 -27.91 7.32 -43.99
C TYR C 1545 -26.67 7.69 -44.79
N THR C 1546 -25.60 6.90 -44.63
CA THR C 1546 -24.40 6.99 -45.50
C THR C 1546 -24.74 6.41 -46.86
N PRO C 1547 -24.26 7.00 -47.97
CA PRO C 1547 -24.66 6.56 -49.31
C PRO C 1547 -24.01 5.20 -49.63
N SER C 1548 -24.58 4.46 -50.60
CA SER C 1548 -24.16 3.09 -51.02
C SER C 1548 -22.72 3.09 -51.53
N THR C 1549 -22.36 4.10 -52.32
CA THR C 1549 -21.00 4.34 -52.83
C THR C 1549 -20.47 5.68 -52.31
N ASN C 1550 -19.15 5.81 -52.31
CA ASN C 1550 -18.41 7.03 -51.90
C ASN C 1550 -17.77 7.69 -53.13
N GLU C 1551 -18.17 7.33 -54.35
CA GLU C 1551 -17.65 8.01 -55.57
C GLU C 1551 -18.20 9.42 -55.67
N PRO C 1552 -19.52 9.68 -55.46
CA PRO C 1552 -20.10 11.01 -55.65
C PRO C 1552 -19.52 12.07 -54.69
N TYR C 1553 -19.25 11.73 -53.43
CA TYR C 1553 -18.64 12.70 -52.48
C TYR C 1553 -17.16 12.92 -52.86
N ALA C 1554 -16.47 11.87 -53.29
CA ALA C 1554 -15.06 11.95 -53.72
C ALA C 1554 -14.95 12.89 -54.92
N ARG C 1555 -15.93 12.89 -55.82
CA ARG C 1555 -15.87 13.66 -57.10
C ARG C 1555 -15.83 15.15 -56.77
N VAL C 1556 -16.68 15.58 -55.82
CA VAL C 1556 -16.98 17.01 -55.53
C VAL C 1556 -15.98 17.57 -54.51
N SER C 1557 -15.63 16.80 -53.48
CA SER C 1557 -14.65 17.18 -52.44
C SER C 1557 -13.24 17.24 -53.03
N GLY C 1558 -12.94 16.40 -54.02
CA GLY C 1558 -11.57 16.13 -54.52
C GLY C 1558 -10.77 15.20 -53.61
N ASP C 1559 -11.35 14.69 -52.52
CA ASP C 1559 -10.75 13.65 -51.66
C ASP C 1559 -10.90 12.29 -52.35
N LEU C 1560 -9.94 11.97 -53.21
CA LEU C 1560 -9.90 10.73 -54.04
C LEU C 1560 -9.19 9.60 -53.29
N ASN C 1561 -8.95 9.77 -51.98
CA ASN C 1561 -8.35 8.71 -51.13
C ASN C 1561 -8.95 7.38 -51.55
N PRO C 1562 -8.11 6.45 -52.07
CA PRO C 1562 -8.57 5.13 -52.48
C PRO C 1562 -9.35 4.37 -51.41
N ILE C 1563 -8.98 4.46 -50.14
CA ILE C 1563 -9.60 3.60 -49.08
C ILE C 1563 -11.12 3.80 -49.05
N HIS C 1564 -11.69 4.84 -49.67
CA HIS C 1564 -13.15 5.11 -49.63
C HIS C 1564 -13.86 4.52 -50.85
N VAL C 1565 -13.14 4.15 -51.90
CA VAL C 1565 -13.79 3.74 -53.19
C VAL C 1565 -13.31 2.37 -53.65
N SER C 1566 -12.12 1.94 -53.24
CA SER C 1566 -11.39 0.77 -53.79
C SER C 1566 -11.26 -0.29 -52.69
N ARG C 1567 -11.84 -1.46 -52.91
CA ARG C 1567 -11.82 -2.57 -51.92
C ARG C 1567 -10.36 -2.95 -51.62
N HIS C 1568 -9.52 -3.05 -52.66
CA HIS C 1568 -8.14 -3.61 -52.53
C HIS C 1568 -7.30 -2.74 -51.60
N PHE C 1569 -7.41 -1.43 -51.74
CA PHE C 1569 -6.64 -0.44 -50.95
C PHE C 1569 -7.12 -0.42 -49.51
N ALA C 1570 -8.43 -0.53 -49.29
CA ALA C 1570 -9.02 -0.61 -47.93
C ALA C 1570 -8.64 -1.96 -47.28
N SER C 1571 -8.56 -3.03 -48.04
CA SER C 1571 -8.14 -4.37 -47.57
C SER C 1571 -6.67 -4.32 -47.12
N TYR C 1572 -5.83 -3.63 -47.91
CA TYR C 1572 -4.40 -3.45 -47.62
C TYR C 1572 -4.24 -2.61 -46.34
N ALA C 1573 -5.14 -1.65 -46.12
CA ALA C 1573 -5.09 -0.68 -44.99
C ALA C 1573 -5.68 -1.25 -43.69
N ASN C 1574 -6.16 -2.51 -43.69
CA ASN C 1574 -6.74 -3.20 -42.52
C ASN C 1574 -8.01 -2.48 -42.06
N LEU C 1575 -8.79 -1.95 -43.01
CA LEU C 1575 -10.09 -1.32 -42.73
C LEU C 1575 -11.18 -2.36 -42.93
N PRO C 1576 -12.34 -2.23 -42.25
CA PRO C 1576 -13.47 -3.14 -42.45
C PRO C 1576 -14.09 -3.14 -43.87
N GLY C 1577 -13.81 -2.12 -44.67
CA GLY C 1577 -14.33 -1.99 -46.04
C GLY C 1577 -14.08 -0.61 -46.58
N THR C 1578 -14.71 -0.24 -47.69
CA THR C 1578 -14.63 1.12 -48.27
C THR C 1578 -15.36 2.08 -47.34
N ILE C 1579 -14.68 2.52 -46.27
CA ILE C 1579 -15.30 3.33 -45.18
C ILE C 1579 -15.77 4.66 -45.75
N THR C 1580 -16.92 5.14 -45.28
CA THR C 1580 -17.50 6.46 -45.65
C THR C 1580 -16.50 7.54 -45.21
N HIS C 1581 -16.10 8.41 -46.13
CA HIS C 1581 -15.42 9.71 -45.82
C HIS C 1581 -15.98 10.30 -44.52
N GLY C 1582 -15.17 10.43 -43.47
CA GLY C 1582 -15.52 11.21 -42.26
C GLY C 1582 -16.12 12.56 -42.64
N MET C 1583 -15.48 13.26 -43.56
CA MET C 1583 -15.91 14.60 -44.04
C MET C 1583 -17.31 14.59 -44.69
N PHE C 1584 -17.81 13.46 -45.17
CA PHE C 1584 -19.22 13.32 -45.59
C PHE C 1584 -20.08 13.34 -44.31
N SER C 1585 -19.75 12.48 -43.35
CA SER C 1585 -20.54 12.35 -42.10
C SER C 1585 -20.65 13.75 -41.45
N SER C 1586 -19.51 14.44 -41.27
CA SER C 1586 -19.41 15.86 -40.85
C SER C 1586 -20.50 16.69 -41.53
N ALA C 1587 -20.46 16.77 -42.86
CA ALA C 1587 -21.30 17.66 -43.68
C ALA C 1587 -22.78 17.26 -43.56
N SER C 1588 -23.04 15.95 -43.43
CA SER C 1588 -24.38 15.35 -43.30
C SER C 1588 -24.99 15.78 -41.95
N VAL C 1589 -24.22 15.63 -40.87
CA VAL C 1589 -24.64 16.06 -39.52
C VAL C 1589 -24.74 17.58 -39.50
N ARG C 1590 -23.81 18.30 -40.13
CA ARG C 1590 -23.89 19.78 -40.10
C ARG C 1590 -25.19 20.24 -40.76
N ALA C 1591 -25.68 19.48 -41.75
CA ALA C 1591 -26.90 19.82 -42.51
C ALA C 1591 -28.13 19.61 -41.63
N LEU C 1592 -28.10 18.63 -40.73
CA LEU C 1592 -29.20 18.43 -39.73
C LEU C 1592 -29.22 19.60 -38.74
N ILE C 1593 -28.09 19.87 -38.08
CA ILE C 1593 -27.90 21.02 -37.13
C ILE C 1593 -28.40 22.30 -37.79
N GLU C 1594 -28.04 22.53 -39.05
CA GLU C 1594 -28.43 23.74 -39.81
C GLU C 1594 -29.94 23.78 -40.03
N ASN C 1595 -30.60 22.62 -40.05
CA ASN C 1595 -32.06 22.49 -40.31
C ASN C 1595 -32.83 22.65 -39.00
N TRP C 1596 -32.33 22.02 -37.94
CA TRP C 1596 -33.10 21.75 -36.69
C TRP C 1596 -32.70 22.70 -35.56
N ALA C 1597 -31.47 23.18 -35.54
CA ALA C 1597 -30.97 24.14 -34.52
C ALA C 1597 -31.02 25.56 -35.10
N ALA C 1598 -30.64 25.77 -36.35
CA ALA C 1598 -30.71 27.09 -37.00
C ALA C 1598 -32.05 27.33 -37.72
N ASP C 1599 -33.01 26.41 -37.64
CA ASP C 1599 -34.30 26.46 -38.37
C ASP C 1599 -34.05 26.83 -39.85
N SER C 1600 -33.19 26.07 -40.53
CA SER C 1600 -32.94 26.11 -41.99
C SER C 1600 -32.48 27.51 -42.42
N VAL C 1601 -31.72 28.19 -41.57
CA VAL C 1601 -31.03 29.47 -41.90
C VAL C 1601 -29.53 29.20 -41.83
N SER C 1602 -28.89 29.01 -42.98
CA SER C 1602 -27.44 28.72 -43.08
C SER C 1602 -26.65 29.72 -42.24
N SER C 1603 -26.83 31.02 -42.53
CA SER C 1603 -26.06 32.17 -41.99
C SER C 1603 -25.92 32.15 -40.46
N ARG C 1604 -26.87 31.55 -39.76
CA ARG C 1604 -26.85 31.48 -38.28
C ARG C 1604 -25.73 30.56 -37.80
N VAL C 1605 -25.25 29.62 -38.61
CA VAL C 1605 -24.15 28.70 -38.18
C VAL C 1605 -22.84 29.43 -38.42
N ARG C 1606 -22.15 29.77 -37.33
CA ARG C 1606 -20.90 30.56 -37.34
C ARG C 1606 -19.72 29.64 -37.00
N GLY C 1607 -19.98 28.47 -36.42
CA GLY C 1607 -18.92 27.58 -35.95
C GLY C 1607 -19.43 26.16 -35.86
N TYR C 1608 -18.60 25.20 -36.24
CA TYR C 1608 -18.96 23.76 -36.26
C TYR C 1608 -17.66 22.97 -36.20
N THR C 1609 -17.51 22.14 -35.17
CA THR C 1609 -16.37 21.21 -35.00
C THR C 1609 -16.97 19.83 -34.84
N CYS C 1610 -16.43 18.83 -35.54
CA CYS C 1610 -16.69 17.41 -35.24
C CYS C 1610 -15.37 16.71 -34.93
N GLN C 1611 -15.42 15.70 -34.06
CA GLN C 1611 -14.37 14.68 -33.82
C GLN C 1611 -14.89 13.36 -34.39
N PHE C 1612 -14.18 12.78 -35.36
CA PHE C 1612 -14.37 11.41 -35.91
C PHE C 1612 -13.84 10.38 -34.91
N VAL C 1613 -14.76 9.69 -34.25
CA VAL C 1613 -14.49 8.78 -33.11
C VAL C 1613 -14.32 7.37 -33.64
N ASP C 1614 -15.08 7.01 -34.66
CA ASP C 1614 -15.08 5.65 -35.25
C ASP C 1614 -15.42 5.77 -36.74
N MET C 1615 -15.13 4.72 -37.50
CA MET C 1615 -15.34 4.67 -38.96
C MET C 1615 -16.75 4.19 -39.24
N VAL C 1616 -17.31 4.61 -40.37
CA VAL C 1616 -18.67 4.24 -40.80
C VAL C 1616 -18.55 3.61 -42.18
N LEU C 1617 -19.18 2.46 -42.38
CA LEU C 1617 -19.28 1.77 -43.69
C LEU C 1617 -20.45 2.37 -44.45
N PRO C 1618 -20.53 2.19 -45.78
CA PRO C 1618 -21.72 2.60 -46.54
C PRO C 1618 -22.98 1.88 -46.04
N ASN C 1619 -24.15 2.47 -46.33
CA ASN C 1619 -25.48 1.91 -45.98
C ASN C 1619 -25.56 1.68 -44.47
N THR C 1620 -25.18 2.69 -43.69
CA THR C 1620 -25.27 2.69 -42.21
C THR C 1620 -26.34 3.71 -41.79
N ALA C 1621 -27.07 3.40 -40.75
CA ALA C 1621 -28.14 4.23 -40.18
C ALA C 1621 -27.60 4.87 -38.91
N LEU C 1622 -27.54 6.21 -38.89
CA LEU C 1622 -26.93 6.99 -37.78
C LEU C 1622 -28.03 7.64 -36.95
N LYS C 1623 -27.83 7.74 -35.63
CA LYS C 1623 -28.73 8.38 -34.64
C LYS C 1623 -28.01 9.60 -34.05
N THR C 1624 -28.17 10.75 -34.67
CA THR C 1624 -27.56 12.04 -34.23
C THR C 1624 -28.48 12.74 -33.22
N SER C 1625 -28.09 12.78 -31.94
CA SER C 1625 -28.86 13.43 -30.84
C SER C 1625 -28.26 14.81 -30.57
N ILE C 1626 -29.00 15.86 -30.91
CA ILE C 1626 -28.58 17.30 -30.89
C ILE C 1626 -29.15 17.99 -29.64
N GLN C 1627 -28.29 18.56 -28.80
CA GLN C 1627 -28.69 19.27 -27.56
C GLN C 1627 -28.24 20.73 -27.66
N HIS C 1628 -28.91 21.64 -26.96
CA HIS C 1628 -28.47 23.04 -26.72
C HIS C 1628 -27.91 23.13 -25.32
N VAL C 1629 -26.59 23.08 -25.15
CA VAL C 1629 -25.94 22.86 -23.82
C VAL C 1629 -25.44 24.15 -23.17
N GLY C 1630 -25.25 25.22 -23.92
CA GLY C 1630 -24.54 26.40 -23.40
C GLY C 1630 -24.75 27.62 -24.27
N MET C 1631 -24.06 28.71 -23.95
CA MET C 1631 -23.95 29.90 -24.81
C MET C 1631 -22.49 30.31 -24.92
N ILE C 1632 -22.16 31.12 -25.93
CA ILE C 1632 -20.81 31.74 -26.06
C ILE C 1632 -20.93 33.02 -26.87
N ASN C 1633 -20.82 34.19 -26.23
CA ASN C 1633 -20.92 35.52 -26.89
C ASN C 1633 -22.24 35.60 -27.68
N GLY C 1634 -23.34 35.17 -27.06
CA GLY C 1634 -24.69 35.30 -27.62
C GLY C 1634 -24.92 34.41 -28.82
N ARG C 1635 -24.18 33.29 -28.84
CA ARG C 1635 -24.32 32.21 -29.84
C ARG C 1635 -24.66 30.95 -29.05
N LYS C 1636 -25.72 30.24 -29.44
CA LYS C 1636 -26.12 28.96 -28.80
C LYS C 1636 -24.98 27.98 -28.99
N LEU C 1637 -24.66 27.21 -27.96
CA LEU C 1637 -23.66 26.13 -28.05
C LEU C 1637 -24.42 24.81 -28.17
N ILE C 1638 -24.57 24.31 -29.40
CA ILE C 1638 -25.29 23.05 -29.73
C ILE C 1638 -24.28 21.92 -29.74
N LYS C 1639 -24.37 20.94 -28.83
CA LYS C 1639 -23.65 19.65 -28.93
C LYS C 1639 -24.40 18.70 -29.87
N PHE C 1640 -23.70 17.67 -30.35
CA PHE C 1640 -24.28 16.49 -31.02
C PHE C 1640 -23.45 15.24 -30.71
N GLU C 1641 -24.02 14.08 -30.99
CA GLU C 1641 -23.38 12.76 -30.75
C GLU C 1641 -24.05 11.75 -31.66
N THR C 1642 -23.48 11.51 -32.83
CA THR C 1642 -23.97 10.52 -33.82
C THR C 1642 -23.55 9.09 -33.42
N ARG C 1643 -24.49 8.17 -33.40
CA ARG C 1643 -24.26 6.73 -33.08
C ARG C 1643 -24.74 5.91 -34.29
N ASN C 1644 -24.07 4.78 -34.55
CA ASN C 1644 -24.44 3.80 -35.61
C ASN C 1644 -25.50 2.83 -35.05
N GLU C 1645 -25.83 1.77 -35.80
CA GLU C 1645 -26.90 0.79 -35.50
C GLU C 1645 -26.61 0.01 -34.22
N ASP C 1646 -25.33 -0.20 -33.87
CA ASP C 1646 -24.90 -0.95 -32.67
C ASP C 1646 -24.80 -0.03 -31.44
N ASP C 1647 -25.25 1.23 -31.56
CA ASP C 1647 -25.21 2.26 -30.47
C ASP C 1647 -23.75 2.49 -30.07
N VAL C 1648 -22.89 2.71 -31.07
CA VAL C 1648 -21.44 3.03 -30.92
C VAL C 1648 -21.25 4.48 -31.40
N VAL C 1649 -20.67 5.33 -30.55
CA VAL C 1649 -20.40 6.76 -30.86
C VAL C 1649 -19.40 6.83 -32.03
N VAL C 1650 -19.74 7.62 -33.02
CA VAL C 1650 -19.06 7.71 -34.34
C VAL C 1650 -18.57 9.14 -34.59
N LEU C 1651 -19.48 10.10 -34.45
CA LEU C 1651 -19.22 11.54 -34.54
C LEU C 1651 -19.65 12.16 -33.22
N THR C 1652 -18.86 13.08 -32.70
CA THR C 1652 -19.25 14.02 -31.64
C THR C 1652 -18.81 15.38 -32.13
N GLY C 1653 -19.44 16.44 -31.64
CA GLY C 1653 -19.07 17.80 -32.01
C GLY C 1653 -19.97 18.81 -31.37
N GLU C 1654 -19.62 20.08 -31.58
CA GLU C 1654 -20.40 21.25 -31.13
C GLU C 1654 -20.53 22.20 -32.30
N ALA C 1655 -21.69 22.81 -32.46
CA ALA C 1655 -21.90 23.96 -33.34
C ALA C 1655 -22.10 25.21 -32.48
N GLU C 1656 -21.90 26.39 -33.08
CA GLU C 1656 -22.20 27.73 -32.50
C GLU C 1656 -23.23 28.41 -33.39
N ILE C 1657 -24.48 28.46 -32.96
CA ILE C 1657 -25.61 29.00 -33.76
C ILE C 1657 -25.94 30.40 -33.25
N GLU C 1658 -25.92 31.38 -34.14
CA GLU C 1658 -26.36 32.78 -33.86
C GLU C 1658 -27.82 32.72 -33.40
N GLN C 1659 -28.18 33.44 -32.32
CA GLN C 1659 -29.59 33.56 -31.86
C GLN C 1659 -30.36 34.39 -32.90
N PRO C 1660 -31.71 34.28 -32.93
CA PRO C 1660 -32.52 35.12 -33.80
C PRO C 1660 -32.26 36.61 -33.60
N VAL C 1661 -32.28 37.39 -34.66
CA VAL C 1661 -32.10 38.88 -34.59
C VAL C 1661 -32.79 39.39 -33.33
N THR C 1662 -32.01 39.89 -32.37
CA THR C 1662 -32.47 40.40 -31.05
C THR C 1662 -32.36 41.92 -31.05
N THR C 1663 -33.33 42.58 -30.43
CA THR C 1663 -33.26 44.01 -30.01
C THR C 1663 -33.49 44.05 -28.51
N PHE C 1664 -32.79 44.93 -27.81
CA PHE C 1664 -33.00 45.19 -26.36
C PHE C 1664 -33.63 46.56 -26.18
N VAL C 1665 -34.75 46.63 -25.47
CA VAL C 1665 -35.45 47.92 -25.19
C VAL C 1665 -35.44 48.10 -23.68
N PHE C 1666 -35.00 49.28 -23.25
CA PHE C 1666 -34.76 49.62 -21.82
C PHE C 1666 -35.83 50.58 -21.37
N THR C 1667 -36.58 50.19 -20.33
CA THR C 1667 -37.75 50.91 -19.80
C THR C 1667 -37.30 52.21 -19.13
N GLY C 1668 -38.15 53.24 -19.20
CA GLY C 1668 -37.91 54.53 -18.53
C GLY C 1668 -38.66 54.62 -17.23
N GLN C 1669 -38.89 55.84 -16.74
CA GLN C 1669 -39.50 56.08 -15.40
C GLN C 1669 -40.98 55.67 -15.42
N GLY C 1670 -41.50 55.37 -14.24
CA GLY C 1670 -42.90 54.98 -13.97
C GLY C 1670 -42.94 53.57 -13.42
N SER C 1671 -42.21 52.68 -14.08
CA SER C 1671 -42.18 51.21 -13.80
C SER C 1671 -41.57 50.91 -12.42
N GLN C 1672 -40.76 51.83 -11.87
CA GLN C 1672 -39.98 51.62 -10.62
C GLN C 1672 -40.93 51.21 -9.48
N GLU C 1673 -40.45 50.30 -8.63
CA GLU C 1673 -41.18 49.72 -7.48
C GLU C 1673 -40.16 49.35 -6.41
N GLN C 1674 -40.59 49.35 -5.16
CA GLN C 1674 -39.74 48.94 -4.01
C GLN C 1674 -39.21 47.52 -4.28
N GLY C 1675 -37.98 47.26 -3.87
CA GLY C 1675 -37.33 45.94 -3.96
C GLY C 1675 -36.98 45.50 -5.37
N MET C 1676 -36.95 46.40 -6.36
CA MET C 1676 -36.67 46.05 -7.78
C MET C 1676 -35.21 45.66 -7.95
N GLY C 1677 -34.96 44.51 -8.57
CA GLY C 1677 -33.61 43.97 -8.82
C GLY C 1677 -33.00 43.30 -7.60
N MET C 1678 -33.70 43.24 -6.46
CA MET C 1678 -33.09 42.74 -5.19
C MET C 1678 -33.03 41.20 -5.21
N ASP C 1679 -34.02 40.55 -5.83
CA ASP C 1679 -34.00 39.09 -6.13
C ASP C 1679 -32.67 38.75 -6.83
N LEU C 1680 -32.35 39.48 -7.91
CA LEU C 1680 -31.16 39.20 -8.77
C LEU C 1680 -29.87 39.56 -8.01
N TYR C 1681 -29.88 40.66 -7.26
CA TYR C 1681 -28.77 41.13 -6.40
C TYR C 1681 -28.36 40.08 -5.35
N LYS C 1682 -29.26 39.21 -4.89
CA LYS C 1682 -28.92 38.13 -3.91
C LYS C 1682 -28.10 37.03 -4.62
N THR C 1683 -28.46 36.68 -5.86
CA THR C 1683 -27.97 35.48 -6.59
C THR C 1683 -26.82 35.83 -7.54
N SER C 1684 -27.01 36.78 -8.45
CA SER C 1684 -26.06 37.11 -9.56
C SER C 1684 -24.88 37.93 -9.04
N LYS C 1685 -23.67 37.47 -9.32
CA LYS C 1685 -22.40 38.15 -8.96
C LYS C 1685 -22.16 39.38 -9.86
N ALA C 1686 -22.63 39.35 -11.11
CA ALA C 1686 -22.49 40.44 -12.10
C ALA C 1686 -23.41 41.60 -11.70
N ALA C 1687 -24.58 41.27 -11.16
CA ALA C 1687 -25.54 42.24 -10.60
C ALA C 1687 -24.97 42.82 -9.31
N GLN C 1688 -24.49 41.95 -8.41
CA GLN C 1688 -23.86 42.38 -7.14
C GLN C 1688 -22.80 43.44 -7.44
N ASP C 1689 -21.87 43.16 -8.36
CA ASP C 1689 -20.73 44.05 -8.66
C ASP C 1689 -21.28 45.42 -9.06
N VAL C 1690 -22.34 45.45 -9.87
CA VAL C 1690 -22.97 46.71 -10.37
C VAL C 1690 -23.59 47.49 -9.22
N TRP C 1691 -24.34 46.84 -8.36
CA TRP C 1691 -25.01 47.55 -7.24
C TRP C 1691 -23.98 47.99 -6.21
N ASN C 1692 -23.06 47.11 -5.82
CA ASN C 1692 -22.02 47.45 -4.81
C ASN C 1692 -21.21 48.63 -5.34
N ARG C 1693 -20.80 48.62 -6.60
CA ARG C 1693 -19.97 49.72 -7.18
C ARG C 1693 -20.71 51.06 -7.13
N ALA C 1694 -22.02 51.03 -7.36
CA ALA C 1694 -22.86 52.25 -7.41
C ALA C 1694 -23.10 52.73 -5.98
N ASP C 1695 -23.60 51.83 -5.14
CA ASP C 1695 -23.84 52.06 -3.70
C ASP C 1695 -22.57 52.64 -3.04
N ASN C 1696 -21.40 52.07 -3.32
CA ASN C 1696 -20.16 52.54 -2.66
C ASN C 1696 -19.91 53.97 -3.06
N HIS C 1697 -20.06 54.28 -4.34
CA HIS C 1697 -19.84 55.64 -4.89
C HIS C 1697 -20.79 56.64 -4.25
N PHE C 1698 -22.06 56.29 -4.12
CA PHE C 1698 -23.09 57.17 -3.53
C PHE C 1698 -22.84 57.43 -2.05
N LYS C 1699 -22.54 56.38 -1.29
CA LYS C 1699 -22.15 56.47 0.15
C LYS C 1699 -20.94 57.37 0.35
N ASP C 1700 -19.92 57.24 -0.49
CA ASP C 1700 -18.62 57.93 -0.31
C ASP C 1700 -18.74 59.38 -0.80
N THR C 1701 -19.72 59.69 -1.63
CA THR C 1701 -19.83 60.99 -2.34
C THR C 1701 -20.97 61.82 -1.77
N TYR C 1702 -22.13 61.21 -1.51
CA TYR C 1702 -23.35 61.93 -1.08
C TYR C 1702 -23.93 61.35 0.22
N GLY C 1703 -23.24 60.41 0.83
CA GLY C 1703 -23.60 59.84 2.14
C GLY C 1703 -25.03 59.36 2.18
N PHE C 1704 -25.54 58.79 1.09
CA PHE C 1704 -26.70 57.88 1.12
C PHE C 1704 -26.37 56.63 0.31
N SER C 1705 -27.14 55.58 0.57
CA SER C 1705 -27.12 54.28 -0.14
C SER C 1705 -28.34 54.20 -1.05
N ILE C 1706 -28.14 53.98 -2.35
CA ILE C 1706 -29.24 53.66 -3.29
C ILE C 1706 -29.79 52.28 -2.96
N LEU C 1707 -28.97 51.33 -2.52
CA LEU C 1707 -29.47 49.96 -2.19
C LEU C 1707 -30.48 50.04 -1.05
N ASP C 1708 -30.18 50.83 -0.01
CA ASP C 1708 -31.10 51.13 1.11
C ASP C 1708 -32.41 51.68 0.53
N ILE C 1709 -32.34 52.72 -0.31
CA ILE C 1709 -33.54 53.40 -0.88
C ILE C 1709 -34.39 52.41 -1.69
N VAL C 1710 -33.78 51.54 -2.49
CA VAL C 1710 -34.56 50.56 -3.29
C VAL C 1710 -35.21 49.53 -2.33
N ILE C 1711 -34.47 49.05 -1.34
CA ILE C 1711 -34.90 47.93 -0.46
C ILE C 1711 -36.08 48.36 0.41
N ASN C 1712 -36.01 49.54 1.03
CA ASN C 1712 -36.95 49.94 2.11
C ASN C 1712 -37.44 51.39 1.92
N ASN C 1713 -37.47 51.87 0.68
CA ASN C 1713 -38.18 53.10 0.22
C ASN C 1713 -38.48 54.09 1.34
N PRO C 1714 -37.45 54.70 1.97
CA PRO C 1714 -37.69 55.63 3.07
C PRO C 1714 -38.42 56.87 2.57
N VAL C 1715 -39.36 57.36 3.38
CA VAL C 1715 -40.23 58.53 3.06
C VAL C 1715 -39.36 59.78 3.06
N ASN C 1716 -38.56 59.96 4.13
CA ASN C 1716 -37.56 61.04 4.29
C ASN C 1716 -36.18 60.43 4.44
N LEU C 1717 -35.15 61.18 4.06
CA LEU C 1717 -33.75 60.74 4.21
C LEU C 1717 -32.88 61.93 4.54
N THR C 1718 -32.39 62.02 5.78
CA THR C 1718 -31.55 63.13 6.25
C THR C 1718 -30.08 62.69 6.14
N ILE C 1719 -29.28 63.55 5.55
CA ILE C 1719 -27.84 63.34 5.30
C ILE C 1719 -27.14 64.21 6.31
N HIS C 1720 -26.22 63.64 7.09
CA HIS C 1720 -25.55 64.35 8.21
C HIS C 1720 -24.09 64.64 7.83
N PHE C 1721 -23.73 65.91 7.87
CA PHE C 1721 -22.39 66.44 7.48
C PHE C 1721 -21.44 66.57 8.67
N GLY C 1722 -21.77 65.97 9.81
CA GLY C 1722 -20.84 65.91 10.96
C GLY C 1722 -19.61 65.11 10.61
N GLY C 1723 -18.44 65.54 11.09
CA GLY C 1723 -17.20 64.74 11.03
C GLY C 1723 -16.21 65.29 10.02
N GLU C 1724 -15.23 64.49 9.64
CA GLU C 1724 -14.31 64.80 8.51
C GLU C 1724 -14.91 64.32 7.20
N LYS C 1725 -15.46 63.09 7.20
CA LYS C 1725 -16.16 62.51 6.04
C LYS C 1725 -17.36 63.40 5.72
N GLY C 1726 -18.12 63.77 6.75
CA GLY C 1726 -19.28 64.68 6.67
C GLY C 1726 -18.99 66.00 5.96
N LYS C 1727 -17.84 66.63 6.18
CA LYS C 1727 -17.51 67.93 5.53
C LYS C 1727 -17.26 67.67 4.05
N ARG C 1728 -16.52 66.60 3.71
CA ARG C 1728 -16.22 66.23 2.30
C ARG C 1728 -17.55 66.08 1.56
N ILE C 1729 -18.42 65.21 2.07
CA ILE C 1729 -19.80 64.99 1.55
C ILE C 1729 -20.54 66.31 1.39
N ARG C 1730 -20.45 67.24 2.35
CA ARG C 1730 -21.14 68.54 2.23
C ARG C 1730 -20.58 69.31 1.03
N GLU C 1731 -19.25 69.30 0.79
CA GLU C 1731 -18.64 70.01 -0.37
C GLU C 1731 -19.20 69.38 -1.65
N ASN C 1732 -19.19 68.04 -1.74
CA ASN C 1732 -19.73 67.25 -2.87
C ASN C 1732 -21.16 67.70 -3.22
N TYR C 1733 -21.98 68.07 -2.22
CA TYR C 1733 -23.39 68.54 -2.41
C TYR C 1733 -23.40 69.99 -2.86
N SER C 1734 -22.33 70.73 -2.57
CA SER C 1734 -22.21 72.18 -2.89
C SER C 1734 -21.42 72.37 -4.19
N ALA C 1735 -20.70 71.33 -4.63
CA ALA C 1735 -20.03 71.26 -5.96
C ALA C 1735 -21.08 71.05 -7.07
N MET C 1736 -22.26 70.52 -6.75
CA MET C 1736 -23.33 70.25 -7.75
C MET C 1736 -23.94 71.58 -8.20
N ILE C 1737 -23.42 72.12 -9.31
CA ILE C 1737 -23.68 73.49 -9.84
C ILE C 1737 -24.06 73.39 -11.33
N PHE C 1738 -24.75 74.43 -11.83
CA PHE C 1738 -25.17 74.61 -13.26
C PHE C 1738 -24.19 75.55 -13.98
N GLU C 1739 -23.16 74.98 -14.62
CA GLU C 1739 -22.16 75.73 -15.42
C GLU C 1739 -22.80 76.12 -16.77
N THR C 1740 -23.63 77.16 -16.78
CA THR C 1740 -24.25 77.77 -17.99
C THR C 1740 -23.22 78.75 -18.61
N ILE C 1741 -23.34 79.03 -19.91
CA ILE C 1741 -22.55 80.08 -20.64
C ILE C 1741 -23.54 81.17 -21.11
N VAL C 1742 -23.63 82.27 -20.36
CA VAL C 1742 -24.48 83.47 -20.64
C VAL C 1742 -23.57 84.66 -20.98
N ASP C 1743 -23.67 85.18 -22.22
CA ASP C 1743 -22.91 86.33 -22.77
C ASP C 1743 -21.41 86.02 -22.79
N GLY C 1744 -21.04 84.82 -23.27
CA GLY C 1744 -19.64 84.33 -23.39
C GLY C 1744 -18.88 84.36 -22.07
N LYS C 1745 -19.51 83.91 -20.98
CA LYS C 1745 -18.97 83.94 -19.60
C LYS C 1745 -19.59 82.81 -18.75
N LEU C 1746 -18.75 82.06 -18.02
CA LEU C 1746 -19.20 80.92 -17.15
C LEU C 1746 -19.92 81.48 -15.91
N LYS C 1747 -21.25 81.41 -15.90
CA LYS C 1747 -22.12 81.66 -14.72
C LYS C 1747 -22.42 80.30 -14.05
N THR C 1748 -22.07 80.16 -12.77
CA THR C 1748 -22.35 78.96 -11.92
C THR C 1748 -23.51 79.29 -10.98
N GLU C 1749 -24.62 78.55 -11.08
CA GLU C 1749 -25.73 78.55 -10.08
C GLU C 1749 -25.60 77.29 -9.22
N LYS C 1750 -26.02 77.35 -7.94
CA LYS C 1750 -25.96 76.22 -6.96
C LYS C 1750 -27.31 75.49 -6.95
N ILE C 1751 -27.27 74.15 -6.95
CA ILE C 1751 -28.40 73.27 -6.53
C ILE C 1751 -28.28 73.14 -5.00
N PHE C 1752 -29.37 72.86 -4.29
CA PHE C 1752 -29.41 72.86 -2.81
C PHE C 1752 -28.97 74.24 -2.33
N LYS C 1753 -29.90 75.20 -2.38
CA LYS C 1753 -29.64 76.61 -1.99
C LYS C 1753 -29.48 76.67 -0.47
N GLU C 1754 -30.21 75.82 0.25
CA GLU C 1754 -30.23 75.76 1.74
C GLU C 1754 -28.93 75.16 2.28
N ILE C 1755 -28.16 74.42 1.49
CA ILE C 1755 -26.82 73.91 1.92
C ILE C 1755 -25.75 74.98 1.71
N ASN C 1756 -25.04 75.30 2.79
CA ASN C 1756 -23.94 76.30 2.90
C ASN C 1756 -22.82 75.67 3.76
N GLU C 1757 -21.82 76.46 4.16
CA GLU C 1757 -20.67 76.00 5.00
C GLU C 1757 -21.14 75.71 6.44
N HIS C 1758 -22.18 76.39 6.92
CA HIS C 1758 -22.71 76.27 8.30
C HIS C 1758 -23.70 75.10 8.46
N SER C 1759 -24.24 74.55 7.36
CA SER C 1759 -25.27 73.47 7.36
C SER C 1759 -24.68 72.17 7.91
N THR C 1760 -25.42 71.52 8.81
CA THR C 1760 -25.00 70.28 9.50
C THR C 1760 -25.76 69.07 8.95
N SER C 1761 -26.85 69.32 8.24
CA SER C 1761 -27.67 68.25 7.64
C SER C 1761 -28.40 68.80 6.44
N TYR C 1762 -28.83 67.90 5.57
CA TYR C 1762 -29.84 68.17 4.52
C TYR C 1762 -30.80 66.99 4.46
N THR C 1763 -32.08 67.31 4.43
CA THR C 1763 -33.18 66.32 4.39
C THR C 1763 -33.75 66.29 2.96
N PHE C 1764 -34.00 65.09 2.44
CA PHE C 1764 -34.78 64.84 1.21
C PHE C 1764 -36.19 64.48 1.64
N ARG C 1765 -37.19 65.16 1.10
CA ARG C 1765 -38.62 64.98 1.46
C ARG C 1765 -39.32 64.24 0.31
N SER C 1766 -40.34 63.44 0.64
CA SER C 1766 -41.29 62.85 -0.34
C SER C 1766 -42.58 62.46 0.39
N GLU C 1767 -43.69 62.44 -0.33
CA GLU C 1767 -45.07 62.27 0.23
C GLU C 1767 -45.27 60.81 0.68
N LYS C 1768 -44.75 59.83 -0.08
CA LYS C 1768 -44.99 58.37 0.14
C LYS C 1768 -43.69 57.58 0.16
N GLY C 1769 -42.77 57.88 -0.77
CA GLY C 1769 -41.43 57.25 -0.82
C GLY C 1769 -40.45 58.05 -1.67
N LEU C 1770 -39.16 57.91 -1.38
CA LEU C 1770 -38.12 58.66 -2.12
C LEU C 1770 -37.84 57.96 -3.44
N LEU C 1771 -38.26 56.71 -3.58
CA LEU C 1771 -38.04 55.94 -4.82
C LEU C 1771 -38.91 56.51 -5.95
N SER C 1772 -39.92 57.34 -5.63
CA SER C 1772 -40.74 58.09 -6.63
C SER C 1772 -40.09 59.45 -7.01
N ALA C 1773 -39.12 59.94 -6.25
CA ALA C 1773 -38.43 61.24 -6.49
C ALA C 1773 -37.36 61.09 -7.57
N THR C 1774 -37.41 61.89 -8.63
CA THR C 1774 -36.74 61.51 -9.90
C THR C 1774 -35.24 61.34 -9.69
N GLN C 1775 -34.64 62.02 -8.72
CA GLN C 1775 -33.18 61.97 -8.49
C GLN C 1775 -32.77 60.64 -7.83
N PHE C 1776 -33.72 59.87 -7.29
CA PHE C 1776 -33.46 58.51 -6.77
C PHE C 1776 -34.09 57.47 -7.69
N THR C 1777 -35.21 57.80 -8.33
CA THR C 1777 -35.87 56.93 -9.33
C THR C 1777 -34.89 56.60 -10.44
N GLN C 1778 -34.16 57.60 -10.93
CA GLN C 1778 -33.31 57.43 -12.13
C GLN C 1778 -32.20 56.45 -11.80
N PRO C 1779 -31.28 56.77 -10.87
CA PRO C 1779 -30.17 55.88 -10.57
C PRO C 1779 -30.66 54.48 -10.20
N ALA C 1780 -31.74 54.39 -9.42
CA ALA C 1780 -32.30 53.11 -8.97
C ALA C 1780 -32.60 52.26 -10.21
N LEU C 1781 -33.39 52.83 -11.11
CA LEU C 1781 -33.98 52.12 -12.26
C LEU C 1781 -32.85 51.80 -13.24
N THR C 1782 -32.10 52.82 -13.66
CA THR C 1782 -30.88 52.67 -14.48
C THR C 1782 -29.99 51.54 -13.95
N LEU C 1783 -29.78 51.44 -12.64
CA LEU C 1783 -28.89 50.40 -12.06
C LEU C 1783 -29.51 49.02 -12.20
N MET C 1784 -30.81 48.88 -12.00
CA MET C 1784 -31.40 47.51 -12.01
C MET C 1784 -31.38 47.01 -13.44
N GLU C 1785 -31.50 47.93 -14.41
CA GLU C 1785 -31.45 47.57 -15.85
C GLU C 1785 -30.03 47.18 -16.19
N LYS C 1786 -29.04 47.98 -15.80
CA LYS C 1786 -27.61 47.66 -16.03
C LYS C 1786 -27.26 46.31 -15.39
N ALA C 1787 -27.71 46.04 -14.17
CA ALA C 1787 -27.40 44.81 -13.42
C ALA C 1787 -28.00 43.60 -14.12
N ALA C 1788 -29.23 43.72 -14.58
CA ALA C 1788 -29.97 42.64 -15.27
C ALA C 1788 -29.18 42.31 -16.52
N PHE C 1789 -28.85 43.35 -17.28
CA PHE C 1789 -28.04 43.21 -18.51
C PHE C 1789 -26.70 42.54 -18.19
N GLU C 1790 -25.98 42.98 -17.17
CA GLU C 1790 -24.64 42.43 -16.87
C GLU C 1790 -24.75 40.97 -16.50
N ASP C 1791 -25.85 40.55 -15.85
CA ASP C 1791 -26.11 39.12 -15.55
C ASP C 1791 -26.33 38.35 -16.87
N LEU C 1792 -27.10 38.90 -17.81
CA LEU C 1792 -27.28 38.30 -19.16
C LEU C 1792 -25.90 38.13 -19.80
N LYS C 1793 -25.14 39.19 -19.91
CA LYS C 1793 -23.80 39.17 -20.56
C LYS C 1793 -22.93 38.08 -19.91
N SER C 1794 -23.02 37.86 -18.60
CA SER C 1794 -22.18 36.88 -17.85
C SER C 1794 -22.60 35.44 -18.19
N LYS C 1795 -23.87 35.26 -18.51
CA LYS C 1795 -24.46 33.96 -18.94
C LYS C 1795 -24.19 33.75 -20.43
N GLY C 1796 -23.81 34.80 -21.14
CA GLY C 1796 -23.37 34.72 -22.53
C GLY C 1796 -24.54 34.79 -23.45
N LEU C 1797 -25.56 35.59 -23.11
CA LEU C 1797 -26.85 35.60 -23.84
C LEU C 1797 -26.98 36.83 -24.73
N ILE C 1798 -25.92 37.61 -24.93
CA ILE C 1798 -26.01 38.92 -25.65
C ILE C 1798 -25.38 38.80 -27.02
N PRO C 1799 -26.21 38.81 -28.10
CA PRO C 1799 -25.71 38.82 -29.48
C PRO C 1799 -24.80 40.01 -29.73
N ALA C 1800 -23.65 39.75 -30.35
CA ALA C 1800 -22.61 40.75 -30.65
C ALA C 1800 -23.18 41.83 -31.57
N ASP C 1801 -24.19 41.49 -32.39
CA ASP C 1801 -24.75 42.37 -33.45
C ASP C 1801 -26.19 42.78 -33.10
N ALA C 1802 -26.48 42.91 -31.80
CA ALA C 1802 -27.83 43.25 -31.27
C ALA C 1802 -28.04 44.74 -31.35
N THR C 1803 -29.11 45.15 -32.02
CA THR C 1803 -29.61 46.55 -32.04
C THR C 1803 -30.28 46.80 -30.69
N PHE C 1804 -30.40 48.06 -30.25
CA PHE C 1804 -30.85 48.39 -28.87
C PHE C 1804 -31.38 49.81 -28.80
N ALA C 1805 -32.35 50.02 -27.94
CA ALA C 1805 -32.97 51.34 -27.75
C ALA C 1805 -33.54 51.42 -26.34
N GLY C 1806 -33.69 52.63 -25.89
CA GLY C 1806 -34.15 52.94 -24.53
C GLY C 1806 -35.23 53.97 -24.60
N HIS C 1807 -36.28 53.77 -23.81
CA HIS C 1807 -37.37 54.73 -23.66
C HIS C 1807 -36.98 55.73 -22.59
N SER C 1808 -36.98 57.01 -22.97
CA SER C 1808 -36.73 58.19 -22.10
C SER C 1808 -35.46 57.99 -21.29
N LEU C 1809 -35.56 57.49 -20.07
CA LEU C 1809 -34.41 57.29 -19.16
C LEU C 1809 -33.59 56.08 -19.61
N GLY C 1810 -34.25 55.04 -20.13
CA GLY C 1810 -33.61 53.79 -20.54
C GLY C 1810 -32.53 54.00 -21.58
N GLU C 1811 -32.54 55.14 -22.28
CA GLU C 1811 -31.47 55.54 -23.22
C GLU C 1811 -30.11 55.44 -22.52
N TYR C 1812 -30.04 55.80 -21.24
CA TYR C 1812 -28.77 55.82 -20.46
C TYR C 1812 -28.39 54.39 -20.07
N ALA C 1813 -29.36 53.58 -19.67
CA ALA C 1813 -29.06 52.21 -19.25
C ALA C 1813 -28.59 51.39 -20.47
N ALA C 1814 -29.28 51.54 -21.60
CA ALA C 1814 -28.90 51.00 -22.94
C ALA C 1814 -27.45 51.37 -23.30
N LEU C 1815 -27.12 52.66 -23.41
CA LEU C 1815 -25.75 53.10 -23.79
C LEU C 1815 -24.68 52.62 -22.79
N ALA C 1816 -25.01 52.48 -21.51
CA ALA C 1816 -24.05 51.98 -20.50
C ALA C 1816 -23.94 50.45 -20.54
N SER C 1817 -24.93 49.77 -21.11
CA SER C 1817 -25.04 48.28 -21.13
C SER C 1817 -24.51 47.70 -22.44
N LEU C 1818 -24.88 48.30 -23.59
CA LEU C 1818 -24.58 47.72 -24.92
C LEU C 1818 -23.29 48.32 -25.50
N ALA C 1819 -22.98 49.58 -25.19
CA ALA C 1819 -21.84 50.32 -25.76
C ALA C 1819 -20.75 50.60 -24.71
N ASP C 1820 -21.03 50.35 -23.41
CA ASP C 1820 -20.13 50.68 -22.27
C ASP C 1820 -19.53 52.07 -22.48
N VAL C 1821 -20.38 53.08 -22.63
CA VAL C 1821 -20.02 54.52 -22.82
C VAL C 1821 -19.52 55.06 -21.49
N MET C 1822 -20.27 54.79 -20.43
CA MET C 1822 -20.00 55.28 -19.06
C MET C 1822 -19.72 54.07 -18.19
N SER C 1823 -18.81 54.23 -17.23
CA SER C 1823 -18.65 53.32 -16.07
C SER C 1823 -19.89 53.41 -15.19
N ILE C 1824 -20.08 52.44 -14.31
CA ILE C 1824 -21.18 52.48 -13.31
C ILE C 1824 -21.14 53.85 -12.62
N GLU C 1825 -19.98 54.24 -12.12
CA GLU C 1825 -19.84 55.46 -11.28
C GLU C 1825 -20.24 56.72 -12.08
N SER C 1826 -19.86 56.82 -13.35
CA SER C 1826 -20.22 57.97 -14.24
C SER C 1826 -21.71 57.92 -14.55
N LEU C 1827 -22.22 56.76 -14.95
CA LEU C 1827 -23.66 56.55 -15.25
C LEU C 1827 -24.50 57.12 -14.09
N VAL C 1828 -24.34 56.58 -12.88
CA VAL C 1828 -25.16 56.95 -11.69
C VAL C 1828 -24.93 58.42 -11.37
N GLU C 1829 -23.72 58.93 -11.55
CA GLU C 1829 -23.42 60.37 -11.32
C GLU C 1829 -24.25 61.19 -12.31
N VAL C 1830 -24.19 60.87 -13.59
CA VAL C 1830 -24.93 61.60 -14.65
C VAL C 1830 -26.42 61.57 -14.35
N VAL C 1831 -27.04 60.39 -14.17
CA VAL C 1831 -28.52 60.31 -14.02
C VAL C 1831 -28.94 60.99 -12.71
N PHE C 1832 -28.10 60.97 -11.67
CA PHE C 1832 -28.38 61.61 -10.37
C PHE C 1832 -28.41 63.11 -10.59
N TYR C 1833 -27.50 63.64 -11.39
CA TYR C 1833 -27.47 65.09 -11.73
C TYR C 1833 -28.71 65.41 -12.54
N ARG C 1834 -28.93 64.64 -13.61
CA ARG C 1834 -30.11 64.73 -14.51
C ARG C 1834 -31.36 64.78 -13.65
N GLY C 1835 -31.51 63.84 -12.71
CA GLY C 1835 -32.61 63.84 -11.73
C GLY C 1835 -32.71 65.19 -11.05
N MET C 1836 -31.62 65.66 -10.47
CA MET C 1836 -31.62 66.89 -9.63
C MET C 1836 -31.94 68.08 -10.52
N THR C 1837 -31.39 68.15 -11.73
CA THR C 1837 -31.72 69.20 -12.74
C THR C 1837 -33.23 69.29 -12.99
N MET C 1838 -33.96 68.16 -12.91
CA MET C 1838 -35.42 68.10 -13.16
C MET C 1838 -36.18 68.59 -11.92
N GLN C 1839 -35.71 68.23 -10.71
CA GLN C 1839 -36.38 68.60 -9.42
C GLN C 1839 -36.30 70.11 -9.17
N VAL C 1840 -35.14 70.73 -9.36
CA VAL C 1840 -34.95 72.20 -9.19
C VAL C 1840 -35.78 72.97 -10.23
N ALA C 1841 -36.03 72.40 -11.42
CA ALA C 1841 -36.62 73.13 -12.57
C ALA C 1841 -38.11 73.36 -12.34
N VAL C 1842 -38.72 72.55 -11.48
CA VAL C 1842 -40.17 72.56 -11.18
C VAL C 1842 -40.37 72.98 -9.72
N PRO C 1843 -41.15 74.05 -9.43
CA PRO C 1843 -41.46 74.42 -8.04
C PRO C 1843 -42.19 73.30 -7.27
N ARG C 1844 -41.78 73.06 -6.02
CA ARG C 1844 -42.35 72.01 -5.13
C ARG C 1844 -43.02 72.68 -3.92
N ASP C 1845 -43.42 71.87 -2.93
CA ASP C 1845 -43.86 72.32 -1.59
C ASP C 1845 -43.03 71.57 -0.53
N GLU C 1846 -43.30 71.81 0.75
CA GLU C 1846 -42.65 71.17 1.94
C GLU C 1846 -42.70 69.63 1.87
N LEU C 1847 -43.78 69.06 1.33
CA LEU C 1847 -44.01 67.59 1.24
C LEU C 1847 -43.32 66.99 0.02
N GLY C 1848 -42.91 67.81 -0.97
CA GLY C 1848 -42.23 67.39 -2.21
C GLY C 1848 -43.21 66.97 -3.29
N ARG C 1849 -44.22 67.82 -3.55
CA ARG C 1849 -45.31 67.62 -4.56
C ARG C 1849 -45.34 68.83 -5.50
N SER C 1850 -45.23 68.60 -6.80
CA SER C 1850 -45.30 69.64 -7.87
C SER C 1850 -46.67 69.60 -8.54
N ASN C 1851 -47.11 70.73 -9.10
CA ASN C 1851 -48.37 70.84 -9.88
C ASN C 1851 -48.05 70.52 -11.35
N TYR C 1852 -47.48 69.34 -11.63
CA TYR C 1852 -47.13 68.84 -12.98
C TYR C 1852 -47.23 67.31 -12.99
N GLY C 1853 -47.54 66.74 -14.16
CA GLY C 1853 -47.73 65.28 -14.33
C GLY C 1853 -47.73 64.86 -15.79
N MET C 1854 -48.09 63.60 -16.05
CA MET C 1854 -48.19 62.97 -17.40
C MET C 1854 -49.49 62.16 -17.46
N ILE C 1855 -50.16 62.19 -18.61
CA ILE C 1855 -51.39 61.37 -18.93
C ILE C 1855 -51.10 60.57 -20.21
N ALA C 1856 -51.39 59.27 -20.17
CA ALA C 1856 -51.41 58.40 -21.36
C ALA C 1856 -52.80 58.48 -22.00
N ILE C 1857 -52.90 59.06 -23.19
CA ILE C 1857 -54.18 59.27 -23.93
C ILE C 1857 -54.30 58.22 -25.05
N ASN C 1858 -55.44 57.54 -25.13
CA ASN C 1858 -55.74 56.51 -26.17
C ASN C 1858 -56.82 57.06 -27.10
N PRO C 1859 -56.46 57.84 -28.14
CA PRO C 1859 -57.47 58.48 -28.99
C PRO C 1859 -58.47 57.47 -29.60
N GLY C 1860 -58.16 56.18 -29.62
CA GLY C 1860 -59.10 55.12 -30.02
C GLY C 1860 -60.28 54.99 -29.05
N ARG C 1861 -60.00 55.08 -27.75
CA ARG C 1861 -61.02 54.89 -26.67
C ARG C 1861 -62.05 56.02 -26.67
N VAL C 1862 -61.65 57.24 -27.07
CA VAL C 1862 -62.55 58.43 -27.09
C VAL C 1862 -63.54 58.30 -28.25
N ALA C 1863 -63.09 57.81 -29.41
CA ALA C 1863 -63.90 57.53 -30.61
C ALA C 1863 -63.02 56.81 -31.65
N ALA C 1864 -63.64 56.01 -32.51
CA ALA C 1864 -62.96 55.32 -33.64
C ALA C 1864 -62.53 56.35 -34.69
N SER C 1865 -63.34 57.39 -34.91
CA SER C 1865 -63.07 58.49 -35.87
C SER C 1865 -61.96 59.40 -35.36
N PHE C 1866 -61.72 59.43 -34.04
CA PHE C 1866 -60.79 60.36 -33.36
C PHE C 1866 -59.33 59.94 -33.67
N SER C 1867 -58.72 60.64 -34.63
CA SER C 1867 -57.35 60.40 -35.14
C SER C 1867 -56.30 60.81 -34.10
N GLN C 1868 -55.02 60.76 -34.46
CA GLN C 1868 -53.89 61.26 -33.62
C GLN C 1868 -53.65 62.75 -33.90
N GLU C 1869 -54.30 63.34 -34.92
CA GLU C 1869 -54.21 64.80 -35.25
C GLU C 1869 -55.35 65.57 -34.58
N ALA C 1870 -56.44 64.89 -34.20
CA ALA C 1870 -57.53 65.45 -33.37
C ALA C 1870 -56.99 65.70 -31.96
N LEU C 1871 -56.24 64.73 -31.41
CA LEU C 1871 -55.63 64.80 -30.06
C LEU C 1871 -54.65 65.98 -30.02
N GLN C 1872 -53.75 66.07 -30.99
CA GLN C 1872 -52.74 67.16 -31.07
C GLN C 1872 -53.45 68.51 -31.15
N TYR C 1873 -54.54 68.61 -31.92
CA TYR C 1873 -55.36 69.84 -32.10
C TYR C 1873 -56.01 70.24 -30.78
N VAL C 1874 -56.61 69.30 -30.04
CA VAL C 1874 -57.29 69.53 -28.73
C VAL C 1874 -56.27 70.08 -27.71
N VAL C 1875 -55.12 69.40 -27.58
CA VAL C 1875 -54.02 69.74 -26.65
C VAL C 1875 -53.48 71.14 -26.96
N GLU C 1876 -53.10 71.42 -28.22
CA GLU C 1876 -52.62 72.75 -28.69
C GLU C 1876 -53.62 73.84 -28.27
N ARG C 1877 -54.92 73.61 -28.51
CA ARG C 1877 -56.01 74.56 -28.16
C ARG C 1877 -56.00 74.74 -26.64
N VAL C 1878 -56.21 73.67 -25.85
CA VAL C 1878 -56.23 73.72 -24.36
C VAL C 1878 -55.06 74.58 -23.85
N GLY C 1879 -53.84 74.36 -24.35
CA GLY C 1879 -52.64 75.13 -23.99
C GLY C 1879 -52.79 76.60 -24.28
N LYS C 1880 -53.20 76.95 -25.51
CA LYS C 1880 -53.29 78.34 -26.02
C LYS C 1880 -54.38 79.12 -25.27
N ARG C 1881 -55.45 78.45 -24.83
CA ARG C 1881 -56.65 79.06 -24.19
C ARG C 1881 -56.39 79.29 -22.70
N THR C 1882 -56.12 78.21 -21.95
CA THR C 1882 -55.95 78.23 -20.46
C THR C 1882 -54.64 78.95 -20.08
N GLY C 1883 -53.67 79.00 -21.00
CA GLY C 1883 -52.32 79.55 -20.73
C GLY C 1883 -51.41 78.57 -19.99
N TRP C 1884 -51.93 77.41 -19.58
CA TRP C 1884 -51.18 76.39 -18.80
C TRP C 1884 -50.40 75.47 -19.74
N LEU C 1885 -49.30 74.89 -19.23
CA LEU C 1885 -48.41 74.00 -20.01
C LEU C 1885 -49.12 72.66 -20.25
N VAL C 1886 -49.18 72.24 -21.51
CA VAL C 1886 -49.56 70.87 -21.93
C VAL C 1886 -49.08 70.68 -23.36
N GLU C 1887 -48.39 69.57 -23.60
CA GLU C 1887 -47.79 69.19 -24.91
C GLU C 1887 -47.88 67.67 -25.02
N ILE C 1888 -48.04 67.16 -26.24
CA ILE C 1888 -47.80 65.72 -26.56
C ILE C 1888 -46.27 65.57 -26.58
N VAL C 1889 -45.73 64.68 -25.74
CA VAL C 1889 -44.25 64.52 -25.61
C VAL C 1889 -43.82 63.12 -26.05
N ASN C 1890 -44.53 62.07 -25.63
CA ASN C 1890 -44.21 60.67 -25.96
C ASN C 1890 -45.24 60.10 -26.93
N TYR C 1891 -44.78 59.66 -28.09
CA TYR C 1891 -45.55 58.87 -29.09
C TYR C 1891 -45.18 57.41 -28.86
N ASN C 1892 -46.09 56.63 -28.29
CA ASN C 1892 -45.78 55.31 -27.69
C ASN C 1892 -46.37 54.18 -28.53
N VAL C 1893 -47.60 54.31 -29.02
CA VAL C 1893 -48.29 53.31 -29.89
C VAL C 1893 -49.23 54.06 -30.84
N GLU C 1894 -49.11 53.78 -32.14
CA GLU C 1894 -49.87 54.45 -33.23
C GLU C 1894 -51.38 54.38 -32.91
N ASN C 1895 -52.02 55.56 -32.85
CA ASN C 1895 -53.48 55.77 -32.61
C ASN C 1895 -53.98 54.95 -31.41
N GLN C 1896 -53.14 54.78 -30.37
CA GLN C 1896 -53.50 53.95 -29.19
C GLN C 1896 -52.83 54.43 -27.90
N GLN C 1897 -51.67 55.11 -27.96
CA GLN C 1897 -51.05 55.70 -26.73
C GLN C 1897 -50.15 56.87 -27.10
N TYR C 1898 -50.59 58.09 -26.78
CA TYR C 1898 -49.77 59.33 -26.80
C TYR C 1898 -49.77 59.86 -25.37
N VAL C 1899 -48.59 60.23 -24.87
CA VAL C 1899 -48.41 60.69 -23.46
C VAL C 1899 -48.17 62.19 -23.47
N ALA C 1900 -49.00 62.93 -22.72
CA ALA C 1900 -48.99 64.40 -22.67
C ALA C 1900 -48.52 64.81 -21.29
N ALA C 1901 -47.51 65.67 -21.27
CA ALA C 1901 -46.87 66.24 -20.07
C ALA C 1901 -47.42 67.64 -19.87
N GLY C 1902 -47.54 68.06 -18.62
CA GLY C 1902 -47.58 69.50 -18.29
C GLY C 1902 -48.26 69.79 -16.96
N ASP C 1903 -48.82 71.00 -16.89
CA ASP C 1903 -49.45 71.60 -15.68
C ASP C 1903 -50.66 70.75 -15.27
N LEU C 1904 -50.61 70.22 -14.05
CA LEU C 1904 -51.56 69.19 -13.56
C LEU C 1904 -52.99 69.69 -13.66
N ARG C 1905 -53.20 71.02 -13.76
CA ARG C 1905 -54.53 71.64 -14.03
C ARG C 1905 -54.91 71.41 -15.49
N ALA C 1906 -54.03 71.75 -16.45
CA ALA C 1906 -54.25 71.57 -17.92
C ALA C 1906 -54.53 70.10 -18.25
N LEU C 1907 -53.76 69.18 -17.69
CA LEU C 1907 -53.97 67.71 -17.88
C LEU C 1907 -55.37 67.32 -17.44
N ASP C 1908 -55.88 67.91 -16.36
CA ASP C 1908 -57.26 67.65 -15.88
C ASP C 1908 -58.26 68.18 -16.92
N THR C 1909 -58.04 69.37 -17.49
CA THR C 1909 -58.98 70.00 -18.45
C THR C 1909 -59.05 69.14 -19.72
N VAL C 1910 -57.89 68.77 -20.26
CA VAL C 1910 -57.76 67.81 -21.41
C VAL C 1910 -58.64 66.60 -21.08
N THR C 1911 -58.42 65.93 -19.95
CA THR C 1911 -59.15 64.71 -19.50
C THR C 1911 -60.67 64.96 -19.41
N ASN C 1912 -61.12 66.12 -18.95
CA ASN C 1912 -62.57 66.47 -18.88
C ASN C 1912 -63.09 66.73 -20.30
N VAL C 1913 -62.34 67.44 -21.15
CA VAL C 1913 -62.72 67.76 -22.56
C VAL C 1913 -62.85 66.46 -23.37
N LEU C 1914 -61.91 65.52 -23.24
CA LEU C 1914 -61.96 64.23 -23.97
C LEU C 1914 -63.09 63.36 -23.42
N ASN C 1915 -63.34 63.38 -22.11
CA ASN C 1915 -64.48 62.63 -21.50
C ASN C 1915 -65.80 63.18 -22.04
N PHE C 1916 -65.89 64.50 -22.25
CA PHE C 1916 -67.08 65.19 -22.81
C PHE C 1916 -67.28 64.72 -24.26
N ILE C 1917 -66.26 64.88 -25.11
CA ILE C 1917 -66.26 64.53 -26.57
C ILE C 1917 -66.68 63.06 -26.77
N LYS C 1918 -66.25 62.13 -25.90
CA LYS C 1918 -66.64 60.70 -26.00
C LYS C 1918 -68.15 60.58 -25.80
N LEU C 1919 -68.71 61.25 -24.79
CA LEU C 1919 -70.16 61.19 -24.41
C LEU C 1919 -71.02 61.83 -25.52
N GLN C 1920 -70.57 62.93 -26.12
CA GLN C 1920 -71.29 63.68 -27.19
C GLN C 1920 -71.08 62.99 -28.55
N LYS C 1921 -70.03 62.18 -28.71
CA LYS C 1921 -69.70 61.39 -29.93
C LYS C 1921 -69.44 62.34 -31.12
N ILE C 1922 -69.05 63.58 -30.84
CA ILE C 1922 -68.87 64.66 -31.86
C ILE C 1922 -67.42 64.58 -32.38
N ASP C 1923 -67.24 64.48 -33.69
CA ASP C 1923 -65.91 64.39 -34.34
C ASP C 1923 -65.45 65.81 -34.69
N ILE C 1924 -64.25 66.19 -34.22
CA ILE C 1924 -63.58 67.49 -34.53
C ILE C 1924 -63.15 67.46 -36.01
N ILE C 1925 -62.65 66.32 -36.50
CA ILE C 1925 -62.06 66.18 -37.88
C ILE C 1925 -63.17 66.22 -38.95
N GLU C 1926 -64.36 65.68 -38.65
CA GLU C 1926 -65.53 65.70 -39.57
C GLU C 1926 -66.03 67.15 -39.73
N LEU C 1927 -66.30 67.83 -38.62
CA LEU C 1927 -66.96 69.17 -38.59
C LEU C 1927 -65.98 70.29 -39.02
N GLN C 1928 -64.66 70.11 -38.86
CA GLN C 1928 -63.65 71.19 -39.10
C GLN C 1928 -63.48 71.45 -40.61
N LYS C 1929 -63.72 70.44 -41.45
CA LYS C 1929 -63.52 70.51 -42.93
C LYS C 1929 -64.89 70.45 -43.65
N SER C 1930 -65.67 69.40 -43.39
CA SER C 1930 -66.94 69.06 -44.11
C SER C 1930 -68.00 70.15 -43.88
N LEU C 1931 -68.14 70.62 -42.64
CA LEU C 1931 -69.21 71.58 -42.21
C LEU C 1931 -68.68 73.01 -42.25
N SER C 1932 -67.84 73.42 -41.28
CA SER C 1932 -67.50 74.85 -40.98
C SER C 1932 -66.00 75.02 -40.73
N LEU C 1933 -65.43 76.13 -41.23
CA LEU C 1933 -63.98 76.48 -41.17
C LEU C 1933 -63.78 77.58 -40.12
N GLU C 1934 -62.95 77.33 -39.10
CA GLU C 1934 -62.61 78.26 -37.98
C GLU C 1934 -63.86 78.59 -37.15
N GLU C 1935 -64.81 77.65 -37.07
CA GLU C 1935 -66.02 77.69 -36.20
C GLU C 1935 -65.83 76.69 -35.05
N VAL C 1936 -65.36 75.46 -35.37
CA VAL C 1936 -64.94 74.43 -34.38
C VAL C 1936 -63.88 75.02 -33.43
N GLU C 1937 -63.06 75.95 -33.91
CA GLU C 1937 -62.10 76.75 -33.10
C GLU C 1937 -62.85 77.38 -31.91
N GLY C 1938 -63.84 78.24 -32.19
CA GLY C 1938 -64.64 78.97 -31.19
C GLY C 1938 -65.65 78.08 -30.49
N HIS C 1939 -66.10 77.02 -31.15
CA HIS C 1939 -67.03 75.98 -30.60
C HIS C 1939 -66.30 75.08 -29.59
N LEU C 1940 -64.97 74.95 -29.69
CA LEU C 1940 -64.17 74.14 -28.74
C LEU C 1940 -63.71 75.01 -27.56
N PHE C 1941 -63.46 76.31 -27.76
CA PHE C 1941 -63.02 77.26 -26.70
C PHE C 1941 -63.94 77.15 -25.48
N GLU C 1942 -65.28 77.17 -25.67
CA GLU C 1942 -66.25 77.17 -24.53
C GLU C 1942 -66.27 75.79 -23.85
N ILE C 1943 -65.98 74.70 -24.57
CA ILE C 1943 -65.88 73.32 -24.00
C ILE C 1943 -64.63 73.24 -23.12
N ILE C 1944 -63.51 73.84 -23.59
CA ILE C 1944 -62.22 73.96 -22.85
C ILE C 1944 -62.44 74.81 -21.59
N ASP C 1945 -63.07 75.99 -21.75
CA ASP C 1945 -63.37 76.96 -20.68
C ASP C 1945 -64.20 76.33 -19.56
N GLU C 1946 -65.19 75.51 -19.89
CA GLU C 1946 -66.08 74.85 -18.87
C GLU C 1946 -65.26 73.94 -17.96
N ALA C 1947 -64.31 73.18 -18.50
CA ALA C 1947 -63.38 72.31 -17.73
C ALA C 1947 -62.29 73.15 -17.04
N SER C 1948 -61.77 74.20 -17.72
CA SER C 1948 -60.66 75.08 -17.24
C SER C 1948 -61.05 75.82 -15.95
N LYS C 1949 -62.31 76.27 -15.85
CA LYS C 1949 -62.86 76.91 -14.63
C LYS C 1949 -62.91 75.87 -13.50
N LYS C 1950 -63.41 74.67 -13.78
CA LYS C 1950 -63.61 73.58 -12.78
C LYS C 1950 -62.29 73.04 -12.24
N SER C 1951 -61.19 73.18 -12.99
CA SER C 1951 -59.83 72.70 -12.61
C SER C 1951 -59.03 73.80 -11.89
N ALA C 1952 -59.26 75.08 -12.21
CA ALA C 1952 -58.65 76.27 -11.56
C ALA C 1952 -59.24 76.47 -10.15
N VAL C 1953 -60.54 76.17 -9.94
CA VAL C 1953 -61.25 76.21 -8.63
C VAL C 1953 -60.63 75.15 -7.70
N LYS C 1954 -60.36 73.94 -8.21
CA LYS C 1954 -59.78 72.78 -7.46
C LYS C 1954 -58.50 73.22 -6.74
N PRO C 1955 -58.10 72.56 -5.62
CA PRO C 1955 -56.86 72.91 -4.89
C PRO C 1955 -55.60 72.56 -5.69
N ARG C 1956 -54.44 73.18 -5.37
CA ARG C 1956 -53.21 73.17 -6.23
C ARG C 1956 -52.58 71.77 -6.32
N PRO C 1957 -52.49 70.97 -5.22
CA PRO C 1957 -52.00 69.58 -5.34
C PRO C 1957 -53.12 68.60 -5.75
N LEU C 1958 -53.78 68.84 -6.89
CA LEU C 1958 -55.03 68.13 -7.28
C LEU C 1958 -54.69 66.71 -7.73
N LYS C 1959 -55.47 65.73 -7.27
CA LYS C 1959 -55.37 64.31 -7.68
C LYS C 1959 -55.95 64.21 -9.09
N LEU C 1960 -55.14 63.71 -10.01
CA LEU C 1960 -55.50 63.54 -11.44
C LEU C 1960 -56.26 62.21 -11.56
N GLU C 1961 -57.45 62.25 -12.16
CA GLU C 1961 -58.44 61.14 -12.13
C GLU C 1961 -58.45 60.45 -13.49
N ARG C 1962 -58.38 59.11 -13.49
CA ARG C 1962 -58.54 58.25 -14.67
C ARG C 1962 -59.81 58.67 -15.42
N GLY C 1963 -59.64 59.12 -16.67
CA GLY C 1963 -60.75 59.43 -17.59
C GLY C 1963 -61.26 58.18 -18.30
N PHE C 1964 -61.92 58.37 -19.44
CA PHE C 1964 -62.38 57.30 -20.36
C PHE C 1964 -61.24 56.97 -21.32
N ALA C 1965 -60.62 58.02 -21.89
CA ALA C 1965 -59.52 57.93 -22.89
C ALA C 1965 -58.22 58.56 -22.35
N CYS C 1966 -58.06 58.70 -21.03
CA CYS C 1966 -56.85 59.24 -20.36
C CYS C 1966 -56.59 58.47 -19.07
N ILE C 1967 -55.32 58.19 -18.78
CA ILE C 1967 -54.90 57.54 -17.51
C ILE C 1967 -53.66 58.30 -17.02
N PRO C 1968 -53.70 58.87 -15.79
CA PRO C 1968 -52.54 59.55 -15.24
C PRO C 1968 -51.47 58.51 -14.93
N LEU C 1969 -50.20 58.85 -15.20
CA LEU C 1969 -49.03 58.00 -14.86
C LEU C 1969 -48.70 58.23 -13.39
N VAL C 1970 -48.57 57.13 -12.64
CA VAL C 1970 -48.35 57.14 -11.17
C VAL C 1970 -46.85 57.33 -10.93
N GLY C 1971 -46.50 57.97 -9.82
CA GLY C 1971 -45.11 58.28 -9.41
C GLY C 1971 -44.37 59.08 -10.47
N ILE C 1972 -45.02 60.09 -11.05
CA ILE C 1972 -44.41 61.07 -12.01
C ILE C 1972 -44.83 62.49 -11.62
N SER C 1973 -43.86 63.38 -11.47
CA SER C 1973 -44.02 64.76 -10.92
C SER C 1973 -43.54 65.83 -11.91
N VAL C 1974 -42.61 65.49 -12.80
CA VAL C 1974 -41.90 66.44 -13.69
C VAL C 1974 -42.56 66.35 -15.07
N PRO C 1975 -42.73 67.47 -15.79
CA PRO C 1975 -43.23 67.44 -17.17
C PRO C 1975 -42.13 67.06 -18.17
N PHE C 1976 -41.72 65.79 -18.16
CA PHE C 1976 -40.55 65.31 -18.95
C PHE C 1976 -40.78 65.60 -20.44
N HIS C 1977 -39.69 65.80 -21.17
CA HIS C 1977 -39.71 65.91 -22.65
C HIS C 1977 -40.64 67.04 -23.11
N SER C 1978 -40.95 68.02 -22.26
CA SER C 1978 -41.70 69.22 -22.70
C SER C 1978 -40.69 70.33 -22.99
N THR C 1979 -41.15 71.44 -23.54
CA THR C 1979 -40.37 72.68 -23.77
C THR C 1979 -40.03 73.37 -22.43
N TYR C 1980 -40.69 72.97 -21.33
CA TYR C 1980 -40.45 73.50 -19.96
C TYR C 1980 -39.01 73.22 -19.50
N LEU C 1981 -38.44 72.07 -19.88
CA LEU C 1981 -37.08 71.65 -19.44
C LEU C 1981 -36.02 72.11 -20.45
N MET C 1982 -36.34 73.04 -21.35
CA MET C 1982 -35.41 73.52 -22.42
C MET C 1982 -34.24 74.29 -21.82
N ASN C 1983 -34.47 75.07 -20.76
CA ASN C 1983 -33.45 75.94 -20.12
C ASN C 1983 -32.33 75.08 -19.50
N GLY C 1984 -32.65 73.87 -19.05
CA GLY C 1984 -31.69 72.96 -18.37
C GLY C 1984 -30.90 72.07 -19.31
N VAL C 1985 -30.86 72.37 -20.62
CA VAL C 1985 -30.14 71.57 -21.65
C VAL C 1985 -28.64 71.93 -21.63
N LYS C 1986 -28.32 73.23 -21.68
CA LYS C 1986 -26.94 73.79 -21.71
C LYS C 1986 -26.14 73.34 -20.49
N PRO C 1987 -26.59 73.54 -19.24
CA PRO C 1987 -25.88 73.00 -18.06
C PRO C 1987 -25.80 71.48 -17.98
N PHE C 1988 -26.77 70.78 -18.59
CA PHE C 1988 -26.78 69.30 -18.66
C PHE C 1988 -25.86 68.86 -19.81
N LYS C 1989 -25.74 69.64 -20.88
CA LYS C 1989 -24.82 69.36 -22.01
C LYS C 1989 -23.37 69.44 -21.52
N SER C 1990 -23.01 70.56 -20.90
CA SER C 1990 -21.65 70.81 -20.37
C SER C 1990 -21.33 69.76 -19.28
N PHE C 1991 -22.33 69.30 -18.54
CA PHE C 1991 -22.12 68.22 -17.55
C PHE C 1991 -21.79 66.90 -18.26
N LEU C 1992 -22.49 66.58 -19.35
CA LEU C 1992 -22.28 65.32 -20.11
C LEU C 1992 -20.86 65.33 -20.71
N LYS C 1993 -20.46 66.41 -21.36
CA LYS C 1993 -19.13 66.53 -22.02
C LYS C 1993 -18.00 66.29 -21.00
N LYS C 1994 -18.20 66.59 -19.72
CA LYS C 1994 -17.19 66.37 -18.65
C LYS C 1994 -17.24 64.94 -18.13
N ASN C 1995 -18.33 64.19 -18.36
CA ASN C 1995 -18.56 62.84 -17.78
C ASN C 1995 -18.50 61.73 -18.84
N ILE C 1996 -18.91 62.01 -20.08
CA ILE C 1996 -18.77 61.10 -21.25
C ILE C 1996 -17.40 61.37 -21.90
N ILE C 1997 -16.39 60.60 -21.52
CA ILE C 1997 -15.01 60.68 -22.09
C ILE C 1997 -15.04 60.14 -23.52
N LYS C 1998 -14.51 60.88 -24.50
CA LYS C 1998 -14.58 60.53 -25.94
C LYS C 1998 -13.83 59.21 -26.24
N GLU C 1999 -12.81 58.86 -25.46
CA GLU C 1999 -12.08 57.57 -25.56
C GLU C 1999 -13.01 56.37 -25.25
N ASN C 2000 -14.16 56.57 -24.60
CA ASN C 2000 -15.07 55.47 -24.21
C ASN C 2000 -16.22 55.33 -25.22
N VAL C 2001 -16.26 56.17 -26.24
CA VAL C 2001 -17.32 56.12 -27.30
C VAL C 2001 -16.78 55.25 -28.43
N LYS C 2002 -17.03 53.95 -28.36
CA LYS C 2002 -16.70 52.98 -29.44
C LYS C 2002 -17.78 53.07 -30.51
N VAL C 2003 -17.39 53.50 -31.71
CA VAL C 2003 -18.36 53.80 -32.81
C VAL C 2003 -18.95 52.49 -33.35
N ALA C 2004 -18.18 51.41 -33.34
CA ALA C 2004 -18.62 50.09 -33.84
C ALA C 2004 -19.77 49.56 -32.97
N ARG C 2005 -19.81 49.93 -31.69
CA ARG C 2005 -20.78 49.40 -30.69
C ARG C 2005 -22.07 50.23 -30.70
N LEU C 2006 -22.06 51.36 -31.41
CA LEU C 2006 -23.21 52.29 -31.52
C LEU C 2006 -23.80 52.26 -32.93
N ALA C 2007 -22.96 52.47 -33.96
CA ALA C 2007 -23.33 52.62 -35.39
C ALA C 2007 -24.27 51.50 -35.85
N GLY C 2008 -25.43 51.90 -36.39
CA GLY C 2008 -26.48 51.00 -36.92
C GLY C 2008 -27.08 50.09 -35.87
N LYS C 2009 -26.86 50.36 -34.58
CA LYS C 2009 -27.36 49.51 -33.47
C LYS C 2009 -28.16 50.35 -32.47
N TYR C 2010 -27.69 51.55 -32.15
CA TYR C 2010 -28.31 52.45 -31.14
C TYR C 2010 -29.37 53.27 -31.86
N ILE C 2011 -30.60 53.21 -31.41
CA ILE C 2011 -31.71 54.05 -31.94
C ILE C 2011 -32.03 55.10 -30.89
N PRO C 2012 -31.54 56.35 -31.06
CA PRO C 2012 -31.91 57.45 -30.17
C PRO C 2012 -33.43 57.64 -30.07
N ASN C 2013 -33.86 58.45 -29.10
CA ASN C 2013 -35.27 58.85 -28.94
C ASN C 2013 -35.50 60.15 -29.68
N LEU C 2014 -34.45 60.97 -29.84
CA LEU C 2014 -34.61 62.29 -30.46
C LEU C 2014 -34.94 62.07 -31.94
N THR C 2015 -34.21 61.17 -32.61
CA THR C 2015 -34.00 61.18 -34.08
C THR C 2015 -34.30 59.79 -34.63
N ALA C 2016 -35.32 59.11 -34.12
CA ALA C 2016 -35.47 57.64 -34.11
C ALA C 2016 -35.05 56.99 -35.43
N LYS C 2017 -33.72 56.89 -35.63
CA LYS C 2017 -33.03 56.32 -36.82
C LYS C 2017 -31.71 55.75 -36.32
N PRO C 2018 -31.26 54.57 -36.80
CA PRO C 2018 -30.06 53.97 -36.26
C PRO C 2018 -28.91 54.99 -36.32
N PHE C 2019 -28.24 55.17 -35.19
CA PHE C 2019 -27.03 56.00 -35.02
C PHE C 2019 -26.05 55.75 -36.15
N GLN C 2020 -25.68 56.81 -36.86
CA GLN C 2020 -24.63 56.79 -37.90
C GLN C 2020 -23.84 58.09 -37.75
N VAL C 2021 -22.52 58.02 -37.80
CA VAL C 2021 -21.62 59.20 -37.87
C VAL C 2021 -21.48 59.56 -39.35
N THR C 2022 -22.44 60.31 -39.88
CA THR C 2022 -22.53 60.71 -41.30
C THR C 2022 -23.23 62.07 -41.41
N LYS C 2023 -22.86 62.88 -42.39
CA LYS C 2023 -23.33 64.28 -42.56
C LYS C 2023 -24.87 64.33 -42.53
N GLU C 2024 -25.58 63.43 -43.20
CA GLU C 2024 -27.08 63.51 -43.32
C GLU C 2024 -27.73 63.24 -41.95
N TYR C 2025 -27.05 62.53 -41.06
CA TYR C 2025 -27.52 62.28 -39.66
C TYR C 2025 -27.40 63.58 -38.88
N PHE C 2026 -26.20 64.17 -38.87
CA PHE C 2026 -25.91 65.47 -38.20
C PHE C 2026 -26.92 66.51 -38.69
N GLN C 2027 -27.11 66.61 -40.01
CA GLN C 2027 -28.07 67.54 -40.66
C GLN C 2027 -29.49 67.28 -40.15
N ASP C 2028 -29.85 66.02 -39.86
CA ASP C 2028 -31.18 65.67 -39.32
C ASP C 2028 -31.26 66.17 -37.87
N VAL C 2029 -30.25 65.88 -37.05
CA VAL C 2029 -30.22 66.23 -35.59
C VAL C 2029 -30.29 67.77 -35.46
N TYR C 2030 -29.62 68.50 -36.34
CA TYR C 2030 -29.67 69.99 -36.37
C TYR C 2030 -31.12 70.45 -36.61
N ASP C 2031 -31.80 69.84 -37.58
CA ASP C 2031 -33.21 70.20 -37.96
C ASP C 2031 -34.15 69.97 -36.78
N LEU C 2032 -33.94 68.91 -35.99
CA LEU C 2032 -34.76 68.62 -34.78
C LEU C 2032 -34.44 69.63 -33.67
N THR C 2033 -33.16 69.96 -33.46
CA THR C 2033 -32.68 70.76 -32.30
C THR C 2033 -31.47 71.61 -32.65
N GLY C 2034 -31.72 72.82 -33.17
CA GLY C 2034 -30.70 73.77 -33.64
C GLY C 2034 -29.63 73.96 -32.57
N SER C 2035 -28.45 73.34 -32.76
CA SER C 2035 -27.30 73.43 -31.82
C SER C 2035 -26.05 73.88 -32.59
N GLU C 2036 -25.35 74.86 -32.04
CA GLU C 2036 -24.17 75.50 -32.69
C GLU C 2036 -23.13 74.42 -32.99
N PRO C 2037 -22.72 73.57 -32.02
CA PRO C 2037 -21.65 72.58 -32.27
C PRO C 2037 -21.95 71.56 -33.37
N ILE C 2038 -23.23 71.24 -33.60
CA ILE C 2038 -23.69 70.35 -34.71
C ILE C 2038 -23.57 71.12 -36.03
N LYS C 2039 -24.01 72.39 -36.07
CA LYS C 2039 -23.89 73.27 -37.27
C LYS C 2039 -22.41 73.43 -37.65
N GLU C 2040 -21.52 73.64 -36.68
CA GLU C 2040 -20.05 73.81 -36.91
C GLU C 2040 -19.45 72.53 -37.51
N ILE C 2041 -19.93 71.35 -37.09
CA ILE C 2041 -19.48 70.04 -37.64
C ILE C 2041 -20.01 69.89 -39.06
N ILE C 2042 -21.26 70.30 -39.35
CA ILE C 2042 -21.89 70.12 -40.70
C ILE C 2042 -21.17 71.00 -41.74
N ASP C 2043 -20.97 72.28 -41.41
CA ASP C 2043 -20.33 73.28 -42.30
C ASP C 2043 -18.92 72.83 -42.65
N ASN C 2044 -18.17 72.36 -41.64
CA ASN C 2044 -16.73 72.00 -41.77
C ASN C 2044 -16.58 70.50 -41.98
N TRP C 2045 -17.61 69.81 -42.49
CA TRP C 2045 -17.65 68.33 -42.61
C TRP C 2045 -16.47 67.82 -43.44
N GLU C 2046 -16.05 68.59 -44.44
CA GLU C 2046 -14.95 68.25 -45.38
C GLU C 2046 -13.61 68.18 -44.62
N LYS C 2047 -13.39 69.08 -43.67
CA LYS C 2047 -12.11 69.16 -42.90
C LYS C 2047 -11.94 67.89 -42.06
N TYR C 2048 -13.03 67.40 -41.44
CA TYR C 2048 -13.04 66.17 -40.59
C TYR C 2048 -12.88 64.95 -41.50
N GLU C 2049 -13.37 65.01 -42.74
CA GLU C 2049 -13.24 63.91 -43.75
C GLU C 2049 -11.75 63.54 -43.95
N GLN C 2050 -10.84 64.53 -43.95
CA GLN C 2050 -9.36 64.31 -44.06
C GLN C 2050 -8.62 65.21 -43.06
C1 A3Z D . 12.20 -28.31 -16.40
C2 A3Z D . 12.64 -27.12 -15.58
C3 A3Z D . 13.80 -27.08 -15.00
C4 A3Z D . 14.19 -25.85 -14.21
O5 A3Z D . 12.99 -29.11 -16.83
C28 A3Z D . 4.74 -33.14 -14.75
C29 A3Z D . 6.16 -33.45 -14.23
C30 A3Z D . 7.00 -32.16 -14.14
C31 A3Z D . 6.07 -34.02 -12.80
C32 A3Z D . 6.87 -34.50 -15.13
C34 A3Z D . 6.87 -34.23 -16.64
C37 A3Z D . 8.04 -34.79 -18.82
C38 A3Z D . 9.17 -33.89 -19.28
C39 A3Z D . 9.07 -32.39 -19.12
C42 A3Z D . 10.43 -30.29 -18.77
C43 A3Z D . 9.90 -30.02 -17.38
N36 A3Z D . 7.91 -34.89 -17.38
N41 A3Z D . 10.35 -31.72 -18.97
O23 A3Z D . 2.24 -32.90 -11.78
O25 A3Z D . 2.45 -34.69 -13.57
O26 A3Z D . 1.49 -32.52 -14.28
O27 A3Z D . 3.98 -32.59 -13.72
O33 A3Z D . 6.31 -35.80 -15.01
O35 A3Z D . 6.07 -33.53 -17.17
O40 A3Z D . 8.02 -31.84 -19.14
P24 A3Z D . 2.50 -33.19 -13.38
S44 A3Z D . 10.42 -28.43 -16.70
N1 FMN E . 12.44 -28.16 -19.95
C2 FMN E . 11.48 -27.21 -19.87
O2 FMN E . 10.33 -27.44 -20.30
N3 FMN E . 11.69 -26.03 -19.32
C4 FMN E . 12.86 -25.70 -18.80
O4 FMN E . 12.96 -24.56 -18.32
C4A FMN E . 13.95 -26.67 -18.81
N5 FMN E . 15.19 -26.42 -18.34
C5A FMN E . 16.15 -27.37 -18.43
C6 FMN E . 17.41 -27.09 -17.98
C7 FMN E . 18.41 -28.01 -18.11
C7M FMN E . 19.76 -27.68 -17.63
C8 FMN E . 18.16 -29.33 -18.73
C8M FMN E . 19.21 -30.38 -18.84
C9 FMN E . 16.92 -29.60 -19.18
C9A FMN E . 15.91 -28.68 -19.05
N10 FMN E . 14.65 -28.96 -19.54
C10 FMN E . 13.68 -27.96 -19.46
C1' FMN E . 14.35 -30.23 -20.18
C2' FMN E . 14.72 -30.14 -21.65
O2' FMN E . 13.87 -29.14 -22.22
C3' FMN E . 14.57 -31.52 -22.29
O3' FMN E . 13.36 -32.19 -21.88
C4' FMN E . 15.75 -32.39 -21.87
O4' FMN E . 16.93 -31.64 -21.60
C5' FMN E . 16.09 -33.40 -22.95
O5' FMN E . 16.76 -34.48 -22.36
P FMN E . 18.34 -34.52 -22.44
O1P FMN E . 18.62 -35.86 -21.75
O2P FMN E . 18.85 -34.44 -23.90
O3P FMN E . 18.71 -33.34 -21.59
C8 MLC F . -55.32 51.63 -20.30
N9 MLC F . -56.41 51.90 -19.55
C4 MLC F . -56.90 53.09 -19.89
C5 MLC F . -56.02 53.60 -20.96
N7 MLC F . -55.07 52.66 -21.16
N3 MLC F . -57.95 53.83 -19.48
C2 MLC F . -58.19 55.04 -20.04
N1 MLC F . -57.43 55.57 -21.01
C6 MLC F . -56.35 54.93 -21.51
N6 MLC F . -55.60 55.46 -22.47
C1' MLC F . -57.03 51.06 -18.48
C2' MLC F . -58.01 50.08 -19.08
O2' MLC F . -59.09 49.79 -18.17
C3' MLC F . -57.14 48.87 -19.34
O3' MLC F . -57.87 47.65 -19.42
C4' MLC F . -56.12 48.89 -18.18
O4' MLC F . -56.03 50.28 -17.80
C5' MLC F . -54.73 48.38 -18.54
O5' MLC F . -54.58 48.11 -19.95
P1 MLC F . -53.21 48.11 -20.82
O11 MLC F . -53.48 48.68 -22.19
O12 MLC F . -52.64 46.72 -20.71
O6 MLC F . -52.29 49.19 -20.08
P2 MLC F . -51.16 48.72 -19.05
O21 MLC F . -51.71 48.52 -17.66
O22 MLC F . -50.34 47.64 -19.71
O7 MLC F . -50.21 50.01 -19.03
CPB MLC F . -50.65 51.29 -18.60
CPA MLC F . -49.91 52.41 -19.35
CP7 MLC F . -48.52 51.95 -19.91
CP9 MLC F . -50.84 52.87 -20.47
CP8 MLC F . -49.83 53.56 -18.37
OP3 MLC F . -48.54 51.71 -21.33
CP6 MLC F . -47.39 52.91 -19.65
OP2 MLC F . -46.72 52.75 -18.63
NP2 MLC F . -47.24 53.91 -20.52
CP5 MLC F . -46.44 55.08 -20.27
CP4 MLC F . -44.93 54.92 -20.46
CP3 MLC F . -44.30 56.29 -20.61
OP1 MLC F . -44.43 56.91 -21.67
NP1 MLC F . -43.61 56.80 -19.58
CP2 MLC F . -42.97 58.10 -19.69
CP1 MLC F . -41.99 58.39 -18.58
S MLC F . -40.87 59.64 -19.15
P3 MLC F . -58.33 47.02 -20.86
O31 MLC F . -58.68 45.60 -20.48
O32 MLC F . -59.51 47.87 -21.26
O33 MLC F . -57.13 47.11 -21.78
CM1 MLC F . -39.36 59.28 -18.41
CM2 MLC F . -38.51 60.46 -17.98
CM3 MLC F . -37.06 60.51 -18.44
OM2 MLC F . -38.93 58.15 -18.20
OM3 MLC F . -36.76 61.11 -19.51
OM4 MLC F . -36.19 60.02 -17.69
#